data_5FL7
#
_entry.id   5FL7
#
_cell.length_a   169.500
_cell.length_b   182.200
_cell.length_c   193.000
_cell.angle_alpha   90.00
_cell.angle_beta   90.00
_cell.angle_gamma   90.00
#
_symmetry.space_group_name_H-M   'P 21 21 2'
#
loop_
_entity.id
_entity.type
_entity.pdbx_description
1 polymer 'ATP SYNTHASE SUBUNIT ALPHA'
2 polymer 'ATP SYNTHASE SUBUNIT BETA'
3 polymer 'ATP SYNTHASE SUBUNIT GAMMA CHAIN, MITOCHONDRIAL'
4 polymer 'ATP SYNTHASE DELTA CHAIN, MITOCHONDRIAL'
5 polymer 'ATP SYNTHASE EPSILON CHAIN, MITOCHONDRIAL'
6 polymer 'ATP SYNTHASE SUBUNIT 9, MITOCHONDRIAL'
7 non-polymer "ADENOSINE-5'-TRIPHOSPHATE"
8 non-polymer 'MAGNESIUM ION'
9 non-polymer "ADENOSINE-5'-DIPHOSPHATE"
10 water water
#
loop_
_entity_poly.entity_id
_entity_poly.type
_entity_poly.pdbx_seq_one_letter_code
_entity_poly.pdbx_strand_id
1 'polypeptide(L)'
;MFKNALRRAGVAAPRISRVAQRGYAEAKATPTEVTSILEERIRGVSGEANLNETGRVLSVGDGIARVFGLNNIQAEELVE
FASGVKGMALNLEAGQVGIVLFGSDRLVKEGETVKRSGSIVDVPVGPALLGRVVDALGNPIDGKGPIETEFRIRAQVKAP
GILPRTSVNEPMQTGLKAVDALVPIGRGQRELIIGDRQTGKTQIAIDTILNQKRWNYGQDEKKKLYCVYVAVGQKRSTVA
QLVQTLEHHDALKYSIIVAATASEAAPLQYLAPFTGTAMGEWFRDNGKGALIVFDDLSKQAVAYRQMSLLLRRPPGREAY
PGDVFYLHSRLLERAAKMNEREGGGSLTALPIIETQGGDVSAYIPTNVISITDGQIFLEAELFYKGIRPAINVGLSVSRV
GSAAQVKAMKQVAGSLKLFLAQYREVAAFAQFGSDLDASTKQTLTRGERLTLLLKQKQASPMSSEEMVPLIYAGVNGYID
NIPVKQVEKFEAEFVSYLHANESDLLKDIAATGELSKENLEKLKSITENFVGSFAK
;
A,B,C
2 'polypeptide(L)'
;MVLPRLIPRLSRSAFKVAQANNRVFNAPFRGMASSAGVGSGKIRTVIGAVVDVQFEQDNLPAILNALTIDRGEGNKLVLE
VAQHLGENTVRTIAMDGTEGLVRGTSVADTGAPITIPVGRGTLGRIINVCGEPIDERGPIEATKFLPIHADPPTFAEQST
TAEVLETGIKVVDLLAPYARGGKIGLFGGAGVGKTVFIQELINNIAKAHGGFSVFCGVGERTREGNDLYREMKETGVINL
EGESKVTLVFGQMNEPPGARARVALTGLTIAEYFRDEEGQDVLLFVDNIFRFTQAGSEVSALLGRIPSAVGYQPTLATDM
GALQERITTTQKGSVTSVQAVYVPADDLTDPAPATTFAHLDATTVLSRGISELGIYPAVDPLDSKSRLLDIDVVGQEHYD
VASNVQQTLQAYKSLQDIIAILGMDELSEQDKLTVERARKIQRFLSQPFTVAEVFTGIEGRLVSLKDTVRSFKEILDGKH
DALPEAAFYMVGGIEEVVAKAEKLAAESK
;
D,E,F
3 'polypeptide(L)'
;MFALRTAARPAARSVGATRNYATLREIEMRLKSIKNIEKITNTMKIVASTKLGKAQRAMATSKVYNEASEKVFENSETAV
PENIEKRLWVVVSSDKGLCGSIHSQLARTVRRKLLDFESGEKLIDIVAVGEKIKAQLGRSNPEQMRLSFGGTGKEAPTFE
EAAHIADEILALDTQYDDIEIVYNKVLSGISFEPIMKESYSAKAIEDAPKFGQYELEDDVVKNLADFSLANTIYAAMAEG
HAAEISARRNAMDNASKNASDMINKYSILYNRTRQAVITNELVDIITGASSLE
;
G
4 'polypeptide(L)'
;MSDHTRSQNWTNLILTQSIYNQKEVTQVNIPSTAGELGILANHVPTIQQLKPGVVEVIETNGETKSYFISGGFATVQPDS
ELSVNSIEAFQAEDFSPEAIKSLTAEAQKNAQSADEAVAAEAEIELEVLEALAHFAK
;
H
5 'polypeptide(L)' (UNK)(UNK)(UNK)(UNK)(UNK)(UNK)(UNK)(UNK)(UNK)(UNK)(UNK)(UNK)(UNK)(UNK)(UNK)(UNK) I
6 'polypeptide(L)' MQLVLAGKYIGAGLASIGLVGAGIGIAIVFAALINGVSRNPALKGQLFTYSILGFALSEATGLFALMIAFLLLYAV K,L,M,N,O,P,Q,R,S,T
#
loop_
_chem_comp.id
_chem_comp.type
_chem_comp.name
_chem_comp.formula
ADP non-polymer ADENOSINE-5'-DIPHOSPHATE 'C10 H15 N5 O10 P2'
ATP non-polymer ADENOSINE-5'-TRIPHOSPHATE 'C10 H16 N5 O13 P3'
MG non-polymer 'MAGNESIUM ION' 'Mg 2'
#
# COMPACT_ATOMS: atom_id res chain seq x y z
N ALA A 49 11.63 -46.43 -63.20
CA ALA A 49 10.65 -47.46 -63.49
C ALA A 49 9.79 -47.79 -62.27
N ASN A 50 10.46 -48.03 -61.14
CA ASN A 50 9.77 -48.36 -59.89
C ASN A 50 9.52 -47.08 -59.09
N LEU A 51 8.29 -46.95 -58.59
CA LEU A 51 7.91 -45.82 -57.74
C LEU A 51 7.32 -46.26 -56.43
N ASN A 52 7.48 -47.54 -56.07
CA ASN A 52 6.99 -48.07 -54.81
C ASN A 52 8.07 -48.14 -53.73
N GLU A 53 9.31 -48.42 -54.12
CA GLU A 53 10.42 -48.48 -53.18
C GLU A 53 11.41 -47.33 -53.35
N THR A 54 11.25 -46.51 -54.39
CA THR A 54 12.11 -45.35 -54.62
C THR A 54 11.24 -44.18 -55.06
N GLY A 55 11.89 -43.06 -55.35
CA GLY A 55 11.17 -41.87 -55.80
C GLY A 55 12.14 -40.76 -56.10
N ARG A 56 11.62 -39.69 -56.69
CA ARG A 56 12.40 -38.54 -57.11
C ARG A 56 11.88 -37.28 -56.43
N VAL A 57 12.80 -36.38 -56.09
CA VAL A 57 12.45 -35.18 -55.33
C VAL A 57 11.73 -34.18 -56.24
N LEU A 58 10.59 -33.68 -55.77
CA LEU A 58 9.86 -32.63 -56.46
C LEU A 58 10.34 -31.24 -56.05
N SER A 59 10.39 -31.00 -54.74
CA SER A 59 10.79 -29.69 -54.21
C SER A 59 11.36 -29.88 -52.82
N VAL A 60 12.47 -29.19 -52.53
CA VAL A 60 13.15 -29.29 -51.25
C VAL A 60 13.43 -27.89 -50.72
N GLY A 61 13.08 -27.66 -49.46
CA GLY A 61 13.33 -26.37 -48.85
C GLY A 61 13.02 -26.40 -47.37
N ASP A 62 13.65 -25.47 -46.64
CA ASP A 62 13.42 -25.28 -45.20
C ASP A 62 13.55 -26.59 -44.44
N GLY A 63 14.50 -27.43 -44.87
CA GLY A 63 14.70 -28.73 -44.25
C GLY A 63 13.66 -29.77 -44.57
N ILE A 64 12.80 -29.52 -45.56
CA ILE A 64 11.73 -30.45 -45.93
C ILE A 64 11.80 -30.68 -47.43
N ALA A 65 11.94 -31.95 -47.83
CA ALA A 65 11.95 -32.35 -49.22
C ALA A 65 10.72 -33.20 -49.48
N ARG A 66 9.89 -32.78 -50.44
CA ARG A 66 8.68 -33.49 -50.80
C ARG A 66 8.96 -34.32 -52.04
N VAL A 67 8.88 -35.64 -51.90
CA VAL A 67 9.37 -36.58 -52.90
C VAL A 67 8.19 -37.30 -53.53
N PHE A 68 8.18 -37.36 -54.86
CA PHE A 68 7.17 -38.11 -55.60
C PHE A 68 7.52 -39.59 -55.62
N GLY A 69 6.49 -40.42 -55.58
CA GLY A 69 6.68 -41.86 -55.60
C GLY A 69 6.49 -42.49 -54.24
N LEU A 70 7.27 -43.53 -53.93
CA LEU A 70 7.22 -44.22 -52.66
C LEU A 70 5.80 -44.72 -52.36
N ASN A 71 5.26 -45.47 -53.31
CA ASN A 71 3.88 -45.95 -53.17
C ASN A 71 3.71 -46.93 -52.02
N ASN A 72 4.79 -47.55 -51.54
CA ASN A 72 4.71 -48.53 -50.47
C ASN A 72 5.52 -48.11 -49.25
N ILE A 73 5.68 -46.80 -49.04
CA ILE A 73 6.43 -46.30 -47.90
C ILE A 73 5.55 -46.32 -46.67
N GLN A 74 6.16 -46.56 -45.51
CA GLN A 74 5.46 -46.56 -44.24
C GLN A 74 5.46 -45.17 -43.63
N ALA A 75 4.61 -45.00 -42.61
CA ALA A 75 4.57 -43.75 -41.86
C ALA A 75 5.76 -43.67 -40.92
N GLU A 76 6.42 -42.51 -40.89
CA GLU A 76 7.59 -42.28 -40.04
C GLU A 76 8.72 -43.27 -40.39
N GLU A 77 8.88 -43.54 -41.68
CA GLU A 77 9.91 -44.47 -42.16
C GLU A 77 11.13 -43.69 -42.62
N LEU A 78 12.31 -44.15 -42.19
CA LEU A 78 13.55 -43.49 -42.59
C LEU A 78 13.82 -43.72 -44.07
N VAL A 79 14.27 -42.67 -44.75
CA VAL A 79 14.60 -42.71 -46.17
C VAL A 79 16.05 -42.28 -46.33
N GLU A 80 16.58 -42.51 -47.53
CA GLU A 80 17.95 -42.16 -47.88
C GLU A 80 17.94 -41.35 -49.17
N PHE A 81 18.55 -40.17 -49.14
CA PHE A 81 18.63 -39.32 -50.31
C PHE A 81 19.87 -39.66 -51.14
N ALA A 82 20.01 -38.98 -52.28
CA ALA A 82 21.09 -39.30 -53.21
C ALA A 82 22.46 -38.87 -52.69
N SER A 83 22.51 -38.00 -51.67
CA SER A 83 23.76 -37.54 -51.10
C SER A 83 24.08 -38.20 -49.77
N GLY A 84 23.37 -39.27 -49.42
CA GLY A 84 23.62 -39.99 -48.18
C GLY A 84 22.96 -39.39 -46.95
N VAL A 85 22.23 -38.30 -47.09
CA VAL A 85 21.58 -37.67 -45.94
C VAL A 85 20.28 -38.39 -45.65
N LYS A 86 20.06 -38.71 -44.37
CA LYS A 86 18.86 -39.42 -43.96
C LYS A 86 17.64 -38.49 -43.99
N GLY A 87 16.50 -39.05 -43.64
CA GLY A 87 15.25 -38.29 -43.61
C GLY A 87 14.16 -39.12 -42.99
N MET A 88 13.07 -38.43 -42.64
CA MET A 88 11.95 -39.07 -41.95
C MET A 88 10.65 -38.57 -42.57
N ALA A 89 9.91 -39.48 -43.23
CA ALA A 89 8.66 -39.13 -43.87
C ALA A 89 7.55 -39.10 -42.83
N LEU A 90 7.14 -37.89 -42.43
CA LEU A 90 6.15 -37.75 -41.37
C LEU A 90 4.73 -37.87 -41.92
N ASN A 91 4.39 -37.07 -42.93
CA ASN A 91 3.06 -37.07 -43.52
C ASN A 91 3.10 -37.64 -44.93
N LEU A 92 2.05 -38.38 -45.29
CA LEU A 92 1.94 -39.08 -46.57
C LEU A 92 0.75 -38.49 -47.34
N GLU A 93 1.02 -37.51 -48.18
CA GLU A 93 -0.03 -36.86 -48.95
C GLU A 93 -0.33 -37.65 -50.22
N ALA A 94 -1.38 -37.24 -50.92
CA ALA A 94 -1.84 -37.92 -52.13
C ALA A 94 -1.12 -37.31 -53.33
N GLY A 95 -0.08 -37.98 -53.81
CA GLY A 95 0.73 -37.51 -54.92
C GLY A 95 2.15 -37.18 -54.56
N GLN A 96 2.50 -37.10 -53.27
CA GLN A 96 3.85 -36.79 -52.85
C GLN A 96 4.02 -37.25 -51.41
N VAL A 97 5.27 -37.24 -50.95
CA VAL A 97 5.61 -37.67 -49.60
C VAL A 97 6.42 -36.57 -48.93
N GLY A 98 5.88 -35.98 -47.87
CA GLY A 98 6.59 -34.96 -47.12
C GLY A 98 7.61 -35.53 -46.17
N ILE A 99 8.89 -35.23 -46.40
CA ILE A 99 9.99 -35.80 -45.64
C ILE A 99 10.80 -34.65 -45.05
N VAL A 100 11.14 -34.77 -43.76
CA VAL A 100 12.01 -33.82 -43.09
C VAL A 100 13.44 -34.35 -43.15
N LEU A 101 14.40 -33.42 -43.22
CA LEU A 101 15.80 -33.76 -43.42
C LEU A 101 16.54 -33.81 -42.09
N PHE A 102 17.43 -34.79 -41.95
CA PHE A 102 18.34 -34.89 -40.83
C PHE A 102 19.65 -34.15 -41.09
N GLY A 103 19.74 -33.41 -42.19
CA GLY A 103 20.92 -32.64 -42.51
C GLY A 103 20.61 -31.33 -43.20
N SER A 104 21.60 -30.73 -43.85
CA SER A 104 21.40 -29.47 -44.54
C SER A 104 20.64 -29.69 -45.85
N ASP A 105 20.16 -28.58 -46.42
CA ASP A 105 19.41 -28.62 -47.67
C ASP A 105 20.30 -28.51 -48.90
N ARG A 106 21.56 -28.10 -48.75
CA ARG A 106 22.46 -28.02 -49.88
C ARG A 106 22.73 -29.39 -50.50
N LEU A 107 22.71 -30.44 -49.68
CA LEU A 107 22.95 -31.79 -50.17
C LEU A 107 21.78 -32.35 -50.97
N VAL A 108 20.62 -31.71 -50.95
CA VAL A 108 19.43 -32.19 -51.63
C VAL A 108 18.99 -31.14 -52.63
N LYS A 109 19.00 -31.50 -53.91
CA LYS A 109 18.55 -30.63 -54.99
C LYS A 109 17.37 -31.28 -55.70
N GLU A 110 16.73 -30.50 -56.56
CA GLU A 110 15.51 -30.95 -57.24
C GLU A 110 15.84 -32.00 -58.29
N GLY A 111 15.10 -33.12 -58.25
CA GLY A 111 15.25 -34.17 -59.23
C GLY A 111 15.99 -35.39 -58.76
N GLU A 112 16.66 -35.32 -57.60
CA GLU A 112 17.44 -36.45 -57.12
C GLU A 112 16.54 -37.59 -56.68
N THR A 113 17.10 -38.80 -56.72
CA THR A 113 16.37 -40.00 -56.35
C THR A 113 16.45 -40.25 -54.84
N VAL A 114 15.37 -40.80 -54.30
CA VAL A 114 15.24 -41.07 -52.88
C VAL A 114 14.95 -42.54 -52.68
N LYS A 115 15.86 -43.23 -51.98
CA LYS A 115 15.72 -44.66 -51.70
C LYS A 115 15.18 -44.86 -50.30
N ARG A 116 14.35 -45.88 -50.14
CA ARG A 116 13.77 -46.20 -48.84
C ARG A 116 14.78 -46.96 -47.98
N SER A 117 14.36 -47.25 -46.75
CA SER A 117 15.07 -48.17 -45.87
C SER A 117 14.22 -49.35 -45.42
N GLY A 118 12.91 -49.28 -45.58
CA GLY A 118 12.05 -50.38 -45.19
C GLY A 118 12.02 -50.65 -43.70
N SER A 119 12.19 -49.63 -42.88
CA SER A 119 12.26 -49.83 -41.43
C SER A 119 11.90 -48.54 -40.71
N ILE A 120 11.09 -48.67 -39.66
CA ILE A 120 10.82 -47.54 -38.78
C ILE A 120 12.08 -47.17 -38.02
N VAL A 121 12.10 -45.94 -37.50
CA VAL A 121 13.24 -45.42 -36.75
C VAL A 121 13.53 -46.31 -35.56
N ASP A 122 14.68 -46.98 -35.58
CA ASP A 122 15.12 -47.84 -34.49
C ASP A 122 16.49 -47.41 -34.02
N VAL A 123 16.76 -47.65 -32.73
CA VAL A 123 18.00 -47.17 -32.12
C VAL A 123 18.64 -48.32 -31.32
N PRO A 124 19.96 -48.51 -31.42
CA PRO A 124 20.60 -49.58 -30.66
C PRO A 124 20.45 -49.39 -29.16
N VAL A 125 20.46 -50.51 -28.43
CA VAL A 125 20.32 -50.53 -26.98
C VAL A 125 21.30 -51.56 -26.42
N GLY A 126 21.37 -51.60 -25.08
CA GLY A 126 22.19 -52.59 -24.41
C GLY A 126 23.24 -51.95 -23.50
N PRO A 127 24.03 -52.80 -22.84
CA PRO A 127 25.10 -52.30 -21.96
C PRO A 127 26.32 -51.79 -22.71
N ALA A 128 26.38 -51.94 -24.02
CA ALA A 128 27.49 -51.44 -24.81
C ALA A 128 27.42 -49.94 -25.05
N LEU A 129 26.32 -49.29 -24.67
CA LEU A 129 26.19 -47.85 -24.77
C LEU A 129 26.62 -47.13 -23.50
N LEU A 130 26.85 -47.87 -22.41
CA LEU A 130 27.28 -47.28 -21.14
C LEU A 130 28.67 -46.68 -21.30
N GLY A 131 28.74 -45.36 -21.34
CA GLY A 131 29.99 -44.65 -21.51
C GLY A 131 30.21 -44.05 -22.87
N ARG A 132 29.22 -44.12 -23.76
CA ARG A 132 29.34 -43.60 -25.11
C ARG A 132 28.45 -42.38 -25.30
N VAL A 133 28.85 -41.49 -26.20
CA VAL A 133 28.12 -40.28 -26.53
C VAL A 133 27.64 -40.42 -27.96
N VAL A 134 26.32 -40.55 -28.14
CA VAL A 134 25.71 -40.77 -29.44
C VAL A 134 24.82 -39.59 -29.79
N ASP A 135 24.36 -39.58 -31.04
CA ASP A 135 23.50 -38.52 -31.55
C ASP A 135 22.03 -38.96 -31.44
N ALA A 136 21.16 -38.34 -32.24
CA ALA A 136 19.74 -38.67 -32.18
C ALA A 136 19.45 -40.03 -32.81
N LEU A 137 20.17 -40.38 -33.88
CA LEU A 137 19.95 -41.66 -34.54
C LEU A 137 20.60 -42.81 -33.77
N GLY A 138 21.63 -42.53 -33.00
CA GLY A 138 22.38 -43.55 -32.28
C GLY A 138 23.83 -43.66 -32.69
N ASN A 139 24.25 -42.96 -33.73
CA ASN A 139 25.64 -43.05 -34.19
C ASN A 139 26.56 -42.36 -33.18
N PRO A 140 27.64 -43.01 -32.75
CA PRO A 140 28.51 -42.38 -31.76
C PRO A 140 29.27 -41.19 -32.34
N ILE A 141 29.40 -40.15 -31.53
CA ILE A 141 30.14 -38.94 -31.91
C ILE A 141 31.35 -38.70 -31.03
N ASP A 142 31.65 -39.60 -30.10
CA ASP A 142 32.82 -39.48 -29.23
C ASP A 142 34.10 -39.93 -29.91
N GLY A 143 34.00 -40.59 -31.07
CA GLY A 143 35.18 -41.07 -31.77
C GLY A 143 35.82 -42.29 -31.15
N LYS A 144 35.22 -42.89 -30.13
CA LYS A 144 35.77 -44.05 -29.44
C LYS A 144 35.40 -45.36 -30.15
N GLY A 145 35.58 -45.37 -31.47
CA GLY A 145 35.33 -46.55 -32.27
C GLY A 145 33.86 -46.83 -32.46
N PRO A 146 33.54 -47.83 -33.29
CA PRO A 146 32.13 -48.20 -33.50
C PRO A 146 31.48 -48.78 -32.25
N ILE A 147 30.19 -49.07 -32.33
CA ILE A 147 29.43 -49.58 -31.20
C ILE A 147 28.92 -50.97 -31.55
N GLU A 148 29.41 -51.98 -30.84
CA GLU A 148 28.89 -53.34 -30.99
C GLU A 148 27.53 -53.43 -30.32
N THR A 149 26.51 -53.76 -31.11
CA THR A 149 25.13 -53.72 -30.65
C THR A 149 24.58 -55.13 -30.44
N GLU A 150 23.73 -55.28 -29.42
CA GLU A 150 23.02 -56.54 -29.21
C GLU A 150 21.81 -56.63 -30.13
N PHE A 151 20.85 -55.72 -29.97
CA PHE A 151 19.70 -55.64 -30.85
C PHE A 151 19.20 -54.19 -30.84
N ARG A 152 18.10 -53.95 -31.55
CA ARG A 152 17.58 -52.61 -31.76
C ARG A 152 16.14 -52.52 -31.27
N ILE A 153 15.78 -51.35 -30.74
CA ILE A 153 14.44 -51.07 -30.26
C ILE A 153 13.92 -49.82 -30.98
N ARG A 154 12.66 -49.87 -31.40
CA ARG A 154 12.04 -48.76 -32.10
C ARG A 154 12.01 -47.51 -31.22
N ALA A 155 11.87 -46.36 -31.88
CA ALA A 155 11.76 -45.08 -31.18
C ALA A 155 10.34 -44.75 -30.75
N GLN A 156 9.35 -45.19 -31.51
CA GLN A 156 7.94 -44.92 -31.21
C GLN A 156 7.31 -46.20 -30.69
N VAL A 157 7.38 -46.40 -29.38
CA VAL A 157 6.84 -47.58 -28.71
C VAL A 157 5.77 -47.15 -27.73
N LYS A 158 4.64 -47.86 -27.73
CA LYS A 158 3.54 -47.52 -26.84
C LYS A 158 3.92 -47.79 -25.40
N ALA A 159 3.49 -46.89 -24.50
CA ALA A 159 3.80 -47.04 -23.10
C ALA A 159 3.07 -48.23 -22.49
N PRO A 160 3.62 -48.83 -21.44
CA PRO A 160 2.95 -49.98 -20.82
C PRO A 160 1.59 -49.59 -20.25
N GLY A 161 0.67 -50.55 -20.30
CA GLY A 161 -0.72 -50.31 -19.91
C GLY A 161 -0.94 -50.28 -18.41
N ILE A 162 -2.18 -50.61 -18.02
CA ILE A 162 -2.56 -50.56 -16.61
C ILE A 162 -1.92 -51.70 -15.84
N LEU A 163 -2.11 -52.94 -16.31
CA LEU A 163 -1.66 -54.10 -15.56
C LEU A 163 -0.14 -54.19 -15.43
N PRO A 164 0.66 -53.99 -16.50
CA PRO A 164 2.11 -54.19 -16.35
C PRO A 164 2.82 -53.17 -15.48
N ARG A 165 2.07 -52.48 -14.62
CA ARG A 165 2.61 -51.52 -13.68
C ARG A 165 2.32 -51.97 -12.26
N THR A 166 3.01 -51.35 -11.31
CA THR A 166 2.76 -51.58 -9.89
C THR A 166 3.11 -50.32 -9.12
N SER A 167 2.71 -50.29 -7.86
CA SER A 167 2.87 -49.08 -7.05
C SER A 167 4.34 -48.74 -6.86
N VAL A 168 4.64 -47.44 -6.96
CA VAL A 168 6.01 -46.97 -6.81
C VAL A 168 6.44 -47.13 -5.35
N ASN A 169 7.54 -47.84 -5.15
CA ASN A 169 8.08 -48.05 -3.80
C ASN A 169 9.59 -47.91 -3.70
N GLU A 170 10.34 -48.12 -4.77
CA GLU A 170 11.80 -48.06 -4.70
C GLU A 170 12.25 -46.61 -4.67
N PRO A 171 13.00 -46.19 -3.64
CA PRO A 171 13.43 -44.79 -3.57
C PRO A 171 14.48 -44.47 -4.62
N MET A 172 14.58 -43.18 -4.93
CA MET A 172 15.54 -42.65 -5.90
C MET A 172 16.21 -41.43 -5.26
N GLN A 173 17.26 -41.70 -4.48
CA GLN A 173 17.96 -40.62 -3.77
C GLN A 173 18.66 -39.71 -4.76
N THR A 174 18.36 -38.42 -4.70
CA THR A 174 19.00 -37.43 -5.57
C THR A 174 20.32 -36.92 -5.01
N GLY A 175 20.57 -37.11 -3.71
CA GLY A 175 21.75 -36.56 -3.09
C GLY A 175 21.61 -35.14 -2.59
N LEU A 176 20.42 -34.55 -2.72
CA LEU A 176 20.17 -33.19 -2.26
C LEU A 176 19.30 -33.24 -1.00
N LYS A 177 19.68 -32.44 -0.01
CA LYS A 177 19.01 -32.50 1.29
C LYS A 177 17.61 -31.92 1.23
N ALA A 178 17.42 -30.82 0.49
CA ALA A 178 16.09 -30.24 0.36
C ALA A 178 15.15 -31.11 -0.46
N VAL A 179 15.70 -32.03 -1.25
CA VAL A 179 14.90 -32.90 -2.10
C VAL A 179 14.51 -34.16 -1.34
N ASP A 180 15.51 -34.96 -0.94
CA ASP A 180 15.28 -36.24 -0.30
C ASP A 180 14.61 -36.12 1.07
N ALA A 181 14.38 -34.91 1.58
CA ALA A 181 13.68 -34.71 2.83
C ALA A 181 12.28 -34.13 2.66
N LEU A 182 12.04 -33.40 1.59
CA LEU A 182 10.76 -32.73 1.36
C LEU A 182 10.07 -33.18 0.09
N VAL A 183 10.80 -33.30 -1.01
CA VAL A 183 10.23 -33.73 -2.28
C VAL A 183 10.94 -34.99 -2.76
N PRO A 184 10.69 -36.14 -2.15
CA PRO A 184 11.41 -37.36 -2.53
C PRO A 184 10.90 -37.93 -3.85
N ILE A 185 11.81 -38.57 -4.57
CA ILE A 185 11.53 -39.16 -5.88
C ILE A 185 11.59 -40.67 -5.75
N GLY A 186 10.57 -41.35 -6.27
CA GLY A 186 10.57 -42.79 -6.35
C GLY A 186 10.95 -43.29 -7.73
N ARG A 187 11.21 -44.59 -7.81
CA ARG A 187 11.58 -45.21 -9.08
C ARG A 187 10.32 -45.52 -9.89
N GLY A 188 10.30 -45.04 -11.13
CA GLY A 188 9.10 -45.06 -11.93
C GLY A 188 8.26 -43.80 -11.84
N GLN A 189 8.74 -42.79 -11.11
CA GLN A 189 8.04 -41.53 -10.93
C GLN A 189 8.58 -40.48 -11.89
N ARG A 190 7.70 -39.57 -12.30
CA ARG A 190 8.04 -38.48 -13.22
C ARG A 190 8.07 -37.18 -12.42
N GLU A 191 9.25 -36.82 -11.93
CA GLU A 191 9.44 -35.60 -11.16
C GLU A 191 10.02 -34.52 -12.07
N LEU A 192 9.34 -33.38 -12.15
CA LEU A 192 9.71 -32.31 -13.07
C LEU A 192 10.65 -31.32 -12.38
N ILE A 193 11.75 -30.99 -13.05
CA ILE A 193 12.69 -29.98 -12.58
C ILE A 193 12.39 -28.72 -13.40
N ILE A 194 11.50 -27.88 -12.88
CA ILE A 194 11.04 -26.69 -13.59
C ILE A 194 11.61 -25.45 -12.91
N GLY A 195 11.92 -24.45 -13.71
CA GLY A 195 12.47 -23.20 -13.19
C GLY A 195 12.79 -22.25 -14.32
N ASP A 196 13.19 -21.05 -13.94
CA ASP A 196 13.50 -20.00 -14.90
C ASP A 196 14.86 -20.28 -15.56
N ARG A 197 15.41 -19.27 -16.22
CA ARG A 197 16.67 -19.43 -16.93
C ARG A 197 17.84 -19.22 -15.98
N GLN A 198 18.79 -20.16 -16.02
CA GLN A 198 20.00 -20.09 -15.20
C GLN A 198 19.68 -20.03 -13.71
N THR A 199 18.90 -21.00 -13.24
CA THR A 199 18.57 -21.11 -11.83
C THR A 199 19.11 -22.38 -11.17
N GLY A 200 19.72 -23.29 -11.93
CA GLY A 200 20.31 -24.47 -11.36
C GLY A 200 19.54 -25.76 -11.62
N LYS A 201 18.80 -25.80 -12.73
CA LYS A 201 18.06 -27.01 -13.07
C LYS A 201 18.99 -28.09 -13.60
N THR A 202 19.89 -27.73 -14.52
CA THR A 202 20.82 -28.69 -15.07
C THR A 202 21.80 -29.18 -14.00
N GLN A 203 22.23 -28.29 -13.11
CA GLN A 203 23.18 -28.67 -12.07
C GLN A 203 22.55 -29.66 -11.08
N ILE A 204 21.25 -29.52 -10.80
CA ILE A 204 20.57 -30.51 -9.97
C ILE A 204 20.52 -31.85 -10.69
N ALA A 205 20.31 -31.84 -12.00
CA ALA A 205 20.20 -33.08 -12.76
C ALA A 205 21.50 -33.87 -12.70
N ILE A 206 22.64 -33.20 -12.89
CA ILE A 206 23.91 -33.91 -12.83
C ILE A 206 24.28 -34.28 -11.39
N ASP A 207 23.74 -33.55 -10.40
CA ASP A 207 23.94 -33.95 -9.02
C ASP A 207 23.28 -35.28 -8.72
N THR A 208 22.13 -35.55 -9.34
CA THR A 208 21.50 -36.86 -9.17
C THR A 208 22.30 -37.95 -9.86
N ILE A 209 22.87 -37.65 -11.03
CA ILE A 209 23.71 -38.62 -11.73
C ILE A 209 24.98 -38.90 -10.92
N LEU A 210 25.61 -37.85 -10.40
CA LEU A 210 26.81 -38.03 -9.58
C LEU A 210 26.50 -38.73 -8.26
N ASN A 211 25.27 -38.65 -7.78
CA ASN A 211 24.92 -39.31 -6.52
C ASN A 211 24.72 -40.81 -6.68
N GLN A 212 24.21 -41.25 -7.83
CA GLN A 212 23.91 -42.66 -8.04
C GLN A 212 25.13 -43.52 -8.31
N LYS A 213 26.33 -42.93 -8.38
CA LYS A 213 27.54 -43.71 -8.53
C LYS A 213 27.94 -44.43 -7.25
N ARG A 214 27.39 -44.03 -6.11
CA ARG A 214 27.71 -44.67 -4.84
C ARG A 214 27.24 -46.12 -4.78
N TRP A 215 26.23 -46.48 -5.56
CA TRP A 215 25.74 -47.85 -5.61
C TRP A 215 26.24 -48.64 -6.81
N ASN A 216 26.75 -47.96 -7.84
CA ASN A 216 27.19 -48.64 -9.05
C ASN A 216 28.51 -49.40 -8.87
N TYR A 217 29.15 -49.30 -7.70
CA TYR A 217 30.34 -50.10 -7.43
C TYR A 217 30.00 -51.50 -6.99
N GLY A 218 28.85 -51.68 -6.34
CA GLY A 218 28.51 -52.96 -5.74
C GLY A 218 28.26 -54.06 -6.76
N GLN A 219 28.07 -55.27 -6.23
CA GLN A 219 27.79 -56.43 -7.06
C GLN A 219 26.31 -56.67 -7.28
N ASP A 220 25.47 -56.27 -6.32
CA ASP A 220 24.03 -56.44 -6.46
C ASP A 220 23.49 -55.49 -7.52
N GLU A 221 22.60 -56.00 -8.37
CA GLU A 221 22.05 -55.21 -9.47
C GLU A 221 20.65 -54.68 -9.19
N LYS A 222 19.98 -55.17 -8.15
CA LYS A 222 18.65 -54.69 -7.80
C LYS A 222 18.66 -53.34 -7.12
N LYS A 223 19.84 -52.78 -6.84
CA LYS A 223 19.96 -51.43 -6.31
C LYS A 223 20.72 -50.49 -7.23
N LYS A 224 21.15 -50.98 -8.39
CA LYS A 224 21.84 -50.13 -9.37
C LYS A 224 20.86 -49.12 -9.97
N LEU A 225 21.42 -48.13 -10.66
CA LEU A 225 20.61 -47.12 -11.34
C LEU A 225 21.48 -46.47 -12.42
N TYR A 226 21.24 -46.85 -13.68
CA TYR A 226 21.97 -46.28 -14.79
C TYR A 226 21.30 -44.96 -15.22
N CYS A 227 22.13 -44.01 -15.63
CA CYS A 227 21.67 -42.66 -15.97
C CYS A 227 21.70 -42.46 -17.48
N VAL A 228 20.75 -41.68 -17.98
CA VAL A 228 20.62 -41.35 -19.39
C VAL A 228 20.36 -39.85 -19.50
N TYR A 229 21.36 -39.10 -19.92
CA TYR A 229 21.23 -37.66 -20.08
C TYR A 229 20.91 -37.32 -21.54
N VAL A 230 19.86 -36.52 -21.73
CA VAL A 230 19.38 -36.16 -23.06
C VAL A 230 19.53 -34.66 -23.21
N ALA A 231 20.60 -34.22 -23.89
CA ALA A 231 20.82 -32.81 -24.15
C ALA A 231 20.05 -32.39 -25.40
N VAL A 232 19.13 -31.43 -25.23
CA VAL A 232 18.25 -30.99 -26.30
C VAL A 232 18.50 -29.51 -26.53
N GLY A 233 19.10 -29.17 -27.68
CA GLY A 233 19.33 -27.79 -28.03
C GLY A 233 20.47 -27.12 -27.31
N GLN A 234 21.30 -27.87 -26.59
CA GLN A 234 22.43 -27.28 -25.89
C GLN A 234 23.63 -27.15 -26.82
N LYS A 235 24.57 -26.30 -26.41
CA LYS A 235 25.76 -26.04 -27.21
C LYS A 235 26.69 -27.25 -27.22
N ARG A 236 27.41 -27.41 -28.33
CA ARG A 236 28.38 -28.49 -28.44
C ARG A 236 29.41 -28.43 -27.32
N SER A 237 29.86 -27.23 -26.97
CA SER A 237 30.84 -27.08 -25.90
C SER A 237 30.24 -27.43 -24.55
N THR A 238 28.97 -27.07 -24.33
CA THR A 238 28.31 -27.37 -23.06
C THR A 238 28.20 -28.87 -22.83
N VAL A 239 27.84 -29.62 -23.87
CA VAL A 239 27.80 -31.07 -23.74
C VAL A 239 29.21 -31.64 -23.58
N ALA A 240 30.20 -31.03 -24.22
CA ALA A 240 31.57 -31.49 -24.10
C ALA A 240 32.11 -31.27 -22.69
N GLN A 241 31.69 -30.18 -22.04
CA GLN A 241 32.11 -29.93 -20.66
C GLN A 241 31.41 -30.86 -19.67
N LEU A 242 30.19 -31.28 -19.98
CA LEU A 242 29.50 -32.25 -19.13
C LEU A 242 30.15 -33.62 -19.20
N VAL A 243 30.77 -33.95 -20.34
CA VAL A 243 31.47 -35.22 -20.46
C VAL A 243 32.70 -35.23 -19.57
N GLN A 244 33.54 -34.19 -19.66
CA GLN A 244 34.70 -34.11 -18.80
C GLN A 244 34.32 -33.92 -17.34
N THR A 245 33.10 -33.45 -17.07
CA THR A 245 32.61 -33.39 -15.70
C THR A 245 32.16 -34.76 -15.20
N LEU A 246 31.59 -35.58 -16.09
CA LEU A 246 31.25 -36.96 -15.76
C LEU A 246 32.44 -37.90 -15.86
N GLU A 247 33.55 -37.45 -16.45
CA GLU A 247 34.78 -38.22 -16.51
C GLU A 247 35.73 -37.90 -15.35
N HIS A 248 35.55 -36.75 -14.69
CA HIS A 248 36.33 -36.38 -13.52
C HIS A 248 35.77 -36.98 -12.24
N HIS A 249 34.58 -37.57 -12.29
CA HIS A 249 33.97 -38.23 -11.13
C HIS A 249 33.70 -39.71 -11.40
N ASP A 250 34.17 -40.23 -12.52
CA ASP A 250 33.91 -41.63 -12.93
C ASP A 250 32.42 -41.93 -12.94
N ALA A 251 31.65 -40.97 -13.44
CA ALA A 251 30.20 -41.13 -13.59
C ALA A 251 29.79 -41.35 -15.04
N LEU A 252 30.75 -41.46 -15.95
CA LEU A 252 30.46 -41.71 -17.35
C LEU A 252 30.36 -43.19 -17.68
N LYS A 253 31.12 -44.04 -16.99
CA LYS A 253 31.19 -45.47 -17.30
C LYS A 253 29.91 -46.23 -16.96
N TYR A 254 28.84 -45.54 -16.54
CA TYR A 254 27.53 -46.15 -16.40
C TYR A 254 26.42 -45.30 -16.97
N SER A 255 26.69 -44.07 -17.40
CA SER A 255 25.69 -43.15 -17.91
C SER A 255 25.86 -42.99 -19.42
N ILE A 256 24.73 -42.82 -20.10
CA ILE A 256 24.70 -42.66 -21.56
C ILE A 256 24.21 -41.25 -21.87
N ILE A 257 24.78 -40.66 -22.92
CA ILE A 257 24.47 -39.29 -23.32
C ILE A 257 23.88 -39.32 -24.72
N VAL A 258 22.69 -38.78 -24.87
CA VAL A 258 22.01 -38.64 -26.15
C VAL A 258 22.08 -37.17 -26.54
N ALA A 259 23.05 -36.84 -27.40
CA ALA A 259 23.36 -35.45 -27.72
C ALA A 259 22.65 -35.02 -29.00
N ALA A 260 21.81 -33.99 -28.89
CA ALA A 260 21.13 -33.38 -30.03
C ALA A 260 21.39 -31.87 -29.95
N THR A 261 22.59 -31.47 -30.36
CA THR A 261 23.03 -30.09 -30.19
C THR A 261 22.17 -29.14 -31.03
N ALA A 262 22.34 -27.84 -30.77
CA ALA A 262 21.58 -26.81 -31.46
C ALA A 262 21.99 -26.62 -32.90
N SER A 263 23.11 -27.21 -33.33
CA SER A 263 23.54 -27.14 -34.72
C SER A 263 22.89 -28.21 -35.59
N GLU A 264 22.48 -29.32 -35.00
CA GLU A 264 21.88 -30.39 -35.78
C GLU A 264 20.47 -30.00 -36.22
N ALA A 265 19.91 -30.82 -37.11
CA ALA A 265 18.62 -30.52 -37.71
C ALA A 265 17.51 -30.56 -36.66
N ALA A 266 16.36 -29.96 -37.03
CA ALA A 266 15.24 -29.89 -36.11
C ALA A 266 14.66 -31.27 -35.76
N PRO A 267 14.41 -32.18 -36.71
CA PRO A 267 13.87 -33.49 -36.32
C PRO A 267 14.81 -34.33 -35.48
N LEU A 268 16.09 -33.95 -35.38
CA LEU A 268 17.00 -34.67 -34.51
C LEU A 268 16.80 -34.28 -33.04
N GLN A 269 16.48 -33.01 -32.78
CA GLN A 269 16.19 -32.59 -31.41
C GLN A 269 14.84 -33.10 -30.95
N TYR A 270 13.91 -33.33 -31.87
CA TYR A 270 12.60 -33.86 -31.53
C TYR A 270 12.63 -35.37 -31.31
N LEU A 271 13.57 -36.06 -31.96
CA LEU A 271 13.71 -37.51 -31.81
C LEU A 271 14.62 -37.89 -30.65
N ALA A 272 15.41 -36.95 -30.12
CA ALA A 272 16.34 -37.29 -29.06
C ALA A 272 15.68 -37.75 -27.76
N PRO A 273 14.60 -37.13 -27.27
CA PRO A 273 13.97 -37.66 -26.05
C PRO A 273 13.37 -39.04 -26.26
N PHE A 274 12.93 -39.38 -27.47
CA PHE A 274 12.35 -40.68 -27.73
C PHE A 274 13.42 -41.75 -27.87
N THR A 275 14.46 -41.48 -28.65
CA THR A 275 15.56 -42.43 -28.75
C THR A 275 16.32 -42.54 -27.43
N GLY A 276 16.36 -41.45 -26.65
CA GLY A 276 16.96 -41.52 -25.33
C GLY A 276 16.12 -42.32 -24.36
N THR A 277 14.79 -42.27 -24.50
CA THR A 277 13.93 -43.08 -23.65
C THR A 277 14.04 -44.56 -24.00
N ALA A 278 14.07 -44.88 -25.29
CA ALA A 278 14.17 -46.27 -25.72
C ALA A 278 15.50 -46.88 -25.30
N MET A 279 16.57 -46.09 -25.33
CA MET A 279 17.87 -46.57 -24.87
C MET A 279 17.86 -46.81 -23.36
N GLY A 280 17.09 -46.01 -22.62
CA GLY A 280 16.88 -46.22 -21.21
C GLY A 280 15.72 -47.14 -20.88
N GLU A 281 14.96 -47.56 -21.90
CA GLU A 281 13.87 -48.51 -21.72
C GLU A 281 14.36 -49.96 -21.74
N TRP A 282 15.56 -50.22 -22.26
CA TRP A 282 16.12 -51.56 -22.25
C TRP A 282 16.42 -52.01 -20.82
N PHE A 283 16.87 -51.08 -19.97
CA PHE A 283 17.14 -51.42 -18.58
C PHE A 283 15.85 -51.70 -17.80
N ARG A 284 14.77 -51.01 -18.16
CA ARG A 284 13.50 -51.19 -17.44
C ARG A 284 12.92 -52.58 -17.69
N ASP A 285 13.06 -53.08 -18.91
CA ASP A 285 12.45 -54.37 -19.26
C ASP A 285 13.21 -55.54 -18.68
N ASN A 286 14.52 -55.41 -18.48
CA ASN A 286 15.36 -56.48 -17.96
C ASN A 286 15.43 -56.50 -16.45
N GLY A 287 14.45 -55.90 -15.76
CA GLY A 287 14.42 -55.93 -14.31
C GLY A 287 15.47 -55.09 -13.63
N LYS A 288 16.07 -54.13 -14.34
CA LYS A 288 17.10 -53.26 -13.78
C LYS A 288 16.54 -51.85 -13.60
N GLY A 289 17.36 -51.00 -12.97
CA GLY A 289 16.98 -49.62 -12.72
C GLY A 289 17.61 -48.69 -13.74
N ALA A 290 16.85 -47.65 -14.11
CA ALA A 290 17.30 -46.68 -15.11
C ALA A 290 16.81 -45.29 -14.73
N LEU A 291 17.64 -44.30 -15.04
CA LEU A 291 17.33 -42.89 -14.82
C LEU A 291 17.57 -42.13 -16.12
N ILE A 292 16.67 -41.20 -16.43
CA ILE A 292 16.78 -40.40 -17.64
C ILE A 292 16.39 -38.96 -17.34
N VAL A 293 17.15 -38.02 -17.88
CA VAL A 293 16.94 -36.60 -17.67
C VAL A 293 16.79 -35.93 -19.03
N PHE A 294 15.61 -35.37 -19.28
CA PHE A 294 15.34 -34.64 -20.52
C PHE A 294 15.74 -33.18 -20.32
N ASP A 295 16.86 -32.78 -20.91
CA ASP A 295 17.34 -31.42 -20.77
C ASP A 295 17.56 -30.77 -22.15
N ASP A 296 16.53 -30.10 -22.66
CA ASP A 296 15.26 -29.97 -21.98
C ASP A 296 14.08 -30.16 -22.93
N LEU A 297 12.89 -30.39 -22.37
CA LEU A 297 11.70 -30.56 -23.19
C LEU A 297 11.16 -29.24 -23.73
N SER A 298 11.46 -28.12 -23.06
CA SER A 298 10.99 -26.83 -23.55
C SER A 298 11.67 -26.44 -24.86
N LYS A 299 12.89 -26.92 -25.10
CA LYS A 299 13.56 -26.72 -26.37
C LYS A 299 13.31 -27.85 -27.36
N GLN A 300 12.65 -28.92 -26.93
CA GLN A 300 12.18 -29.95 -27.86
C GLN A 300 10.86 -29.56 -28.50
N ALA A 301 9.99 -28.88 -27.76
CA ALA A 301 8.70 -28.46 -28.33
C ALA A 301 8.89 -27.45 -29.44
N VAL A 302 9.87 -26.54 -29.30
CA VAL A 302 10.14 -25.58 -30.35
C VAL A 302 10.74 -26.24 -31.58
N ALA A 303 11.30 -27.45 -31.43
CA ALA A 303 11.82 -28.18 -32.58
C ALA A 303 10.69 -28.86 -33.35
N TYR A 304 9.76 -29.51 -32.64
CA TYR A 304 8.60 -30.09 -33.30
C TYR A 304 7.72 -29.01 -33.92
N ARG A 305 7.57 -27.87 -33.23
CA ARG A 305 6.79 -26.77 -33.78
C ARG A 305 7.43 -26.23 -35.05
N GLN A 306 8.76 -26.25 -35.14
CA GLN A 306 9.43 -25.74 -36.33
C GLN A 306 9.13 -26.60 -37.55
N MET A 307 9.20 -27.92 -37.40
CA MET A 307 8.94 -28.81 -38.52
C MET A 307 7.46 -28.95 -38.83
N SER A 308 6.58 -28.71 -37.85
CA SER A 308 5.15 -28.83 -38.08
C SER A 308 4.62 -27.65 -38.89
N LEU A 309 5.03 -26.42 -38.55
CA LEU A 309 4.58 -25.25 -39.28
C LEU A 309 5.10 -25.23 -40.72
N LEU A 310 6.22 -25.89 -40.98
CA LEU A 310 6.75 -26.00 -42.34
C LEU A 310 6.18 -27.19 -43.10
N LEU A 311 5.60 -28.17 -42.40
CA LEU A 311 4.88 -29.27 -43.03
C LEU A 311 3.42 -28.93 -43.30
N ARG A 312 3.07 -27.64 -43.31
CA ARG A 312 1.71 -27.17 -43.54
C ARG A 312 0.72 -27.71 -42.51
N ARG A 313 1.20 -28.10 -41.33
CA ARG A 313 0.29 -28.61 -40.31
C ARG A 313 -0.31 -27.45 -39.53
N PRO A 314 -1.64 -27.40 -39.37
CA PRO A 314 -2.29 -26.20 -38.80
C PRO A 314 -1.81 -25.93 -37.38
N PRO A 315 -1.43 -24.68 -37.10
CA PRO A 315 -0.93 -24.33 -35.77
C PRO A 315 -2.05 -24.12 -34.76
N GLY A 316 -1.65 -24.01 -33.49
CA GLY A 316 -2.56 -23.76 -32.40
C GLY A 316 -2.05 -22.60 -31.54
N ARG A 317 -2.20 -22.77 -30.22
CA ARG A 317 -1.76 -21.73 -29.28
C ARG A 317 -0.25 -21.60 -29.31
N GLU A 318 0.22 -20.36 -29.45
CA GLU A 318 1.65 -20.05 -29.52
C GLU A 318 2.33 -20.82 -30.65
N ALA A 319 1.60 -21.00 -31.75
CA ALA A 319 2.10 -21.62 -32.97
C ALA A 319 2.41 -23.10 -32.78
N TYR A 320 2.23 -23.62 -31.56
CA TYR A 320 2.47 -25.04 -31.33
C TYR A 320 1.35 -25.86 -31.96
N PRO A 321 1.68 -26.99 -32.59
CA PRO A 321 0.65 -27.77 -33.29
C PRO A 321 -0.38 -28.39 -32.36
N GLY A 322 -1.38 -29.05 -32.95
CA GLY A 322 -2.44 -29.63 -32.14
C GLY A 322 -1.98 -30.84 -31.34
N ASP A 323 -1.12 -31.67 -31.93
CA ASP A 323 -0.59 -32.84 -31.26
C ASP A 323 0.68 -32.54 -30.46
N VAL A 324 0.79 -31.32 -29.92
CA VAL A 324 1.94 -31.00 -29.07
C VAL A 324 1.80 -31.65 -27.70
N PHE A 325 0.58 -31.89 -27.24
CA PHE A 325 0.37 -32.58 -25.98
C PHE A 325 0.56 -34.08 -26.13
N TYR A 326 0.13 -34.65 -27.26
CA TYR A 326 0.40 -36.04 -27.56
C TYR A 326 1.89 -36.32 -27.74
N LEU A 327 2.70 -35.27 -27.89
CA LEU A 327 4.15 -35.45 -28.02
C LEU A 327 4.78 -35.79 -26.67
N HIS A 328 4.51 -34.97 -25.65
CA HIS A 328 5.09 -35.18 -24.33
C HIS A 328 4.33 -36.19 -23.48
N SER A 329 3.10 -36.55 -23.88
CA SER A 329 2.35 -37.54 -23.11
C SER A 329 2.89 -38.94 -23.34
N ARG A 330 2.90 -39.38 -24.60
CA ARG A 330 3.42 -40.71 -24.92
C ARG A 330 4.92 -40.85 -24.68
N LEU A 331 5.61 -39.74 -24.39
CA LEU A 331 7.04 -39.77 -24.08
C LEU A 331 7.30 -40.09 -22.61
N LEU A 332 6.59 -39.41 -21.70
CA LEU A 332 6.78 -39.62 -20.27
C LEU A 332 6.01 -40.81 -19.73
N GLU A 333 4.91 -41.22 -20.39
CA GLU A 333 4.16 -42.38 -19.94
C GLU A 333 4.97 -43.67 -20.04
N ARG A 334 6.05 -43.67 -20.81
CA ARG A 334 6.90 -44.85 -20.96
C ARG A 334 7.80 -45.10 -19.76
N ALA A 335 7.77 -44.21 -18.75
CA ALA A 335 8.54 -44.38 -17.53
C ALA A 335 7.61 -44.85 -16.42
N ALA A 336 7.88 -46.01 -15.85
CA ALA A 336 7.00 -46.59 -14.86
C ALA A 336 7.75 -47.63 -14.04
N LYS A 337 7.06 -48.14 -13.01
CA LYS A 337 7.58 -49.20 -12.15
C LYS A 337 6.90 -50.51 -12.56
N MET A 338 7.70 -51.44 -13.08
CA MET A 338 7.16 -52.68 -13.61
C MET A 338 6.95 -53.71 -12.51
N ASN A 339 5.95 -54.56 -12.72
CA ASN A 339 5.69 -55.67 -11.81
C ASN A 339 6.81 -56.70 -11.91
N GLU A 340 6.90 -57.55 -10.88
CA GLU A 340 7.89 -58.64 -10.92
C GLU A 340 7.61 -59.63 -12.02
N ARG A 341 6.39 -59.64 -12.58
CA ARG A 341 6.08 -60.50 -13.71
C ARG A 341 6.89 -60.12 -14.94
N GLU A 342 7.24 -58.84 -15.08
CA GLU A 342 7.98 -58.34 -16.23
C GLU A 342 9.37 -57.84 -15.82
N GLY A 343 9.97 -58.50 -14.83
CA GLY A 343 11.32 -58.16 -14.41
C GLY A 343 11.38 -57.39 -13.11
N GLY A 344 10.45 -56.46 -12.91
CA GLY A 344 10.47 -55.62 -11.73
C GLY A 344 11.34 -54.39 -11.84
N GLY A 345 11.82 -54.05 -13.04
CA GLY A 345 12.61 -52.86 -13.23
C GLY A 345 11.77 -51.60 -13.13
N SER A 346 12.45 -50.46 -13.30
CA SER A 346 11.79 -49.16 -13.15
C SER A 346 12.58 -48.12 -13.92
N LEU A 347 11.87 -47.28 -14.67
CA LEU A 347 12.47 -46.17 -15.42
C LEU A 347 11.97 -44.86 -14.82
N THR A 348 12.90 -44.04 -14.34
CA THR A 348 12.58 -42.75 -13.73
C THR A 348 12.95 -41.63 -14.69
N ALA A 349 12.00 -40.73 -14.93
CA ALA A 349 12.17 -39.62 -15.86
C ALA A 349 12.27 -38.32 -15.10
N LEU A 350 13.26 -37.50 -15.47
CA LEU A 350 13.49 -36.18 -14.87
C LEU A 350 13.41 -35.12 -15.96
N PRO A 351 12.20 -34.70 -16.33
CA PRO A 351 12.06 -33.67 -17.36
C PRO A 351 12.45 -32.29 -16.82
N ILE A 352 12.85 -31.43 -17.75
CA ILE A 352 13.28 -30.07 -17.44
C ILE A 352 12.54 -29.11 -18.35
N ILE A 353 11.92 -28.08 -17.76
CA ILE A 353 11.15 -27.09 -18.50
C ILE A 353 11.70 -25.72 -18.17
N GLU A 354 12.16 -25.00 -19.19
CA GLU A 354 12.65 -23.63 -19.06
C GLU A 354 11.49 -22.68 -19.29
N THR A 355 10.97 -22.09 -18.21
CA THR A 355 9.86 -21.15 -18.31
C THR A 355 10.37 -19.76 -18.71
N GLN A 356 9.45 -18.80 -18.75
CA GLN A 356 9.74 -17.43 -19.14
C GLN A 356 9.15 -16.49 -18.08
N GLY A 357 9.97 -16.10 -17.11
CA GLY A 357 9.52 -15.23 -16.05
C GLY A 357 8.61 -15.89 -15.04
N GLY A 358 8.82 -17.18 -14.76
CA GLY A 358 7.95 -17.89 -13.85
C GLY A 358 6.56 -18.14 -14.38
N ASP A 359 6.37 -18.05 -15.69
CA ASP A 359 5.04 -18.25 -16.28
C ASP A 359 4.67 -19.73 -16.25
N VAL A 360 4.03 -20.16 -15.16
CA VAL A 360 3.56 -21.54 -15.07
C VAL A 360 2.22 -21.75 -15.75
N SER A 361 1.70 -20.72 -16.42
CA SER A 361 0.44 -20.79 -17.13
C SER A 361 0.62 -20.90 -18.64
N ALA A 362 1.85 -20.88 -19.13
CA ALA A 362 2.08 -21.01 -20.57
C ALA A 362 1.74 -22.43 -21.04
N TYR A 363 1.71 -22.59 -22.36
CA TYR A 363 1.27 -23.84 -22.98
C TYR A 363 2.16 -25.01 -22.59
N ILE A 364 3.42 -24.97 -23.02
CA ILE A 364 4.34 -26.08 -22.75
C ILE A 364 4.45 -26.38 -21.27
N PRO A 365 4.55 -25.40 -20.35
CA PRO A 365 4.50 -25.76 -18.93
C PRO A 365 3.20 -26.44 -18.52
N THR A 366 2.05 -25.93 -18.98
CA THR A 366 0.77 -26.52 -18.62
C THR A 366 0.69 -27.98 -19.08
N ASN A 367 1.30 -28.29 -20.23
CA ASN A 367 1.30 -29.67 -20.72
C ASN A 367 2.10 -30.59 -19.79
N VAL A 368 3.36 -30.23 -19.54
CA VAL A 368 4.25 -31.13 -18.81
C VAL A 368 3.84 -31.24 -17.34
N ILE A 369 3.47 -30.12 -16.72
CA ILE A 369 3.10 -30.13 -15.31
C ILE A 369 1.89 -31.03 -15.09
N SER A 370 0.94 -31.00 -16.01
CA SER A 370 -0.27 -31.82 -15.89
C SER A 370 -0.01 -33.29 -16.18
N ILE A 371 1.22 -33.68 -16.50
CA ILE A 371 1.57 -35.06 -16.76
C ILE A 371 2.50 -35.62 -15.69
N THR A 372 3.50 -34.85 -15.29
CA THR A 372 4.51 -35.34 -14.35
C THR A 372 3.91 -35.60 -12.97
N ASP A 373 4.59 -36.45 -12.21
CA ASP A 373 4.17 -36.78 -10.84
C ASP A 373 4.83 -35.81 -9.86
N GLY A 374 4.40 -34.55 -9.95
CA GLY A 374 4.95 -33.50 -9.13
C GLY A 374 6.08 -32.75 -9.82
N GLN A 375 6.54 -31.70 -9.16
CA GLN A 375 7.58 -30.85 -9.74
C GLN A 375 8.40 -30.22 -8.62
N ILE A 376 9.61 -29.80 -8.99
CA ILE A 376 10.54 -29.13 -8.07
C ILE A 376 10.80 -27.75 -8.67
N PHE A 377 10.09 -26.74 -8.19
CA PHE A 377 10.21 -25.40 -8.73
C PHE A 377 11.48 -24.73 -8.24
N LEU A 378 12.21 -24.09 -9.16
CA LEU A 378 13.44 -23.37 -8.84
C LEU A 378 13.23 -21.89 -9.13
N GLU A 379 13.03 -21.11 -8.08
CA GLU A 379 12.82 -19.67 -8.20
C GLU A 379 14.14 -18.94 -7.99
N ALA A 380 14.50 -18.07 -8.94
CA ALA A 380 15.76 -17.36 -8.88
C ALA A 380 15.83 -16.36 -7.73
N GLU A 381 14.71 -16.09 -7.06
CA GLU A 381 14.73 -15.16 -5.94
C GLU A 381 15.54 -15.71 -4.77
N LEU A 382 15.50 -17.02 -4.55
CA LEU A 382 16.28 -17.66 -3.50
C LEU A 382 17.70 -17.98 -3.93
N PHE A 383 17.99 -17.99 -5.24
CA PHE A 383 19.34 -18.24 -5.70
C PHE A 383 20.25 -17.04 -5.43
N TYR A 384 19.73 -15.83 -5.65
CA TYR A 384 20.48 -14.62 -5.31
C TYR A 384 20.53 -14.41 -3.80
N LYS A 385 19.58 -14.97 -3.07
CA LYS A 385 19.59 -14.87 -1.61
C LYS A 385 20.74 -15.66 -0.99
N GLY A 386 21.31 -16.62 -1.73
CA GLY A 386 22.39 -17.46 -1.24
C GLY A 386 22.03 -18.93 -1.21
N ILE A 387 20.77 -19.25 -0.93
CA ILE A 387 20.32 -20.63 -0.84
C ILE A 387 20.46 -21.32 -2.19
N ARG A 388 21.46 -22.19 -2.30
CA ARG A 388 21.69 -22.95 -3.52
C ARG A 388 21.75 -24.44 -3.19
N PRO A 389 20.93 -25.26 -3.88
CA PRO A 389 20.00 -24.87 -4.94
C PRO A 389 18.73 -24.19 -4.44
N ALA A 390 18.24 -23.21 -5.20
CA ALA A 390 17.08 -22.41 -4.82
C ALA A 390 15.81 -23.22 -5.03
N ILE A 391 15.50 -24.06 -4.06
CA ILE A 391 14.35 -24.97 -4.14
C ILE A 391 13.17 -24.33 -3.43
N ASN A 392 12.13 -24.01 -4.20
CA ASN A 392 10.92 -23.42 -3.64
C ASN A 392 10.15 -24.48 -2.85
N VAL A 393 10.47 -24.62 -1.57
CA VAL A 393 9.86 -25.65 -0.74
C VAL A 393 8.34 -25.49 -0.68
N GLY A 394 7.88 -24.22 -0.67
CA GLY A 394 6.47 -23.96 -0.39
C GLY A 394 5.52 -24.56 -1.40
N LEU A 395 5.93 -24.66 -2.67
CA LEU A 395 5.04 -25.14 -3.71
C LEU A 395 5.58 -26.31 -4.52
N SER A 396 6.80 -26.78 -4.23
CA SER A 396 7.35 -27.96 -4.88
C SER A 396 6.90 -29.20 -4.13
N VAL A 397 6.20 -30.10 -4.82
CA VAL A 397 5.59 -31.26 -4.19
C VAL A 397 5.89 -32.52 -5.01
N SER A 398 5.81 -33.66 -4.33
CA SER A 398 5.93 -34.98 -4.93
C SER A 398 4.70 -35.79 -4.59
N ARG A 399 4.06 -36.35 -5.62
CA ARG A 399 2.80 -37.07 -5.40
C ARG A 399 3.03 -38.37 -4.63
N VAL A 400 3.82 -39.28 -5.20
CA VAL A 400 4.13 -40.55 -4.54
C VAL A 400 5.39 -40.35 -3.69
N GLY A 401 5.44 -39.22 -2.97
CA GLY A 401 6.55 -38.96 -2.08
C GLY A 401 6.26 -39.35 -0.65
N SER A 402 5.28 -40.25 -0.48
CA SER A 402 4.87 -40.72 0.84
C SER A 402 5.53 -42.03 1.23
N ALA A 403 5.46 -43.04 0.37
CA ALA A 403 6.06 -44.35 0.62
C ALA A 403 7.33 -44.57 -0.18
N ALA A 404 7.78 -43.57 -0.93
CA ALA A 404 9.05 -43.66 -1.66
C ALA A 404 10.21 -43.04 -0.90
N GLN A 405 9.95 -42.40 0.23
CA GLN A 405 11.00 -41.79 1.03
C GLN A 405 11.64 -42.84 1.93
N VAL A 406 12.92 -42.62 2.24
CA VAL A 406 13.66 -43.58 3.07
C VAL A 406 13.04 -43.64 4.45
N LYS A 407 13.04 -44.85 5.05
CA LYS A 407 12.47 -45.02 6.38
C LYS A 407 13.20 -44.18 7.41
N ALA A 408 14.51 -43.97 7.24
CA ALA A 408 15.27 -43.09 8.11
C ALA A 408 15.11 -41.62 7.76
N MET A 409 14.13 -41.29 6.91
CA MET A 409 13.87 -39.91 6.54
C MET A 409 12.44 -39.47 6.81
N LYS A 410 11.54 -40.38 7.13
CA LYS A 410 10.16 -40.02 7.44
C LYS A 410 10.00 -39.46 8.85
N GLN A 411 10.90 -39.80 9.77
CA GLN A 411 10.82 -39.32 11.15
C GLN A 411 11.69 -38.10 11.42
N VAL A 412 12.66 -37.81 10.57
CA VAL A 412 13.55 -36.67 10.77
C VAL A 412 13.08 -35.51 9.90
N ALA A 413 12.43 -35.83 8.78
CA ALA A 413 11.95 -34.82 7.85
C ALA A 413 10.43 -34.72 7.79
N GLY A 414 9.70 -35.63 8.44
CA GLY A 414 8.26 -35.51 8.52
C GLY A 414 7.82 -34.27 9.27
N SER A 415 8.60 -33.85 10.26
CA SER A 415 8.35 -32.59 10.95
C SER A 415 8.96 -31.40 10.23
N LEU A 416 10.05 -31.62 9.49
CA LEU A 416 10.67 -30.53 8.74
C LEU A 416 9.74 -29.99 7.66
N LYS A 417 8.89 -30.85 7.09
CA LYS A 417 7.99 -30.41 6.03
C LYS A 417 6.94 -29.43 6.55
N LEU A 418 6.39 -29.69 7.73
CA LEU A 418 5.37 -28.83 8.31
C LEU A 418 5.92 -27.82 9.31
N PHE A 419 7.24 -27.84 9.56
CA PHE A 419 7.86 -26.78 10.31
C PHE A 419 8.18 -25.56 9.44
N LEU A 420 8.28 -25.76 8.13
CA LEU A 420 8.44 -24.68 7.17
C LEU A 420 7.10 -24.24 6.57
N ALA A 421 6.00 -24.79 7.05
CA ALA A 421 4.68 -24.37 6.58
C ALA A 421 4.21 -23.13 7.32
N GLN A 422 4.31 -23.12 8.64
CA GLN A 422 3.96 -21.96 9.44
C GLN A 422 5.18 -21.05 9.61
N TYR A 423 6.10 -21.12 8.64
CA TYR A 423 7.35 -20.38 8.70
C TYR A 423 7.52 -19.38 7.58
N ARG A 424 6.86 -19.57 6.43
CA ARG A 424 7.04 -18.65 5.31
C ARG A 424 6.53 -17.25 5.63
N GLU A 425 5.40 -17.16 6.33
CA GLU A 425 4.83 -15.87 6.66
C GLU A 425 5.45 -15.24 7.90
N VAL A 426 6.04 -16.05 8.78
CA VAL A 426 6.68 -15.53 9.99
C VAL A 426 8.13 -15.15 9.77
N ALA A 427 8.73 -15.55 8.64
CA ALA A 427 10.11 -15.20 8.34
C ALA A 427 10.24 -13.94 7.50
N ALA A 428 9.16 -13.48 6.88
CA ALA A 428 9.21 -12.30 6.02
C ALA A 428 8.88 -11.02 6.77
N PHE A 429 8.03 -11.08 7.80
CA PHE A 429 7.63 -9.89 8.55
C PHE A 429 8.39 -9.73 9.85
N ALA A 430 9.21 -10.70 10.25
CA ALA A 430 9.91 -10.65 11.52
C ALA A 430 11.11 -9.72 11.52
N GLN A 431 11.41 -9.06 10.40
CA GLN A 431 12.67 -8.32 10.27
C GLN A 431 12.54 -6.84 10.62
N PHE A 432 11.39 -6.21 10.35
CA PHE A 432 11.31 -4.76 10.50
C PHE A 432 11.22 -4.32 11.96
N GLY A 433 10.70 -5.16 12.84
CA GLY A 433 10.49 -4.77 14.22
C GLY A 433 10.78 -5.91 15.17
N SER A 434 11.26 -5.54 16.36
CA SER A 434 11.53 -6.49 17.44
C SER A 434 10.37 -6.54 18.44
N ASP A 435 9.15 -6.39 17.96
CA ASP A 435 7.96 -6.51 18.78
C ASP A 435 7.35 -7.91 18.73
N LEU A 436 8.14 -8.90 18.32
CA LEU A 436 7.67 -10.26 18.18
C LEU A 436 7.58 -10.94 19.55
N ASP A 437 6.77 -11.99 19.61
CA ASP A 437 6.68 -12.83 20.79
C ASP A 437 7.74 -13.92 20.72
N ALA A 438 8.14 -14.41 21.89
CA ALA A 438 9.13 -15.49 21.94
C ALA A 438 8.60 -16.78 21.33
N SER A 439 7.28 -16.93 21.23
CA SER A 439 6.70 -18.12 20.62
C SER A 439 6.65 -18.03 19.10
N THR A 440 6.57 -16.80 18.56
CA THR A 440 6.51 -16.61 17.11
C THR A 440 7.88 -16.41 16.49
N LYS A 441 8.82 -15.80 17.22
CA LYS A 441 10.17 -15.59 16.69
C LYS A 441 11.03 -16.83 16.79
N GLN A 442 10.65 -17.79 17.65
CA GLN A 442 11.46 -19.00 17.79
C GLN A 442 11.43 -19.87 16.54
N THR A 443 10.30 -19.87 15.82
CA THR A 443 10.23 -20.63 14.58
C THR A 443 11.18 -20.08 13.53
N LEU A 444 11.53 -18.80 13.62
CA LEU A 444 12.50 -18.22 12.70
C LEU A 444 13.93 -18.53 13.13
N THR A 445 14.19 -18.56 14.45
CA THR A 445 15.53 -18.86 14.93
C THR A 445 15.98 -20.26 14.53
N ARG A 446 15.03 -21.18 14.36
CA ARG A 446 15.35 -22.52 13.88
C ARG A 446 15.24 -22.62 12.37
N GLY A 447 14.25 -21.96 11.76
CA GLY A 447 14.08 -22.04 10.32
C GLY A 447 15.16 -21.33 9.55
N GLU A 448 15.74 -20.26 10.12
CA GLU A 448 16.83 -19.56 9.45
C GLU A 448 18.09 -20.42 9.36
N ARG A 449 18.21 -21.45 10.21
CA ARG A 449 19.30 -22.41 10.09
C ARG A 449 18.91 -23.63 9.27
N LEU A 450 17.64 -24.05 9.34
CA LEU A 450 17.19 -25.19 8.56
C LEU A 450 17.31 -24.90 7.06
N THR A 451 16.77 -23.77 6.62
CA THR A 451 16.94 -23.37 5.22
C THR A 451 18.41 -23.11 4.91
N LEU A 452 19.18 -22.66 5.90
CA LEU A 452 20.62 -22.51 5.73
C LEU A 452 21.33 -23.86 5.76
N LEU A 453 20.74 -24.85 6.43
CA LEU A 453 21.27 -26.21 6.36
C LEU A 453 21.07 -26.81 4.98
N LEU A 454 19.94 -26.49 4.33
CA LEU A 454 19.62 -27.04 3.02
C LEU A 454 20.51 -26.50 1.91
N LYS A 455 21.42 -25.57 2.20
CA LYS A 455 22.43 -25.19 1.24
C LYS A 455 23.32 -26.38 0.90
N GLN A 456 23.84 -26.39 -0.32
CA GLN A 456 24.67 -27.49 -0.77
C GLN A 456 25.54 -27.02 -1.93
N LYS A 457 26.82 -27.33 -1.87
CA LYS A 457 27.76 -26.89 -2.90
C LYS A 457 27.48 -27.62 -4.21
N GLN A 458 27.98 -27.03 -5.29
CA GLN A 458 27.78 -27.61 -6.62
C GLN A 458 28.52 -28.94 -6.74
N ALA A 459 27.82 -29.93 -7.32
CA ALA A 459 28.38 -31.26 -7.56
C ALA A 459 28.88 -31.91 -6.27
N SER A 460 28.13 -31.71 -5.18
CA SER A 460 28.47 -32.26 -3.88
C SER A 460 27.27 -33.02 -3.33
N PRO A 461 27.01 -34.23 -3.85
CA PRO A 461 25.85 -35.01 -3.39
C PRO A 461 26.19 -35.75 -2.09
N MET A 462 25.44 -35.45 -1.04
CA MET A 462 25.62 -36.12 0.24
C MET A 462 24.71 -37.34 0.30
N SER A 463 25.25 -38.44 0.83
CA SER A 463 24.52 -39.71 0.86
C SER A 463 23.45 -39.67 1.94
N SER A 464 22.62 -40.71 1.95
CA SER A 464 21.52 -40.78 2.91
C SER A 464 22.03 -40.96 4.34
N GLU A 465 23.13 -41.69 4.52
CA GLU A 465 23.67 -41.92 5.86
C GLU A 465 24.34 -40.70 6.46
N GLU A 466 24.61 -39.66 5.66
CA GLU A 466 25.22 -38.43 6.16
C GLU A 466 24.22 -37.30 6.37
N MET A 467 22.97 -37.49 5.97
CA MET A 467 21.94 -36.46 6.09
C MET A 467 21.03 -36.66 7.30
N VAL A 468 20.73 -37.91 7.65
CA VAL A 468 19.81 -38.17 8.77
C VAL A 468 20.32 -37.55 10.07
N PRO A 469 21.60 -37.61 10.41
CA PRO A 469 22.06 -36.90 11.62
C PRO A 469 21.68 -35.42 11.66
N LEU A 470 21.90 -34.70 10.56
CA LEU A 470 21.72 -33.25 10.56
C LEU A 470 20.25 -32.87 10.77
N ILE A 471 19.35 -33.52 10.03
CA ILE A 471 17.95 -33.13 10.06
C ILE A 471 17.32 -33.46 11.41
N TYR A 472 17.82 -34.49 12.09
CA TYR A 472 17.30 -34.80 13.42
C TYR A 472 17.64 -33.72 14.43
N ALA A 473 18.82 -33.09 14.28
CA ALA A 473 19.17 -32.00 15.18
C ALA A 473 18.38 -30.73 14.87
N GLY A 474 17.97 -30.55 13.61
CA GLY A 474 17.21 -29.37 13.26
C GLY A 474 15.80 -29.37 13.84
N VAL A 475 15.17 -30.54 13.87
CA VAL A 475 13.84 -30.65 14.49
C VAL A 475 13.93 -30.40 15.99
N ASN A 476 14.94 -30.99 16.64
CA ASN A 476 15.13 -30.76 18.07
C ASN A 476 15.69 -29.38 18.37
N GLY A 477 16.28 -28.72 17.37
CA GLY A 477 16.80 -27.38 17.56
C GLY A 477 18.05 -27.34 18.42
N TYR A 478 19.10 -28.04 17.99
CA TYR A 478 20.39 -28.04 18.67
C TYR A 478 21.39 -27.13 17.99
N ILE A 479 20.98 -26.38 16.97
CA ILE A 479 21.83 -25.47 16.23
C ILE A 479 21.34 -24.03 16.33
N ASP A 480 20.38 -23.76 17.21
CA ASP A 480 19.83 -22.42 17.33
C ASP A 480 20.83 -21.43 17.91
N ASN A 481 21.83 -21.90 18.65
CA ASN A 481 22.82 -21.01 19.25
C ASN A 481 23.86 -20.56 18.24
N ILE A 482 24.23 -21.43 17.31
CA ILE A 482 25.28 -21.08 16.34
C ILE A 482 24.74 -20.04 15.37
N PRO A 483 25.47 -18.95 15.11
CA PRO A 483 24.98 -17.93 14.19
C PRO A 483 24.80 -18.42 12.77
N VAL A 484 24.30 -17.55 11.89
CA VAL A 484 24.03 -17.89 10.50
C VAL A 484 25.31 -17.82 9.69
N LYS A 485 26.44 -17.66 10.37
CA LYS A 485 27.75 -17.56 9.74
C LYS A 485 28.60 -18.81 9.89
N GLN A 486 28.54 -19.46 11.06
CA GLN A 486 29.31 -20.68 11.31
C GLN A 486 28.47 -21.94 11.20
N VAL A 487 27.15 -21.81 10.98
CA VAL A 487 26.30 -23.00 10.86
C VAL A 487 26.63 -23.77 9.60
N GLU A 488 27.03 -23.09 8.53
CA GLU A 488 27.46 -23.78 7.32
C GLU A 488 28.80 -24.47 7.55
N LYS A 489 29.67 -23.90 8.38
CA LYS A 489 30.89 -24.58 8.78
C LYS A 489 30.63 -25.64 9.84
N PHE A 490 29.59 -25.44 10.66
CA PHE A 490 29.16 -26.48 11.59
C PHE A 490 28.82 -27.77 10.85
N GLU A 491 28.11 -27.65 9.73
CA GLU A 491 27.80 -28.82 8.91
C GLU A 491 29.06 -29.43 8.29
N ALA A 492 30.08 -28.60 8.05
CA ALA A 492 31.27 -29.08 7.34
C ALA A 492 32.09 -30.04 8.19
N GLU A 493 32.18 -29.78 9.50
CA GLU A 493 33.01 -30.58 10.39
C GLU A 493 32.18 -31.36 11.42
N PHE A 494 30.88 -31.54 11.16
CA PHE A 494 30.04 -32.44 11.95
C PHE A 494 29.87 -33.79 11.28
N VAL A 495 29.73 -33.81 9.96
CA VAL A 495 29.64 -35.07 9.23
C VAL A 495 30.99 -35.77 9.12
N SER A 496 32.09 -35.03 9.23
CA SER A 496 33.42 -35.64 9.22
C SER A 496 33.81 -36.21 10.58
N TYR A 497 33.20 -35.71 11.67
CA TYR A 497 33.50 -36.22 12.99
C TYR A 497 32.79 -37.54 13.26
N LEU A 498 31.53 -37.65 12.85
CA LEU A 498 30.77 -38.87 13.12
C LEU A 498 31.30 -40.05 12.31
N HIS A 499 31.91 -39.79 11.16
CA HIS A 499 32.50 -40.88 10.37
C HIS A 499 33.75 -41.43 11.03
N ALA A 500 34.46 -40.60 11.81
CA ALA A 500 35.60 -41.05 12.59
C ALA A 500 35.24 -41.44 14.01
N ASN A 501 34.00 -41.18 14.44
CA ASN A 501 33.52 -41.56 15.76
C ASN A 501 32.61 -42.78 15.71
N GLU A 502 31.61 -42.77 14.84
CA GLU A 502 30.63 -43.85 14.74
C GLU A 502 30.48 -44.23 13.25
N SER A 503 31.55 -44.77 12.68
CA SER A 503 31.47 -45.30 11.32
C SER A 503 30.58 -46.53 11.25
N ASP A 504 30.31 -47.17 12.39
CA ASP A 504 29.40 -48.32 12.40
C ASP A 504 27.95 -47.87 12.22
N LEU A 505 27.58 -46.75 12.84
CA LEU A 505 26.23 -46.22 12.67
C LEU A 505 26.00 -45.78 11.23
N LEU A 506 27.00 -45.12 10.63
CA LEU A 506 26.90 -44.73 9.24
C LEU A 506 26.82 -45.94 8.31
N LYS A 507 27.37 -47.07 8.74
CA LYS A 507 27.36 -48.27 7.92
C LYS A 507 26.01 -48.98 7.98
N ASP A 508 25.37 -49.01 9.14
CA ASP A 508 24.10 -49.72 9.28
C ASP A 508 22.98 -48.98 8.56
N ILE A 509 22.92 -47.65 8.72
CA ILE A 509 21.87 -46.87 8.07
C ILE A 509 22.02 -46.94 6.55
N ALA A 510 23.27 -46.96 6.06
CA ALA A 510 23.51 -47.10 4.63
C ALA A 510 23.22 -48.51 4.12
N ALA A 511 23.03 -49.48 5.02
CA ALA A 511 22.69 -50.85 4.62
C ALA A 511 21.28 -51.25 4.98
N THR A 512 20.75 -50.76 6.09
CA THR A 512 19.38 -51.06 6.52
C THR A 512 18.42 -49.92 6.26
N GLY A 513 18.81 -48.68 6.55
CA GLY A 513 17.90 -47.57 6.45
C GLY A 513 16.82 -47.52 7.52
N GLU A 514 16.94 -48.35 8.55
CA GLU A 514 15.96 -48.43 9.62
C GLU A 514 16.56 -47.88 10.90
N LEU A 515 15.77 -47.12 11.64
CA LEU A 515 16.21 -46.49 12.89
C LEU A 515 15.25 -46.89 14.00
N SER A 516 15.74 -47.67 14.96
CA SER A 516 14.95 -48.11 16.09
C SER A 516 15.06 -47.08 17.22
N LYS A 517 14.62 -47.46 18.42
CA LYS A 517 14.74 -46.59 19.58
C LYS A 517 16.15 -46.55 20.14
N GLU A 518 16.99 -47.53 19.78
CA GLU A 518 18.36 -47.56 20.29
C GLU A 518 19.28 -46.64 19.51
N ASN A 519 19.14 -46.60 18.17
CA ASN A 519 20.00 -45.75 17.36
C ASN A 519 19.69 -44.27 17.52
N LEU A 520 18.48 -43.93 17.98
CA LEU A 520 18.14 -42.52 18.17
C LEU A 520 18.84 -41.96 19.41
N GLU A 521 18.98 -42.78 20.46
CA GLU A 521 19.73 -42.34 21.63
C GLU A 521 21.23 -42.30 21.37
N LYS A 522 21.70 -42.98 20.32
CA LYS A 522 23.12 -42.90 19.96
C LYS A 522 23.50 -41.50 19.49
N LEU A 523 22.58 -40.80 18.83
CA LEU A 523 22.87 -39.44 18.37
C LEU A 523 22.90 -38.44 19.52
N LYS A 524 22.29 -38.79 20.66
CA LYS A 524 22.32 -37.89 21.82
C LYS A 524 23.75 -37.65 22.29
N SER A 525 24.58 -38.70 22.32
CA SER A 525 25.96 -38.55 22.74
C SER A 525 26.77 -37.77 21.70
N ILE A 526 26.36 -37.82 20.43
CA ILE A 526 27.04 -37.05 19.40
C ILE A 526 26.72 -35.57 19.52
N THR A 527 25.62 -35.22 20.19
CA THR A 527 25.26 -33.82 20.38
C THR A 527 26.02 -33.15 21.51
N GLU A 528 26.62 -33.93 22.42
CA GLU A 528 27.31 -33.38 23.57
C GLU A 528 28.79 -33.11 23.32
N ASN A 529 29.29 -33.40 22.12
CA ASN A 529 30.72 -33.23 21.85
C ASN A 529 31.06 -32.04 20.96
N PHE A 530 30.13 -31.57 20.14
CA PHE A 530 30.39 -30.38 19.34
C PHE A 530 29.96 -29.09 20.05
N VAL A 531 29.34 -29.19 21.21
CA VAL A 531 28.96 -27.99 21.96
C VAL A 531 30.18 -27.22 22.45
N GLY A 532 31.31 -27.89 22.61
CA GLY A 532 32.53 -27.22 23.01
C GLY A 532 33.43 -26.90 21.84
N SER A 533 32.84 -26.84 20.64
CA SER A 533 33.60 -26.54 19.43
C SER A 533 32.79 -25.63 18.50
N ALA B 49 -32.44 -35.50 -62.66
CA ALA B 49 -32.16 -35.07 -64.02
C ALA B 49 -31.89 -33.58 -64.08
N ASN B 50 -32.88 -32.78 -63.66
CA ASN B 50 -32.74 -31.34 -63.67
C ASN B 50 -32.03 -30.86 -62.41
N LEU B 51 -31.21 -29.81 -62.58
CA LEU B 51 -30.48 -29.22 -61.47
C LEU B 51 -30.84 -27.75 -61.25
N ASN B 52 -31.88 -27.26 -61.91
CA ASN B 52 -32.40 -25.92 -61.67
C ASN B 52 -33.38 -25.87 -60.51
N GLU B 53 -33.79 -27.03 -59.99
CA GLU B 53 -34.67 -27.11 -58.84
C GLU B 53 -34.23 -28.13 -57.81
N THR B 54 -33.20 -28.94 -58.10
CA THR B 54 -32.67 -29.91 -57.15
C THR B 54 -31.15 -29.81 -57.12
N GLY B 55 -30.49 -30.78 -56.50
CA GLY B 55 -29.03 -30.75 -56.44
C GLY B 55 -28.53 -31.98 -55.70
N ARG B 56 -27.22 -32.19 -55.81
CA ARG B 56 -26.55 -33.31 -55.16
C ARG B 56 -25.37 -32.80 -54.35
N VAL B 57 -25.13 -33.45 -53.21
CA VAL B 57 -24.15 -32.97 -52.24
C VAL B 57 -22.75 -33.28 -52.74
N LEU B 58 -21.92 -32.24 -52.86
CA LEU B 58 -20.51 -32.43 -53.21
C LEU B 58 -19.69 -32.80 -51.98
N SER B 59 -19.81 -32.01 -50.91
CA SER B 59 -18.99 -32.20 -49.73
C SER B 59 -19.72 -31.63 -48.52
N VAL B 60 -19.53 -32.26 -47.37
CA VAL B 60 -20.16 -31.84 -46.12
C VAL B 60 -19.16 -31.98 -44.98
N GLY B 61 -18.99 -30.92 -44.20
CA GLY B 61 -18.09 -30.94 -43.07
C GLY B 61 -18.09 -29.64 -42.29
N ASP B 62 -17.82 -29.73 -40.99
CA ASP B 62 -17.76 -28.56 -40.09
C ASP B 62 -19.07 -27.77 -40.14
N GLY B 63 -20.19 -28.49 -40.02
CA GLY B 63 -21.49 -27.86 -40.00
C GLY B 63 -21.93 -27.23 -41.31
N ILE B 64 -21.16 -27.42 -42.38
CA ILE B 64 -21.45 -26.83 -43.69
C ILE B 64 -21.52 -27.95 -44.72
N ALA B 65 -22.50 -27.87 -45.61
CA ALA B 65 -22.69 -28.85 -46.66
C ALA B 65 -22.81 -28.11 -48.00
N ARG B 66 -21.76 -28.19 -48.81
CA ARG B 66 -21.74 -27.55 -50.13
C ARG B 66 -22.37 -28.48 -51.16
N VAL B 67 -23.30 -27.94 -51.94
CA VAL B 67 -24.13 -28.74 -52.83
C VAL B 67 -24.03 -28.18 -54.25
N PHE B 68 -23.80 -29.06 -55.21
CA PHE B 68 -23.87 -28.69 -56.62
C PHE B 68 -25.32 -28.71 -57.10
N GLY B 69 -25.71 -27.69 -57.85
CA GLY B 69 -27.05 -27.59 -58.38
C GLY B 69 -27.79 -26.39 -57.81
N LEU B 70 -29.12 -26.53 -57.73
CA LEU B 70 -30.01 -25.48 -57.21
C LEU B 70 -29.77 -24.17 -57.95
N ASN B 71 -29.95 -24.21 -59.27
CA ASN B 71 -29.65 -23.05 -60.09
C ASN B 71 -30.61 -21.89 -59.83
N ASN B 72 -31.84 -22.20 -59.41
CA ASN B 72 -32.88 -21.19 -59.22
C ASN B 72 -33.24 -21.00 -57.74
N ILE B 73 -32.28 -21.21 -56.85
CA ILE B 73 -32.53 -21.04 -55.42
C ILE B 73 -32.38 -19.57 -55.04
N GLN B 74 -33.19 -19.13 -54.09
CA GLN B 74 -33.13 -17.76 -53.59
C GLN B 74 -32.14 -17.66 -52.45
N ALA B 75 -31.78 -16.42 -52.12
CA ALA B 75 -30.89 -16.18 -50.98
C ALA B 75 -31.63 -16.44 -49.68
N GLU B 76 -30.95 -17.11 -48.74
CA GLU B 76 -31.51 -17.46 -47.44
C GLU B 76 -32.77 -18.30 -47.58
N GLU B 77 -32.71 -19.31 -48.45
CA GLU B 77 -33.84 -20.17 -48.72
C GLU B 77 -33.67 -21.51 -48.03
N LEU B 78 -34.76 -22.00 -47.43
CA LEU B 78 -34.73 -23.28 -46.74
C LEU B 78 -34.67 -24.43 -47.75
N VAL B 79 -33.93 -25.48 -47.39
CA VAL B 79 -33.76 -26.65 -48.23
C VAL B 79 -34.10 -27.90 -47.42
N GLU B 80 -34.10 -29.04 -48.08
CA GLU B 80 -34.41 -30.32 -47.47
C GLU B 80 -33.53 -31.39 -48.08
N PHE B 81 -32.78 -32.11 -47.24
CA PHE B 81 -31.94 -33.20 -47.69
C PHE B 81 -32.75 -34.49 -47.80
N ALA B 82 -32.11 -35.54 -48.30
CA ALA B 82 -32.74 -36.85 -48.36
C ALA B 82 -32.84 -37.52 -46.99
N SER B 83 -32.26 -36.94 -45.96
CA SER B 83 -32.35 -37.44 -44.59
C SER B 83 -33.35 -36.66 -43.75
N GLY B 84 -34.06 -35.70 -44.33
CA GLY B 84 -35.02 -34.90 -43.61
C GLY B 84 -34.43 -33.69 -42.89
N VAL B 85 -33.15 -33.42 -43.06
CA VAL B 85 -32.49 -32.32 -42.37
C VAL B 85 -32.67 -31.04 -43.18
N LYS B 86 -33.14 -30.00 -42.53
CA LYS B 86 -33.33 -28.71 -43.17
C LYS B 86 -32.05 -27.88 -43.08
N GLY B 87 -31.98 -26.85 -43.92
CA GLY B 87 -30.80 -26.00 -43.96
C GLY B 87 -31.11 -24.72 -44.70
N MET B 88 -30.18 -23.77 -44.58
CA MET B 88 -30.32 -22.44 -45.15
C MET B 88 -29.17 -22.16 -46.11
N ALA B 89 -29.50 -21.64 -47.28
CA ALA B 89 -28.50 -21.30 -48.30
C ALA B 89 -27.98 -19.90 -48.01
N LEU B 90 -26.82 -19.82 -47.37
CA LEU B 90 -26.25 -18.53 -46.98
C LEU B 90 -25.51 -17.87 -48.14
N ASN B 91 -24.48 -18.54 -48.65
CA ASN B 91 -23.69 -18.04 -49.76
C ASN B 91 -23.98 -18.84 -51.03
N LEU B 92 -24.26 -18.14 -52.12
CA LEU B 92 -24.59 -18.76 -53.40
C LEU B 92 -23.42 -18.53 -54.35
N GLU B 93 -22.44 -19.42 -54.29
CA GLU B 93 -21.27 -19.30 -55.15
C GLU B 93 -21.64 -19.60 -56.60
N ALA B 94 -20.71 -19.28 -57.50
CA ALA B 94 -20.92 -19.45 -58.94
C ALA B 94 -20.58 -20.89 -59.31
N GLY B 95 -21.58 -21.76 -59.30
CA GLY B 95 -21.41 -23.16 -59.61
C GLY B 95 -21.74 -24.11 -58.48
N GLN B 96 -21.92 -23.61 -57.25
CA GLN B 96 -22.25 -24.45 -56.11
C GLN B 96 -22.94 -23.59 -55.06
N VAL B 97 -23.65 -24.24 -54.16
CA VAL B 97 -24.43 -23.57 -53.13
C VAL B 97 -23.94 -24.04 -51.76
N GLY B 98 -23.49 -23.09 -50.94
CA GLY B 98 -23.10 -23.40 -49.58
C GLY B 98 -24.26 -23.27 -48.61
N ILE B 99 -24.65 -24.37 -47.98
CA ILE B 99 -25.83 -24.44 -47.14
C ILE B 99 -25.39 -24.80 -45.72
N VAL B 100 -25.88 -24.04 -44.74
CA VAL B 100 -25.61 -24.29 -43.33
C VAL B 100 -26.67 -25.24 -42.80
N LEU B 101 -26.24 -26.22 -42.02
CA LEU B 101 -27.12 -27.30 -41.58
C LEU B 101 -27.82 -26.96 -40.27
N PHE B 102 -29.11 -27.28 -40.21
CA PHE B 102 -29.87 -27.23 -38.97
C PHE B 102 -29.85 -28.55 -38.21
N GLY B 103 -28.78 -29.32 -38.38
CA GLY B 103 -28.64 -30.59 -37.69
C GLY B 103 -27.19 -31.02 -37.69
N SER B 104 -26.96 -32.24 -37.24
CA SER B 104 -25.61 -32.77 -37.19
C SER B 104 -25.08 -33.03 -38.60
N ASP B 105 -23.75 -32.96 -38.74
CA ASP B 105 -23.12 -33.26 -40.02
C ASP B 105 -23.22 -34.73 -40.38
N ARG B 106 -23.53 -35.59 -39.40
CA ARG B 106 -23.65 -37.02 -39.67
C ARG B 106 -24.79 -37.32 -40.63
N LEU B 107 -25.88 -36.57 -40.55
CA LEU B 107 -27.08 -36.84 -41.33
C LEU B 107 -26.97 -36.35 -42.78
N VAL B 108 -25.78 -35.98 -43.24
CA VAL B 108 -25.57 -35.54 -44.62
C VAL B 108 -24.40 -36.32 -45.19
N LYS B 109 -24.62 -36.97 -46.32
CA LYS B 109 -23.59 -37.76 -46.99
C LYS B 109 -23.30 -37.16 -48.36
N GLU B 110 -22.26 -37.68 -49.00
CA GLU B 110 -21.84 -37.22 -50.32
C GLU B 110 -22.64 -37.93 -51.39
N GLY B 111 -23.26 -37.16 -52.28
CA GLY B 111 -24.08 -37.69 -53.35
C GLY B 111 -25.57 -37.73 -53.06
N GLU B 112 -25.99 -37.33 -51.88
CA GLU B 112 -27.41 -37.31 -51.56
C GLU B 112 -28.14 -36.25 -52.35
N THR B 113 -29.44 -36.44 -52.52
CA THR B 113 -30.28 -35.52 -53.29
C THR B 113 -30.77 -34.39 -52.38
N VAL B 114 -30.66 -33.15 -52.87
CA VAL B 114 -31.07 -31.97 -52.13
C VAL B 114 -32.31 -31.40 -52.82
N LYS B 115 -33.38 -31.22 -52.06
CA LYS B 115 -34.64 -30.69 -52.56
C LYS B 115 -34.83 -29.26 -52.07
N ARG B 116 -35.48 -28.44 -52.89
CA ARG B 116 -35.73 -27.06 -52.55
C ARG B 116 -36.97 -26.94 -51.65
N SER B 117 -37.32 -25.69 -51.34
CA SER B 117 -38.58 -25.37 -50.69
C SER B 117 -39.28 -24.17 -51.32
N GLY B 118 -38.59 -23.37 -52.12
CA GLY B 118 -39.20 -22.23 -52.78
C GLY B 118 -39.69 -21.15 -51.86
N SER B 119 -39.05 -20.99 -50.70
CA SER B 119 -39.51 -20.02 -49.72
C SER B 119 -38.36 -19.63 -48.80
N ILE B 120 -38.28 -18.33 -48.49
CA ILE B 120 -37.31 -17.86 -47.51
C ILE B 120 -37.63 -18.47 -46.14
N VAL B 121 -36.62 -18.55 -45.28
CA VAL B 121 -36.75 -19.14 -43.95
C VAL B 121 -37.86 -18.43 -43.18
N ASP B 122 -39.01 -19.10 -43.05
CA ASP B 122 -40.15 -18.58 -42.33
C ASP B 122 -40.58 -19.57 -41.24
N VAL B 123 -41.40 -19.08 -40.32
CA VAL B 123 -41.82 -19.89 -39.18
C VAL B 123 -43.29 -19.66 -38.89
N PRO B 124 -43.98 -20.69 -38.40
CA PRO B 124 -45.42 -20.56 -38.11
C PRO B 124 -45.66 -19.53 -37.00
N VAL B 125 -46.56 -18.60 -37.28
CA VAL B 125 -46.91 -17.53 -36.35
C VAL B 125 -48.41 -17.57 -36.09
N GLY B 126 -48.83 -16.89 -35.03
CA GLY B 126 -50.22 -16.78 -34.71
C GLY B 126 -50.54 -17.09 -33.26
N PRO B 127 -51.79 -16.84 -32.86
CA PRO B 127 -52.20 -17.15 -31.48
C PRO B 127 -52.56 -18.61 -31.25
N ALA B 128 -52.46 -19.46 -32.28
CA ALA B 128 -52.72 -20.88 -32.11
C ALA B 128 -51.54 -21.62 -31.48
N LEU B 129 -50.39 -20.97 -31.37
CA LEU B 129 -49.22 -21.55 -30.70
C LEU B 129 -49.10 -21.10 -29.26
N LEU B 130 -50.11 -20.42 -28.73
CA LEU B 130 -50.10 -20.02 -27.32
C LEU B 130 -50.29 -21.24 -26.44
N GLY B 131 -49.38 -21.44 -25.49
CA GLY B 131 -49.36 -22.63 -24.68
C GLY B 131 -48.60 -23.79 -25.27
N ARG B 132 -47.91 -23.58 -26.39
CA ARG B 132 -47.16 -24.62 -27.07
C ARG B 132 -45.67 -24.36 -26.95
N VAL B 133 -44.89 -25.43 -27.08
CA VAL B 133 -43.43 -25.38 -26.99
C VAL B 133 -42.88 -25.94 -28.29
N VAL B 134 -42.30 -25.07 -29.12
CA VAL B 134 -41.76 -25.45 -30.41
C VAL B 134 -40.26 -25.19 -30.43
N ASP B 135 -39.60 -25.68 -31.48
CA ASP B 135 -38.16 -25.49 -31.64
C ASP B 135 -37.85 -24.19 -32.37
N ALA B 136 -36.70 -24.15 -33.05
CA ALA B 136 -36.31 -22.92 -33.75
C ALA B 136 -37.14 -22.71 -35.01
N LEU B 137 -37.44 -23.79 -35.74
CA LEU B 137 -38.21 -23.68 -36.97
C LEU B 137 -39.72 -23.62 -36.74
N GLY B 138 -40.17 -23.79 -35.51
CA GLY B 138 -41.59 -23.79 -35.21
C GLY B 138 -42.22 -25.15 -35.08
N ASN B 139 -41.44 -26.23 -35.17
CA ASN B 139 -41.99 -27.57 -35.08
C ASN B 139 -42.24 -27.93 -33.61
N PRO B 140 -43.40 -28.51 -33.30
CA PRO B 140 -43.74 -28.76 -31.89
C PRO B 140 -42.87 -29.86 -31.29
N ILE B 141 -42.36 -29.61 -30.09
CA ILE B 141 -41.57 -30.59 -29.34
C ILE B 141 -42.19 -30.95 -28.01
N ASP B 142 -43.29 -30.30 -27.61
CA ASP B 142 -43.98 -30.66 -26.38
C ASP B 142 -44.82 -31.92 -26.53
N GLY B 143 -45.02 -32.41 -27.75
CA GLY B 143 -45.82 -33.60 -27.98
C GLY B 143 -47.31 -33.41 -27.76
N LYS B 144 -47.78 -32.18 -27.63
CA LYS B 144 -49.19 -31.92 -27.35
C LYS B 144 -49.94 -31.60 -28.64
N GLY B 145 -49.87 -32.54 -29.58
CA GLY B 145 -50.55 -32.42 -30.85
C GLY B 145 -49.80 -31.56 -31.83
N PRO B 146 -50.28 -31.53 -33.08
CA PRO B 146 -49.61 -30.72 -34.12
C PRO B 146 -49.85 -29.23 -33.95
N ILE B 147 -49.27 -28.43 -34.84
CA ILE B 147 -49.36 -26.97 -34.80
C ILE B 147 -50.20 -26.53 -35.99
N GLU B 148 -51.37 -25.97 -35.72
CA GLU B 148 -52.22 -25.40 -36.76
C GLU B 148 -51.85 -23.92 -36.92
N THR B 149 -51.34 -23.55 -38.09
CA THR B 149 -50.85 -22.21 -38.34
C THR B 149 -51.81 -21.46 -39.25
N GLU B 150 -51.87 -20.14 -39.07
CA GLU B 150 -52.68 -19.27 -39.90
C GLU B 150 -51.87 -18.70 -41.06
N PHE B 151 -50.80 -17.97 -40.76
CA PHE B 151 -49.92 -17.38 -41.75
C PHE B 151 -48.47 -17.65 -41.37
N ARG B 152 -47.56 -17.15 -42.19
CA ARG B 152 -46.12 -17.37 -42.00
C ARG B 152 -45.40 -16.04 -42.10
N ILE B 153 -44.48 -15.80 -41.16
CA ILE B 153 -43.65 -14.60 -41.14
C ILE B 153 -42.19 -15.02 -41.17
N ARG B 154 -41.41 -14.37 -42.03
CA ARG B 154 -40.01 -14.71 -42.18
C ARG B 154 -39.23 -14.38 -40.90
N ALA B 155 -38.11 -15.07 -40.72
CA ALA B 155 -37.24 -14.80 -39.57
C ALA B 155 -36.47 -13.49 -39.78
N GLN B 156 -36.03 -13.23 -41.01
CA GLN B 156 -35.26 -12.03 -41.34
C GLN B 156 -36.22 -10.99 -41.90
N VAL B 157 -36.81 -10.20 -41.01
CA VAL B 157 -37.73 -9.12 -41.38
C VAL B 157 -37.08 -7.80 -41.00
N LYS B 158 -36.97 -6.90 -41.96
CA LYS B 158 -36.42 -5.58 -41.72
C LYS B 158 -37.28 -4.83 -40.71
N ALA B 159 -36.66 -4.31 -39.65
CA ALA B 159 -37.39 -3.66 -38.59
C ALA B 159 -38.09 -2.40 -39.12
N PRO B 160 -39.23 -2.03 -38.55
CA PRO B 160 -39.98 -0.89 -39.07
C PRO B 160 -39.15 0.39 -39.09
N GLY B 161 -39.50 1.27 -40.02
CA GLY B 161 -38.77 2.51 -40.23
C GLY B 161 -39.07 3.55 -39.18
N ILE B 162 -38.85 4.81 -39.58
CA ILE B 162 -38.98 5.93 -38.64
C ILE B 162 -40.45 6.22 -38.35
N LEU B 163 -41.21 6.60 -39.38
CA LEU B 163 -42.59 7.03 -39.16
C LEU B 163 -43.49 5.94 -38.60
N PRO B 164 -43.38 4.66 -38.98
CA PRO B 164 -44.25 3.64 -38.36
C PRO B 164 -44.13 3.54 -36.84
N ARG B 165 -43.10 4.15 -36.24
CA ARG B 165 -42.93 4.16 -34.80
C ARG B 165 -43.50 5.43 -34.19
N THR B 166 -43.74 5.39 -32.89
CA THR B 166 -44.26 6.54 -32.16
C THR B 166 -43.69 6.50 -30.74
N SER B 167 -43.83 7.63 -30.05
CA SER B 167 -43.33 7.74 -28.68
C SER B 167 -44.13 6.85 -27.74
N VAL B 168 -43.43 6.06 -26.94
CA VAL B 168 -44.07 5.11 -26.04
C VAL B 168 -44.59 5.85 -24.81
N ASN B 169 -45.64 5.28 -24.21
CA ASN B 169 -46.22 5.86 -23.00
C ASN B 169 -46.95 4.79 -22.19
N GLU B 170 -47.27 3.68 -22.84
CA GLU B 170 -47.98 2.60 -22.15
C GLU B 170 -47.02 1.87 -21.21
N PRO B 171 -47.45 1.56 -20.00
CA PRO B 171 -46.56 0.89 -19.04
C PRO B 171 -46.63 -0.63 -19.12
N MET B 172 -45.50 -1.26 -18.83
CA MET B 172 -45.40 -2.72 -18.75
C MET B 172 -44.96 -3.06 -17.34
N GLN B 173 -45.93 -3.27 -16.46
CA GLN B 173 -45.65 -3.58 -15.05
C GLN B 173 -45.03 -4.97 -14.95
N THR B 174 -43.76 -5.03 -14.58
CA THR B 174 -43.08 -6.30 -14.41
C THR B 174 -43.49 -7.01 -13.12
N GLY B 175 -43.99 -6.27 -12.13
CA GLY B 175 -44.32 -6.80 -10.84
C GLY B 175 -43.24 -6.64 -9.79
N LEU B 176 -42.00 -6.40 -10.22
CA LEU B 176 -40.89 -6.22 -9.29
C LEU B 176 -40.91 -4.79 -8.75
N LYS B 177 -40.96 -4.65 -7.43
CA LYS B 177 -41.00 -3.33 -6.82
C LYS B 177 -39.67 -2.60 -6.95
N ALA B 178 -38.56 -3.34 -6.91
CA ALA B 178 -37.24 -2.71 -7.10
C ALA B 178 -37.04 -2.23 -8.53
N VAL B 179 -37.84 -2.71 -9.47
CA VAL B 179 -37.70 -2.37 -10.88
C VAL B 179 -38.69 -1.27 -11.25
N ASP B 180 -39.98 -1.51 -10.99
CA ASP B 180 -41.01 -0.59 -11.43
C ASP B 180 -40.94 0.77 -10.73
N ALA B 181 -40.24 0.86 -9.60
CA ALA B 181 -40.08 2.12 -8.90
C ALA B 181 -38.76 2.82 -9.19
N LEU B 182 -37.77 2.10 -9.73
CA LEU B 182 -36.48 2.68 -10.04
C LEU B 182 -36.17 2.66 -11.53
N VAL B 183 -36.42 1.53 -12.20
CA VAL B 183 -36.10 1.39 -13.62
C VAL B 183 -37.36 0.96 -14.37
N PRO B 184 -38.33 1.85 -14.59
CA PRO B 184 -39.59 1.44 -15.22
C PRO B 184 -39.39 1.10 -16.69
N ILE B 185 -40.05 0.02 -17.11
CA ILE B 185 -39.97 -0.47 -18.48
C ILE B 185 -41.27 -0.13 -19.20
N GLY B 186 -41.14 0.46 -20.38
CA GLY B 186 -42.29 0.78 -21.21
C GLY B 186 -42.52 -0.24 -22.30
N ARG B 187 -43.70 -0.15 -22.92
CA ARG B 187 -44.06 -1.07 -23.99
C ARG B 187 -43.38 -0.64 -25.28
N GLY B 188 -42.63 -1.57 -25.88
CA GLY B 188 -41.79 -1.26 -27.02
C GLY B 188 -40.37 -0.86 -26.65
N GLN B 189 -40.07 -0.78 -25.37
CA GLN B 189 -38.73 -0.45 -24.89
C GLN B 189 -37.87 -1.71 -24.83
N ARG B 190 -36.57 -1.53 -25.04
CA ARG B 190 -35.61 -2.62 -25.01
C ARG B 190 -34.77 -2.46 -23.75
N GLU B 191 -35.12 -3.22 -22.70
CA GLU B 191 -34.46 -3.15 -21.41
C GLU B 191 -33.60 -4.39 -21.22
N LEU B 192 -32.30 -4.20 -21.05
CA LEU B 192 -31.35 -5.29 -20.93
C LEU B 192 -31.27 -5.80 -19.50
N ILE B 193 -31.15 -7.11 -19.34
CA ILE B 193 -30.96 -7.76 -18.05
C ILE B 193 -29.55 -8.33 -18.04
N ILE B 194 -28.59 -7.57 -17.50
CA ILE B 194 -27.18 -7.91 -17.55
C ILE B 194 -26.70 -8.26 -16.15
N GLY B 195 -25.89 -9.32 -16.07
CA GLY B 195 -25.33 -9.74 -14.79
C GLY B 195 -24.34 -10.86 -15.00
N ASP B 196 -23.71 -11.27 -13.90
CA ASP B 196 -22.72 -12.34 -13.93
C ASP B 196 -23.45 -13.69 -13.83
N ARG B 197 -22.70 -14.75 -13.58
CA ARG B 197 -23.29 -16.08 -13.46
C ARG B 197 -24.16 -16.17 -12.22
N GLN B 198 -25.43 -16.56 -12.41
CA GLN B 198 -26.35 -16.86 -11.31
C GLN B 198 -26.52 -15.65 -10.39
N THR B 199 -26.92 -14.53 -10.99
CA THR B 199 -27.19 -13.31 -10.25
C THR B 199 -28.67 -12.94 -10.28
N GLY B 200 -29.53 -13.83 -10.77
CA GLY B 200 -30.95 -13.56 -10.84
C GLY B 200 -31.46 -13.02 -12.16
N LYS B 201 -30.76 -13.28 -13.27
CA LYS B 201 -31.20 -12.73 -14.55
C LYS B 201 -32.43 -13.46 -15.07
N THR B 202 -32.44 -14.79 -14.99
CA THR B 202 -33.56 -15.55 -15.52
C THR B 202 -34.79 -15.43 -14.63
N GLN B 203 -34.59 -15.42 -13.30
CA GLN B 203 -35.73 -15.34 -12.39
C GLN B 203 -36.44 -13.99 -12.51
N ILE B 204 -35.68 -12.91 -12.69
CA ILE B 204 -36.29 -11.60 -12.92
C ILE B 204 -37.13 -11.64 -14.19
N ALA B 205 -36.67 -12.34 -15.22
CA ALA B 205 -37.36 -12.36 -16.50
C ALA B 205 -38.68 -13.13 -16.40
N ILE B 206 -38.65 -14.32 -15.80
CA ILE B 206 -39.85 -15.15 -15.74
C ILE B 206 -40.92 -14.53 -14.85
N ASP B 207 -40.51 -13.76 -13.84
CA ASP B 207 -41.48 -13.13 -12.95
C ASP B 207 -42.37 -12.13 -13.70
N THR B 208 -41.85 -11.54 -14.78
CA THR B 208 -42.67 -10.63 -15.58
C THR B 208 -43.82 -11.39 -16.24
N ILE B 209 -43.57 -12.62 -16.67
CA ILE B 209 -44.61 -13.41 -17.31
C ILE B 209 -45.71 -13.76 -16.31
N LEU B 210 -45.33 -14.11 -15.09
CA LEU B 210 -46.32 -14.45 -14.07
C LEU B 210 -47.13 -13.24 -13.64
N ASN B 211 -46.62 -12.03 -13.82
CA ASN B 211 -47.37 -10.82 -13.50
C ASN B 211 -48.42 -10.50 -14.54
N GLN B 212 -48.24 -10.97 -15.78
CA GLN B 212 -49.17 -10.69 -16.87
C GLN B 212 -50.36 -11.64 -16.91
N LYS B 213 -50.57 -12.43 -15.86
CA LYS B 213 -51.73 -13.32 -15.81
C LYS B 213 -53.02 -12.59 -15.44
N ARG B 214 -52.93 -11.33 -15.02
CA ARG B 214 -54.07 -10.59 -14.52
C ARG B 214 -54.90 -9.93 -15.61
N TRP B 215 -54.32 -9.74 -16.80
CA TRP B 215 -55.02 -9.08 -17.90
C TRP B 215 -55.19 -9.97 -19.12
N ASN B 216 -54.71 -11.22 -19.09
CA ASN B 216 -54.74 -12.10 -20.24
C ASN B 216 -55.95 -13.03 -20.25
N TYR B 217 -56.93 -12.81 -19.37
CA TYR B 217 -58.10 -13.66 -19.31
C TYR B 217 -59.43 -12.92 -19.25
N GLY B 218 -59.45 -11.66 -18.84
CA GLY B 218 -60.72 -10.96 -18.76
C GLY B 218 -60.56 -9.46 -18.82
N GLN B 219 -61.71 -8.79 -18.92
CA GLN B 219 -61.83 -7.33 -18.86
C GLN B 219 -61.06 -6.71 -20.02
N ASP B 220 -60.01 -5.92 -19.78
CA ASP B 220 -59.39 -5.14 -20.84
C ASP B 220 -58.64 -6.04 -21.82
N GLU B 221 -58.69 -5.66 -23.11
CA GLU B 221 -57.98 -6.38 -24.16
C GLU B 221 -56.75 -5.62 -24.66
N LYS B 222 -56.72 -4.30 -24.54
CA LYS B 222 -55.55 -3.52 -24.90
C LYS B 222 -54.51 -3.46 -23.79
N LYS B 223 -54.77 -4.10 -22.65
CA LYS B 223 -53.80 -4.16 -21.56
C LYS B 223 -53.14 -5.53 -21.45
N LYS B 224 -53.66 -6.55 -22.12
CA LYS B 224 -53.07 -7.88 -22.08
C LYS B 224 -51.70 -7.88 -22.74
N LEU B 225 -50.94 -8.94 -22.49
CA LEU B 225 -49.56 -9.03 -23.00
C LEU B 225 -49.18 -10.50 -23.11
N TYR B 226 -49.02 -10.98 -24.33
CA TYR B 226 -48.56 -12.34 -24.55
C TYR B 226 -47.03 -12.39 -24.48
N CYS B 227 -46.51 -13.52 -24.02
CA CYS B 227 -45.08 -13.69 -23.76
C CYS B 227 -44.49 -14.74 -24.70
N VAL B 228 -43.25 -14.51 -25.12
CA VAL B 228 -42.52 -15.41 -25.99
C VAL B 228 -41.15 -15.61 -25.36
N TYR B 229 -40.95 -16.71 -24.63
CA TYR B 229 -39.69 -16.99 -23.97
C TYR B 229 -38.83 -17.86 -24.87
N VAL B 230 -37.67 -17.33 -25.27
CA VAL B 230 -36.76 -18.00 -26.20
C VAL B 230 -35.56 -18.48 -25.40
N ALA B 231 -35.40 -19.79 -25.30
CA ALA B 231 -34.28 -20.40 -24.58
C ALA B 231 -33.16 -20.69 -25.57
N VAL B 232 -32.05 -19.98 -25.44
CA VAL B 232 -30.92 -20.07 -26.36
C VAL B 232 -29.72 -20.60 -25.59
N GLY B 233 -29.18 -21.73 -26.03
CA GLY B 233 -28.01 -22.30 -25.40
C GLY B 233 -28.22 -22.82 -24.00
N GLN B 234 -29.47 -23.07 -23.61
CA GLN B 234 -29.78 -23.53 -22.27
C GLN B 234 -29.73 -25.06 -22.22
N LYS B 235 -30.06 -25.61 -21.05
CA LYS B 235 -30.11 -27.04 -20.83
C LYS B 235 -31.56 -27.52 -20.89
N ARG B 236 -31.75 -28.74 -21.39
CA ARG B 236 -33.10 -29.27 -21.55
C ARG B 236 -33.83 -29.38 -20.22
N SER B 237 -33.14 -29.88 -19.19
CA SER B 237 -33.76 -30.00 -17.88
C SER B 237 -34.13 -28.63 -17.32
N THR B 238 -33.32 -27.61 -17.59
CA THR B 238 -33.65 -26.26 -17.15
C THR B 238 -34.91 -25.74 -17.83
N VAL B 239 -35.08 -26.04 -19.13
CA VAL B 239 -36.26 -25.59 -19.85
C VAL B 239 -37.48 -26.39 -19.42
N ALA B 240 -37.32 -27.70 -19.23
CA ALA B 240 -38.47 -28.54 -18.86
C ALA B 240 -38.98 -28.18 -17.47
N GLN B 241 -38.08 -27.90 -16.53
CA GLN B 241 -38.49 -27.46 -15.21
C GLN B 241 -39.06 -26.05 -15.22
N LEU B 242 -38.79 -25.27 -16.27
CA LEU B 242 -39.33 -23.92 -16.36
C LEU B 242 -40.76 -23.93 -16.88
N VAL B 243 -41.08 -24.84 -17.81
CA VAL B 243 -42.44 -24.91 -18.35
C VAL B 243 -43.42 -25.32 -17.27
N GLN B 244 -43.04 -26.30 -16.44
CA GLN B 244 -43.92 -26.73 -15.35
C GLN B 244 -44.11 -25.62 -14.33
N THR B 245 -43.06 -24.81 -14.10
CA THR B 245 -43.21 -23.67 -13.21
C THR B 245 -44.23 -22.68 -13.75
N LEU B 246 -44.28 -22.52 -15.08
CA LEU B 246 -45.33 -21.73 -15.69
C LEU B 246 -46.68 -22.44 -15.58
N GLU B 247 -46.68 -23.77 -15.59
CA GLU B 247 -47.90 -24.53 -15.35
C GLU B 247 -48.23 -24.64 -13.87
N HIS B 248 -47.25 -24.45 -12.99
CA HIS B 248 -47.51 -24.40 -11.55
C HIS B 248 -48.28 -23.16 -11.17
N HIS B 249 -48.31 -22.15 -12.04
CA HIS B 249 -49.15 -20.97 -11.87
C HIS B 249 -50.14 -20.80 -13.01
N ASP B 250 -50.17 -21.76 -13.95
CA ASP B 250 -51.06 -21.70 -15.12
C ASP B 250 -50.86 -20.41 -15.91
N ALA B 251 -49.59 -20.05 -16.10
CA ALA B 251 -49.22 -18.90 -16.92
C ALA B 251 -48.69 -19.31 -18.29
N LEU B 252 -48.69 -20.60 -18.61
CA LEU B 252 -48.21 -21.07 -19.90
C LEU B 252 -49.24 -20.87 -21.01
N LYS B 253 -50.52 -20.83 -20.64
CA LYS B 253 -51.60 -20.77 -21.64
C LYS B 253 -51.54 -19.53 -22.51
N TYR B 254 -50.76 -18.52 -22.16
CA TYR B 254 -50.57 -17.33 -22.98
C TYR B 254 -49.12 -17.10 -23.36
N SER B 255 -48.25 -18.08 -23.15
CA SER B 255 -46.82 -17.95 -23.41
C SER B 255 -46.36 -19.01 -24.39
N ILE B 256 -45.42 -18.62 -25.26
CA ILE B 256 -44.85 -19.50 -26.27
C ILE B 256 -43.38 -19.70 -25.95
N ILE B 257 -42.89 -20.92 -26.18
CA ILE B 257 -41.52 -21.30 -25.81
C ILE B 257 -40.78 -21.70 -27.09
N VAL B 258 -39.65 -21.04 -27.34
CA VAL B 258 -38.77 -21.36 -28.45
C VAL B 258 -37.53 -22.01 -27.84
N ALA B 259 -37.43 -23.34 -27.97
CA ALA B 259 -36.40 -24.11 -27.30
C ALA B 259 -35.28 -24.45 -28.28
N ALA B 260 -34.10 -23.87 -28.06
CA ALA B 260 -32.88 -24.18 -28.81
C ALA B 260 -31.79 -24.44 -27.78
N THR B 261 -31.68 -25.68 -27.34
CA THR B 261 -30.80 -26.04 -26.23
C THR B 261 -29.34 -26.05 -26.69
N ALA B 262 -28.46 -26.52 -25.80
CA ALA B 262 -27.03 -26.54 -26.09
C ALA B 262 -26.61 -27.70 -26.97
N SER B 263 -27.40 -28.78 -27.02
CA SER B 263 -27.04 -29.94 -27.84
C SER B 263 -27.32 -29.71 -29.32
N GLU B 264 -28.34 -28.92 -29.64
CA GLU B 264 -28.72 -28.71 -31.04
C GLU B 264 -27.63 -27.93 -31.78
N ALA B 265 -27.76 -27.91 -33.10
CA ALA B 265 -26.75 -27.30 -33.94
C ALA B 265 -26.69 -25.79 -33.71
N ALA B 266 -25.53 -25.22 -34.03
CA ALA B 266 -25.31 -23.79 -33.80
C ALA B 266 -26.29 -22.89 -34.56
N PRO B 267 -26.61 -23.13 -35.84
CA PRO B 267 -27.58 -22.24 -36.50
C PRO B 267 -28.96 -22.26 -35.88
N LEU B 268 -29.33 -23.33 -35.16
CA LEU B 268 -30.61 -23.36 -34.48
C LEU B 268 -30.63 -22.38 -33.31
N GLN B 269 -29.55 -22.34 -32.52
CA GLN B 269 -29.46 -21.36 -31.43
C GLN B 269 -29.39 -19.95 -31.97
N TYR B 270 -28.80 -19.76 -33.15
CA TYR B 270 -28.71 -18.43 -33.74
C TYR B 270 -30.05 -17.97 -34.31
N LEU B 271 -30.87 -18.91 -34.78
CA LEU B 271 -32.15 -18.58 -35.40
C LEU B 271 -33.28 -18.47 -34.38
N ALA B 272 -33.13 -19.07 -33.20
CA ALA B 272 -34.22 -19.06 -32.22
C ALA B 272 -34.63 -17.66 -31.77
N PRO B 273 -33.73 -16.71 -31.51
CA PRO B 273 -34.21 -15.36 -31.19
C PRO B 273 -34.94 -14.69 -32.32
N PHE B 274 -34.54 -14.94 -33.57
CA PHE B 274 -35.18 -14.29 -34.71
C PHE B 274 -36.58 -14.86 -34.96
N THR B 275 -36.71 -16.19 -34.90
CA THR B 275 -38.02 -16.79 -35.10
C THR B 275 -38.95 -16.50 -33.93
N GLY B 276 -38.43 -16.56 -32.71
CA GLY B 276 -39.22 -16.17 -31.55
C GLY B 276 -39.68 -14.74 -31.61
N THR B 277 -38.82 -13.85 -32.12
CA THR B 277 -39.23 -12.48 -32.38
C THR B 277 -40.32 -12.45 -33.45
N ALA B 278 -40.16 -13.23 -34.52
CA ALA B 278 -41.17 -13.29 -35.56
C ALA B 278 -42.47 -13.89 -35.04
N MET B 279 -42.38 -14.80 -34.07
CA MET B 279 -43.60 -15.36 -33.48
C MET B 279 -44.32 -14.31 -32.64
N GLY B 280 -43.58 -13.51 -31.89
CA GLY B 280 -44.16 -12.38 -31.19
C GLY B 280 -44.39 -11.16 -32.04
N GLU B 281 -43.92 -11.17 -33.29
CA GLU B 281 -44.15 -10.08 -34.21
C GLU B 281 -45.54 -10.12 -34.82
N TRP B 282 -46.20 -11.29 -34.82
CA TRP B 282 -47.57 -11.37 -35.31
C TRP B 282 -48.52 -10.57 -34.42
N PHE B 283 -48.30 -10.61 -33.11
CA PHE B 283 -49.09 -9.79 -32.20
C PHE B 283 -48.81 -8.30 -32.40
N ARG B 284 -47.57 -7.96 -32.77
CA ARG B 284 -47.21 -6.57 -32.97
C ARG B 284 -47.90 -5.98 -34.20
N ASP B 285 -48.00 -6.76 -35.28
CA ASP B 285 -48.63 -6.26 -36.49
C ASP B 285 -50.15 -6.18 -36.38
N ASN B 286 -50.76 -7.03 -35.54
CA ASN B 286 -52.20 -7.06 -35.38
C ASN B 286 -52.69 -6.20 -34.22
N GLY B 287 -51.97 -5.12 -33.91
CA GLY B 287 -52.40 -4.18 -32.90
C GLY B 287 -52.47 -4.71 -31.48
N LYS B 288 -51.88 -5.86 -31.20
CA LYS B 288 -51.90 -6.45 -29.88
C LYS B 288 -50.61 -6.11 -29.13
N GLY B 289 -50.41 -6.73 -27.97
CA GLY B 289 -49.20 -6.54 -27.20
C GLY B 289 -48.45 -7.84 -26.99
N ALA B 290 -47.13 -7.81 -27.19
CA ALA B 290 -46.32 -9.01 -27.09
C ALA B 290 -45.02 -8.69 -26.35
N LEU B 291 -44.50 -9.70 -25.66
CA LEU B 291 -43.26 -9.60 -24.89
C LEU B 291 -42.38 -10.80 -25.20
N ILE B 292 -41.09 -10.55 -25.36
CA ILE B 292 -40.13 -11.60 -25.67
C ILE B 292 -38.90 -11.43 -24.78
N VAL B 293 -38.43 -12.54 -24.22
CA VAL B 293 -37.28 -12.56 -23.33
C VAL B 293 -36.21 -13.43 -23.98
N PHE B 294 -35.08 -12.82 -24.33
CA PHE B 294 -33.94 -13.53 -24.89
C PHE B 294 -33.06 -14.01 -23.75
N ASP B 295 -32.98 -15.33 -23.57
CA ASP B 295 -32.17 -15.90 -22.50
C ASP B 295 -31.32 -17.06 -23.01
N ASP B 296 -30.10 -16.77 -23.44
CA ASP B 296 -29.58 -15.41 -23.43
C ASP B 296 -28.80 -15.12 -24.72
N LEU B 297 -28.64 -13.84 -25.05
CA LEU B 297 -27.89 -13.46 -26.24
C LEU B 297 -26.40 -13.70 -26.09
N SER B 298 -25.90 -13.86 -24.85
CA SER B 298 -24.49 -14.13 -24.65
C SER B 298 -24.10 -15.48 -25.23
N LYS B 299 -24.98 -16.47 -25.11
CA LYS B 299 -24.74 -17.79 -25.67
C LYS B 299 -25.21 -17.93 -27.11
N GLN B 300 -25.98 -16.96 -27.61
CA GLN B 300 -26.31 -16.96 -29.03
C GLN B 300 -25.12 -16.53 -29.87
N ALA B 301 -24.40 -15.50 -29.43
CA ALA B 301 -23.20 -15.07 -30.14
C ALA B 301 -22.09 -16.11 -30.09
N VAL B 302 -22.16 -17.05 -29.15
CA VAL B 302 -21.23 -18.19 -29.18
C VAL B 302 -21.61 -19.15 -30.29
N ALA B 303 -22.91 -19.38 -30.49
CA ALA B 303 -23.36 -20.22 -31.59
C ALA B 303 -23.13 -19.55 -32.94
N TYR B 304 -23.32 -18.23 -33.00
CA TYR B 304 -23.06 -17.52 -34.24
C TYR B 304 -21.56 -17.47 -34.56
N ARG B 305 -20.72 -17.34 -33.52
CA ARG B 305 -19.29 -17.39 -33.72
C ARG B 305 -18.84 -18.77 -34.18
N GLN B 306 -19.55 -19.82 -33.75
CA GLN B 306 -19.22 -21.17 -34.18
C GLN B 306 -19.40 -21.33 -35.69
N MET B 307 -20.60 -21.02 -36.20
CA MET B 307 -20.84 -21.10 -37.63
C MET B 307 -20.07 -20.06 -38.42
N SER B 308 -19.64 -18.97 -37.76
CA SER B 308 -18.84 -17.97 -38.45
C SER B 308 -17.40 -18.44 -38.66
N LEU B 309 -16.79 -18.98 -37.60
CA LEU B 309 -15.42 -19.46 -37.71
C LEU B 309 -15.31 -20.76 -38.50
N LEU B 310 -16.40 -21.53 -38.60
CA LEU B 310 -16.41 -22.69 -39.48
C LEU B 310 -16.64 -22.32 -40.94
N LEU B 311 -17.13 -21.10 -41.20
CA LEU B 311 -17.25 -20.56 -42.54
C LEU B 311 -16.02 -19.76 -42.96
N ARG B 312 -14.88 -20.00 -42.33
CA ARG B 312 -13.61 -19.36 -42.66
C ARG B 312 -13.68 -17.84 -42.59
N ARG B 313 -14.63 -17.29 -41.84
CA ARG B 313 -14.71 -15.85 -41.72
C ARG B 313 -13.72 -15.35 -40.68
N PRO B 314 -13.00 -14.27 -40.97
CA PRO B 314 -11.94 -13.81 -40.06
C PRO B 314 -12.52 -13.32 -38.75
N PRO B 315 -11.87 -13.65 -37.64
CA PRO B 315 -12.36 -13.22 -36.32
C PRO B 315 -11.95 -11.79 -36.01
N GLY B 316 -12.43 -11.30 -34.87
CA GLY B 316 -12.08 -9.97 -34.40
C GLY B 316 -11.86 -9.93 -32.90
N ARG B 317 -12.57 -9.06 -32.20
CA ARG B 317 -12.46 -8.99 -30.75
C ARG B 317 -13.08 -10.23 -30.12
N GLU B 318 -12.32 -10.88 -29.24
CA GLU B 318 -12.77 -12.11 -28.57
C GLU B 318 -13.15 -13.18 -29.57
N ALA B 319 -12.43 -13.23 -30.69
CA ALA B 319 -12.64 -14.17 -31.79
C ALA B 319 -14.03 -14.06 -32.42
N TYR B 320 -14.77 -12.97 -32.14
CA TYR B 320 -16.09 -12.80 -32.73
C TYR B 320 -15.97 -12.09 -34.08
N PRO B 321 -16.85 -12.43 -35.03
CA PRO B 321 -16.82 -11.76 -36.33
C PRO B 321 -17.25 -10.30 -36.21
N GLY B 322 -16.94 -9.53 -37.25
CA GLY B 322 -17.24 -8.11 -37.24
C GLY B 322 -18.73 -7.82 -37.26
N ASP B 323 -19.52 -8.72 -37.82
CA ASP B 323 -20.97 -8.54 -37.90
C ASP B 323 -21.70 -9.14 -36.71
N VAL B 324 -21.00 -9.38 -35.60
CA VAL B 324 -21.66 -9.86 -34.39
C VAL B 324 -22.56 -8.78 -33.79
N PHE B 325 -22.28 -7.51 -34.08
CA PHE B 325 -23.18 -6.43 -33.65
C PHE B 325 -24.41 -6.35 -34.53
N TYR B 326 -24.24 -6.50 -35.85
CA TYR B 326 -25.37 -6.51 -36.76
C TYR B 326 -26.26 -7.73 -36.54
N LEU B 327 -25.76 -8.75 -35.86
CA LEU B 327 -26.61 -9.89 -35.50
C LEU B 327 -27.71 -9.47 -34.52
N HIS B 328 -27.32 -8.78 -33.45
CA HIS B 328 -28.29 -8.34 -32.44
C HIS B 328 -28.97 -7.04 -32.82
N SER B 329 -28.37 -6.24 -33.70
CA SER B 329 -28.95 -4.94 -34.04
C SER B 329 -30.29 -5.10 -34.74
N ARG B 330 -30.30 -5.84 -35.86
CA ARG B 330 -31.55 -6.08 -36.58
C ARG B 330 -32.52 -6.97 -35.81
N LEU B 331 -32.07 -7.56 -34.69
CA LEU B 331 -32.94 -8.40 -33.88
C LEU B 331 -33.79 -7.56 -32.93
N LEU B 332 -33.13 -6.77 -32.07
CA LEU B 332 -33.85 -5.98 -31.08
C LEU B 332 -34.60 -4.81 -31.72
N GLU B 333 -34.14 -4.32 -32.87
CA GLU B 333 -34.82 -3.23 -33.55
C GLU B 333 -36.24 -3.60 -33.96
N ARG B 334 -36.54 -4.89 -34.08
CA ARG B 334 -37.89 -5.35 -34.41
C ARG B 334 -38.85 -5.27 -33.23
N ALA B 335 -38.41 -4.76 -32.08
CA ALA B 335 -39.24 -4.63 -30.89
C ALA B 335 -39.42 -3.16 -30.57
N ALA B 336 -40.62 -2.64 -30.81
CA ALA B 336 -40.93 -1.24 -30.56
C ALA B 336 -42.44 -1.07 -30.51
N LYS B 337 -42.88 0.16 -30.28
CA LYS B 337 -44.30 0.51 -30.26
C LYS B 337 -44.64 1.23 -31.56
N MET B 338 -45.61 0.69 -32.30
CA MET B 338 -45.90 1.20 -33.63
C MET B 338 -46.89 2.37 -33.55
N ASN B 339 -47.02 3.08 -34.67
CA ASN B 339 -47.84 4.28 -34.75
C ASN B 339 -49.32 3.92 -34.64
N GLU B 340 -50.14 4.96 -34.44
CA GLU B 340 -51.59 4.77 -34.39
C GLU B 340 -52.16 4.38 -35.73
N ARG B 341 -51.48 4.70 -36.83
CA ARG B 341 -52.01 4.38 -38.16
C ARG B 341 -52.01 2.88 -38.42
N GLU B 342 -51.05 2.16 -37.86
CA GLU B 342 -50.92 0.71 -38.05
C GLU B 342 -51.37 -0.06 -36.81
N GLY B 343 -52.48 0.36 -36.23
CA GLY B 343 -53.05 -0.31 -35.07
C GLY B 343 -52.61 0.23 -33.73
N GLY B 344 -51.30 0.39 -33.54
CA GLY B 344 -50.75 0.81 -32.27
C GLY B 344 -50.18 -0.30 -31.41
N GLY B 345 -49.98 -1.49 -31.97
CA GLY B 345 -49.41 -2.58 -31.22
C GLY B 345 -47.95 -2.32 -30.85
N SER B 346 -47.45 -3.14 -29.93
CA SER B 346 -46.11 -2.96 -29.41
C SER B 346 -45.51 -4.29 -29.04
N LEU B 347 -44.18 -4.38 -29.14
CA LEU B 347 -43.42 -5.58 -28.78
C LEU B 347 -42.27 -5.15 -27.89
N THR B 348 -42.27 -5.61 -26.64
CA THR B 348 -41.22 -5.31 -25.68
C THR B 348 -40.24 -6.47 -25.63
N ALA B 349 -38.95 -6.14 -25.64
CA ALA B 349 -37.88 -7.14 -25.61
C ALA B 349 -37.12 -7.07 -24.29
N LEU B 350 -36.82 -8.23 -23.73
CA LEU B 350 -36.06 -8.36 -22.47
C LEU B 350 -34.82 -9.21 -22.76
N PRO B 351 -33.79 -8.65 -23.37
CA PRO B 351 -32.57 -9.42 -23.63
C PRO B 351 -31.77 -9.63 -22.36
N ILE B 352 -30.99 -10.70 -22.34
CA ILE B 352 -30.18 -11.07 -21.19
C ILE B 352 -28.76 -11.30 -21.66
N ILE B 353 -27.79 -10.72 -20.93
CA ILE B 353 -26.37 -10.84 -21.25
C ILE B 353 -25.64 -11.27 -19.99
N GLU B 354 -24.89 -12.36 -20.09
CA GLU B 354 -24.08 -12.88 -19.00
C GLU B 354 -22.66 -12.36 -19.12
N THR B 355 -22.17 -11.73 -18.06
CA THR B 355 -20.82 -11.18 -18.02
C THR B 355 -19.87 -12.14 -17.32
N GLN B 356 -18.59 -11.77 -17.28
CA GLN B 356 -17.55 -12.58 -16.66
C GLN B 356 -16.76 -11.70 -15.70
N GLY B 357 -17.01 -11.87 -14.40
CA GLY B 357 -16.35 -11.05 -13.40
C GLY B 357 -16.85 -9.62 -13.34
N GLY B 358 -18.09 -9.38 -13.75
CA GLY B 358 -18.61 -8.03 -13.78
C GLY B 358 -17.97 -7.15 -14.81
N ASP B 359 -17.56 -7.71 -15.95
CA ASP B 359 -16.86 -6.96 -16.99
C ASP B 359 -17.90 -6.34 -17.92
N VAL B 360 -18.26 -5.08 -17.64
CA VAL B 360 -19.15 -4.33 -18.52
C VAL B 360 -18.42 -3.75 -19.71
N SER B 361 -17.09 -3.72 -19.68
CA SER B 361 -16.29 -3.22 -20.78
C SER B 361 -15.91 -4.31 -21.78
N ALA B 362 -16.68 -5.38 -21.85
CA ALA B 362 -16.43 -6.46 -22.79
C ALA B 362 -17.09 -6.17 -24.13
N TYR B 363 -16.80 -7.01 -25.11
CA TYR B 363 -17.26 -6.79 -26.48
C TYR B 363 -18.78 -6.93 -26.58
N ILE B 364 -19.29 -8.14 -26.37
CA ILE B 364 -20.73 -8.40 -26.54
C ILE B 364 -21.59 -7.49 -25.68
N PRO B 365 -21.28 -7.26 -24.39
CA PRO B 365 -22.13 -6.33 -23.61
C PRO B 365 -22.18 -4.93 -24.19
N THR B 366 -21.02 -4.35 -24.54
CA THR B 366 -21.01 -3.00 -25.09
C THR B 366 -21.79 -2.91 -26.40
N ASN B 367 -21.92 -4.02 -27.12
CA ASN B 367 -22.74 -4.04 -28.33
C ASN B 367 -24.22 -4.02 -27.98
N VAL B 368 -24.64 -4.86 -27.02
CA VAL B 368 -26.05 -4.94 -26.65
C VAL B 368 -26.48 -3.68 -25.92
N ILE B 369 -25.65 -3.16 -25.03
CA ILE B 369 -25.97 -1.93 -24.31
C ILE B 369 -26.20 -0.78 -25.28
N SER B 370 -25.40 -0.72 -26.35
CA SER B 370 -25.56 0.32 -27.36
C SER B 370 -26.78 0.10 -28.24
N ILE B 371 -27.53 -0.98 -28.05
CA ILE B 371 -28.76 -1.25 -28.78
C ILE B 371 -29.98 -1.06 -27.89
N THR B 372 -29.94 -1.64 -26.69
CA THR B 372 -31.09 -1.60 -25.79
C THR B 372 -31.32 -0.19 -25.27
N ASP B 373 -32.58 0.08 -24.89
CA ASP B 373 -32.97 1.37 -24.35
C ASP B 373 -32.79 1.38 -22.82
N GLY B 374 -31.55 1.19 -22.40
CA GLY B 374 -31.22 1.07 -20.99
C GLY B 374 -30.98 -0.37 -20.59
N GLN B 375 -30.60 -0.54 -19.32
CA GLN B 375 -30.27 -1.87 -18.82
C GLN B 375 -30.54 -1.94 -17.32
N ILE B 376 -30.69 -3.16 -16.83
CA ILE B 376 -30.89 -3.45 -15.42
C ILE B 376 -29.72 -4.31 -14.98
N PHE B 377 -28.72 -3.68 -14.36
CA PHE B 377 -27.51 -4.39 -13.96
C PHE B 377 -27.74 -5.20 -12.68
N LEU B 378 -27.05 -6.33 -12.57
CA LEU B 378 -27.18 -7.24 -11.44
C LEU B 378 -25.78 -7.66 -10.99
N GLU B 379 -25.24 -6.97 -10.00
CA GLU B 379 -23.93 -7.31 -9.47
C GLU B 379 -24.07 -8.41 -8.43
N ALA B 380 -23.23 -9.45 -8.55
CA ALA B 380 -23.27 -10.58 -7.63
C ALA B 380 -22.80 -10.20 -6.22
N GLU B 381 -22.21 -9.02 -6.05
CA GLU B 381 -21.73 -8.61 -4.74
C GLU B 381 -22.88 -8.44 -3.75
N LEU B 382 -23.97 -7.81 -4.19
CA LEU B 382 -25.15 -7.64 -3.36
C LEU B 382 -26.04 -8.88 -3.34
N PHE B 383 -25.76 -9.88 -4.16
CA PHE B 383 -26.61 -11.06 -4.24
C PHE B 383 -26.41 -11.98 -3.05
N TYR B 384 -25.15 -12.34 -2.77
CA TYR B 384 -24.86 -13.13 -1.58
C TYR B 384 -25.02 -12.34 -0.30
N LYS B 385 -24.95 -11.00 -0.38
CA LYS B 385 -25.13 -10.17 0.81
C LYS B 385 -26.53 -10.29 1.37
N GLY B 386 -27.51 -10.58 0.53
CA GLY B 386 -28.89 -10.69 0.97
C GLY B 386 -29.85 -9.89 0.09
N ILE B 387 -29.36 -8.78 -0.46
CA ILE B 387 -30.16 -7.93 -1.34
C ILE B 387 -30.52 -8.71 -2.59
N ARG B 388 -31.75 -9.22 -2.65
CA ARG B 388 -32.21 -9.98 -3.80
C ARG B 388 -33.57 -9.47 -4.27
N PRO B 389 -33.68 -9.13 -5.57
CA PRO B 389 -32.64 -9.21 -6.60
C PRO B 389 -31.56 -8.14 -6.44
N ALA B 390 -30.30 -8.54 -6.63
CA ALA B 390 -29.17 -7.63 -6.45
C ALA B 390 -29.10 -6.60 -7.58
N ILE B 391 -30.03 -5.65 -7.58
CA ILE B 391 -30.10 -4.63 -8.62
C ILE B 391 -29.16 -3.50 -8.25
N ASN B 392 -28.05 -3.37 -8.98
CA ASN B 392 -27.14 -2.25 -8.81
C ASN B 392 -27.84 -0.96 -9.22
N VAL B 393 -28.45 -0.28 -8.26
CA VAL B 393 -29.24 0.92 -8.57
C VAL B 393 -28.36 2.01 -9.19
N GLY B 394 -27.08 2.05 -8.82
CA GLY B 394 -26.19 3.07 -9.35
C GLY B 394 -25.81 2.89 -10.81
N LEU B 395 -26.10 1.73 -11.40
CA LEU B 395 -25.78 1.47 -12.80
C LEU B 395 -26.99 1.15 -13.66
N SER B 396 -28.12 0.73 -13.07
CA SER B 396 -29.31 0.44 -13.84
C SER B 396 -30.10 1.73 -14.08
N VAL B 397 -30.60 1.87 -15.30
CA VAL B 397 -31.29 3.10 -15.70
C VAL B 397 -32.16 2.80 -16.91
N SER B 398 -33.37 3.35 -16.90
CA SER B 398 -34.26 3.35 -18.06
C SER B 398 -34.22 4.72 -18.72
N ARG B 399 -34.47 4.73 -20.04
CA ARG B 399 -34.33 5.95 -20.83
C ARG B 399 -35.68 6.61 -21.09
N VAL B 400 -36.62 5.88 -21.68
CA VAL B 400 -37.92 6.45 -22.02
C VAL B 400 -38.91 6.17 -20.89
N GLY B 401 -38.39 5.86 -19.71
CA GLY B 401 -39.21 5.60 -18.54
C GLY B 401 -39.71 6.84 -17.83
N SER B 402 -39.58 8.01 -18.43
CA SER B 402 -40.07 9.24 -17.81
C SER B 402 -41.58 9.36 -17.93
N ALA B 403 -42.14 9.00 -19.08
CA ALA B 403 -43.57 8.98 -19.30
C ALA B 403 -44.12 7.58 -19.53
N ALA B 404 -43.30 6.56 -19.29
CA ALA B 404 -43.73 5.16 -19.42
C ALA B 404 -44.08 4.52 -18.09
N GLN B 405 -43.69 5.13 -16.97
CA GLN B 405 -44.01 4.61 -15.65
C GLN B 405 -45.46 4.89 -15.30
N VAL B 406 -46.02 4.05 -14.42
CA VAL B 406 -47.38 4.25 -13.95
C VAL B 406 -47.47 5.57 -13.20
N LYS B 407 -48.56 6.31 -13.43
CA LYS B 407 -48.70 7.63 -12.82
C LYS B 407 -48.80 7.54 -11.30
N ALA B 408 -49.34 6.44 -10.77
CA ALA B 408 -49.42 6.23 -9.33
C ALA B 408 -48.10 5.80 -8.72
N MET B 409 -47.02 5.80 -9.50
CA MET B 409 -45.69 5.45 -9.00
C MET B 409 -44.69 6.59 -9.06
N LYS B 410 -44.94 7.62 -9.88
CA LYS B 410 -44.02 8.74 -9.98
C LYS B 410 -44.11 9.67 -8.77
N GLN B 411 -45.25 9.70 -8.09
CA GLN B 411 -45.42 10.56 -6.93
C GLN B 411 -44.80 10.00 -5.66
N VAL B 412 -44.60 8.67 -5.60
CA VAL B 412 -44.07 8.04 -4.40
C VAL B 412 -42.59 7.71 -4.59
N ALA B 413 -42.19 7.47 -5.85
CA ALA B 413 -40.81 7.11 -6.17
C ALA B 413 -40.11 8.19 -6.99
N GLY B 414 -40.50 9.45 -6.79
CA GLY B 414 -39.88 10.55 -7.51
C GLY B 414 -38.43 10.79 -7.11
N SER B 415 -38.23 11.19 -5.86
CA SER B 415 -36.88 11.42 -5.32
C SER B 415 -36.42 10.24 -4.48
N LEU B 416 -36.55 9.04 -5.03
CA LEU B 416 -36.20 7.81 -4.34
C LEU B 416 -34.92 7.18 -4.88
N LYS B 417 -34.83 6.97 -6.20
CA LYS B 417 -33.68 6.28 -6.77
C LYS B 417 -32.41 7.12 -6.68
N LEU B 418 -32.53 8.44 -6.69
CA LEU B 418 -31.35 9.28 -6.81
C LEU B 418 -30.46 9.22 -5.57
N PHE B 419 -31.06 9.40 -4.39
CA PHE B 419 -30.27 9.44 -3.16
C PHE B 419 -29.84 8.06 -2.68
N LEU B 420 -30.32 6.98 -3.30
CA LEU B 420 -29.93 5.64 -2.86
C LEU B 420 -28.53 5.27 -3.34
N ALA B 421 -28.18 5.65 -4.57
CA ALA B 421 -26.89 5.25 -5.13
C ALA B 421 -25.71 5.93 -4.44
N GLN B 422 -25.95 7.00 -3.68
CA GLN B 422 -24.89 7.73 -3.03
C GLN B 422 -24.87 7.56 -1.51
N TYR B 423 -26.00 7.19 -0.89
CA TYR B 423 -26.00 6.99 0.55
C TYR B 423 -25.27 5.71 0.94
N ARG B 424 -25.32 4.68 0.10
CA ARG B 424 -24.59 3.45 0.36
C ARG B 424 -23.09 3.61 0.12
N GLU B 425 -22.68 4.56 -0.70
CA GLU B 425 -21.26 4.80 -0.94
C GLU B 425 -20.63 5.55 0.23
N VAL B 426 -21.34 6.52 0.79
CA VAL B 426 -20.83 7.26 1.94
C VAL B 426 -20.98 6.47 3.23
N ALA B 427 -21.79 5.42 3.25
CA ALA B 427 -21.92 4.56 4.42
C ALA B 427 -20.88 3.46 4.45
N ALA B 428 -20.38 3.05 3.29
CA ALA B 428 -19.37 2.00 3.22
C ALA B 428 -18.00 2.53 3.65
N ASP B 435 -23.22 9.71 14.77
CA ASP B 435 -21.81 9.78 15.13
C ASP B 435 -21.10 10.87 14.33
N LEU B 436 -20.90 10.61 13.03
CA LEU B 436 -20.28 11.61 12.16
C LEU B 436 -21.19 12.84 12.03
N ASP B 437 -22.49 12.62 11.86
CA ASP B 437 -23.44 13.72 11.73
C ASP B 437 -24.83 13.17 12.01
N ALA B 438 -25.67 13.99 12.65
CA ALA B 438 -27.03 13.59 12.93
C ALA B 438 -27.88 13.49 11.67
N SER B 439 -27.49 14.19 10.60
CA SER B 439 -28.22 14.11 9.35
C SER B 439 -27.82 12.88 8.54
N THR B 440 -26.53 12.53 8.55
CA THR B 440 -26.07 11.34 7.84
C THR B 440 -26.61 10.07 8.49
N LYS B 441 -26.78 10.07 9.81
CA LYS B 441 -27.37 8.92 10.49
C LYS B 441 -28.83 8.73 10.10
N GLN B 442 -29.54 9.82 9.78
CA GLN B 442 -30.92 9.72 9.38
C GLN B 442 -31.06 9.11 7.98
N THR B 443 -30.12 9.43 7.09
CA THR B 443 -30.17 8.88 5.73
C THR B 443 -29.89 7.38 5.72
N LEU B 444 -29.04 6.90 6.64
CA LEU B 444 -28.78 5.48 6.77
C LEU B 444 -29.92 4.75 7.47
N THR B 445 -30.65 5.46 8.32
CA THR B 445 -31.75 4.86 9.07
C THR B 445 -32.88 4.42 8.15
N ARG B 446 -33.25 5.26 7.18
CA ARG B 446 -34.31 4.89 6.25
C ARG B 446 -33.78 4.05 5.09
N GLY B 447 -32.50 4.18 4.75
CA GLY B 447 -31.98 3.47 3.59
C GLY B 447 -31.98 1.96 3.78
N GLU B 448 -31.59 1.49 4.96
CA GLU B 448 -31.55 0.05 5.20
C GLU B 448 -32.94 -0.55 5.28
N ARG B 449 -33.95 0.25 5.64
CA ARG B 449 -35.31 -0.27 5.77
C ARG B 449 -35.98 -0.41 4.41
N LEU B 450 -35.76 0.55 3.51
CA LEU B 450 -36.40 0.51 2.20
C LEU B 450 -35.82 -0.60 1.33
N THR B 451 -34.49 -0.68 1.26
CA THR B 451 -33.85 -1.72 0.44
C THR B 451 -34.22 -3.11 0.95
N LEU B 452 -34.40 -3.27 2.26
CA LEU B 452 -34.86 -4.54 2.79
C LEU B 452 -36.33 -4.78 2.47
N LEU B 453 -37.13 -3.71 2.38
CA LEU B 453 -38.53 -3.85 2.02
C LEU B 453 -38.69 -4.16 0.52
N LEU B 454 -37.80 -3.63 -0.31
CA LEU B 454 -37.82 -3.93 -1.73
C LEU B 454 -37.35 -5.35 -2.04
N LYS B 455 -36.75 -6.03 -1.08
CA LYS B 455 -36.30 -7.40 -1.29
C LYS B 455 -37.50 -8.30 -1.59
N GLN B 456 -37.47 -8.97 -2.74
CA GLN B 456 -38.58 -9.77 -3.23
C GLN B 456 -38.11 -11.18 -3.50
N LYS B 457 -38.97 -12.16 -3.19
CA LYS B 457 -38.68 -13.56 -3.45
C LYS B 457 -39.20 -13.97 -4.82
N GLN B 458 -38.84 -15.17 -5.23
CA GLN B 458 -39.13 -15.63 -6.59
C GLN B 458 -40.63 -15.85 -6.79
N ALA B 459 -41.10 -15.53 -7.99
CA ALA B 459 -42.47 -15.80 -8.42
C ALA B 459 -43.49 -15.14 -7.50
N SER B 460 -43.23 -13.90 -7.12
CA SER B 460 -44.12 -13.13 -6.25
C SER B 460 -44.26 -11.71 -6.77
N PRO B 461 -45.01 -11.52 -7.85
CA PRO B 461 -45.19 -10.16 -8.40
C PRO B 461 -46.16 -9.35 -7.54
N MET B 462 -45.69 -8.22 -7.03
CA MET B 462 -46.52 -7.33 -6.24
C MET B 462 -47.28 -6.37 -7.16
N SER B 463 -48.59 -6.27 -6.96
CA SER B 463 -49.42 -5.42 -7.79
C SER B 463 -49.14 -3.95 -7.51
N SER B 464 -49.65 -3.09 -8.39
CA SER B 464 -49.49 -1.65 -8.21
C SER B 464 -50.25 -1.16 -6.98
N GLU B 465 -51.32 -1.86 -6.59
CA GLU B 465 -52.11 -1.45 -5.44
C GLU B 465 -51.38 -1.72 -4.13
N GLU B 466 -50.46 -2.69 -4.13
CA GLU B 466 -49.78 -3.10 -2.92
C GLU B 466 -48.37 -2.54 -2.80
N MET B 467 -47.83 -1.94 -3.86
CA MET B 467 -46.51 -1.32 -3.80
C MET B 467 -46.56 0.14 -3.36
N VAL B 468 -47.59 0.88 -3.80
CA VAL B 468 -47.66 2.30 -3.50
C VAL B 468 -47.64 2.58 -1.99
N PRO B 469 -48.49 1.95 -1.17
CA PRO B 469 -48.45 2.26 0.27
C PRO B 469 -47.14 1.87 0.94
N LEU B 470 -46.49 0.80 0.49
CA LEU B 470 -45.20 0.43 1.06
C LEU B 470 -44.13 1.46 0.71
N ILE B 471 -44.19 2.01 -0.50
CA ILE B 471 -43.26 3.08 -0.87
C ILE B 471 -43.64 4.38 -0.17
N TYR B 472 -44.95 4.67 -0.09
CA TYR B 472 -45.41 5.89 0.56
C TYR B 472 -45.09 5.89 2.05
N ALA B 473 -45.02 4.72 2.67
CA ALA B 473 -44.69 4.63 4.09
C ALA B 473 -43.19 4.75 4.34
N GLY B 474 -42.36 4.56 3.32
CA GLY B 474 -40.92 4.63 3.49
C GLY B 474 -40.33 5.96 3.07
N VAL B 475 -40.85 6.54 1.99
CA VAL B 475 -40.34 7.83 1.52
C VAL B 475 -40.70 8.93 2.50
N ASN B 476 -41.94 8.91 3.00
CA ASN B 476 -42.34 9.88 4.03
C ASN B 476 -41.53 9.70 5.30
N GLY B 477 -41.10 8.48 5.59
CA GLY B 477 -40.26 8.23 6.74
C GLY B 477 -41.00 8.10 8.05
N TYR B 478 -41.97 7.19 8.10
CA TYR B 478 -42.70 6.90 9.32
C TYR B 478 -42.35 5.53 9.90
N ILE B 479 -41.38 4.83 9.31
CA ILE B 479 -40.90 3.56 9.83
C ILE B 479 -39.38 3.62 9.95
N ASP B 480 -38.88 4.71 10.52
CA ASP B 480 -37.44 4.96 10.56
C ASP B 480 -36.78 4.09 11.62
N ASN B 481 -35.80 3.29 11.20
CA ASN B 481 -34.98 2.45 12.06
C ASN B 481 -35.82 1.45 12.87
N ILE B 482 -37.03 1.15 12.41
CA ILE B 482 -37.75 0.03 13.02
C ILE B 482 -36.94 -1.24 12.77
N PRO B 483 -36.75 -2.11 13.78
CA PRO B 483 -35.83 -3.26 13.64
C PRO B 483 -35.92 -3.99 12.30
N VAL B 484 -34.76 -4.16 11.66
CA VAL B 484 -34.70 -4.80 10.34
C VAL B 484 -35.27 -6.21 10.40
N LYS B 485 -35.11 -6.90 11.53
CA LYS B 485 -35.63 -8.25 11.68
C LYS B 485 -37.15 -8.31 11.63
N GLN B 486 -37.83 -7.16 11.67
CA GLN B 486 -39.28 -7.10 11.62
C GLN B 486 -39.81 -6.44 10.36
N VAL B 487 -38.93 -5.91 9.50
CA VAL B 487 -39.38 -5.30 8.25
C VAL B 487 -39.99 -6.36 7.34
N GLU B 488 -39.36 -7.54 7.26
CA GLU B 488 -39.95 -8.65 6.54
C GLU B 488 -41.27 -9.09 7.17
N LYS B 489 -41.38 -8.92 8.49
CA LYS B 489 -42.63 -9.18 9.21
C LYS B 489 -43.59 -8.01 9.14
N PHE B 490 -43.08 -6.79 8.93
CA PHE B 490 -43.94 -5.62 8.83
C PHE B 490 -44.82 -5.70 7.58
N GLU B 491 -44.23 -6.06 6.44
CA GLU B 491 -45.00 -6.17 5.21
C GLU B 491 -45.99 -7.33 5.27
N ALA B 492 -45.71 -8.34 6.08
CA ALA B 492 -46.59 -9.50 6.16
C ALA B 492 -47.92 -9.14 6.81
N GLU B 493 -47.92 -8.22 7.77
CA GLU B 493 -49.15 -7.81 8.44
C GLU B 493 -49.82 -6.62 7.78
N PHE B 494 -49.04 -5.76 7.13
CA PHE B 494 -49.59 -4.53 6.55
C PHE B 494 -50.39 -4.80 5.28
N VAL B 495 -49.87 -5.67 4.41
CA VAL B 495 -50.52 -5.89 3.12
C VAL B 495 -51.88 -6.53 3.30
N SER B 496 -51.96 -7.59 4.12
CA SER B 496 -53.23 -8.27 4.33
C SER B 496 -54.25 -7.37 5.00
N TYR B 497 -53.80 -6.40 5.80
CA TYR B 497 -54.72 -5.46 6.42
C TYR B 497 -55.30 -4.47 5.44
N LEU B 498 -54.65 -4.27 4.29
CA LEU B 498 -55.13 -3.29 3.31
C LEU B 498 -56.40 -3.79 2.61
N HIS B 499 -56.57 -5.10 2.49
CA HIS B 499 -57.75 -5.65 1.83
C HIS B 499 -58.99 -5.63 2.71
N ALA B 500 -58.87 -5.19 3.96
CA ALA B 500 -60.00 -5.17 4.88
C ALA B 500 -60.75 -3.84 4.83
N ASN B 501 -60.03 -2.74 5.08
CA ASN B 501 -60.64 -1.41 5.13
C ASN B 501 -60.29 -0.56 3.92
N GLU B 502 -59.00 -0.40 3.60
CA GLU B 502 -58.57 0.40 2.47
C GLU B 502 -58.55 -0.39 1.17
N SER B 503 -59.41 -1.40 1.04
CA SER B 503 -59.45 -2.19 -0.18
C SER B 503 -60.07 -1.43 -1.34
N ASP B 504 -60.98 -0.49 -1.06
CA ASP B 504 -61.57 0.33 -2.11
C ASP B 504 -60.61 1.38 -2.62
N LEU B 505 -59.56 1.71 -1.86
CA LEU B 505 -58.49 2.56 -2.39
C LEU B 505 -57.65 1.81 -3.41
N LEU B 506 -57.57 0.49 -3.28
CA LEU B 506 -56.79 -0.31 -4.22
C LEU B 506 -57.47 -0.42 -5.57
N LYS B 507 -58.81 -0.35 -5.60
CA LYS B 507 -59.53 -0.46 -6.86
C LYS B 507 -59.29 0.75 -7.74
N ASP B 508 -59.10 1.94 -7.14
CA ASP B 508 -58.87 3.14 -7.93
C ASP B 508 -57.52 3.10 -8.62
N ILE B 509 -56.51 2.52 -7.97
CA ILE B 509 -55.20 2.40 -8.58
C ILE B 509 -55.21 1.34 -9.68
N ALA B 510 -55.99 0.27 -9.51
CA ALA B 510 -56.05 -0.81 -10.48
C ALA B 510 -56.99 -0.51 -11.65
N ALA B 511 -57.73 0.59 -11.60
CA ALA B 511 -58.64 0.98 -12.67
C ALA B 511 -58.28 2.29 -13.33
N THR B 512 -57.80 3.27 -12.56
CA THR B 512 -57.40 4.56 -13.09
C THR B 512 -55.90 4.81 -13.03
N GLY B 513 -55.21 4.22 -12.05
CA GLY B 513 -53.78 4.48 -11.90
C GLY B 513 -53.45 5.89 -11.50
N GLU B 514 -54.38 6.61 -10.88
CA GLU B 514 -54.19 7.99 -10.48
C GLU B 514 -54.37 8.12 -8.97
N LEU B 515 -53.61 9.04 -8.38
CA LEU B 515 -53.69 9.32 -6.95
C LEU B 515 -53.83 10.82 -6.76
N SER B 516 -54.98 11.25 -6.27
CA SER B 516 -55.27 12.65 -6.06
C SER B 516 -54.73 13.10 -4.70
N LYS B 517 -55.03 14.35 -4.32
CA LYS B 517 -54.64 14.87 -3.03
C LYS B 517 -55.53 14.36 -1.89
N GLU B 518 -56.68 13.77 -2.21
CA GLU B 518 -57.55 13.22 -1.18
C GLU B 518 -57.05 11.87 -0.67
N ASN B 519 -56.62 11.00 -1.59
CA ASN B 519 -56.02 9.73 -1.18
C ASN B 519 -54.66 9.93 -0.52
N LEU B 520 -54.04 11.10 -0.72
CA LEU B 520 -52.81 11.42 0.00
C LEU B 520 -53.06 11.45 1.51
N GLU B 521 -54.25 11.88 1.93
CA GLU B 521 -54.61 11.85 3.34
C GLU B 521 -55.14 10.48 3.76
N LYS B 522 -55.72 9.73 2.83
CA LYS B 522 -56.24 8.41 3.16
C LYS B 522 -55.12 7.43 3.49
N LEU B 523 -54.00 7.51 2.75
CA LEU B 523 -52.86 6.65 3.05
C LEU B 523 -52.26 7.01 4.41
N LYS B 524 -52.17 8.30 4.72
CA LYS B 524 -51.75 8.72 6.05
C LYS B 524 -52.78 8.40 7.11
N SER B 525 -54.03 8.17 6.71
CA SER B 525 -55.08 7.75 7.65
C SER B 525 -55.02 6.27 7.98
N ILE B 526 -54.02 5.55 7.48
CA ILE B 526 -53.89 4.12 7.73
C ILE B 526 -52.43 3.77 7.96
N THR B 527 -51.54 4.73 7.70
CA THR B 527 -50.12 4.54 7.95
C THR B 527 -49.73 4.88 9.38
N GLU B 528 -50.39 5.89 9.96
CA GLU B 528 -50.04 6.35 11.30
C GLU B 528 -50.57 5.43 12.38
N ASN B 529 -51.76 4.84 12.18
CA ASN B 529 -52.36 4.01 13.22
C ASN B 529 -51.78 2.60 13.25
N PHE B 530 -51.16 2.14 12.16
CA PHE B 530 -50.57 0.82 12.12
C PHE B 530 -49.28 0.71 12.92
N VAL B 531 -48.74 1.84 13.40
CA VAL B 531 -47.50 1.80 14.18
C VAL B 531 -47.69 1.01 15.46
N GLY B 532 -48.85 1.15 16.11
CA GLY B 532 -49.12 0.44 17.34
C GLY B 532 -49.51 -1.00 17.13
N SER B 533 -48.64 -1.76 16.46
CA SER B 533 -48.89 -3.18 16.21
C SER B 533 -47.59 -3.91 15.94
N ALA C 49 -1.36 -4.83 -79.11
CA ALA C 49 -0.47 -5.76 -79.79
C ALA C 49 0.87 -5.86 -79.06
N ASN C 50 1.48 -4.70 -78.80
CA ASN C 50 2.76 -4.64 -78.11
C ASN C 50 2.55 -4.64 -76.60
N LEU C 51 3.21 -5.57 -75.91
CA LEU C 51 3.05 -5.73 -74.46
C LEU C 51 4.40 -5.71 -73.75
N ASN C 52 5.38 -5.00 -74.31
CA ASN C 52 6.67 -4.82 -73.67
C ASN C 52 6.82 -3.45 -73.04
N GLU C 53 6.30 -2.40 -73.68
CA GLU C 53 6.26 -1.06 -73.11
C GLU C 53 4.86 -0.64 -72.70
N THR C 54 3.84 -1.42 -73.03
CA THR C 54 2.46 -1.15 -72.64
C THR C 54 1.86 -2.43 -72.07
N GLY C 55 0.59 -2.34 -71.70
CA GLY C 55 -0.11 -3.49 -71.13
C GLY C 55 -1.55 -3.20 -70.77
N ARG C 56 -2.40 -4.22 -70.86
CA ARG C 56 -3.81 -4.09 -70.53
C ARG C 56 -4.08 -4.55 -69.11
N VAL C 57 -5.06 -3.92 -68.47
CA VAL C 57 -5.37 -4.18 -67.06
C VAL C 57 -6.22 -5.44 -66.96
N LEU C 58 -5.81 -6.33 -66.06
CA LEU C 58 -6.61 -7.52 -65.74
C LEU C 58 -7.68 -7.23 -64.70
N SER C 59 -7.33 -6.50 -63.64
CA SER C 59 -8.26 -6.20 -62.57
C SER C 59 -7.74 -5.02 -61.75
N VAL C 60 -8.65 -4.12 -61.38
CA VAL C 60 -8.31 -2.99 -60.53
C VAL C 60 -9.27 -2.98 -59.33
N GLY C 61 -8.70 -2.89 -58.13
CA GLY C 61 -9.51 -2.92 -56.93
C GLY C 61 -8.81 -2.33 -55.72
N ASP C 62 -9.38 -1.25 -55.19
CA ASP C 62 -8.88 -0.60 -53.97
C ASP C 62 -7.42 -0.17 -54.13
N GLY C 63 -7.14 0.54 -55.21
CA GLY C 63 -5.80 1.04 -55.48
C GLY C 63 -4.83 0.02 -56.00
N ILE C 64 -5.22 -1.24 -56.09
CA ILE C 64 -4.36 -2.31 -56.60
C ILE C 64 -4.77 -2.63 -58.03
N ALA C 65 -3.81 -2.56 -58.95
CA ALA C 65 -4.07 -2.78 -60.38
C ALA C 65 -3.14 -3.87 -60.87
N ARG C 66 -3.70 -5.03 -61.20
CA ARG C 66 -2.95 -6.13 -61.80
C ARG C 66 -3.04 -6.01 -63.31
N VAL C 67 -1.90 -5.77 -63.95
CA VAL C 67 -1.84 -5.47 -65.38
C VAL C 67 -1.12 -6.60 -66.10
N PHE C 68 -1.71 -7.07 -67.19
CA PHE C 68 -1.07 -8.05 -68.05
C PHE C 68 -0.21 -7.33 -69.09
N GLY C 69 0.99 -7.86 -69.32
CA GLY C 69 1.94 -7.23 -70.21
C GLY C 69 3.13 -6.65 -69.47
N LEU C 70 3.69 -5.56 -69.97
CA LEU C 70 4.84 -4.89 -69.37
C LEU C 70 5.98 -5.89 -69.15
N ASN C 71 6.37 -6.53 -70.25
CA ASN C 71 7.40 -7.58 -70.18
C ASN C 71 8.78 -7.02 -69.85
N ASN C 72 9.02 -5.74 -70.12
CA ASN C 72 10.34 -5.14 -69.90
C ASN C 72 10.28 -4.04 -68.85
N ILE C 73 9.43 -4.20 -67.84
CA ILE C 73 9.26 -3.19 -66.81
C ILE C 73 10.22 -3.48 -65.66
N GLN C 74 10.71 -2.42 -65.03
CA GLN C 74 11.59 -2.54 -63.88
C GLN C 74 10.78 -2.67 -62.60
N ALA C 75 11.45 -3.07 -61.53
CA ALA C 75 10.84 -3.09 -60.21
C ALA C 75 10.78 -1.67 -59.66
N GLU C 76 9.65 -1.34 -59.00
CA GLU C 76 9.42 0.01 -58.47
C GLU C 76 9.48 1.05 -59.57
N GLU C 77 8.95 0.71 -60.75
CA GLU C 77 8.96 1.62 -61.89
C GLU C 77 7.62 2.35 -61.99
N LEU C 78 7.69 3.67 -62.17
CA LEU C 78 6.49 4.47 -62.30
C LEU C 78 5.79 4.19 -63.63
N VAL C 79 4.47 4.03 -63.57
CA VAL C 79 3.66 3.80 -64.76
C VAL C 79 2.57 4.87 -64.84
N GLU C 80 1.96 4.96 -66.01
CA GLU C 80 0.91 5.94 -66.28
C GLU C 80 -0.25 5.24 -66.96
N PHE C 81 -1.42 5.29 -66.32
CA PHE C 81 -2.61 4.71 -66.90
C PHE C 81 -3.20 5.63 -67.96
N ALA C 82 -4.23 5.15 -68.65
CA ALA C 82 -4.90 5.93 -69.68
C ALA C 82 -5.86 6.97 -69.11
N SER C 83 -5.93 7.11 -67.79
CA SER C 83 -6.81 8.07 -67.14
C SER C 83 -6.04 9.07 -66.29
N GLY C 84 -4.75 9.23 -66.52
CA GLY C 84 -3.95 10.22 -65.83
C GLY C 84 -3.50 9.84 -64.44
N VAL C 85 -3.87 8.66 -63.94
CA VAL C 85 -3.48 8.24 -62.60
C VAL C 85 -2.13 7.52 -62.69
N LYS C 86 -1.21 7.91 -61.82
CA LYS C 86 0.14 7.35 -61.81
C LYS C 86 0.16 6.07 -60.99
N GLY C 87 1.34 5.56 -60.72
CA GLY C 87 1.50 4.35 -59.94
C GLY C 87 2.84 3.69 -60.22
N MET C 88 3.28 2.88 -59.25
CA MET C 88 4.54 2.18 -59.35
C MET C 88 4.31 0.67 -59.21
N ALA C 89 5.11 -0.10 -59.94
CA ALA C 89 4.97 -1.56 -59.98
C ALA C 89 5.90 -2.16 -58.92
N LEU C 90 5.32 -2.57 -57.80
CA LEU C 90 6.12 -3.10 -56.69
C LEU C 90 6.56 -4.53 -56.95
N ASN C 91 5.61 -5.46 -56.99
CA ASN C 91 5.92 -6.89 -57.14
C ASN C 91 5.66 -7.32 -58.58
N LEU C 92 6.74 -7.64 -59.30
CA LEU C 92 6.65 -8.11 -60.67
C LEU C 92 6.44 -9.62 -60.64
N GLU C 93 5.20 -10.06 -60.82
CA GLU C 93 4.88 -11.48 -60.78
C GLU C 93 5.05 -12.10 -62.17
N ALA C 94 4.91 -13.43 -62.22
CA ALA C 94 5.07 -14.18 -63.45
C ALA C 94 3.72 -14.25 -64.15
N GLY C 95 3.57 -13.46 -65.22
CA GLY C 95 2.33 -13.40 -65.97
C GLY C 95 1.47 -12.19 -65.68
N GLN C 96 1.82 -11.40 -64.67
CA GLN C 96 1.07 -10.22 -64.30
C GLN C 96 1.95 -9.30 -63.47
N VAL C 97 1.52 -8.05 -63.35
CA VAL C 97 2.29 -7.03 -62.65
C VAL C 97 1.41 -6.39 -61.59
N GLY C 98 1.87 -6.39 -60.35
CA GLY C 98 1.14 -5.76 -59.26
C GLY C 98 1.50 -4.29 -59.12
N ILE C 99 0.58 -3.41 -59.53
CA ILE C 99 0.80 -1.97 -59.56
C ILE C 99 -0.11 -1.31 -58.54
N VAL C 100 0.47 -0.48 -57.69
CA VAL C 100 -0.29 0.34 -56.77
C VAL C 100 -0.63 1.66 -57.45
N LEU C 101 -1.68 2.33 -56.96
CA LEU C 101 -2.20 3.54 -57.57
C LEU C 101 -1.84 4.77 -56.75
N PHE C 102 -1.33 5.80 -57.42
CA PHE C 102 -1.10 7.11 -56.83
C PHE C 102 -2.32 8.01 -56.93
N GLY C 103 -3.52 7.44 -56.96
CA GLY C 103 -4.74 8.21 -57.07
C GLY C 103 -5.97 7.38 -56.77
N SER C 104 -7.04 7.59 -57.53
CA SER C 104 -8.28 6.85 -57.34
C SER C 104 -8.44 5.79 -58.41
N ASP C 105 -9.12 4.71 -58.04
CA ASP C 105 -9.42 3.61 -58.94
C ASP C 105 -10.74 3.79 -59.68
N ARG C 106 -11.33 4.99 -59.60
CA ARG C 106 -12.62 5.22 -60.25
C ARG C 106 -12.49 5.36 -61.76
N LEU C 107 -11.39 5.94 -62.22
CA LEU C 107 -11.20 6.26 -63.63
C LEU C 107 -10.57 5.12 -64.43
N VAL C 108 -10.39 3.96 -63.83
CA VAL C 108 -9.72 2.83 -64.48
C VAL C 108 -10.69 1.68 -64.59
N LYS C 109 -10.82 1.13 -65.80
CA LYS C 109 -11.67 -0.03 -66.07
C LYS C 109 -10.80 -1.24 -66.40
N GLU C 110 -11.47 -2.36 -66.68
CA GLU C 110 -10.79 -3.59 -67.05
C GLU C 110 -10.40 -3.54 -68.52
N GLY C 111 -9.11 -3.74 -68.80
CA GLY C 111 -8.59 -3.61 -70.14
C GLY C 111 -7.98 -2.27 -70.46
N GLU C 112 -7.79 -1.41 -69.47
CA GLU C 112 -7.22 -0.08 -69.70
C GLU C 112 -5.75 -0.20 -70.08
N THR C 113 -5.37 0.45 -71.18
CA THR C 113 -3.99 0.46 -71.61
C THR C 113 -3.13 1.25 -70.62
N VAL C 114 -1.96 0.70 -70.29
CA VAL C 114 -1.07 1.27 -69.28
C VAL C 114 0.26 1.58 -69.95
N LYS C 115 0.56 2.86 -70.13
CA LYS C 115 1.85 3.27 -70.64
C LYS C 115 2.88 3.29 -69.51
N ARG C 116 4.13 3.06 -69.87
CA ARG C 116 5.23 3.11 -68.92
C ARG C 116 5.85 4.50 -68.88
N SER C 117 6.71 4.71 -67.88
CA SER C 117 7.57 5.88 -67.84
C SER C 117 9.04 5.56 -68.04
N GLY C 118 9.43 4.29 -67.91
CA GLY C 118 10.81 3.90 -68.16
C GLY C 118 11.80 4.43 -67.16
N SER C 119 11.39 4.61 -65.90
CA SER C 119 12.29 5.17 -64.89
C SER C 119 11.77 4.82 -63.50
N ILE C 120 12.71 4.57 -62.59
CA ILE C 120 12.35 4.39 -61.18
C ILE C 120 11.79 5.70 -60.65
N VAL C 121 10.93 5.60 -59.62
CA VAL C 121 10.27 6.76 -59.04
C VAL C 121 11.30 7.76 -58.55
N ASP C 122 11.42 8.89 -59.25
CA ASP C 122 12.31 9.97 -58.87
C ASP C 122 11.49 11.23 -58.60
N VAL C 123 12.13 12.20 -57.95
CA VAL C 123 11.43 13.42 -57.55
C VAL C 123 12.33 14.63 -57.77
N PRO C 124 11.73 15.77 -58.12
CA PRO C 124 12.51 16.98 -58.35
C PRO C 124 13.14 17.48 -57.06
N VAL C 125 14.36 18.02 -57.18
CA VAL C 125 15.10 18.58 -56.07
C VAL C 125 15.65 19.94 -56.49
N GLY C 126 16.25 20.64 -55.52
CA GLY C 126 16.89 21.91 -55.80
C GLY C 126 16.39 23.03 -54.91
N PRO C 127 16.98 24.22 -55.07
CA PRO C 127 16.57 25.37 -54.25
C PRO C 127 15.33 26.08 -54.77
N ALA C 128 14.85 25.73 -55.97
CA ALA C 128 13.64 26.32 -56.52
C ALA C 128 12.37 25.70 -55.94
N LEU C 129 12.50 24.79 -54.98
CA LEU C 129 11.37 24.21 -54.28
C LEU C 129 11.16 24.82 -52.90
N LEU C 130 12.05 25.71 -52.48
CA LEU C 130 11.94 26.36 -51.17
C LEU C 130 10.70 27.25 -51.14
N GLY C 131 9.81 27.00 -50.20
CA GLY C 131 8.59 27.78 -50.08
C GLY C 131 7.42 27.27 -50.88
N ARG C 132 7.38 25.98 -51.19
CA ARG C 132 6.33 25.40 -52.01
C ARG C 132 5.71 24.20 -51.29
N VAL C 133 4.40 24.07 -51.41
CA VAL C 133 3.66 22.94 -50.86
C VAL C 133 3.42 21.94 -51.99
N VAL C 134 3.98 20.74 -51.86
CA VAL C 134 3.91 19.73 -52.90
C VAL C 134 3.38 18.43 -52.29
N ASP C 135 3.01 17.50 -53.16
CA ASP C 135 2.52 16.19 -52.75
C ASP C 135 3.71 15.23 -52.65
N ALA C 136 3.40 13.94 -52.56
CA ALA C 136 4.47 12.94 -52.48
C ALA C 136 5.18 12.75 -53.82
N LEU C 137 4.45 12.93 -54.92
CA LEU C 137 5.07 12.77 -56.24
C LEU C 137 5.97 13.94 -56.60
N GLY C 138 5.68 15.13 -56.08
CA GLY C 138 6.41 16.32 -56.41
C GLY C 138 5.60 17.37 -57.13
N ASN C 139 4.34 17.10 -57.41
CA ASN C 139 3.50 18.06 -58.12
C ASN C 139 3.04 19.16 -57.16
N PRO C 140 3.10 20.43 -57.57
CA PRO C 140 2.71 21.51 -56.66
C PRO C 140 1.20 21.53 -56.43
N ILE C 141 0.82 21.86 -55.20
CA ILE C 141 -0.59 21.92 -54.82
C ILE C 141 -0.92 23.24 -54.13
N ASP C 142 0.10 24.05 -53.85
CA ASP C 142 -0.14 25.37 -53.27
C ASP C 142 -0.69 26.36 -54.29
N GLY C 143 -0.57 26.07 -55.58
CA GLY C 143 -1.09 26.92 -56.62
C GLY C 143 -0.22 28.08 -57.02
N LYS C 144 0.96 28.22 -56.42
CA LYS C 144 1.85 29.36 -56.71
C LYS C 144 2.83 29.01 -57.82
N GLY C 145 2.26 28.61 -58.97
CA GLY C 145 3.04 28.34 -60.15
C GLY C 145 3.66 26.97 -60.19
N PRO C 146 4.17 26.56 -61.36
CA PRO C 146 4.80 25.24 -61.47
C PRO C 146 6.13 25.15 -60.73
N ILE C 147 6.76 23.99 -60.77
CA ILE C 147 7.98 23.73 -60.02
C ILE C 147 9.15 23.73 -61.00
N GLU C 148 10.04 24.70 -60.85
CA GLU C 148 11.29 24.71 -61.61
C GLU C 148 12.26 23.70 -61.01
N THR C 149 12.74 22.77 -61.83
CA THR C 149 13.54 21.65 -61.37
C THR C 149 14.98 21.80 -61.84
N GLU C 150 15.92 21.68 -60.91
CA GLU C 150 17.33 21.67 -61.26
C GLU C 150 17.76 20.30 -61.75
N PHE C 151 17.67 19.29 -60.88
CA PHE C 151 17.94 17.91 -61.25
C PHE C 151 16.91 17.03 -60.54
N ARG C 152 17.08 15.72 -60.64
CA ARG C 152 16.16 14.76 -60.06
C ARG C 152 16.92 13.69 -59.29
N ILE C 153 16.39 13.29 -58.15
CA ILE C 153 16.98 12.25 -57.32
C ILE C 153 15.92 11.20 -57.01
N ARG C 154 16.30 9.94 -57.09
CA ARG C 154 15.37 8.84 -56.85
C ARG C 154 14.75 8.94 -55.46
N ALA C 155 13.58 8.32 -55.31
CA ALA C 155 12.95 8.27 -53.99
C ALA C 155 13.57 7.19 -53.11
N GLN C 156 14.03 6.09 -53.72
CA GLN C 156 14.66 4.99 -52.99
C GLN C 156 16.16 5.05 -53.26
N VAL C 157 16.87 5.80 -52.44
CA VAL C 157 18.32 5.97 -52.55
C VAL C 157 18.97 5.32 -51.34
N LYS C 158 20.01 4.52 -51.59
CA LYS C 158 20.74 3.88 -50.51
C LYS C 158 21.51 4.92 -49.70
N ALA C 159 21.50 4.75 -48.37
CA ALA C 159 22.16 5.70 -47.50
C ALA C 159 23.66 5.68 -47.74
N PRO C 160 24.34 6.82 -47.54
CA PRO C 160 25.78 6.87 -47.79
C PRO C 160 26.56 5.93 -46.88
N GLY C 161 27.70 5.46 -47.37
CA GLY C 161 28.49 4.49 -46.67
C GLY C 161 29.24 5.08 -45.50
N ILE C 162 30.18 4.28 -44.99
CA ILE C 162 30.93 4.66 -43.79
C ILE C 162 31.94 5.75 -44.11
N LEU C 163 32.80 5.51 -45.08
CA LEU C 163 33.89 6.44 -45.38
C LEU C 163 33.42 7.85 -45.73
N PRO C 164 32.37 8.05 -46.54
CA PRO C 164 31.92 9.42 -46.82
C PRO C 164 31.30 10.13 -45.62
N ARG C 165 31.24 9.49 -44.45
CA ARG C 165 30.69 10.09 -43.24
C ARG C 165 31.82 10.59 -42.34
N THR C 166 31.44 11.50 -41.42
CA THR C 166 32.37 12.01 -40.43
C THR C 166 31.61 12.27 -39.14
N SER C 167 32.36 12.35 -38.04
CA SER C 167 31.75 12.55 -36.73
C SER C 167 31.08 13.91 -36.65
N VAL C 168 29.89 13.94 -36.07
CA VAL C 168 29.09 15.15 -36.03
C VAL C 168 29.60 16.06 -34.92
N ASN C 169 29.78 17.34 -35.26
CA ASN C 169 30.13 18.37 -34.30
C ASN C 169 29.34 19.66 -34.48
N GLU C 170 28.69 19.86 -35.63
CA GLU C 170 27.91 21.07 -35.85
C GLU C 170 26.63 21.03 -35.02
N PRO C 171 26.33 22.08 -34.26
CA PRO C 171 25.12 22.09 -33.44
C PRO C 171 23.89 22.43 -34.26
N MET C 172 22.73 22.14 -33.67
CA MET C 172 21.43 22.50 -34.26
C MET C 172 20.52 22.96 -33.13
N GLN C 173 20.60 24.24 -32.80
CA GLN C 173 19.79 24.80 -31.73
C GLN C 173 18.31 24.80 -32.13
N THR C 174 17.51 24.03 -31.39
CA THR C 174 16.08 23.99 -31.64
C THR C 174 15.36 25.23 -31.12
N GLY C 175 16.02 26.02 -30.26
CA GLY C 175 15.39 27.13 -29.60
C GLY C 175 14.79 26.80 -28.24
N LEU C 176 14.49 25.53 -27.98
CA LEU C 176 13.95 25.12 -26.71
C LEU C 176 15.07 24.95 -25.68
N LYS C 177 14.91 25.57 -24.51
CA LYS C 177 15.94 25.49 -23.49
C LYS C 177 15.99 24.10 -22.86
N ALA C 178 14.86 23.39 -22.82
CA ALA C 178 14.84 22.05 -22.26
C ALA C 178 15.47 21.02 -23.19
N VAL C 179 15.64 21.36 -24.46
CA VAL C 179 16.21 20.43 -25.44
C VAL C 179 17.70 20.69 -25.60
N ASP C 180 18.06 21.92 -25.96
CA ASP C 180 19.46 22.24 -26.24
C ASP C 180 20.37 22.07 -25.03
N ALA C 181 19.82 22.11 -23.82
CA ALA C 181 20.63 21.94 -22.62
C ALA C 181 20.69 20.50 -22.14
N LEU C 182 19.61 19.73 -22.32
CA LEU C 182 19.54 18.36 -21.84
C LEU C 182 19.72 17.33 -22.94
N VAL C 183 19.13 17.55 -24.12
CA VAL C 183 19.24 16.60 -25.22
C VAL C 183 19.70 17.33 -26.48
N PRO C 184 20.98 17.69 -26.59
CA PRO C 184 21.45 18.44 -27.75
C PRO C 184 21.42 17.59 -29.01
N ILE C 185 21.23 18.27 -30.14
CA ILE C 185 21.09 17.63 -31.45
C ILE C 185 22.18 18.16 -32.38
N GLY C 186 22.96 17.24 -32.95
CA GLY C 186 23.94 17.61 -33.95
C GLY C 186 23.40 17.51 -35.37
N ARG C 187 24.15 18.06 -36.31
CA ARG C 187 23.75 18.07 -37.71
C ARG C 187 24.12 16.72 -38.34
N GLY C 188 23.10 16.01 -38.85
CA GLY C 188 23.26 14.65 -39.29
C GLY C 188 22.86 13.61 -38.26
N GLN C 189 22.33 14.04 -37.12
CA GLN C 189 21.89 13.16 -36.05
C GLN C 189 20.42 12.81 -36.23
N ARG C 190 20.00 11.75 -35.56
CA ARG C 190 18.62 11.25 -35.63
C ARG C 190 18.03 11.31 -34.23
N GLU C 191 17.25 12.36 -33.96
CA GLU C 191 16.63 12.58 -32.65
C GLU C 191 15.13 12.36 -32.79
N LEU C 192 14.63 11.31 -32.15
CA LEU C 192 13.23 10.92 -32.25
C LEU C 192 12.35 11.78 -31.34
N ILE C 193 11.16 12.10 -31.83
CA ILE C 193 10.16 12.80 -31.04
C ILE C 193 8.98 11.86 -30.79
N ILE C 194 9.06 11.09 -29.73
CA ILE C 194 8.05 10.08 -29.41
C ILE C 194 7.18 10.58 -28.26
N GLY C 195 5.88 10.35 -28.38
CA GLY C 195 4.95 10.78 -27.34
C GLY C 195 3.57 10.26 -27.62
N ASP C 196 2.66 10.54 -26.68
CA ASP C 196 1.27 10.09 -26.80
C ASP C 196 0.49 11.10 -27.64
N ARG C 197 -0.83 10.99 -27.62
CA ARG C 197 -1.68 11.84 -28.45
C ARG C 197 -1.75 13.26 -27.87
N GLN C 198 -1.42 14.25 -28.71
CA GLN C 198 -1.56 15.66 -28.37
C GLN C 198 -0.79 16.01 -27.10
N THR C 199 0.51 15.74 -27.13
CA THR C 199 1.40 16.05 -26.03
C THR C 199 2.44 17.11 -26.38
N GLY C 200 2.43 17.62 -27.60
CA GLY C 200 3.38 18.64 -28.02
C GLY C 200 4.47 18.16 -28.96
N LYS C 201 4.24 17.06 -29.68
CA LYS C 201 5.24 16.55 -30.60
C LYS C 201 5.39 17.45 -31.82
N THR C 202 4.25 17.86 -32.40
CA THR C 202 4.30 18.70 -33.58
C THR C 202 4.82 20.10 -33.26
N GLN C 203 4.42 20.64 -32.10
CA GLN C 203 4.80 22.01 -31.76
C GLN C 203 6.29 22.12 -31.47
N ILE C 204 6.91 21.06 -30.97
CA ILE C 204 8.36 21.08 -30.75
C ILE C 204 9.10 21.18 -32.07
N ALA C 205 8.64 20.45 -33.09
CA ALA C 205 9.31 20.48 -34.39
C ALA C 205 9.18 21.85 -35.04
N ILE C 206 8.05 22.53 -34.84
CA ILE C 206 7.86 23.85 -35.41
C ILE C 206 8.82 24.85 -34.76
N ASP C 207 9.01 24.74 -33.45
CA ASP C 207 9.93 25.64 -32.75
C ASP C 207 11.35 25.51 -33.28
N THR C 208 11.73 24.33 -33.75
CA THR C 208 13.05 24.16 -34.33
C THR C 208 13.14 24.86 -35.69
N ILE C 209 12.06 24.79 -36.48
CA ILE C 209 12.05 25.46 -37.78
C ILE C 209 12.04 26.97 -37.61
N LEU C 210 11.22 27.49 -36.69
CA LEU C 210 11.13 28.93 -36.48
C LEU C 210 12.42 29.48 -35.89
N ASN C 211 13.19 28.65 -35.18
CA ASN C 211 14.43 29.15 -34.57
C ASN C 211 15.51 29.40 -35.60
N GLN C 212 15.53 28.64 -36.69
CA GLN C 212 16.56 28.75 -37.72
C GLN C 212 16.37 29.97 -38.62
N LYS C 213 15.60 30.97 -38.19
CA LYS C 213 15.40 32.18 -38.97
C LYS C 213 16.56 33.15 -38.81
N ARG C 214 17.17 33.20 -37.63
CA ARG C 214 18.24 34.15 -37.35
C ARG C 214 19.55 33.80 -38.05
N TRP C 215 19.65 32.63 -38.69
CA TRP C 215 20.83 32.24 -39.44
C TRP C 215 20.65 32.36 -40.95
N ASN C 216 19.42 32.56 -41.43
CA ASN C 216 19.17 32.73 -42.85
C ASN C 216 19.22 34.19 -43.28
N TYR C 217 19.58 35.10 -42.38
CA TYR C 217 19.80 36.49 -42.74
C TYR C 217 21.25 36.74 -43.15
N GLY C 218 22.20 36.10 -42.48
CA GLY C 218 23.61 36.32 -42.73
C GLY C 218 24.09 35.68 -44.01
N GLN C 219 25.41 35.52 -44.10
CA GLN C 219 26.06 34.93 -45.26
C GLN C 219 26.85 33.68 -44.95
N ASP C 220 27.02 33.33 -43.67
CA ASP C 220 27.78 32.15 -43.29
C ASP C 220 27.03 30.89 -43.70
N GLU C 221 27.69 30.03 -44.50
CA GLU C 221 27.03 28.82 -44.98
C GLU C 221 27.05 27.71 -43.95
N LYS C 222 28.07 27.66 -43.09
CA LYS C 222 28.15 26.60 -42.09
C LYS C 222 27.02 26.67 -41.07
N LYS C 223 26.36 27.82 -40.95
CA LYS C 223 25.25 27.97 -40.01
C LYS C 223 23.88 27.97 -40.70
N LYS C 224 23.84 27.96 -42.03
CA LYS C 224 22.57 27.86 -42.74
C LYS C 224 21.93 26.50 -42.50
N LEU C 225 20.60 26.48 -42.54
CA LEU C 225 19.86 25.24 -42.32
C LEU C 225 18.47 25.38 -42.95
N TYR C 226 18.21 24.59 -43.99
CA TYR C 226 16.92 24.57 -44.65
C TYR C 226 16.06 23.44 -44.08
N CYS C 227 14.79 23.74 -43.84
CA CYS C 227 13.89 22.82 -43.17
C CYS C 227 12.97 22.11 -44.15
N VAL C 228 12.55 20.91 -43.79
CA VAL C 228 11.62 20.12 -44.58
C VAL C 228 10.59 19.50 -43.64
N TYR C 229 9.31 19.67 -43.96
CA TYR C 229 8.21 19.14 -43.16
C TYR C 229 7.38 18.21 -44.03
N VAL C 230 7.32 16.94 -43.64
CA VAL C 230 6.65 15.90 -44.41
C VAL C 230 5.39 15.51 -43.64
N ALA C 231 4.26 16.07 -44.04
CA ALA C 231 2.98 15.74 -43.41
C ALA C 231 2.49 14.40 -43.94
N VAL C 232 2.32 13.43 -43.04
CA VAL C 232 1.95 12.07 -43.41
C VAL C 232 0.69 11.69 -42.64
N GLY C 233 -0.42 11.55 -43.35
CA GLY C 233 -1.67 11.10 -42.78
C GLY C 233 -2.51 12.18 -42.12
N GLN C 234 -2.05 13.42 -42.09
CA GLN C 234 -2.80 14.49 -41.46
C GLN C 234 -3.96 14.91 -42.37
N LYS C 235 -4.69 15.93 -41.93
CA LYS C 235 -5.82 16.46 -42.67
C LYS C 235 -5.43 17.74 -43.39
N ARG C 236 -6.22 18.08 -44.42
CA ARG C 236 -5.87 19.20 -45.28
C ARG C 236 -5.88 20.51 -44.52
N SER C 237 -6.79 20.65 -43.54
CA SER C 237 -6.89 21.92 -42.82
C SER C 237 -5.70 22.12 -41.89
N THR C 238 -5.23 21.04 -41.25
CA THR C 238 -4.11 21.17 -40.33
C THR C 238 -2.83 21.58 -41.05
N VAL C 239 -2.52 20.93 -42.17
CA VAL C 239 -1.30 21.25 -42.90
C VAL C 239 -1.39 22.66 -43.49
N ALA C 240 -2.56 23.04 -44.02
CA ALA C 240 -2.73 24.37 -44.56
C ALA C 240 -2.57 25.43 -43.48
N GLN C 241 -3.10 25.16 -42.28
CA GLN C 241 -2.90 26.08 -41.16
C GLN C 241 -1.43 26.14 -40.77
N LEU C 242 -0.73 25.00 -40.85
CA LEU C 242 0.69 24.99 -40.54
C LEU C 242 1.50 25.81 -41.54
N VAL C 243 1.06 25.86 -42.80
CA VAL C 243 1.77 26.65 -43.80
C VAL C 243 1.64 28.13 -43.49
N GLN C 244 0.43 28.59 -43.17
CA GLN C 244 0.24 29.99 -42.81
C GLN C 244 0.99 30.35 -41.54
N THR C 245 1.10 29.40 -40.61
CA THR C 245 1.89 29.65 -39.40
C THR C 245 3.36 29.82 -39.73
N LEU C 246 3.87 29.05 -40.69
CA LEU C 246 5.23 29.23 -41.16
C LEU C 246 5.37 30.44 -42.09
N GLU C 247 4.29 30.83 -42.77
CA GLU C 247 4.30 32.06 -43.56
C GLU C 247 4.07 33.30 -42.71
N HIS C 248 3.64 33.13 -41.45
CA HIS C 248 3.47 34.23 -40.52
C HIS C 248 4.77 34.66 -39.87
N HIS C 249 5.85 33.88 -40.03
CA HIS C 249 7.14 34.18 -39.44
C HIS C 249 8.26 34.20 -40.47
N ASP C 250 7.91 34.26 -41.76
CA ASP C 250 8.87 34.18 -42.86
C ASP C 250 9.73 32.92 -42.75
N ALA C 251 9.13 31.84 -42.25
CA ALA C 251 9.79 30.55 -42.15
C ALA C 251 9.46 29.65 -43.32
N LEU C 252 8.57 30.07 -44.22
CA LEU C 252 8.22 29.27 -45.37
C LEU C 252 9.24 29.40 -46.49
N LYS C 253 9.78 30.61 -46.69
CA LYS C 253 10.65 30.90 -47.82
C LYS C 253 12.00 30.18 -47.76
N TYR C 254 12.25 29.36 -46.74
CA TYR C 254 13.43 28.51 -46.72
C TYR C 254 13.09 27.07 -46.33
N SER C 255 11.80 26.74 -46.25
CA SER C 255 11.36 25.40 -45.88
C SER C 255 10.46 24.83 -46.97
N ILE C 256 10.47 23.51 -47.11
CA ILE C 256 9.72 22.81 -48.15
C ILE C 256 8.77 21.84 -47.47
N ILE C 257 7.47 21.99 -47.76
CA ILE C 257 6.42 21.17 -47.15
C ILE C 257 6.00 20.10 -48.15
N VAL C 258 6.04 18.85 -47.72
CA VAL C 258 5.58 17.71 -48.52
C VAL C 258 4.27 17.23 -47.90
N ALA C 259 3.16 17.46 -48.59
CA ALA C 259 1.84 17.20 -48.05
C ALA C 259 1.30 15.88 -48.59
N ALA C 260 1.01 14.94 -47.69
CA ALA C 260 0.40 13.66 -48.02
C ALA C 260 -0.76 13.44 -47.05
N THR C 261 -1.88 14.09 -47.34
CA THR C 261 -3.01 14.11 -46.42
C THR C 261 -3.66 12.73 -46.33
N ALA C 262 -4.73 12.65 -45.54
CA ALA C 262 -5.39 11.38 -45.28
C ALA C 262 -6.28 10.94 -46.43
N SER C 263 -6.79 11.88 -47.22
CA SER C 263 -7.68 11.52 -48.32
C SER C 263 -6.91 10.84 -49.46
N GLU C 264 -5.62 11.11 -49.58
CA GLU C 264 -4.84 10.57 -50.68
C GLU C 264 -4.60 9.08 -50.50
N ALA C 265 -4.22 8.43 -51.60
CA ALA C 265 -4.03 6.99 -51.60
C ALA C 265 -2.85 6.59 -50.73
N ALA C 266 -2.92 5.36 -50.20
CA ALA C 266 -1.87 4.87 -49.31
C ALA C 266 -0.48 4.86 -49.93
N PRO C 267 -0.28 4.56 -51.22
CA PRO C 267 1.07 4.71 -51.78
C PRO C 267 1.61 6.11 -51.69
N LEU C 268 0.75 7.13 -51.69
CA LEU C 268 1.23 8.51 -51.55
C LEU C 268 1.68 8.79 -50.12
N GLN C 269 0.94 8.29 -49.13
CA GLN C 269 1.36 8.47 -47.74
C GLN C 269 2.64 7.67 -47.45
N TYR C 270 2.84 6.55 -48.15
CA TYR C 270 4.03 5.74 -47.93
C TYR C 270 5.27 6.38 -48.52
N LEU C 271 5.14 6.97 -49.70
CA LEU C 271 6.28 7.51 -50.43
C LEU C 271 6.68 8.91 -49.97
N ALA C 272 5.81 9.59 -49.23
CA ALA C 272 6.09 10.98 -48.86
C ALA C 272 7.34 11.16 -48.00
N PRO C 273 7.61 10.34 -46.98
CA PRO C 273 8.87 10.52 -46.24
C PRO C 273 10.10 10.30 -47.11
N PHE C 274 10.08 9.28 -47.98
CA PHE C 274 11.24 8.99 -48.82
C PHE C 274 11.50 10.10 -49.82
N THR C 275 10.46 10.60 -50.47
CA THR C 275 10.64 11.70 -51.42
C THR C 275 11.08 12.97 -50.71
N GLY C 276 10.54 13.22 -49.51
CA GLY C 276 10.98 14.37 -48.74
C GLY C 276 12.43 14.27 -48.33
N THR C 277 12.88 13.06 -47.99
CA THR C 277 14.29 12.85 -47.65
C THR C 277 15.19 13.12 -48.85
N ALA C 278 14.79 12.64 -50.03
CA ALA C 278 15.58 12.86 -51.24
C ALA C 278 15.60 14.34 -51.61
N MET C 279 14.53 15.08 -51.32
CA MET C 279 14.52 16.51 -51.60
C MET C 279 15.41 17.28 -50.62
N GLY C 280 15.59 16.77 -49.41
CA GLY C 280 16.57 17.31 -48.48
C GLY C 280 17.96 16.74 -48.64
N GLU C 281 18.08 15.62 -49.37
CA GLU C 281 19.38 15.05 -49.66
C GLU C 281 20.17 15.87 -50.66
N TRP C 282 19.49 16.70 -51.45
CA TRP C 282 20.18 17.57 -52.39
C TRP C 282 21.06 18.59 -51.65
N PHE C 283 20.54 19.14 -50.54
CA PHE C 283 21.34 20.06 -49.74
C PHE C 283 22.54 19.35 -49.12
N ARG C 284 22.35 18.11 -48.68
CA ARG C 284 23.43 17.36 -48.05
C ARG C 284 24.58 17.13 -49.02
N ASP C 285 24.26 16.75 -50.26
CA ASP C 285 25.29 16.43 -51.25
C ASP C 285 25.98 17.68 -51.80
N ASN C 286 25.45 18.88 -51.53
CA ASN C 286 26.02 20.12 -52.05
C ASN C 286 26.60 20.99 -50.95
N GLY C 287 26.96 20.41 -49.81
CA GLY C 287 27.60 21.15 -48.73
C GLY C 287 26.66 21.87 -47.79
N LYS C 288 25.46 22.22 -48.24
CA LYS C 288 24.53 22.92 -47.38
C LYS C 288 23.99 22.00 -46.28
N GLY C 289 23.39 22.61 -45.26
CA GLY C 289 22.78 21.88 -44.17
C GLY C 289 21.27 21.86 -44.32
N ALA C 290 20.67 20.73 -43.96
CA ALA C 290 19.23 20.53 -44.13
C ALA C 290 18.67 19.81 -42.92
N LEU C 291 17.36 20.00 -42.71
CA LEU C 291 16.63 19.39 -41.61
C LEU C 291 15.26 18.95 -42.12
N ILE C 292 14.86 17.73 -41.77
CA ILE C 292 13.59 17.17 -42.20
C ILE C 292 12.88 16.60 -40.98
N VAL C 293 11.57 16.85 -40.90
CA VAL C 293 10.73 16.40 -39.80
C VAL C 293 9.67 15.47 -40.37
N PHE C 294 9.67 14.22 -39.92
CA PHE C 294 8.68 13.23 -40.33
C PHE C 294 7.50 13.30 -39.38
N ASP C 295 6.37 13.80 -39.87
CA ASP C 295 5.17 13.93 -39.04
C ASP C 295 3.96 13.32 -39.74
N ASP C 296 3.75 12.02 -39.56
CA ASP C 296 4.62 11.19 -38.73
C ASP C 296 4.91 9.85 -39.40
N LEU C 297 5.77 9.04 -38.76
CA LEU C 297 6.05 7.71 -39.25
C LEU C 297 5.08 6.66 -38.72
N SER C 298 4.35 6.97 -37.64
CA SER C 298 3.41 6.01 -37.08
C SER C 298 2.20 5.80 -37.99
N LYS C 299 1.85 6.79 -38.81
CA LYS C 299 0.77 6.64 -39.77
C LYS C 299 1.27 6.22 -41.14
N GLN C 300 2.57 6.37 -41.41
CA GLN C 300 3.13 5.86 -42.66
C GLN C 300 3.11 4.33 -42.67
N ALA C 301 3.46 3.70 -41.55
CA ALA C 301 3.43 2.25 -41.47
C ALA C 301 2.02 1.71 -41.65
N VAL C 302 1.00 2.51 -41.31
CA VAL C 302 -0.38 2.09 -41.58
C VAL C 302 -0.65 2.06 -43.06
N ALA C 303 -0.12 3.04 -43.81
CA ALA C 303 -0.29 3.05 -45.25
C ALA C 303 0.51 1.93 -45.91
N TYR C 304 1.73 1.67 -45.42
CA TYR C 304 2.52 0.56 -45.95
C TYR C 304 1.89 -0.79 -45.63
N ARG C 305 1.09 -0.85 -44.56
CA ARG C 305 0.35 -2.07 -44.27
C ARG C 305 -0.76 -2.31 -45.27
N GLN C 306 -1.28 -1.24 -45.89
CA GLN C 306 -2.33 -1.41 -46.89
C GLN C 306 -1.75 -1.96 -48.19
N MET C 307 -0.66 -1.34 -48.68
CA MET C 307 -0.05 -1.80 -49.93
C MET C 307 0.40 -3.24 -49.84
N SER C 308 0.88 -3.66 -48.66
CA SER C 308 1.33 -5.04 -48.49
C SER C 308 0.15 -6.01 -48.44
N LEU C 309 -0.85 -5.71 -47.60
CA LEU C 309 -1.97 -6.63 -47.42
C LEU C 309 -2.91 -6.66 -48.60
N LEU C 310 -2.90 -5.63 -49.45
CA LEU C 310 -3.75 -5.62 -50.65
C LEU C 310 -3.04 -6.19 -51.86
N LEU C 311 -1.71 -6.21 -51.88
CA LEU C 311 -0.95 -6.93 -52.89
C LEU C 311 -0.74 -8.40 -52.51
N ARG C 312 -1.51 -8.89 -51.53
CA ARG C 312 -1.43 -10.28 -51.07
C ARG C 312 -0.04 -10.63 -50.55
N ARG C 313 0.68 -9.64 -50.02
CA ARG C 313 1.96 -9.95 -49.39
C ARG C 313 1.72 -10.45 -47.97
N PRO C 314 2.44 -11.49 -47.56
CA PRO C 314 2.16 -12.12 -46.26
C PRO C 314 2.39 -11.16 -45.10
N PRO C 315 1.44 -11.05 -44.20
CA PRO C 315 1.61 -10.16 -43.03
C PRO C 315 2.50 -10.81 -41.98
N GLY C 316 2.92 -9.98 -41.02
CA GLY C 316 3.75 -10.44 -39.93
C GLY C 316 3.17 -10.12 -38.56
N ARG C 317 3.94 -9.42 -37.74
CA ARG C 317 3.51 -9.09 -36.38
C ARG C 317 2.56 -7.90 -36.40
N GLU C 318 1.44 -8.04 -35.69
CA GLU C 318 0.43 -6.98 -35.58
C GLU C 318 -0.08 -6.55 -36.96
N ALA C 319 -0.28 -7.53 -37.84
CA ALA C 319 -0.83 -7.33 -39.18
C ALA C 319 0.10 -6.49 -40.07
N TYR C 320 1.23 -6.04 -39.52
CA TYR C 320 2.19 -5.29 -40.31
C TYR C 320 3.09 -6.24 -41.08
N PRO C 321 3.55 -5.85 -42.27
CA PRO C 321 4.44 -6.71 -43.05
C PRO C 321 5.76 -6.96 -42.33
N GLY C 322 6.51 -7.92 -42.86
CA GLY C 322 7.75 -8.33 -42.21
C GLY C 322 8.80 -7.22 -42.19
N ASP C 323 9.00 -6.58 -43.34
CA ASP C 323 10.01 -5.52 -43.47
C ASP C 323 9.46 -4.16 -43.07
N VAL C 324 8.68 -4.09 -41.98
CA VAL C 324 8.24 -2.79 -41.48
C VAL C 324 9.37 -2.06 -40.76
N PHE C 325 10.40 -2.79 -40.31
CA PHE C 325 11.58 -2.15 -39.75
C PHE C 325 12.48 -1.60 -40.86
N TYR C 326 12.64 -2.36 -41.94
CA TYR C 326 13.41 -1.89 -43.09
C TYR C 326 12.73 -0.71 -43.77
N LEU C 327 11.43 -0.52 -43.55
CA LEU C 327 10.76 0.67 -44.06
C LEU C 327 11.32 1.93 -43.43
N HIS C 328 11.62 1.89 -42.13
CA HIS C 328 12.16 3.04 -41.43
C HIS C 328 13.69 3.03 -41.35
N SER C 329 14.32 1.85 -41.45
CA SER C 329 15.77 1.77 -41.29
C SER C 329 16.48 2.50 -42.44
N ARG C 330 16.14 2.15 -43.69
CA ARG C 330 16.75 2.81 -44.83
C ARG C 330 16.29 4.25 -45.01
N LEU C 331 15.32 4.70 -44.22
CA LEU C 331 14.82 6.07 -44.30
C LEU C 331 15.63 7.01 -43.41
N LEU C 332 15.79 6.66 -42.14
CA LEU C 332 16.53 7.52 -41.22
C LEU C 332 18.03 7.45 -41.44
N GLU C 333 18.53 6.32 -41.95
CA GLU C 333 19.96 6.18 -42.21
C GLU C 333 20.45 7.13 -43.29
N ARG C 334 19.55 7.67 -44.11
CA ARG C 334 19.94 8.61 -45.16
C ARG C 334 20.20 10.02 -44.62
N ALA C 335 20.24 10.18 -43.30
CA ALA C 335 20.51 11.45 -42.66
C ALA C 335 21.84 11.37 -41.91
N ALA C 336 22.82 12.15 -42.35
CA ALA C 336 24.16 12.08 -41.77
C ALA C 336 24.93 13.34 -42.13
N LYS C 337 26.12 13.44 -41.54
CA LYS C 337 27.07 14.52 -41.81
C LYS C 337 28.24 13.94 -42.59
N MET C 338 28.51 14.50 -43.76
CA MET C 338 29.47 13.92 -44.68
C MET C 338 30.80 14.66 -44.67
N ASN C 339 31.81 14.01 -45.26
CA ASN C 339 33.16 14.54 -45.31
C ASN C 339 33.22 15.83 -46.13
N GLU C 340 34.27 16.62 -45.88
CA GLU C 340 34.50 17.82 -46.68
C GLU C 340 34.80 17.47 -48.13
N ARG C 341 35.41 16.31 -48.38
CA ARG C 341 35.64 15.86 -49.74
C ARG C 341 34.35 15.44 -50.42
N GLU C 342 33.32 15.08 -49.67
CA GLU C 342 32.02 14.75 -50.21
C GLU C 342 31.04 15.91 -50.13
N GLY C 343 31.55 17.13 -49.90
CA GLY C 343 30.70 18.30 -49.81
C GLY C 343 30.71 18.95 -48.45
N GLY C 344 30.65 18.14 -47.40
CA GLY C 344 30.57 18.66 -46.05
C GLY C 344 29.17 19.03 -45.60
N GLY C 345 28.14 18.62 -46.33
CA GLY C 345 26.78 18.92 -45.94
C GLY C 345 26.26 17.94 -44.89
N SER C 346 25.07 18.25 -44.38
CA SER C 346 24.48 17.45 -43.32
C SER C 346 22.95 17.54 -43.40
N LEU C 347 22.30 16.40 -43.22
CA LEU C 347 20.84 16.31 -43.18
C LEU C 347 20.44 15.71 -41.84
N THR C 348 19.62 16.43 -41.09
CA THR C 348 19.15 16.00 -39.78
C THR C 348 17.69 15.62 -39.87
N ALA C 349 17.34 14.44 -39.35
CA ALA C 349 15.99 13.91 -39.42
C ALA C 349 15.36 13.89 -38.03
N LEU C 350 14.13 14.39 -37.92
CA LEU C 350 13.38 14.42 -36.68
C LEU C 350 12.10 13.61 -36.86
N PRO C 351 12.13 12.31 -36.55
CA PRO C 351 10.93 11.49 -36.70
C PRO C 351 9.99 11.64 -35.51
N ILE C 352 8.70 11.46 -35.79
CA ILE C 352 7.65 11.57 -34.78
C ILE C 352 6.91 10.25 -34.72
N ILE C 353 6.78 9.70 -33.51
CA ILE C 353 6.10 8.43 -33.29
C ILE C 353 5.03 8.64 -32.22
N GLU C 354 3.77 8.45 -32.60
CA GLU C 354 2.65 8.57 -31.69
C GLU C 354 2.36 7.21 -31.07
N THR C 355 2.49 7.12 -29.74
CA THR C 355 2.24 5.89 -29.01
C THR C 355 0.77 5.79 -28.65
N GLN C 356 0.42 4.74 -27.91
CA GLN C 356 -0.96 4.48 -27.47
C GLN C 356 -0.94 4.24 -25.97
N GLY C 357 -1.29 5.26 -25.19
CA GLY C 357 -1.26 5.16 -23.75
C GLY C 357 0.13 5.10 -23.15
N GLY C 358 1.09 5.79 -23.78
CA GLY C 358 2.46 5.72 -23.33
C GLY C 358 3.15 4.39 -23.55
N ASP C 359 2.58 3.52 -24.38
CA ASP C 359 3.12 2.19 -24.62
C ASP C 359 4.35 2.31 -25.52
N VAL C 360 5.53 2.38 -24.88
CA VAL C 360 6.79 2.38 -25.62
C VAL C 360 7.21 0.99 -26.06
N SER C 361 6.42 -0.03 -25.74
CA SER C 361 6.73 -1.41 -26.08
C SER C 361 5.95 -1.90 -27.30
N ALA C 362 5.21 -1.03 -27.97
CA ALA C 362 4.47 -1.42 -29.15
C ALA C 362 5.42 -1.74 -30.30
N TYR C 363 4.86 -2.32 -31.37
CA TYR C 363 5.67 -2.79 -32.49
C TYR C 363 6.41 -1.65 -33.16
N ILE C 364 5.67 -0.67 -33.69
CA ILE C 364 6.29 0.40 -34.49
C ILE C 364 7.30 1.22 -33.68
N PRO C 365 6.98 1.72 -32.47
CA PRO C 365 7.96 2.57 -31.78
C PRO C 365 9.26 1.85 -31.41
N THR C 366 9.16 0.59 -30.96
CA THR C 366 10.36 -0.15 -30.59
C THR C 366 11.35 -0.24 -31.75
N ASN C 367 10.85 -0.30 -32.98
CA ASN C 367 11.73 -0.29 -34.14
C ASN C 367 12.40 1.07 -34.31
N VAL C 368 11.63 2.14 -34.21
CA VAL C 368 12.15 3.48 -34.48
C VAL C 368 13.17 3.89 -33.41
N ILE C 369 12.87 3.59 -32.15
CA ILE C 369 13.80 3.91 -31.07
C ILE C 369 15.14 3.21 -31.29
N SER C 370 15.12 2.01 -31.86
CA SER C 370 16.33 1.26 -32.11
C SER C 370 17.12 1.79 -33.30
N ILE C 371 16.56 2.72 -34.07
CA ILE C 371 17.23 3.29 -35.23
C ILE C 371 17.85 4.65 -34.90
N THR C 372 17.09 5.51 -34.24
CA THR C 372 17.51 6.89 -34.02
C THR C 372 18.70 6.97 -33.08
N ASP C 373 19.34 8.15 -33.09
CA ASP C 373 20.47 8.42 -32.21
C ASP C 373 19.97 9.00 -30.89
N GLY C 374 18.81 8.55 -30.45
CA GLY C 374 18.16 9.07 -29.26
C GLY C 374 16.74 9.49 -29.53
N GLN C 375 16.02 9.74 -28.45
CA GLN C 375 14.61 10.09 -28.52
C GLN C 375 14.28 11.16 -27.49
N ILE C 376 13.18 11.87 -27.74
CA ILE C 376 12.68 12.91 -26.84
C ILE C 376 11.26 12.48 -26.47
N PHE C 377 11.12 11.75 -25.36
CA PHE C 377 9.83 11.25 -24.94
C PHE C 377 8.99 12.38 -24.34
N LEU C 378 7.75 12.49 -24.81
CA LEU C 378 6.80 13.50 -24.33
C LEU C 378 5.67 12.78 -23.60
N GLU C 379 5.69 12.85 -22.28
CA GLU C 379 4.69 12.17 -21.45
C GLU C 379 3.52 13.11 -21.21
N ALA C 380 2.31 12.66 -21.56
CA ALA C 380 1.12 13.49 -21.38
C ALA C 380 0.84 13.78 -19.91
N GLU C 381 1.39 12.99 -18.99
CA GLU C 381 1.14 13.21 -17.57
C GLU C 381 1.89 14.44 -17.06
N LEU C 382 3.07 14.72 -17.60
CA LEU C 382 3.83 15.91 -17.21
C LEU C 382 3.33 17.18 -17.89
N PHE C 383 2.43 17.07 -18.86
CA PHE C 383 1.90 18.25 -19.53
C PHE C 383 0.94 19.01 -18.62
N TYR C 384 0.09 18.29 -17.89
CA TYR C 384 -0.84 18.93 -16.97
C TYR C 384 -0.18 19.36 -15.68
N LYS C 385 0.98 18.78 -15.34
CA LYS C 385 1.74 19.22 -14.17
C LYS C 385 2.28 20.64 -14.35
N GLY C 386 2.23 21.19 -15.56
CA GLY C 386 2.76 22.50 -15.88
C GLY C 386 3.97 22.46 -16.79
N ILE C 387 4.74 21.38 -16.74
CA ILE C 387 5.95 21.23 -17.54
C ILE C 387 5.59 21.24 -19.02
N ARG C 388 5.89 22.35 -19.69
CA ARG C 388 5.69 22.47 -21.12
C ARG C 388 6.95 23.04 -21.78
N PRO C 389 7.57 22.28 -22.70
CA PRO C 389 7.15 20.97 -23.21
C PRO C 389 7.28 19.83 -22.19
N ALA C 390 6.33 18.90 -22.21
CA ALA C 390 6.30 17.80 -21.25
C ALA C 390 7.38 16.77 -21.55
N ILE C 391 8.64 17.17 -21.40
CA ILE C 391 9.77 16.30 -21.72
C ILE C 391 10.12 15.50 -20.48
N ASN C 392 9.85 14.19 -20.51
CA ASN C 392 10.27 13.30 -19.45
C ASN C 392 11.77 13.08 -19.52
N VAL C 393 12.54 13.91 -18.81
CA VAL C 393 13.99 13.88 -18.92
C VAL C 393 14.59 12.56 -18.48
N GLY C 394 13.87 11.80 -17.64
CA GLY C 394 14.34 10.51 -17.21
C GLY C 394 14.37 9.44 -18.29
N LEU C 395 13.90 9.74 -19.49
CA LEU C 395 13.89 8.75 -20.58
C LEU C 395 14.48 9.31 -21.85
N SER C 396 14.33 10.61 -22.09
CA SER C 396 14.89 11.23 -23.28
C SER C 396 16.40 11.37 -23.14
N VAL C 397 17.13 11.09 -24.23
CA VAL C 397 18.58 11.07 -24.19
C VAL C 397 19.10 11.23 -25.61
N SER C 398 20.22 11.96 -25.73
CA SER C 398 21.01 12.03 -26.95
C SER C 398 22.34 11.33 -26.74
N ARG C 399 22.94 10.90 -27.85
CA ARG C 399 24.16 10.09 -27.80
C ARG C 399 25.39 10.86 -28.23
N VAL C 400 25.43 11.31 -29.50
CA VAL C 400 26.59 12.04 -30.00
C VAL C 400 26.23 13.52 -30.06
N GLY C 401 25.45 13.99 -29.09
CA GLY C 401 25.10 15.39 -29.01
C GLY C 401 25.94 16.14 -27.99
N SER C 402 26.58 15.39 -27.09
CA SER C 402 27.36 16.02 -26.03
C SER C 402 28.54 16.80 -26.59
N ALA C 403 29.21 16.25 -27.61
CA ALA C 403 30.28 16.97 -28.29
C ALA C 403 29.76 17.92 -29.35
N ALA C 404 28.46 17.86 -29.69
CA ALA C 404 27.84 18.79 -30.60
C ALA C 404 27.16 19.95 -29.90
N GLN C 405 26.97 19.87 -28.59
CA GLN C 405 26.35 20.95 -27.83
C GLN C 405 27.27 22.17 -27.82
N VAL C 406 26.65 23.35 -27.71
CA VAL C 406 27.41 24.59 -27.70
C VAL C 406 28.34 24.63 -26.50
N LYS C 407 29.58 25.06 -26.73
CA LYS C 407 30.56 25.13 -25.65
C LYS C 407 30.14 26.10 -24.56
N ALA C 408 29.45 27.18 -24.93
CA ALA C 408 28.96 28.12 -23.92
C ALA C 408 27.89 27.49 -23.03
N MET C 409 27.15 26.52 -23.56
CA MET C 409 26.13 25.84 -22.78
C MET C 409 26.67 24.58 -22.09
N LYS C 410 27.55 23.83 -22.77
CA LYS C 410 28.17 22.68 -22.15
C LYS C 410 28.92 23.07 -20.88
N GLN C 411 29.39 24.32 -20.82
CA GLN C 411 30.04 24.84 -19.61
C GLN C 411 29.07 25.01 -18.45
N VAL C 412 27.76 24.95 -18.69
CA VAL C 412 26.78 25.17 -17.64
C VAL C 412 25.67 24.12 -17.69
N ALA C 413 25.58 23.37 -18.79
CA ALA C 413 24.55 22.36 -18.94
C ALA C 413 25.04 20.95 -18.63
N GLY C 414 26.35 20.71 -18.63
CA GLY C 414 26.85 19.38 -18.33
C GLY C 414 26.46 18.89 -16.96
N SER C 415 26.54 19.78 -15.96
CA SER C 415 26.07 19.46 -14.62
C SER C 415 24.58 19.73 -14.43
N LEU C 416 24.00 20.61 -15.25
CA LEU C 416 22.60 21.01 -15.08
C LEU C 416 21.66 19.82 -15.16
N LYS C 417 21.89 18.93 -16.13
CA LYS C 417 20.99 17.78 -16.32
C LYS C 417 21.00 16.86 -15.10
N LEU C 418 22.14 16.73 -14.44
CA LEU C 418 22.26 15.83 -13.29
C LEU C 418 21.65 16.42 -12.02
N PHE C 419 21.28 17.71 -12.01
CA PHE C 419 20.53 18.24 -10.89
C PHE C 419 19.09 17.74 -10.90
N LEU C 420 18.51 17.62 -12.10
CA LEU C 420 17.17 17.05 -12.22
C LEU C 420 17.19 15.53 -12.11
N ALA C 421 18.33 14.90 -12.44
CA ALA C 421 18.46 13.47 -12.27
C ALA C 421 18.32 13.08 -10.80
N GLN C 422 18.73 13.96 -9.89
CA GLN C 422 18.49 13.75 -8.47
C GLN C 422 17.11 14.23 -8.05
N TYR C 423 16.61 15.28 -8.69
CA TYR C 423 15.38 15.92 -8.23
C TYR C 423 14.16 15.04 -8.48
N ARG C 424 14.12 14.34 -9.61
CA ARG C 424 12.98 13.48 -9.91
C ARG C 424 12.84 12.38 -8.86
N GLU C 425 13.93 12.01 -8.19
CA GLU C 425 13.90 10.96 -7.19
C GLU C 425 13.40 11.48 -5.85
N VAL C 426 13.83 12.67 -5.44
CA VAL C 426 13.46 13.21 -4.14
C VAL C 426 12.09 13.86 -4.18
N ALA C 427 11.79 14.60 -5.25
CA ALA C 427 10.50 15.27 -5.35
C ALA C 427 9.34 14.30 -5.47
N ALA C 428 9.58 13.09 -5.97
CA ALA C 428 8.51 12.10 -6.08
C ALA C 428 8.11 11.54 -4.72
N PHE C 429 8.95 11.69 -3.70
CA PHE C 429 8.68 11.15 -2.36
C PHE C 429 8.98 12.22 -1.33
N ALA C 430 7.96 13.01 -0.99
CA ALA C 430 7.99 13.91 0.15
C ALA C 430 6.85 13.69 1.12
N GLN C 431 5.84 12.89 0.74
CA GLN C 431 4.76 12.49 1.62
C GLN C 431 4.62 10.98 1.74
N PHE C 432 5.19 10.22 0.80
CA PHE C 432 5.22 8.76 0.91
C PHE C 432 6.28 8.31 1.90
N GLY C 433 7.52 8.75 1.70
CA GLY C 433 8.54 8.60 2.72
C GLY C 433 8.43 9.70 3.73
N SER C 434 7.32 9.70 4.49
CA SER C 434 6.95 10.82 5.35
C SER C 434 7.93 11.01 6.50
N ASP C 435 9.13 11.50 6.20
CA ASP C 435 10.13 11.83 7.21
C ASP C 435 10.60 13.26 6.93
N LEU C 436 10.14 14.21 7.75
CA LEU C 436 10.46 15.62 7.57
C LEU C 436 11.93 15.84 7.92
N ASP C 437 12.79 15.56 6.95
CA ASP C 437 14.23 15.73 7.09
C ASP C 437 14.69 16.89 6.22
N ALA C 438 15.17 17.95 6.86
CA ALA C 438 15.73 19.09 6.15
C ALA C 438 17.20 18.91 5.81
N SER C 439 17.73 17.68 5.94
CA SER C 439 19.13 17.43 5.62
C SER C 439 19.40 17.60 4.13
N THR C 440 18.66 16.87 3.30
CA THR C 440 18.78 16.96 1.85
C THR C 440 17.54 17.58 1.22
N LYS C 441 16.85 18.44 1.97
CA LYS C 441 15.70 19.18 1.45
C LYS C 441 16.11 20.34 0.55
N GLN C 442 17.40 20.71 0.56
CA GLN C 442 17.87 21.79 -0.30
C GLN C 442 17.68 21.46 -1.77
N THR C 443 17.75 20.18 -2.13
CA THR C 443 17.54 19.79 -3.52
C THR C 443 16.11 20.03 -3.97
N LEU C 444 15.16 20.05 -3.03
CA LEU C 444 13.76 20.24 -3.41
C LEU C 444 13.47 21.69 -3.77
N THR C 445 14.02 22.64 -3.02
CA THR C 445 13.87 24.05 -3.34
C THR C 445 14.81 24.50 -4.46
N ARG C 446 15.70 23.62 -4.92
CA ARG C 446 16.58 23.88 -6.06
C ARG C 446 15.98 23.39 -7.38
N GLY C 447 15.49 22.14 -7.40
CA GLY C 447 14.97 21.59 -8.64
C GLY C 447 13.63 22.18 -9.04
N GLU C 448 12.77 22.47 -8.06
CA GLU C 448 11.47 23.05 -8.36
C GLU C 448 11.57 24.40 -9.03
N ARG C 449 12.69 25.11 -8.84
CA ARG C 449 12.88 26.40 -9.48
C ARG C 449 13.41 26.26 -10.90
N LEU C 450 14.32 25.31 -11.13
CA LEU C 450 14.87 25.13 -12.46
C LEU C 450 13.92 24.33 -13.36
N THR C 451 13.21 23.36 -12.79
CA THR C 451 12.21 22.64 -13.58
C THR C 451 11.06 23.55 -13.98
N LEU C 452 10.73 24.51 -13.13
CA LEU C 452 9.78 25.56 -13.50
C LEU C 452 10.41 26.58 -14.43
N LEU C 453 11.74 26.69 -14.43
CA LEU C 453 12.43 27.60 -15.34
C LEU C 453 12.53 27.01 -16.75
N LEU C 454 12.51 25.68 -16.86
CA LEU C 454 12.55 25.03 -18.16
C LEU C 454 11.25 25.21 -18.95
N LYS C 455 10.23 25.84 -18.36
CA LYS C 455 9.00 26.11 -19.08
C LYS C 455 9.27 27.05 -20.25
N GLN C 456 8.46 26.91 -21.29
CA GLN C 456 8.62 27.73 -22.49
C GLN C 456 7.31 27.71 -23.26
N LYS C 457 6.79 28.90 -23.55
CA LYS C 457 5.52 29.02 -24.25
C LYS C 457 5.66 28.53 -25.70
N GLN C 458 4.52 28.26 -26.33
CA GLN C 458 4.51 27.69 -27.67
C GLN C 458 5.04 28.70 -28.68
N ALA C 459 5.84 28.20 -29.63
CA ALA C 459 6.38 28.99 -30.73
C ALA C 459 7.19 30.18 -30.22
N SER C 460 8.08 29.92 -29.26
CA SER C 460 8.93 30.95 -28.66
C SER C 460 10.34 30.43 -28.50
N PRO C 461 11.11 30.38 -29.58
CA PRO C 461 12.50 29.90 -29.49
C PRO C 461 13.41 30.96 -28.88
N MET C 462 14.12 30.59 -27.82
CA MET C 462 15.04 31.50 -27.16
C MET C 462 16.45 31.26 -27.69
N SER C 463 17.13 32.36 -28.03
CA SER C 463 18.44 32.27 -28.65
C SER C 463 19.49 31.78 -27.65
N SER C 464 20.69 31.51 -28.17
CA SER C 464 21.78 31.03 -27.31
C SER C 464 22.19 32.08 -26.30
N GLU C 465 22.27 33.35 -26.71
CA GLU C 465 22.58 34.42 -25.77
C GLU C 465 21.43 34.71 -24.82
N GLU C 466 20.24 34.18 -25.08
CA GLU C 466 19.08 34.39 -24.24
C GLU C 466 18.83 33.26 -23.26
N MET C 467 19.54 32.14 -23.38
CA MET C 467 19.37 30.99 -22.51
C MET C 467 20.49 30.80 -21.50
N VAL C 468 21.70 31.25 -21.82
CA VAL C 468 22.87 31.05 -20.96
C VAL C 468 22.75 31.81 -19.63
N PRO C 469 22.20 33.04 -19.57
CA PRO C 469 22.06 33.68 -18.26
C PRO C 469 21.09 32.98 -17.34
N LEU C 470 20.00 32.43 -17.88
CA LEU C 470 19.00 31.77 -17.05
C LEU C 470 19.55 30.49 -16.42
N ILE C 471 20.33 29.72 -17.17
CA ILE C 471 20.87 28.48 -16.65
C ILE C 471 21.84 28.75 -15.51
N TYR C 472 22.71 29.75 -15.67
CA TYR C 472 23.67 30.08 -14.62
C TYR C 472 22.98 30.52 -13.34
N ALA C 473 21.81 31.14 -13.45
CA ALA C 473 21.01 31.47 -12.29
C ALA C 473 20.27 30.27 -11.71
N GLY C 474 20.26 29.15 -12.42
CA GLY C 474 19.59 27.96 -11.95
C GLY C 474 20.54 26.91 -11.37
N VAL C 475 21.69 26.73 -12.02
CA VAL C 475 22.67 25.77 -11.54
C VAL C 475 23.25 26.21 -10.20
N ASN C 476 23.49 27.51 -10.06
CA ASN C 476 24.01 28.03 -8.79
C ASN C 476 22.93 28.11 -7.72
N GLY C 477 21.67 28.19 -8.11
CA GLY C 477 20.59 28.35 -7.15
C GLY C 477 20.49 29.73 -6.57
N TYR C 478 20.62 30.77 -7.39
CA TYR C 478 20.56 32.15 -6.94
C TYR C 478 19.19 32.78 -7.19
N ILE C 479 18.19 31.99 -7.60
CA ILE C 479 16.85 32.49 -7.83
C ILE C 479 15.86 31.67 -7.02
N ASP C 480 16.34 31.02 -5.96
CA ASP C 480 15.48 30.25 -5.09
C ASP C 480 14.62 31.12 -4.18
N ASN C 481 14.93 32.41 -4.07
CA ASN C 481 14.20 33.28 -3.15
C ASN C 481 12.85 33.67 -3.73
N ILE C 482 12.78 33.87 -5.03
CA ILE C 482 11.55 34.33 -5.70
C ILE C 482 10.54 33.19 -5.70
N PRO C 483 9.25 33.45 -5.43
CA PRO C 483 8.27 32.36 -5.38
C PRO C 483 8.08 31.68 -6.73
N VAL C 484 7.23 30.66 -6.73
CA VAL C 484 7.00 29.82 -7.91
C VAL C 484 5.92 30.46 -8.78
N LYS C 485 5.47 31.66 -8.38
CA LYS C 485 4.46 32.38 -9.13
C LYS C 485 5.01 33.58 -9.88
N GLN C 486 6.15 34.13 -9.46
CA GLN C 486 6.77 35.25 -10.13
C GLN C 486 8.02 34.87 -10.92
N VAL C 487 8.48 33.62 -10.80
CA VAL C 487 9.66 33.20 -11.55
C VAL C 487 9.37 33.10 -13.04
N GLU C 488 8.15 32.72 -13.41
CA GLU C 488 7.78 32.65 -14.81
C GLU C 488 7.68 34.03 -15.45
N LYS C 489 7.41 35.06 -14.66
CA LYS C 489 7.43 36.44 -15.16
C LYS C 489 8.79 37.10 -14.96
N PHE C 490 9.59 36.61 -14.01
CA PHE C 490 10.95 37.09 -13.85
C PHE C 490 11.76 36.86 -15.13
N GLU C 491 11.61 35.68 -15.73
CA GLU C 491 12.33 35.36 -16.96
C GLU C 491 11.84 36.21 -18.14
N ALA C 492 10.60 36.70 -18.08
CA ALA C 492 10.01 37.38 -19.23
C ALA C 492 10.79 38.64 -19.59
N GLU C 493 11.22 39.41 -18.59
CA GLU C 493 11.98 40.63 -18.83
C GLU C 493 13.40 40.57 -18.28
N PHE C 494 13.85 39.40 -17.83
CA PHE C 494 15.26 39.21 -17.52
C PHE C 494 16.11 39.06 -18.78
N VAL C 495 15.49 38.71 -19.90
CA VAL C 495 16.19 38.60 -21.18
C VAL C 495 16.14 39.93 -21.94
N SER C 496 15.02 40.65 -21.85
CA SER C 496 14.84 41.85 -22.65
C SER C 496 15.75 42.98 -22.19
N TYR C 497 15.92 43.13 -20.87
CA TYR C 497 16.73 44.24 -20.37
C TYR C 497 18.21 44.04 -20.68
N LEU C 498 18.65 42.79 -20.80
CA LEU C 498 20.06 42.53 -21.10
C LEU C 498 20.45 43.07 -22.47
N HIS C 499 19.49 43.18 -23.39
CA HIS C 499 19.78 43.77 -24.69
C HIS C 499 20.03 45.26 -24.57
N ALA C 500 19.15 45.98 -23.85
CA ALA C 500 19.34 47.41 -23.66
C ALA C 500 20.50 47.71 -22.72
N ASN C 501 20.73 46.83 -21.73
CA ASN C 501 21.84 47.03 -20.81
C ASN C 501 23.17 46.85 -21.51
N GLU C 502 23.37 45.70 -22.15
CA GLU C 502 24.63 45.35 -22.81
C GLU C 502 24.33 44.66 -24.13
N SER C 503 24.10 45.46 -25.18
CA SER C 503 23.95 44.90 -26.51
C SER C 503 25.27 44.41 -27.09
N ASP C 504 26.39 44.80 -26.49
CA ASP C 504 27.69 44.28 -26.87
C ASP C 504 28.01 42.95 -26.19
N LEU C 505 27.11 42.45 -25.35
CA LEU C 505 27.24 41.14 -24.74
C LEU C 505 26.53 40.05 -25.53
N LEU C 506 25.76 40.42 -26.55
CA LEU C 506 25.16 39.47 -27.47
C LEU C 506 25.81 39.45 -28.85
N LYS C 507 26.49 40.55 -29.23
CA LYS C 507 27.20 40.58 -30.51
C LYS C 507 28.42 39.67 -30.49
N ASP C 508 28.99 39.42 -29.31
CA ASP C 508 30.14 38.52 -29.22
C ASP C 508 29.71 37.08 -29.44
N ILE C 509 28.57 36.67 -28.87
CA ILE C 509 28.07 35.33 -29.09
C ILE C 509 27.63 35.15 -30.54
N ALA C 510 27.15 36.21 -31.18
CA ALA C 510 26.75 36.14 -32.58
C ALA C 510 27.95 35.87 -33.50
N ALA C 511 29.17 36.14 -33.05
CA ALA C 511 30.38 35.86 -33.81
C ALA C 511 31.20 34.73 -33.22
N THR C 512 31.48 34.80 -31.91
CA THR C 512 32.24 33.75 -31.24
C THR C 512 31.32 32.62 -30.77
N GLY C 513 30.38 32.93 -29.87
CA GLY C 513 29.52 31.94 -29.29
C GLY C 513 30.07 31.25 -28.06
N GLU C 514 31.25 31.64 -27.59
CA GLU C 514 31.89 31.03 -26.44
C GLU C 514 32.11 32.09 -25.37
N LEU C 515 31.80 31.73 -24.12
CA LEU C 515 31.99 32.61 -22.97
C LEU C 515 33.22 32.15 -22.20
N SER C 516 34.18 33.05 -22.03
CA SER C 516 35.45 32.72 -21.41
C SER C 516 35.41 33.04 -19.92
N LYS C 517 36.58 32.99 -19.27
CA LYS C 517 36.68 33.32 -17.86
C LYS C 517 36.44 34.80 -17.58
N GLU C 518 36.65 35.66 -18.58
CA GLU C 518 36.40 37.09 -18.40
C GLU C 518 34.92 37.36 -18.15
N ASN C 519 34.05 36.75 -18.94
CA ASN C 519 32.62 36.93 -18.75
C ASN C 519 32.14 36.30 -17.44
N LEU C 520 32.82 35.26 -16.97
CA LEU C 520 32.48 34.68 -15.68
C LEU C 520 32.67 35.69 -14.56
N GLU C 521 33.69 36.54 -14.67
CA GLU C 521 33.84 37.64 -13.73
C GLU C 521 32.80 38.72 -13.96
N LYS C 522 32.28 38.82 -15.18
CA LYS C 522 31.25 39.81 -15.48
C LYS C 522 29.86 39.29 -15.11
N LEU C 523 29.60 37.99 -15.33
CA LEU C 523 28.32 37.40 -14.95
C LEU C 523 28.09 37.52 -13.45
N LYS C 524 29.15 37.34 -12.65
CA LYS C 524 29.04 37.57 -11.22
C LYS C 524 28.76 39.04 -10.91
N SER C 525 29.30 39.95 -11.72
CA SER C 525 29.01 41.36 -11.56
C SER C 525 27.62 41.71 -12.10
N ILE C 526 27.12 40.94 -13.07
CA ILE C 526 25.77 41.16 -13.56
C ILE C 526 24.75 40.54 -12.62
N THR C 527 25.08 39.40 -12.01
CA THR C 527 24.13 38.70 -11.14
C THR C 527 23.74 39.55 -9.94
N GLU C 528 24.74 40.02 -9.18
CA GLU C 528 24.47 40.72 -7.93
C GLU C 528 23.77 42.05 -8.13
N ASN C 529 23.79 42.61 -9.35
CA ASN C 529 23.14 43.89 -9.60
C ASN C 529 21.63 43.76 -9.77
N PHE C 530 21.12 42.57 -10.06
CA PHE C 530 19.71 42.38 -10.35
C PHE C 530 19.12 41.26 -9.51
N VAL C 531 19.68 41.01 -8.32
CA VAL C 531 19.07 40.08 -7.39
C VAL C 531 17.96 40.71 -6.57
N GLY C 532 17.91 42.04 -6.51
CA GLY C 532 16.86 42.74 -5.79
C GLY C 532 15.71 43.16 -6.68
N SER C 533 15.44 42.36 -7.70
CA SER C 533 14.34 42.64 -8.63
C SER C 533 13.71 41.35 -9.13
N GLY D 37 27.89 -26.26 -62.44
CA GLY D 37 27.80 -25.85 -63.84
C GLY D 37 27.50 -24.37 -64.01
N VAL D 38 28.53 -23.58 -64.27
CA VAL D 38 28.36 -22.15 -64.45
C VAL D 38 27.69 -21.89 -65.78
N GLY D 39 26.55 -21.21 -65.76
CA GLY D 39 25.82 -20.91 -66.98
C GLY D 39 24.94 -19.68 -66.86
N SER D 40 23.69 -19.80 -67.30
CA SER D 40 22.77 -18.68 -67.29
C SER D 40 21.38 -19.14 -66.87
N GLY D 41 20.64 -18.24 -66.24
CA GLY D 41 19.25 -18.48 -65.90
C GLY D 41 18.50 -17.17 -65.96
N LYS D 42 17.18 -17.28 -66.11
CA LYS D 42 16.33 -16.11 -66.33
C LYS D 42 15.41 -15.87 -65.14
N ILE D 43 15.07 -14.59 -64.94
CA ILE D 43 14.23 -14.18 -63.82
C ILE D 43 12.77 -14.44 -64.16
N ARG D 44 12.05 -15.07 -63.24
CA ARG D 44 10.62 -15.30 -63.41
C ARG D 44 9.77 -14.28 -62.67
N THR D 45 10.14 -13.92 -61.44
CA THR D 45 9.37 -12.94 -60.66
C THR D 45 10.29 -12.24 -59.68
N VAL D 46 9.93 -11.00 -59.36
CA VAL D 46 10.66 -10.17 -58.41
C VAL D 46 9.64 -9.53 -57.48
N ILE D 47 9.63 -9.94 -56.22
CA ILE D 47 8.69 -9.41 -55.23
C ILE D 47 9.52 -8.93 -54.04
N GLY D 48 9.60 -7.61 -53.87
CA GLY D 48 10.35 -7.04 -52.77
C GLY D 48 11.83 -7.41 -52.83
N ALA D 49 12.31 -8.13 -51.82
CA ALA D 49 13.68 -8.60 -51.76
C ALA D 49 13.81 -10.06 -52.17
N VAL D 50 12.73 -10.67 -52.66
CA VAL D 50 12.72 -12.08 -53.03
C VAL D 50 12.60 -12.17 -54.54
N VAL D 51 13.60 -12.78 -55.18
CA VAL D 51 13.65 -12.92 -56.63
C VAL D 51 13.77 -14.40 -56.96
N ASP D 52 12.87 -14.90 -57.81
CA ASP D 52 12.91 -16.27 -58.30
C ASP D 52 13.58 -16.30 -59.67
N VAL D 53 14.46 -17.27 -59.87
CA VAL D 53 15.22 -17.42 -61.10
C VAL D 53 14.85 -18.75 -61.74
N GLN D 54 14.56 -18.72 -63.04
CA GLN D 54 14.24 -19.93 -63.79
C GLN D 54 15.49 -20.48 -64.46
N PHE D 55 15.79 -21.75 -64.21
CA PHE D 55 16.96 -22.41 -64.77
C PHE D 55 16.53 -23.52 -65.71
N GLU D 56 17.48 -23.97 -66.52
CA GLU D 56 17.27 -25.12 -67.38
C GLU D 56 17.53 -26.41 -66.62
N GLN D 57 16.98 -27.51 -67.14
CA GLN D 57 17.13 -28.80 -66.48
C GLN D 57 18.59 -29.22 -66.43
N ASP D 58 18.93 -30.01 -65.42
CA ASP D 58 20.28 -30.54 -65.19
C ASP D 58 21.32 -29.45 -64.99
N ASN D 59 20.90 -28.19 -64.83
CA ASN D 59 21.78 -27.08 -64.53
C ASN D 59 21.37 -26.38 -63.24
N LEU D 60 20.55 -27.03 -62.43
CA LEU D 60 19.99 -26.42 -61.23
C LEU D 60 21.08 -26.17 -60.19
N PRO D 61 21.25 -24.93 -59.72
CA PRO D 61 22.24 -24.67 -58.69
C PRO D 61 21.80 -25.22 -57.34
N ALA D 62 22.78 -25.63 -56.54
CA ALA D 62 22.50 -26.15 -55.22
C ALA D 62 22.02 -25.03 -54.30
N ILE D 63 21.49 -25.43 -53.14
CA ILE D 63 21.00 -24.45 -52.17
C ILE D 63 22.18 -23.78 -51.49
N LEU D 64 21.97 -22.53 -51.07
CA LEU D 64 23.01 -21.70 -50.45
C LEU D 64 24.13 -21.38 -51.43
N ASN D 65 23.77 -21.17 -52.70
CA ASN D 65 24.72 -20.77 -53.73
C ASN D 65 24.64 -19.26 -53.95
N ALA D 66 25.48 -18.77 -54.85
CA ALA D 66 25.56 -17.35 -55.16
C ALA D 66 25.23 -17.14 -56.63
N LEU D 67 24.22 -16.32 -56.90
CA LEU D 67 23.80 -15.97 -58.25
C LEU D 67 24.05 -14.49 -58.48
N THR D 68 24.58 -14.15 -59.66
CA THR D 68 25.01 -12.80 -59.98
C THR D 68 24.20 -12.27 -61.16
N ILE D 69 23.49 -11.18 -60.94
CA ILE D 69 22.81 -10.44 -62.00
C ILE D 69 23.69 -9.25 -62.36
N ASP D 70 24.15 -9.22 -63.62
CA ASP D 70 25.23 -8.33 -64.02
C ASP D 70 24.71 -6.91 -64.21
N ARG D 71 25.16 -6.00 -63.35
CA ARG D 71 25.12 -4.57 -63.63
C ARG D 71 26.51 -4.15 -64.09
N GLY D 72 26.54 -3.32 -65.14
CA GLY D 72 27.77 -3.00 -65.85
C GLY D 72 29.01 -2.70 -65.02
N GLU D 73 28.82 -2.05 -63.88
CA GLU D 73 29.92 -1.62 -63.03
C GLU D 73 30.14 -2.64 -61.91
N GLY D 74 30.92 -2.25 -60.91
CA GLY D 74 31.15 -3.10 -59.76
C GLY D 74 29.96 -3.12 -58.83
N ASN D 75 30.12 -3.87 -57.73
CA ASN D 75 29.08 -4.01 -56.71
C ASN D 75 27.79 -4.56 -57.31
N LYS D 76 27.92 -5.51 -58.23
CA LYS D 76 26.76 -6.06 -58.92
C LYS D 76 25.90 -6.87 -57.95
N LEU D 77 24.66 -7.12 -58.38
CA LEU D 77 23.69 -7.80 -57.52
C LEU D 77 24.05 -9.26 -57.34
N VAL D 78 23.85 -9.75 -56.12
CA VAL D 78 24.07 -11.15 -55.76
C VAL D 78 22.78 -11.70 -55.17
N LEU D 79 22.50 -12.97 -55.45
CA LEU D 79 21.32 -13.64 -54.91
C LEU D 79 21.75 -14.89 -54.15
N GLU D 80 20.97 -15.23 -53.12
CA GLU D 80 21.25 -16.36 -52.23
C GLU D 80 20.15 -17.39 -52.39
N VAL D 81 20.49 -18.56 -52.92
CA VAL D 81 19.50 -19.61 -53.17
C VAL D 81 18.97 -20.11 -51.84
N ALA D 82 17.66 -20.00 -51.64
CA ALA D 82 17.01 -20.40 -50.41
C ALA D 82 16.17 -21.67 -50.56
N GLN D 83 15.36 -21.75 -51.62
CA GLN D 83 14.44 -22.86 -51.80
C GLN D 83 14.49 -23.37 -53.23
N HIS D 84 14.05 -24.62 -53.40
CA HIS D 84 13.85 -25.24 -54.70
C HIS D 84 12.34 -25.43 -54.86
N LEU D 85 11.69 -24.45 -55.50
CA LEU D 85 10.23 -24.48 -55.62
C LEU D 85 9.75 -25.58 -56.55
N GLY D 86 10.63 -26.15 -57.38
CA GLY D 86 10.25 -27.13 -58.37
C GLY D 86 10.10 -26.51 -59.75
N GLU D 87 9.90 -27.40 -60.72
CA GLU D 87 9.77 -26.99 -62.13
C GLU D 87 10.98 -26.17 -62.58
N ASN D 88 12.17 -26.57 -62.12
CA ASN D 88 13.42 -25.89 -62.44
C ASN D 88 13.39 -24.41 -62.05
N THR D 89 12.71 -24.10 -60.95
CA THR D 89 12.59 -22.73 -60.45
C THR D 89 13.19 -22.66 -59.05
N VAL D 90 13.96 -21.60 -58.79
CA VAL D 90 14.64 -21.43 -57.52
C VAL D 90 14.26 -20.08 -56.93
N ARG D 91 13.95 -20.07 -55.63
CA ARG D 91 13.58 -18.85 -54.92
C ARG D 91 14.77 -18.35 -54.12
N THR D 92 15.26 -17.16 -54.45
CA THR D 92 16.47 -16.61 -53.84
C THR D 92 16.14 -15.39 -53.01
N ILE D 93 17.14 -14.95 -52.23
CA ILE D 93 17.03 -13.79 -51.37
C ILE D 93 18.07 -12.77 -51.82
N ALA D 94 17.62 -11.53 -52.03
CA ALA D 94 18.51 -10.50 -52.56
C ALA D 94 19.52 -10.04 -51.51
N MET D 95 20.73 -9.78 -51.97
CA MET D 95 21.78 -9.19 -51.13
C MET D 95 21.88 -7.68 -51.31
N ASP D 96 21.00 -7.08 -52.09
CA ASP D 96 21.01 -5.63 -52.32
C ASP D 96 19.61 -5.22 -52.76
N GLY D 97 19.48 -3.99 -53.24
CA GLY D 97 18.18 -3.51 -53.69
C GLY D 97 17.76 -4.17 -54.99
N THR D 98 16.45 -4.40 -55.12
CA THR D 98 15.89 -5.06 -56.30
C THR D 98 15.27 -4.09 -57.29
N GLU D 99 15.39 -2.79 -57.06
CA GLU D 99 14.86 -1.82 -58.01
C GLU D 99 15.66 -1.84 -59.30
N GLY D 100 14.96 -1.71 -60.42
CA GLY D 100 15.58 -1.79 -61.72
C GLY D 100 15.61 -3.18 -62.34
N LEU D 101 15.27 -4.22 -61.57
CA LEU D 101 15.28 -5.57 -62.10
C LEU D 101 14.15 -5.75 -63.11
N VAL D 102 14.47 -6.43 -64.21
CA VAL D 102 13.52 -6.69 -65.28
C VAL D 102 13.40 -8.21 -65.45
N ARG D 103 12.16 -8.69 -65.54
CA ARG D 103 11.92 -10.11 -65.73
C ARG D 103 12.47 -10.57 -67.07
N GLY D 104 13.31 -11.60 -67.05
CA GLY D 104 13.92 -12.14 -68.25
C GLY D 104 15.43 -11.94 -68.34
N THR D 105 16.02 -11.11 -67.50
CA THR D 105 17.46 -10.89 -67.54
C THR D 105 18.21 -12.15 -67.11
N SER D 106 19.39 -12.34 -67.68
CA SER D 106 20.17 -13.53 -67.41
C SER D 106 20.79 -13.48 -66.01
N VAL D 107 20.87 -14.65 -65.38
CA VAL D 107 21.42 -14.80 -64.04
C VAL D 107 22.51 -15.86 -64.08
N ALA D 108 23.72 -15.47 -63.71
CA ALA D 108 24.85 -16.39 -63.70
C ALA D 108 24.91 -17.15 -62.39
N ASP D 109 25.34 -18.41 -62.47
CA ASP D 109 25.52 -19.27 -61.31
C ASP D 109 27.01 -19.52 -61.11
N THR D 110 27.55 -19.01 -60.00
CA THR D 110 28.95 -19.24 -59.68
C THR D 110 29.22 -20.67 -59.22
N GLY D 111 28.19 -21.48 -59.01
CA GLY D 111 28.37 -22.84 -58.55
C GLY D 111 29.00 -22.96 -57.18
N ALA D 112 28.93 -21.92 -56.36
CA ALA D 112 29.55 -21.91 -55.04
C ALA D 112 28.90 -20.81 -54.21
N PRO D 113 28.85 -20.99 -52.88
CA PRO D 113 28.32 -19.92 -52.02
C PRO D 113 29.13 -18.65 -52.11
N ILE D 114 28.67 -17.60 -51.42
CA ILE D 114 29.37 -16.32 -51.41
C ILE D 114 30.76 -16.51 -50.81
N THR D 115 31.78 -16.54 -51.66
CA THR D 115 33.15 -16.72 -51.23
C THR D 115 33.80 -15.35 -51.01
N ILE D 116 34.32 -15.13 -49.81
CA ILE D 116 34.92 -13.86 -49.44
C ILE D 116 36.44 -14.00 -49.41
N PRO D 117 37.20 -12.94 -49.63
CA PRO D 117 38.66 -13.02 -49.47
C PRO D 117 39.04 -13.10 -48.00
N VAL D 118 39.70 -14.19 -47.62
CA VAL D 118 40.12 -14.41 -46.25
C VAL D 118 41.64 -14.41 -46.19
N GLY D 119 42.17 -14.09 -45.01
CA GLY D 119 43.61 -14.03 -44.82
C GLY D 119 44.04 -12.85 -43.98
N ARG D 120 45.35 -12.69 -43.79
CA ARG D 120 45.87 -11.59 -43.01
C ARG D 120 45.83 -10.27 -43.77
N GLY D 121 45.53 -10.29 -45.07
CA GLY D 121 45.37 -9.08 -45.83
C GLY D 121 44.05 -8.36 -45.64
N THR D 122 43.12 -8.96 -44.89
CA THR D 122 41.84 -8.34 -44.61
C THR D 122 41.89 -7.36 -43.45
N LEU D 123 43.03 -7.25 -42.76
CA LEU D 123 43.12 -6.39 -41.58
C LEU D 123 43.12 -4.93 -41.99
N GLY D 124 42.33 -4.12 -41.28
CA GLY D 124 42.26 -2.70 -41.56
C GLY D 124 41.44 -2.33 -42.77
N ARG D 125 40.58 -3.23 -43.25
CA ARG D 125 39.74 -2.99 -44.41
C ARG D 125 38.28 -3.04 -44.01
N ILE D 126 37.46 -2.29 -44.73
CA ILE D 126 36.01 -2.24 -44.51
C ILE D 126 35.35 -3.00 -45.65
N ILE D 127 34.81 -4.17 -45.34
CA ILE D 127 34.27 -5.09 -46.35
C ILE D 127 32.79 -5.33 -46.06
N ASN D 128 32.03 -5.52 -47.14
CA ASN D 128 30.61 -5.81 -47.03
C ASN D 128 30.40 -7.32 -46.92
N VAL D 129 29.15 -7.77 -47.00
CA VAL D 129 28.85 -9.19 -46.90
C VAL D 129 29.32 -9.94 -48.14
N CYS D 130 29.26 -9.29 -49.31
CA CYS D 130 29.64 -9.95 -50.56
C CYS D 130 31.13 -10.27 -50.62
N GLY D 131 31.94 -9.62 -49.78
CA GLY D 131 33.37 -9.77 -49.84
C GLY D 131 34.09 -8.68 -50.61
N GLU D 132 33.45 -7.53 -50.82
CA GLU D 132 34.01 -6.43 -51.58
C GLU D 132 34.31 -5.24 -50.67
N PRO D 133 35.42 -4.55 -50.89
CA PRO D 133 35.77 -3.41 -50.03
C PRO D 133 34.93 -2.19 -50.37
N ILE D 134 34.53 -1.45 -49.33
CA ILE D 134 33.79 -0.21 -49.48
C ILE D 134 34.54 0.97 -48.89
N ASP D 135 35.82 0.81 -48.55
CA ASP D 135 36.67 1.89 -48.10
C ASP D 135 37.49 2.49 -49.24
N GLU D 136 37.17 2.11 -50.49
CA GLU D 136 37.81 2.60 -51.72
C GLU D 136 39.33 2.72 -51.63
N ARG D 137 39.95 1.85 -50.83
CA ARG D 137 41.40 1.81 -50.71
C ARG D 137 42.03 0.71 -51.57
N GLY D 138 41.29 0.21 -52.56
CA GLY D 138 41.85 -0.76 -53.48
C GLY D 138 41.40 -2.18 -53.20
N PRO D 139 41.81 -3.11 -54.06
CA PRO D 139 41.41 -4.52 -53.87
C PRO D 139 41.99 -5.11 -52.59
N ILE D 140 41.52 -6.30 -52.26
CA ILE D 140 41.89 -7.00 -51.04
C ILE D 140 42.90 -8.08 -51.40
N GLU D 141 44.07 -8.03 -50.77
CA GLU D 141 45.14 -8.98 -51.05
C GLU D 141 44.87 -10.27 -50.27
N ALA D 142 44.68 -11.37 -51.00
CA ALA D 142 44.46 -12.67 -50.38
C ALA D 142 44.76 -13.75 -51.41
N THR D 143 44.96 -14.98 -50.91
CA THR D 143 45.23 -16.12 -51.76
C THR D 143 44.12 -17.15 -51.67
N LYS D 144 43.95 -17.81 -50.53
CA LYS D 144 42.92 -18.82 -50.38
C LYS D 144 41.57 -18.17 -50.07
N PHE D 145 40.50 -18.75 -50.62
CA PHE D 145 39.15 -18.24 -50.43
C PHE D 145 38.28 -19.31 -49.77
N LEU D 146 37.37 -18.86 -48.90
CA LEU D 146 36.50 -19.76 -48.17
C LEU D 146 35.07 -19.26 -48.21
N PRO D 147 34.10 -20.17 -48.32
CA PRO D 147 32.69 -19.76 -48.36
C PRO D 147 32.21 -19.26 -47.00
N ILE D 148 31.05 -18.61 -47.01
CA ILE D 148 30.47 -18.08 -45.77
C ILE D 148 29.69 -19.15 -45.02
N HIS D 149 29.22 -20.19 -45.70
CA HIS D 149 28.50 -21.29 -45.07
C HIS D 149 29.41 -22.49 -44.91
N ALA D 150 29.45 -23.05 -43.70
CA ALA D 150 30.31 -24.19 -43.42
C ALA D 150 29.77 -24.92 -42.21
N ASP D 151 30.01 -26.23 -42.16
CA ASP D 151 29.51 -27.04 -41.07
C ASP D 151 30.26 -26.70 -39.78
N PRO D 152 29.56 -26.60 -38.65
CA PRO D 152 30.23 -26.28 -37.38
C PRO D 152 31.08 -27.45 -36.92
N PRO D 153 32.07 -27.19 -36.07
CA PRO D 153 32.95 -28.27 -35.61
C PRO D 153 32.18 -29.37 -34.88
N THR D 154 32.62 -30.60 -35.08
CA THR D 154 31.94 -31.75 -34.50
C THR D 154 32.15 -31.81 -32.99
N PHE D 155 31.42 -32.72 -32.34
CA PHE D 155 31.54 -32.91 -30.91
C PHE D 155 32.88 -33.50 -30.51
N ALA D 156 33.55 -34.24 -31.41
CA ALA D 156 34.83 -34.85 -31.09
C ALA D 156 35.98 -33.86 -31.08
N GLU D 157 35.83 -32.71 -31.74
CA GLU D 157 36.89 -31.71 -31.83
C GLU D 157 36.59 -30.47 -30.99
N GLN D 158 35.67 -30.57 -30.04
CA GLN D 158 35.37 -29.46 -29.15
C GLN D 158 36.42 -29.37 -28.05
N SER D 159 36.73 -28.14 -27.65
CA SER D 159 37.73 -27.87 -26.62
C SER D 159 37.07 -27.19 -25.43
N THR D 160 37.38 -27.68 -24.23
CA THR D 160 36.83 -27.14 -22.99
C THR D 160 37.85 -26.19 -22.38
N THR D 161 37.55 -24.89 -22.45
CA THR D 161 38.45 -23.85 -21.95
C THR D 161 37.76 -23.07 -20.86
N ALA D 162 38.31 -23.14 -19.65
CA ALA D 162 37.79 -22.41 -18.50
C ALA D 162 38.83 -21.38 -18.07
N GLU D 163 39.03 -20.37 -18.92
CA GLU D 163 40.04 -19.35 -18.73
C GLU D 163 39.36 -17.99 -18.55
N VAL D 164 39.79 -17.25 -17.54
CA VAL D 164 39.22 -15.95 -17.21
C VAL D 164 39.91 -14.87 -18.03
N LEU D 165 39.12 -13.95 -18.58
CA LEU D 165 39.63 -12.83 -19.35
C LEU D 165 39.59 -11.57 -18.49
N GLU D 166 40.75 -10.95 -18.30
CA GLU D 166 40.85 -9.72 -17.52
C GLU D 166 40.38 -8.55 -18.38
N THR D 167 39.20 -8.01 -18.06
CA THR D 167 38.60 -6.93 -18.83
C THR D 167 39.12 -5.57 -18.41
N GLY D 168 39.08 -5.27 -17.11
CA GLY D 168 39.38 -3.95 -16.59
C GLY D 168 38.22 -3.28 -15.89
N ILE D 169 37.03 -3.86 -15.94
CA ILE D 169 35.84 -3.33 -15.26
C ILE D 169 35.65 -4.08 -13.96
N LYS D 170 35.26 -3.36 -12.91
CA LYS D 170 35.15 -3.96 -11.58
C LYS D 170 34.01 -4.96 -11.53
N VAL D 171 32.79 -4.53 -11.87
CA VAL D 171 31.63 -5.40 -11.77
C VAL D 171 31.76 -6.59 -12.71
N VAL D 172 32.46 -6.42 -13.83
CA VAL D 172 32.59 -7.51 -14.80
C VAL D 172 33.48 -8.62 -14.26
N ASP D 173 34.73 -8.28 -13.92
CA ASP D 173 35.68 -9.27 -13.43
C ASP D 173 35.43 -9.68 -11.98
N LEU D 174 34.21 -9.50 -11.48
CA LEU D 174 33.87 -9.92 -10.12
C LEU D 174 32.69 -10.87 -10.14
N LEU D 175 31.48 -10.34 -10.36
CA LEU D 175 30.27 -11.16 -10.29
C LEU D 175 30.18 -12.11 -11.48
N ALA D 176 30.39 -11.60 -12.69
CA ALA D 176 30.24 -12.38 -13.91
C ALA D 176 31.49 -12.23 -14.77
N PRO D 177 32.57 -12.95 -14.42
CA PRO D 177 33.79 -12.85 -15.21
C PRO D 177 33.62 -13.44 -16.60
N TYR D 178 34.25 -12.80 -17.59
CA TYR D 178 34.17 -13.27 -18.96
C TYR D 178 35.12 -14.43 -19.19
N ALA D 179 34.76 -15.30 -20.14
CA ALA D 179 35.54 -16.48 -20.46
C ALA D 179 36.29 -16.26 -21.77
N ARG D 180 37.62 -16.34 -21.71
CA ARG D 180 38.43 -16.22 -22.91
C ARG D 180 38.19 -17.42 -23.82
N GLY D 181 38.04 -17.14 -25.11
CA GLY D 181 37.68 -18.20 -26.04
C GLY D 181 36.24 -18.64 -25.95
N GLY D 182 35.38 -17.83 -25.33
CA GLY D 182 33.98 -18.17 -25.17
C GLY D 182 33.06 -17.21 -25.87
N LYS D 183 31.80 -17.16 -25.44
CA LYS D 183 30.76 -16.34 -26.08
C LYS D 183 30.11 -15.47 -25.02
N ILE D 184 30.33 -14.16 -25.12
CA ILE D 184 29.83 -13.19 -24.15
C ILE D 184 28.68 -12.42 -24.76
N GLY D 185 27.62 -12.20 -23.98
CA GLY D 185 26.46 -11.49 -24.46
C GLY D 185 26.09 -10.27 -23.63
N LEU D 186 25.81 -9.16 -24.31
CA LEU D 186 25.36 -7.94 -23.67
C LEU D 186 23.89 -7.72 -24.02
N PHE D 187 23.05 -7.51 -23.00
CA PHE D 187 21.62 -7.44 -23.19
C PHE D 187 21.08 -6.09 -22.74
N GLY D 188 19.76 -6.00 -22.62
CA GLY D 188 19.08 -4.75 -22.37
C GLY D 188 18.49 -4.17 -23.65
N GLY D 189 17.59 -3.21 -23.48
CA GLY D 189 16.92 -2.56 -24.59
C GLY D 189 17.74 -1.43 -25.16
N ALA D 190 17.06 -0.56 -25.90
CA ALA D 190 17.69 0.54 -26.61
C ALA D 190 17.92 1.70 -25.65
N GLY D 191 19.19 2.04 -25.42
CA GLY D 191 19.53 3.14 -24.55
C GLY D 191 20.09 2.76 -23.19
N VAL D 192 20.53 1.52 -23.01
CA VAL D 192 21.09 1.08 -21.75
C VAL D 192 22.61 1.05 -21.74
N GLY D 193 23.25 1.29 -22.88
CA GLY D 193 24.71 1.33 -22.94
C GLY D 193 25.34 0.04 -23.41
N LYS D 194 24.91 -0.46 -24.56
CA LYS D 194 25.47 -1.67 -25.13
C LYS D 194 26.62 -1.37 -26.09
N THR D 195 26.44 -0.41 -26.99
CA THR D 195 27.48 -0.07 -27.95
C THR D 195 28.67 0.60 -27.26
N VAL D 196 28.39 1.50 -26.31
CA VAL D 196 29.46 2.15 -25.56
C VAL D 196 30.25 1.12 -24.77
N PHE D 197 29.57 0.11 -24.23
CA PHE D 197 30.26 -0.96 -23.51
C PHE D 197 31.22 -1.71 -24.41
N ILE D 198 30.87 -1.86 -25.70
CA ILE D 198 31.75 -2.55 -26.64
C ILE D 198 32.96 -1.68 -26.96
N GLN D 199 32.73 -0.41 -27.27
CA GLN D 199 33.84 0.51 -27.53
C GLN D 199 34.79 0.62 -26.34
N GLU D 200 34.32 0.29 -25.14
CA GLU D 200 35.20 0.23 -23.98
C GLU D 200 36.00 -1.07 -23.96
N LEU D 201 35.37 -2.19 -24.31
CA LEU D 201 36.09 -3.47 -24.35
C LEU D 201 37.11 -3.52 -25.47
N ILE D 202 36.94 -2.73 -26.53
CA ILE D 202 37.94 -2.67 -27.58
C ILE D 202 39.20 -1.98 -27.07
N ASN D 203 39.04 -0.87 -26.36
CA ASN D 203 40.19 -0.12 -25.87
C ASN D 203 41.01 -0.95 -24.89
N ASN D 204 40.37 -1.84 -24.14
CA ASN D 204 41.06 -2.58 -23.08
C ASN D 204 41.68 -3.88 -23.59
N ILE D 205 40.98 -4.62 -24.43
CA ILE D 205 41.38 -5.98 -24.79
C ILE D 205 42.17 -6.01 -26.08
N ALA D 206 41.75 -5.26 -27.09
CA ALA D 206 42.33 -5.38 -28.44
C ALA D 206 43.83 -5.13 -28.45
N LYS D 207 44.38 -4.46 -27.44
CA LYS D 207 45.81 -4.29 -27.32
C LYS D 207 46.44 -5.25 -26.31
N ALA D 208 45.70 -5.62 -25.26
CA ALA D 208 46.19 -6.64 -24.34
C ALA D 208 46.14 -8.03 -24.96
N HIS D 209 45.20 -8.26 -25.87
CA HIS D 209 45.08 -9.54 -26.56
C HIS D 209 46.11 -9.61 -27.69
N GLY D 210 46.83 -10.73 -27.77
CA GLY D 210 47.90 -10.83 -28.73
C GLY D 210 47.42 -11.11 -30.15
N GLY D 211 46.45 -12.02 -30.28
CA GLY D 211 45.96 -12.43 -31.58
C GLY D 211 45.16 -11.35 -32.26
N PHE D 212 44.78 -11.65 -33.50
CA PHE D 212 44.04 -10.71 -34.33
C PHE D 212 42.60 -10.61 -33.86
N SER D 213 41.83 -9.74 -34.51
CA SER D 213 40.45 -9.50 -34.14
C SER D 213 39.63 -9.23 -35.39
N VAL D 214 38.32 -9.49 -35.29
CA VAL D 214 37.37 -9.27 -36.37
C VAL D 214 36.12 -8.64 -35.77
N PHE D 215 35.79 -7.43 -36.21
CA PHE D 215 34.63 -6.70 -35.71
C PHE D 215 33.57 -6.69 -36.81
N CYS D 216 32.55 -7.53 -36.66
CA CYS D 216 31.46 -7.63 -37.61
C CYS D 216 30.24 -6.89 -37.07
N GLY D 217 29.71 -5.97 -37.85
CA GLY D 217 28.54 -5.20 -37.46
C GLY D 217 27.30 -5.61 -38.23
N VAL D 218 26.30 -6.13 -37.51
CA VAL D 218 25.09 -6.67 -38.12
C VAL D 218 23.94 -5.71 -37.85
N GLY D 219 23.52 -5.00 -38.89
CA GLY D 219 22.33 -4.15 -38.83
C GLY D 219 22.35 -3.08 -37.77
N GLU D 220 23.39 -2.26 -37.75
CA GLU D 220 23.51 -1.18 -36.79
C GLU D 220 23.73 0.14 -37.53
N ARG D 221 23.80 1.22 -36.76
CA ARG D 221 23.94 2.56 -37.33
C ARG D 221 25.26 2.69 -38.09
N THR D 222 25.23 3.44 -39.18
CA THR D 222 26.43 3.61 -40.00
C THR D 222 27.41 4.58 -39.36
N ARG D 223 26.90 5.66 -38.75
CA ARG D 223 27.79 6.62 -38.12
C ARG D 223 28.55 6.00 -36.95
N GLU D 224 27.94 5.04 -36.26
CA GLU D 224 28.64 4.35 -35.18
C GLU D 224 29.82 3.54 -35.70
N GLY D 225 29.75 3.06 -36.94
CA GLY D 225 30.90 2.44 -37.55
C GLY D 225 31.97 3.45 -37.92
N ASN D 226 31.55 4.64 -38.40
CA ASN D 226 32.50 5.69 -38.71
C ASN D 226 33.11 6.27 -37.44
N ASP D 227 32.29 6.50 -36.41
CA ASP D 227 32.81 6.96 -35.13
C ASP D 227 33.75 5.94 -34.51
N LEU D 228 33.57 4.66 -34.84
CA LEU D 228 34.49 3.62 -34.39
C LEU D 228 35.69 3.47 -35.32
N TYR D 229 35.50 3.71 -36.62
CA TYR D 229 36.60 3.56 -37.57
C TYR D 229 37.69 4.60 -37.32
N ARG D 230 37.30 5.81 -36.92
CA ARG D 230 38.31 6.82 -36.60
C ARG D 230 39.15 6.42 -35.40
N GLU D 231 38.50 5.87 -34.36
CA GLU D 231 39.24 5.42 -33.19
C GLU D 231 40.17 4.28 -33.53
N MET D 232 39.83 3.48 -34.54
CA MET D 232 40.73 2.42 -34.98
C MET D 232 42.01 3.01 -35.57
N LYS D 233 41.90 4.11 -36.30
CA LYS D 233 43.06 4.76 -36.90
C LYS D 233 43.93 5.48 -35.87
N GLU D 234 43.41 5.71 -34.66
CA GLU D 234 44.15 6.43 -33.63
C GLU D 234 44.56 5.54 -32.46
N THR D 235 43.85 4.46 -32.20
CA THR D 235 44.25 3.53 -31.14
C THR D 235 45.55 2.82 -31.46
N GLY D 236 45.92 2.71 -32.74
CA GLY D 236 47.04 1.90 -33.16
C GLY D 236 46.65 0.55 -33.70
N VAL D 237 45.39 0.13 -33.49
CA VAL D 237 44.92 -1.15 -34.03
C VAL D 237 44.89 -1.10 -35.55
N ILE D 238 44.41 0.01 -36.11
CA ILE D 238 44.37 0.21 -37.55
C ILE D 238 45.28 1.37 -37.91
N ASN D 239 46.15 1.16 -38.90
CA ASN D 239 47.01 2.21 -39.41
C ASN D 239 47.13 2.06 -40.92
N LEU D 240 47.26 3.19 -41.60
CA LEU D 240 47.42 3.18 -43.05
C LEU D 240 48.89 3.09 -43.47
N GLU D 241 49.82 3.45 -42.59
CA GLU D 241 51.24 3.34 -42.91
C GLU D 241 51.72 1.90 -42.76
N GLY D 242 51.38 1.25 -41.64
CA GLY D 242 51.74 -0.13 -41.43
C GLY D 242 50.54 -1.04 -41.47
N GLU D 243 50.76 -2.34 -41.65
CA GLU D 243 49.66 -3.30 -41.75
C GLU D 243 48.90 -3.36 -40.43
N SER D 244 47.57 -3.29 -40.52
CA SER D 244 46.72 -3.15 -39.35
C SER D 244 46.60 -4.48 -38.60
N LYS D 245 45.61 -4.57 -37.70
CA LYS D 245 45.47 -5.74 -36.85
C LYS D 245 44.06 -6.30 -36.85
N VAL D 246 43.06 -5.44 -37.06
CA VAL D 246 41.65 -5.84 -36.98
C VAL D 246 41.02 -5.73 -38.36
N THR D 247 39.99 -6.55 -38.57
CA THR D 247 39.20 -6.54 -39.79
C THR D 247 37.80 -6.02 -39.48
N LEU D 248 37.28 -5.15 -40.36
CA LEU D 248 35.97 -4.54 -40.17
C LEU D 248 35.06 -4.99 -41.31
N VAL D 249 34.04 -5.78 -40.96
CA VAL D 249 33.03 -6.24 -41.91
C VAL D 249 31.68 -5.74 -41.41
N PHE D 250 31.14 -4.73 -42.07
CA PHE D 250 29.95 -4.03 -41.61
C PHE D 250 28.80 -4.22 -42.57
N GLY D 251 27.64 -4.60 -42.04
CA GLY D 251 26.40 -4.63 -42.79
C GLY D 251 25.35 -3.81 -42.07
N GLN D 252 25.21 -2.55 -42.45
CA GLN D 252 24.39 -1.61 -41.70
C GLN D 252 22.91 -1.95 -41.82
N MET D 253 22.09 -1.19 -41.09
CA MET D 253 20.64 -1.38 -41.10
C MET D 253 19.97 -0.81 -42.34
N ASN D 254 20.68 0.00 -43.13
CA ASN D 254 20.11 0.50 -44.38
C ASN D 254 20.10 -0.57 -45.47
N GLU D 255 20.87 -1.63 -45.32
CA GLU D 255 20.92 -2.70 -46.31
C GLU D 255 19.73 -3.65 -46.14
N PRO D 256 19.25 -4.24 -47.23
CA PRO D 256 18.02 -5.04 -47.17
C PRO D 256 18.18 -6.25 -46.25
N PRO D 257 17.07 -6.86 -45.81
CA PRO D 257 17.16 -7.97 -44.86
C PRO D 257 17.95 -9.16 -45.35
N GLY D 258 18.17 -9.31 -46.65
CA GLY D 258 19.00 -10.40 -47.14
C GLY D 258 20.47 -10.21 -46.81
N ALA D 259 20.91 -8.97 -46.64
CA ALA D 259 22.31 -8.70 -46.31
C ALA D 259 22.56 -8.81 -44.81
N ARG D 260 21.62 -8.34 -43.99
CA ARG D 260 21.81 -8.38 -42.54
C ARG D 260 21.76 -9.82 -42.01
N ALA D 261 21.09 -10.72 -42.71
CA ALA D 261 20.94 -12.09 -42.24
C ALA D 261 22.16 -12.97 -42.53
N ARG D 262 23.02 -12.56 -43.46
CA ARG D 262 24.19 -13.33 -43.82
C ARG D 262 25.50 -12.60 -43.60
N VAL D 263 25.45 -11.35 -43.12
CA VAL D 263 26.69 -10.60 -42.90
C VAL D 263 27.44 -11.14 -41.68
N ALA D 264 26.71 -11.71 -40.71
CA ALA D 264 27.39 -12.31 -39.56
C ALA D 264 28.16 -13.56 -39.96
N LEU D 265 27.69 -14.28 -40.99
CA LEU D 265 28.41 -15.43 -41.51
C LEU D 265 29.66 -15.02 -42.29
N THR D 266 29.74 -13.76 -42.72
CA THR D 266 30.91 -13.29 -43.46
C THR D 266 32.07 -13.00 -42.52
N GLY D 267 31.85 -12.14 -41.52
CA GLY D 267 32.88 -11.87 -40.53
C GLY D 267 33.28 -13.09 -39.72
N LEU D 268 32.41 -14.08 -39.63
CA LEU D 268 32.76 -15.32 -38.94
C LEU D 268 33.76 -16.13 -39.74
N THR D 269 33.66 -16.11 -41.07
CA THR D 269 34.60 -16.84 -41.91
C THR D 269 36.02 -16.33 -41.72
N ILE D 270 36.19 -15.02 -41.57
CA ILE D 270 37.51 -14.44 -41.38
C ILE D 270 38.10 -14.88 -40.05
N ALA D 271 37.27 -14.98 -39.02
CA ALA D 271 37.76 -15.40 -37.71
C ALA D 271 38.15 -16.86 -37.71
N GLU D 272 37.38 -17.71 -38.40
CA GLU D 272 37.69 -19.14 -38.44
C GLU D 272 38.97 -19.41 -39.22
N TYR D 273 39.26 -18.59 -40.24
CA TYR D 273 40.51 -18.74 -40.97
C TYR D 273 41.71 -18.44 -40.07
N PHE D 274 41.56 -17.48 -39.15
CA PHE D 274 42.60 -17.20 -38.17
C PHE D 274 42.65 -18.24 -37.05
N ARG D 275 41.62 -19.06 -36.92
CA ARG D 275 41.59 -20.13 -35.93
C ARG D 275 42.08 -21.46 -36.49
N ASP D 276 41.67 -21.80 -37.71
CA ASP D 276 42.00 -23.09 -38.31
C ASP D 276 43.32 -23.07 -39.08
N GLU D 277 43.59 -22.00 -39.83
CA GLU D 277 44.79 -21.92 -40.64
C GLU D 277 45.92 -21.16 -39.96
N GLU D 278 45.61 -20.14 -39.15
CA GLU D 278 46.64 -19.38 -38.45
C GLU D 278 46.84 -19.83 -37.01
N GLY D 279 45.83 -20.45 -36.39
CA GLY D 279 45.95 -20.94 -35.03
C GLY D 279 46.11 -19.87 -33.98
N GLN D 280 45.51 -18.71 -34.18
CA GLN D 280 45.63 -17.60 -33.26
C GLN D 280 44.35 -17.43 -32.44
N ASP D 281 44.51 -16.81 -31.27
CA ASP D 281 43.37 -16.47 -30.42
C ASP D 281 42.73 -15.19 -30.94
N VAL D 282 41.48 -15.28 -31.38
CA VAL D 282 40.84 -14.21 -32.12
C VAL D 282 39.69 -13.65 -31.29
N LEU D 283 39.50 -12.33 -31.37
CA LEU D 283 38.36 -11.64 -30.78
C LEU D 283 37.32 -11.39 -31.87
N LEU D 284 36.06 -11.71 -31.57
CA LEU D 284 34.97 -11.61 -32.54
C LEU D 284 33.81 -10.82 -31.91
N PHE D 285 33.90 -9.49 -31.96
CA PHE D 285 32.86 -8.64 -31.42
C PHE D 285 31.69 -8.57 -32.40
N VAL D 286 30.51 -8.96 -31.95
CA VAL D 286 29.30 -8.97 -32.77
C VAL D 286 28.35 -7.90 -32.24
N ASP D 287 27.89 -7.02 -33.13
CA ASP D 287 26.97 -5.96 -32.76
C ASP D 287 26.19 -5.49 -33.98
N ASN D 288 24.91 -5.84 -34.05
CA ASN D 288 24.24 -6.60 -33.00
C ASN D 288 23.73 -7.94 -33.54
N ILE D 289 23.81 -8.98 -32.71
CA ILE D 289 23.41 -10.32 -33.14
C ILE D 289 21.89 -10.45 -33.22
N PHE D 290 21.15 -9.53 -32.59
CA PHE D 290 19.69 -9.58 -32.68
C PHE D 290 19.21 -9.29 -34.10
N ARG D 291 19.92 -8.43 -34.84
CA ARG D 291 19.51 -8.11 -36.20
C ARG D 291 19.61 -9.32 -37.12
N PHE D 292 20.57 -10.22 -36.86
CA PHE D 292 20.65 -11.46 -37.62
C PHE D 292 19.36 -12.28 -37.48
N THR D 293 18.83 -12.38 -36.26
CA THR D 293 17.56 -13.07 -36.06
C THR D 293 16.40 -12.28 -36.64
N GLN D 294 16.45 -10.95 -36.49
CA GLN D 294 15.36 -10.12 -37.00
C GLN D 294 15.31 -10.16 -38.52
N ALA D 295 16.46 -10.08 -39.19
CA ALA D 295 16.47 -10.11 -40.65
C ALA D 295 15.94 -11.43 -41.18
N GLY D 296 16.11 -12.52 -40.43
CA GLY D 296 15.53 -13.79 -40.81
C GLY D 296 14.02 -13.82 -40.71
N SER D 297 13.42 -12.96 -39.89
CA SER D 297 11.98 -12.85 -39.78
C SER D 297 11.36 -11.98 -40.86
N GLU D 298 12.11 -10.97 -41.35
CA GLU D 298 11.60 -10.13 -42.42
C GLU D 298 11.59 -10.85 -43.76
N VAL D 299 12.36 -11.92 -43.91
CA VAL D 299 12.43 -12.65 -45.17
C VAL D 299 11.52 -13.88 -45.10
N SER D 300 11.38 -14.47 -43.90
CA SER D 300 10.61 -15.68 -43.77
C SER D 300 9.15 -15.48 -44.16
N ALA D 301 8.62 -14.26 -43.95
CA ALA D 301 7.25 -13.98 -44.35
C ALA D 301 7.10 -14.05 -45.87
N LEU D 302 8.02 -13.44 -46.60
CA LEU D 302 7.94 -13.45 -48.05
C LEU D 302 8.30 -14.81 -48.65
N LEU D 303 9.01 -15.65 -47.91
CA LEU D 303 9.33 -17.00 -48.34
C LEU D 303 8.21 -18.00 -48.02
N GLY D 304 7.04 -17.52 -47.66
CA GLY D 304 5.89 -18.38 -47.41
C GLY D 304 6.04 -19.30 -46.23
N ARG D 305 6.34 -18.74 -45.07
CA ARG D 305 6.46 -19.50 -43.82
C ARG D 305 5.39 -19.06 -42.85
N ILE D 306 4.81 -20.02 -42.14
CA ILE D 306 3.80 -19.74 -41.13
C ILE D 306 4.49 -19.06 -39.95
N PRO D 307 4.11 -17.82 -39.61
CA PRO D 307 4.83 -17.09 -38.56
C PRO D 307 4.64 -17.75 -37.19
N SER D 308 5.72 -17.80 -36.43
CA SER D 308 5.69 -18.38 -35.09
C SER D 308 5.24 -17.34 -34.07
N ALA D 309 5.65 -17.52 -32.81
CA ALA D 309 5.26 -16.59 -31.77
C ALA D 309 5.96 -15.25 -31.95
N VAL D 310 5.24 -14.17 -31.65
CA VAL D 310 5.73 -12.79 -31.75
C VAL D 310 6.25 -12.55 -33.17
N GLY D 311 5.56 -13.10 -34.16
CA GLY D 311 5.92 -12.86 -35.55
C GLY D 311 7.29 -13.34 -35.96
N TYR D 312 7.88 -14.26 -35.21
CA TYR D 312 9.20 -14.76 -35.53
C TYR D 312 9.10 -15.96 -36.48
N GLN D 313 10.25 -16.34 -37.04
CA GLN D 313 10.30 -17.42 -38.01
C GLN D 313 10.31 -18.77 -37.30
N PRO D 314 9.77 -19.82 -37.96
CA PRO D 314 9.84 -21.16 -37.34
C PRO D 314 11.26 -21.64 -37.12
N THR D 315 12.17 -21.35 -38.05
CA THR D 315 13.58 -21.70 -37.91
C THR D 315 14.26 -20.63 -37.04
N LEU D 316 13.93 -20.66 -35.76
CA LEU D 316 14.44 -19.68 -34.80
C LEU D 316 15.71 -20.18 -34.12
N ALA D 317 15.63 -21.31 -33.41
CA ALA D 317 16.80 -21.84 -32.72
C ALA D 317 17.82 -22.42 -33.70
N THR D 318 17.35 -23.01 -34.79
CA THR D 318 18.27 -23.65 -35.74
C THR D 318 19.10 -22.61 -36.49
N ASP D 319 18.45 -21.56 -37.02
CA ASP D 319 19.19 -20.53 -37.73
C ASP D 319 20.17 -19.83 -36.81
N MET D 320 19.79 -19.60 -35.56
CA MET D 320 20.74 -19.06 -34.59
C MET D 320 21.78 -20.10 -34.20
N GLY D 321 21.36 -21.36 -34.04
CA GLY D 321 22.30 -22.42 -33.70
C GLY D 321 23.30 -22.70 -34.80
N ALA D 322 22.91 -22.51 -36.06
CA ALA D 322 23.82 -22.69 -37.18
C ALA D 322 24.86 -21.59 -37.28
N LEU D 323 24.78 -20.58 -36.42
CA LEU D 323 25.75 -19.50 -36.35
C LEU D 323 26.49 -19.45 -35.02
N GLN D 324 25.82 -19.79 -33.92
CA GLN D 324 26.44 -19.76 -32.60
C GLN D 324 27.35 -20.95 -32.35
N GLU D 325 27.15 -22.07 -33.06
CA GLU D 325 27.99 -23.24 -32.86
C GLU D 325 29.31 -23.11 -33.61
N ARG D 326 29.32 -22.42 -34.76
CA ARG D 326 30.56 -22.15 -35.45
C ARG D 326 31.49 -21.22 -34.66
N ILE D 327 30.93 -20.41 -33.77
CA ILE D 327 31.74 -19.50 -32.95
C ILE D 327 32.08 -20.26 -31.67
N THR D 328 33.11 -21.09 -31.76
CA THR D 328 33.55 -21.88 -30.61
C THR D 328 35.05 -22.07 -30.67
N THR D 329 35.62 -22.41 -29.52
CA THR D 329 37.06 -22.65 -29.40
C THR D 329 37.36 -24.11 -29.66
N THR D 330 38.13 -24.39 -30.71
CA THR D 330 38.54 -25.74 -31.04
C THR D 330 39.93 -25.99 -30.47
N GLN D 331 40.50 -27.15 -30.79
CA GLN D 331 41.84 -27.50 -30.34
C GLN D 331 42.93 -26.87 -31.20
N LYS D 332 42.59 -26.37 -32.39
CA LYS D 332 43.56 -25.68 -33.22
C LYS D 332 43.79 -24.26 -32.71
N GLY D 333 42.77 -23.41 -32.83
CA GLY D 333 42.82 -22.05 -32.33
C GLY D 333 41.67 -21.76 -31.40
N SER D 334 41.62 -20.52 -30.93
CA SER D 334 40.59 -20.06 -30.00
C SER D 334 39.95 -18.80 -30.53
N VAL D 335 38.64 -18.68 -30.33
CA VAL D 335 37.87 -17.53 -30.80
C VAL D 335 37.02 -17.01 -29.64
N THR D 336 37.31 -15.79 -29.20
CA THR D 336 36.54 -15.11 -28.17
C THR D 336 35.54 -14.17 -28.85
N SER D 337 34.29 -14.19 -28.39
CA SER D 337 33.22 -13.42 -29.01
C SER D 337 32.42 -12.69 -27.96
N VAL D 338 32.30 -11.37 -28.12
CA VAL D 338 31.49 -10.51 -27.26
C VAL D 338 30.33 -10.02 -28.12
N GLN D 339 29.19 -10.69 -28.03
CA GLN D 339 28.04 -10.43 -28.89
C GLN D 339 27.01 -9.59 -28.13
N ALA D 340 26.86 -8.33 -28.51
CA ALA D 340 25.77 -7.53 -27.98
C ALA D 340 24.45 -8.04 -28.52
N VAL D 341 23.45 -8.16 -27.64
CA VAL D 341 22.14 -8.69 -28.00
C VAL D 341 21.09 -7.64 -27.63
N TYR D 342 20.38 -7.15 -28.64
CA TYR D 342 19.28 -6.23 -28.40
C TYR D 342 18.08 -6.97 -27.84
N VAL D 343 17.40 -6.35 -26.88
CA VAL D 343 16.24 -6.93 -26.22
C VAL D 343 15.02 -6.08 -26.59
N PRO D 344 14.09 -6.61 -27.39
CA PRO D 344 12.94 -5.81 -27.84
C PRO D 344 12.09 -5.35 -26.67
N ALA D 345 11.95 -4.02 -26.53
CA ALA D 345 11.08 -3.40 -25.53
C ALA D 345 11.42 -3.84 -24.12
N ASP D 346 12.71 -4.08 -23.84
CA ASP D 346 13.19 -4.51 -22.53
C ASP D 346 12.53 -5.81 -22.08
N ASP D 347 12.08 -6.63 -23.03
CA ASP D 347 11.37 -7.87 -22.72
C ASP D 347 12.33 -9.05 -22.86
N LEU D 348 12.84 -9.54 -21.73
CA LEU D 348 13.74 -10.68 -21.76
C LEU D 348 13.03 -11.97 -22.14
N THR D 349 11.70 -12.01 -22.03
CA THR D 349 10.93 -13.17 -22.45
C THR D 349 10.71 -13.22 -23.96
N ASP D 350 11.26 -12.25 -24.70
CA ASP D 350 11.14 -12.27 -26.14
C ASP D 350 11.87 -13.48 -26.71
N PRO D 351 11.35 -14.12 -27.77
CA PRO D 351 11.99 -15.33 -28.29
C PRO D 351 13.39 -15.11 -28.82
N ALA D 352 13.77 -13.88 -29.18
CA ALA D 352 15.07 -13.65 -29.79
C ALA D 352 16.21 -13.69 -28.77
N PRO D 353 16.14 -12.94 -27.64
CA PRO D 353 17.24 -13.03 -26.67
C PRO D 353 17.18 -14.27 -25.81
N ALA D 354 15.97 -14.79 -25.57
CA ALA D 354 15.82 -15.96 -24.71
C ALA D 354 16.53 -17.18 -25.30
N THR D 355 16.56 -17.30 -26.62
CA THR D 355 17.30 -18.39 -27.26
C THR D 355 18.80 -18.17 -27.21
N THR D 356 19.25 -16.93 -27.03
CA THR D 356 20.67 -16.63 -27.00
C THR D 356 21.30 -17.03 -25.66
N PHE D 357 20.50 -17.10 -24.59
CA PHE D 357 21.04 -17.40 -23.27
C PHE D 357 21.72 -18.77 -23.24
N ALA D 358 21.16 -19.74 -23.97
CA ALA D 358 21.70 -21.10 -23.92
C ALA D 358 23.03 -21.22 -24.66
N HIS D 359 23.36 -20.28 -25.53
CA HIS D 359 24.61 -20.34 -26.28
C HIS D 359 25.77 -19.65 -25.59
N LEU D 360 25.49 -18.74 -24.66
CA LEU D 360 26.53 -17.92 -24.05
C LEU D 360 27.14 -18.61 -22.84
N ASP D 361 28.43 -18.35 -22.63
CA ASP D 361 29.13 -18.80 -21.43
C ASP D 361 29.02 -17.80 -20.28
N ALA D 362 28.86 -16.51 -20.60
CA ALA D 362 28.73 -15.48 -19.58
C ALA D 362 27.80 -14.40 -20.11
N THR D 363 26.82 -14.01 -19.29
CA THR D 363 25.82 -13.02 -19.67
C THR D 363 25.99 -11.75 -18.84
N THR D 364 25.74 -10.61 -19.48
CA THR D 364 25.85 -9.30 -18.84
C THR D 364 24.57 -8.52 -19.17
N VAL D 365 23.56 -8.69 -18.33
CA VAL D 365 22.26 -8.06 -18.55
C VAL D 365 22.32 -6.60 -18.09
N LEU D 366 21.96 -5.69 -18.98
CA LEU D 366 21.92 -4.26 -18.68
C LEU D 366 20.47 -3.85 -18.44
N SER D 367 20.18 -3.44 -17.20
CA SER D 367 18.84 -3.02 -16.83
C SER D 367 18.66 -1.53 -17.08
N ARG D 368 17.50 -1.15 -17.61
CA ARG D 368 17.22 0.25 -17.87
C ARG D 368 17.02 1.04 -16.58
N GLY D 369 16.43 0.41 -15.56
CA GLY D 369 16.25 1.10 -14.29
C GLY D 369 17.55 1.51 -13.64
N ILE D 370 18.64 0.81 -13.94
CA ILE D 370 19.94 1.21 -13.44
C ILE D 370 20.48 2.42 -14.21
N SER D 371 20.18 2.51 -15.50
CA SER D 371 20.61 3.67 -16.28
C SER D 371 19.85 4.93 -15.88
N GLU D 372 18.57 4.79 -15.51
CA GLU D 372 17.78 5.96 -15.14
C GLU D 372 18.30 6.62 -13.87
N LEU D 373 18.96 5.84 -13.00
CA LEU D 373 19.54 6.41 -11.79
C LEU D 373 20.84 7.16 -12.06
N GLY D 374 21.45 6.95 -13.22
CA GLY D 374 22.75 7.52 -13.51
C GLY D 374 23.93 6.61 -13.23
N ILE D 375 23.71 5.31 -13.14
CA ILE D 375 24.75 4.34 -12.83
C ILE D 375 25.20 3.68 -14.12
N TYR D 376 26.46 3.90 -14.49
CA TYR D 376 27.04 3.27 -15.67
C TYR D 376 28.35 2.58 -15.32
N PRO D 377 28.51 1.33 -15.76
CA PRO D 377 27.58 0.56 -16.60
C PRO D 377 26.36 0.07 -15.84
N ALA D 378 25.22 -0.01 -16.53
CA ALA D 378 23.98 -0.49 -15.93
C ALA D 378 23.92 -2.00 -15.80
N VAL D 379 25.04 -2.63 -15.50
CA VAL D 379 25.09 -4.09 -15.36
C VAL D 379 24.25 -4.49 -14.15
N ASP D 380 23.26 -5.34 -14.39
CA ASP D 380 22.44 -5.87 -13.31
C ASP D 380 23.32 -6.75 -12.43
N PRO D 381 23.57 -6.38 -11.17
CA PRO D 381 24.51 -7.13 -10.35
C PRO D 381 23.98 -8.48 -9.88
N LEU D 382 22.74 -8.83 -10.19
CA LEU D 382 22.15 -10.11 -9.83
C LEU D 382 21.83 -10.97 -11.04
N ASP D 383 21.39 -10.37 -12.14
CA ASP D 383 21.03 -11.14 -13.33
C ASP D 383 22.23 -11.49 -14.18
N SER D 384 23.33 -10.73 -14.08
CA SER D 384 24.53 -11.00 -14.85
C SER D 384 25.26 -12.18 -14.23
N LYS D 385 25.30 -13.29 -14.94
CA LYS D 385 25.89 -14.53 -14.45
C LYS D 385 27.08 -14.93 -15.32
N SER D 386 27.80 -15.95 -14.85
CA SER D 386 28.97 -16.45 -15.57
C SER D 386 29.19 -17.92 -15.25
N ARG D 387 29.74 -18.64 -16.21
CA ARG D 387 30.09 -20.03 -16.03
C ARG D 387 31.37 -20.19 -15.20
N LEU D 388 32.23 -19.18 -15.18
CA LEU D 388 33.49 -19.23 -14.44
C LEU D 388 33.35 -18.73 -13.00
N LEU D 389 32.15 -18.80 -12.43
CA LEU D 389 31.94 -18.44 -11.02
C LEU D 389 32.07 -19.69 -10.15
N ASP D 390 33.26 -20.28 -10.17
CA ASP D 390 33.55 -21.51 -9.48
C ASP D 390 34.87 -21.39 -8.74
N ILE D 391 35.00 -22.15 -7.65
CA ILE D 391 36.22 -22.16 -6.86
C ILE D 391 37.35 -22.92 -7.54
N ASP D 392 37.06 -23.66 -8.61
CA ASP D 392 38.08 -24.38 -9.36
C ASP D 392 38.73 -23.53 -10.44
N VAL D 393 38.23 -22.32 -10.69
CA VAL D 393 38.74 -21.45 -11.73
C VAL D 393 39.44 -20.23 -11.14
N VAL D 394 38.80 -19.54 -10.20
CA VAL D 394 39.37 -18.35 -9.58
C VAL D 394 39.77 -18.59 -8.13
N GLY D 395 39.31 -19.65 -7.49
CA GLY D 395 39.61 -19.92 -6.10
C GLY D 395 38.41 -19.68 -5.21
N GLN D 396 38.59 -20.03 -3.93
CA GLN D 396 37.54 -19.85 -2.94
C GLN D 396 37.42 -18.40 -2.48
N GLU D 397 38.50 -17.62 -2.60
CA GLU D 397 38.45 -16.22 -2.16
C GLU D 397 37.51 -15.40 -3.05
N HIS D 398 37.79 -15.38 -4.35
CA HIS D 398 36.97 -14.60 -5.28
C HIS D 398 35.52 -15.06 -5.28
N TYR D 399 35.30 -16.37 -5.20
CA TYR D 399 33.94 -16.89 -5.21
C TYR D 399 33.16 -16.49 -3.97
N ASP D 400 33.85 -16.37 -2.83
CA ASP D 400 33.17 -15.96 -1.60
C ASP D 400 32.95 -14.46 -1.54
N VAL D 401 33.83 -13.67 -2.17
CA VAL D 401 33.65 -12.22 -2.18
C VAL D 401 32.41 -11.85 -2.99
N ALA D 402 32.31 -12.38 -4.21
CA ALA D 402 31.15 -12.10 -5.04
C ALA D 402 29.87 -12.68 -4.47
N SER D 403 29.97 -13.72 -3.64
CA SER D 403 28.77 -14.30 -3.03
C SER D 403 28.16 -13.35 -2.01
N ASN D 404 28.98 -12.72 -1.19
CA ASN D 404 28.47 -11.82 -0.16
C ASN D 404 27.96 -10.51 -0.75
N VAL D 405 28.48 -10.11 -1.90
CA VAL D 405 28.01 -8.88 -2.54
C VAL D 405 26.58 -9.05 -3.04
N GLN D 406 26.30 -10.20 -3.67
CA GLN D 406 24.96 -10.45 -4.18
C GLN D 406 23.96 -10.64 -3.04
N GLN D 407 24.34 -11.39 -2.01
CA GLN D 407 23.48 -11.55 -0.84
C GLN D 407 23.17 -10.21 -0.20
N THR D 408 24.16 -9.32 -0.18
CA THR D 408 23.95 -7.97 0.34
C THR D 408 22.99 -7.19 -0.54
N LEU D 409 23.20 -7.22 -1.85
CA LEU D 409 22.32 -6.49 -2.77
C LEU D 409 20.94 -7.12 -2.85
N GLN D 410 20.83 -8.44 -2.59
CA GLN D 410 19.52 -9.07 -2.53
C GLN D 410 18.81 -8.74 -1.23
N ALA D 411 19.55 -8.69 -0.11
CA ALA D 411 18.97 -8.24 1.15
C ALA D 411 18.59 -6.76 1.10
N TYR D 412 19.39 -5.96 0.38
CA TYR D 412 19.05 -4.55 0.22
C TYR D 412 17.80 -4.37 -0.65
N LYS D 413 17.68 -5.20 -1.69
CA LYS D 413 16.48 -5.15 -2.52
C LYS D 413 15.27 -5.75 -1.83
N SER D 414 15.50 -6.58 -0.81
CA SER D 414 14.39 -7.13 -0.02
C SER D 414 13.80 -6.11 0.93
N LEU D 415 14.54 -5.04 1.26
CA LEU D 415 14.07 -4.00 2.16
C LEU D 415 13.69 -2.72 1.41
N GLN D 416 13.36 -2.82 0.13
CA GLN D 416 13.01 -1.64 -0.65
C GLN D 416 11.71 -1.00 -0.16
N ASP D 417 10.79 -1.80 0.36
CA ASP D 417 9.51 -1.26 0.80
C ASP D 417 9.64 -0.51 2.13
N ILE D 418 10.42 -1.07 3.06
CA ILE D 418 10.51 -0.49 4.40
C ILE D 418 11.17 0.89 4.34
N ILE D 419 12.25 1.03 3.57
CA ILE D 419 12.96 2.29 3.50
C ILE D 419 12.08 3.39 2.94
N ALA D 420 11.18 3.06 2.01
CA ALA D 420 10.31 4.04 1.38
C ALA D 420 9.04 4.32 2.17
N ILE D 421 8.74 3.52 3.19
CA ILE D 421 7.52 3.66 3.97
C ILE D 421 7.83 3.98 5.43
N LEU D 422 8.72 3.21 6.04
CA LEU D 422 9.07 3.37 7.45
C LEU D 422 10.34 4.18 7.67
N GLY D 423 11.02 4.58 6.60
CA GLY D 423 12.24 5.33 6.74
C GLY D 423 13.41 4.44 7.17
N MET D 424 14.52 5.11 7.47
CA MET D 424 15.72 4.41 7.95
C MET D 424 15.66 4.11 9.44
N ASP D 425 14.88 4.87 10.20
CA ASP D 425 14.86 4.67 11.65
C ASP D 425 14.24 3.33 12.05
N GLU D 426 13.31 2.81 11.24
CA GLU D 426 12.60 1.57 11.59
C GLU D 426 13.28 0.40 10.89
N LEU D 427 14.42 -0.02 11.45
CA LEU D 427 15.15 -1.15 10.94
C LEU D 427 15.96 -1.77 12.07
N SER D 428 16.30 -3.05 11.90
CA SER D 428 17.19 -3.72 12.84
C SER D 428 18.61 -3.19 12.69
N GLU D 429 19.43 -3.43 13.71
CA GLU D 429 20.79 -2.91 13.72
C GLU D 429 21.73 -3.69 12.79
N GLN D 430 21.35 -4.89 12.38
CA GLN D 430 22.18 -5.70 11.50
C GLN D 430 21.98 -5.35 10.03
N ASP D 431 20.73 -5.39 9.55
CA ASP D 431 20.46 -5.06 8.16
C ASP D 431 20.61 -3.57 7.88
N LYS D 432 20.62 -2.73 8.92
CA LYS D 432 20.93 -1.32 8.71
C LYS D 432 22.33 -1.15 8.13
N LEU D 433 23.32 -1.82 8.72
CA LEU D 433 24.69 -1.73 8.23
C LEU D 433 24.80 -2.26 6.82
N THR D 434 24.13 -3.39 6.53
CA THR D 434 24.14 -3.94 5.18
C THR D 434 23.56 -2.96 4.18
N VAL D 435 22.48 -2.27 4.55
CA VAL D 435 21.92 -1.22 3.69
C VAL D 435 22.94 -0.11 3.48
N GLU D 436 23.63 0.29 4.56
CA GLU D 436 24.67 1.30 4.44
C GLU D 436 25.83 0.82 3.58
N ARG D 437 26.05 -0.51 3.54
CA ARG D 437 27.12 -1.05 2.70
C ARG D 437 26.67 -1.25 1.26
N ALA D 438 25.46 -1.76 1.06
CA ALA D 438 24.98 -2.04 -0.29
C ALA D 438 24.89 -0.76 -1.12
N ARG D 439 24.50 0.35 -0.49
CA ARG D 439 24.46 1.62 -1.20
C ARG D 439 25.86 2.05 -1.64
N LYS D 440 26.87 1.74 -0.83
CA LYS D 440 28.24 2.04 -1.23
C LYS D 440 28.69 1.09 -2.34
N ILE D 441 28.26 -0.17 -2.29
CA ILE D 441 28.71 -1.15 -3.28
C ILE D 441 28.13 -0.84 -4.65
N GLN D 442 26.80 -0.73 -4.75
CA GLN D 442 26.16 -0.51 -6.04
C GLN D 442 26.55 0.83 -6.65
N ARG D 443 26.96 1.80 -5.84
CA ARG D 443 27.51 3.04 -6.38
C ARG D 443 28.98 2.88 -6.74
N PHE D 444 29.68 1.95 -6.08
CA PHE D 444 31.05 1.62 -6.46
C PHE D 444 31.11 0.68 -7.66
N LEU D 445 30.02 -0.03 -7.95
CA LEU D 445 29.96 -0.84 -9.15
C LEU D 445 30.05 0.02 -10.41
N SER D 446 29.52 1.24 -10.35
CA SER D 446 29.64 2.16 -11.47
C SER D 446 31.10 2.56 -11.67
N GLN D 447 31.53 2.61 -12.93
CA GLN D 447 32.91 2.92 -13.25
C GLN D 447 32.95 3.81 -14.49
N PRO D 448 33.68 4.92 -14.45
CA PRO D 448 33.77 5.80 -15.62
C PRO D 448 34.59 5.18 -16.73
N PHE D 449 33.93 4.80 -17.82
CA PHE D 449 34.61 4.15 -18.94
C PHE D 449 35.50 5.15 -19.67
N THR D 450 36.50 4.60 -20.37
CA THR D 450 37.41 5.43 -21.15
C THR D 450 36.69 6.14 -22.28
N VAL D 451 35.66 5.51 -22.85
CA VAL D 451 34.88 6.15 -23.90
C VAL D 451 33.85 7.12 -23.32
N ALA D 452 33.58 7.04 -22.01
CA ALA D 452 32.55 7.88 -21.41
C ALA D 452 33.12 9.23 -20.98
N GLU D 453 34.17 9.68 -21.66
CA GLU D 453 34.71 11.01 -21.39
C GLU D 453 33.83 12.12 -21.96
N VAL D 454 33.04 11.83 -22.99
CA VAL D 454 32.17 12.83 -23.58
C VAL D 454 30.80 12.89 -22.90
N PHE D 455 30.41 11.85 -22.17
CA PHE D 455 29.09 11.81 -21.53
C PHE D 455 29.10 12.41 -20.14
N THR D 456 30.16 12.18 -19.37
CA THR D 456 30.28 12.70 -18.02
C THR D 456 31.32 13.81 -17.86
N GLY D 457 32.28 13.89 -18.78
CA GLY D 457 33.43 14.75 -18.59
C GLY D 457 34.47 14.21 -17.64
N ILE D 458 34.18 13.13 -16.93
CA ILE D 458 35.10 12.54 -15.99
C ILE D 458 36.11 11.69 -16.75
N GLU D 459 37.39 11.85 -16.42
CA GLU D 459 38.44 11.07 -17.08
C GLU D 459 38.26 9.59 -16.78
N GLY D 460 38.50 8.76 -17.80
CA GLY D 460 38.28 7.34 -17.65
C GLY D 460 39.26 6.69 -16.69
N ARG D 461 38.77 5.71 -15.94
CA ARG D 461 39.56 5.01 -14.94
C ARG D 461 39.51 3.51 -15.22
N LEU D 462 40.68 2.87 -15.22
CA LEU D 462 40.81 1.45 -15.51
C LEU D 462 41.50 0.76 -14.34
N VAL D 463 40.93 -0.35 -13.89
CA VAL D 463 41.43 -1.12 -12.76
C VAL D 463 41.77 -2.52 -13.24
N SER D 464 42.61 -3.22 -12.48
CA SER D 464 42.97 -4.60 -12.77
C SER D 464 41.93 -5.54 -12.16
N LEU D 465 42.24 -6.84 -12.14
CA LEU D 465 41.31 -7.87 -11.67
C LEU D 465 41.45 -8.13 -10.17
N LYS D 466 42.68 -8.39 -9.70
CA LYS D 466 42.89 -8.70 -8.30
C LYS D 466 42.84 -7.46 -7.40
N ASP D 467 42.99 -6.26 -7.98
CA ASP D 467 42.82 -5.05 -7.18
C ASP D 467 41.38 -4.88 -6.73
N THR D 468 40.43 -5.34 -7.54
CA THR D 468 39.01 -5.25 -7.17
C THR D 468 38.64 -6.27 -6.10
N VAL D 469 39.35 -7.40 -6.04
CA VAL D 469 39.03 -8.44 -5.06
C VAL D 469 39.26 -7.93 -3.64
N ARG D 470 40.43 -7.32 -3.41
CA ARG D 470 40.72 -6.77 -2.09
C ARG D 470 39.98 -5.46 -1.84
N SER D 471 39.55 -4.76 -2.89
CA SER D 471 38.85 -3.50 -2.71
C SER D 471 37.45 -3.73 -2.16
N PHE D 472 36.78 -4.79 -2.58
CA PHE D 472 35.43 -5.08 -2.09
C PHE D 472 35.45 -5.67 -0.68
N LYS D 473 36.49 -6.44 -0.34
CA LYS D 473 36.57 -6.98 1.01
C LYS D 473 36.75 -5.87 2.03
N GLU D 474 37.54 -4.85 1.71
CA GLU D 474 37.68 -3.70 2.59
C GLU D 474 36.38 -2.90 2.69
N ILE D 475 35.44 -3.12 1.78
CA ILE D 475 34.10 -2.54 1.90
C ILE D 475 33.17 -3.48 2.65
N LEU D 476 33.31 -4.79 2.43
CA LEU D 476 32.46 -5.76 3.12
C LEU D 476 32.83 -5.92 4.58
N ASP D 477 34.11 -5.81 4.92
CA ASP D 477 34.54 -5.98 6.30
C ASP D 477 34.07 -4.81 7.16
N GLY D 478 34.16 -3.59 6.65
CA GLY D 478 33.97 -2.39 7.43
C GLY D 478 35.21 -1.55 7.57
N LYS D 479 36.33 -1.94 6.97
CA LYS D 479 37.55 -1.13 7.02
C LYS D 479 37.32 0.25 6.44
N HIS D 480 36.54 0.35 5.37
CA HIS D 480 36.21 1.61 4.73
C HIS D 480 34.72 1.89 4.84
N ASP D 481 34.14 1.61 6.00
CA ASP D 481 32.74 1.91 6.27
C ASP D 481 32.54 3.32 6.81
N ALA D 482 33.58 4.15 6.77
CA ALA D 482 33.47 5.55 7.19
C ALA D 482 33.39 6.51 6.02
N LEU D 483 33.82 6.10 4.83
CA LEU D 483 33.79 6.98 3.68
C LEU D 483 32.35 7.20 3.21
N PRO D 484 32.04 8.38 2.67
CA PRO D 484 30.67 8.66 2.24
C PRO D 484 30.27 7.83 1.02
N GLU D 485 28.96 7.69 0.85
CA GLU D 485 28.43 6.90 -0.26
C GLU D 485 28.55 7.65 -1.59
N ALA D 486 28.69 8.97 -1.56
CA ALA D 486 28.87 9.74 -2.78
C ALA D 486 30.30 9.78 -3.26
N ALA D 487 31.24 9.23 -2.48
CA ALA D 487 32.64 9.14 -2.88
C ALA D 487 32.94 7.88 -3.68
N PHE D 488 31.96 6.99 -3.84
CA PHE D 488 32.11 5.80 -4.66
C PHE D 488 31.59 5.97 -6.07
N TYR D 489 30.89 7.07 -6.35
CA TYR D 489 30.35 7.31 -7.69
C TYR D 489 31.49 7.71 -8.63
N MET D 490 31.66 6.94 -9.70
CA MET D 490 32.62 7.24 -10.77
C MET D 490 34.05 7.30 -10.24
N VAL D 491 34.47 6.22 -9.57
CA VAL D 491 35.84 6.08 -9.10
C VAL D 491 36.31 4.65 -9.35
N GLY D 492 37.61 4.50 -9.60
CA GLY D 492 38.19 3.20 -9.83
C GLY D 492 39.22 2.82 -8.80
N GLY D 493 38.97 1.75 -8.05
CA GLY D 493 39.84 1.33 -6.98
C GLY D 493 39.45 1.93 -5.64
N ILE D 494 39.91 1.28 -4.57
CA ILE D 494 39.56 1.74 -3.23
C ILE D 494 40.51 2.85 -2.77
N GLU D 495 41.75 2.87 -3.30
CA GLU D 495 42.70 3.90 -2.91
C GLU D 495 42.38 5.27 -3.48
N GLU D 496 41.43 5.34 -4.43
CA GLU D 496 40.99 6.61 -4.99
C GLU D 496 39.76 7.17 -4.28
N VAL D 497 39.01 6.32 -3.57
CA VAL D 497 37.83 6.79 -2.85
C VAL D 497 38.24 7.75 -1.74
N VAL D 498 39.38 7.48 -1.09
CA VAL D 498 39.84 8.34 -0.01
C VAL D 498 40.34 9.67 -0.56
N ALA D 499 40.95 9.64 -1.75
CA ALA D 499 41.47 10.87 -2.35
C ALA D 499 40.35 11.87 -2.64
N LYS D 500 39.18 11.37 -3.03
CA LYS D 500 38.03 12.23 -3.23
C LYS D 500 37.39 12.65 -1.91
N ALA D 501 37.57 11.86 -0.85
CA ALA D 501 36.97 12.20 0.44
C ALA D 501 37.64 13.39 1.09
N GLU D 502 38.95 13.57 0.87
CA GLU D 502 39.64 14.70 1.48
C GLU D 502 39.23 16.02 0.82
N LYS D 503 39.04 16.01 -0.50
CA LYS D 503 38.69 17.25 -1.19
C LYS D 503 37.26 17.68 -0.89
N LEU D 504 36.32 16.73 -0.94
CA LEU D 504 34.91 17.07 -0.70
C LEU D 504 34.68 17.52 0.74
N ALA D 505 35.49 17.04 1.69
CA ALA D 505 35.33 17.46 3.07
C ALA D 505 35.81 18.90 3.29
N ALA D 506 36.82 19.33 2.53
CA ALA D 506 37.34 20.69 2.67
C ALA D 506 36.42 21.70 1.99
N GLY E 39 -16.88 -53.30 -51.09
CA GLY E 39 -17.36 -51.97 -50.77
C GLY E 39 -16.39 -51.17 -49.92
N SER E 40 -15.43 -51.86 -49.31
CA SER E 40 -14.45 -51.20 -48.46
C SER E 40 -13.53 -50.32 -49.31
N GLY E 41 -12.91 -49.34 -48.63
CA GLY E 41 -12.06 -48.37 -49.27
C GLY E 41 -10.59 -48.51 -48.88
N LYS E 42 -9.77 -47.68 -49.52
CA LYS E 42 -8.33 -47.70 -49.34
C LYS E 42 -7.84 -46.36 -48.81
N ILE E 43 -6.71 -46.39 -48.12
CA ILE E 43 -6.12 -45.17 -47.57
C ILE E 43 -5.52 -44.34 -48.69
N ARG E 44 -5.71 -43.03 -48.61
CA ARG E 44 -5.12 -42.09 -49.56
C ARG E 44 -4.10 -41.16 -48.92
N THR E 45 -4.34 -40.70 -47.69
CA THR E 45 -3.47 -39.72 -47.06
C THR E 45 -3.44 -39.96 -45.55
N VAL E 46 -2.24 -40.00 -44.98
CA VAL E 46 -2.04 -40.15 -43.54
C VAL E 46 -1.15 -39.00 -43.09
N ILE E 47 -1.71 -38.08 -42.31
CA ILE E 47 -0.98 -36.92 -41.80
C ILE E 47 -1.22 -36.85 -40.29
N GLY E 48 -0.20 -37.17 -39.51
CA GLY E 48 -0.32 -37.08 -38.07
C GLY E 48 -1.33 -38.10 -37.56
N ALA E 49 -2.35 -37.61 -36.86
CA ALA E 49 -3.45 -38.43 -36.39
C ALA E 49 -4.66 -38.36 -37.32
N VAL E 50 -4.51 -37.76 -38.49
CA VAL E 50 -5.59 -37.62 -39.46
C VAL E 50 -5.30 -38.54 -40.63
N VAL E 51 -6.24 -39.44 -40.92
CA VAL E 51 -6.10 -40.43 -41.98
C VAL E 51 -7.23 -40.22 -42.98
N ASP E 52 -6.88 -40.05 -44.25
CA ASP E 52 -7.85 -39.92 -45.33
C ASP E 52 -8.00 -41.26 -46.04
N VAL E 53 -9.25 -41.67 -46.25
CA VAL E 53 -9.57 -42.96 -46.85
C VAL E 53 -10.45 -42.73 -48.06
N GLN E 54 -10.03 -43.26 -49.21
CA GLN E 54 -10.85 -43.22 -50.41
C GLN E 54 -11.92 -44.29 -50.37
N PHE E 55 -13.01 -44.05 -51.11
CA PHE E 55 -14.11 -45.00 -51.20
C PHE E 55 -14.68 -44.97 -52.60
N GLU E 56 -15.46 -46.01 -52.91
CA GLU E 56 -16.26 -46.02 -54.12
C GLU E 56 -17.59 -45.34 -53.84
N GLN E 57 -18.43 -45.22 -54.86
CA GLN E 57 -19.72 -44.58 -54.67
C GLN E 57 -20.70 -45.54 -54.00
N ASP E 58 -21.77 -44.95 -53.45
CA ASP E 58 -22.90 -45.68 -52.86
C ASP E 58 -22.52 -46.41 -51.57
N ASN E 59 -21.23 -46.50 -51.27
CA ASN E 59 -20.77 -47.15 -50.04
C ASN E 59 -19.92 -46.23 -49.18
N LEU E 60 -20.09 -44.92 -49.32
CA LEU E 60 -19.33 -43.98 -48.51
C LEU E 60 -19.81 -44.03 -47.07
N PRO E 61 -18.91 -44.06 -46.09
CA PRO E 61 -19.35 -44.07 -44.69
C PRO E 61 -19.85 -42.70 -44.27
N ALA E 62 -20.90 -42.70 -43.45
CA ALA E 62 -21.43 -41.46 -42.92
C ALA E 62 -20.47 -40.87 -41.90
N ILE E 63 -20.70 -39.60 -41.55
CA ILE E 63 -19.86 -38.93 -40.57
C ILE E 63 -20.07 -39.56 -39.20
N LEU E 64 -19.00 -39.61 -38.40
CA LEU E 64 -19.00 -40.18 -37.06
C LEU E 64 -19.19 -41.69 -37.09
N ASN E 65 -18.78 -42.35 -38.18
CA ASN E 65 -18.82 -43.79 -38.28
C ASN E 65 -17.49 -44.39 -37.82
N ALA E 66 -17.40 -45.72 -37.85
CA ALA E 66 -16.21 -46.43 -37.40
C ALA E 66 -15.59 -47.17 -38.58
N LEU E 67 -14.30 -46.91 -38.82
CA LEU E 67 -13.54 -47.57 -39.86
C LEU E 67 -12.37 -48.32 -39.24
N THR E 68 -12.00 -49.44 -39.86
CA THR E 68 -10.99 -50.33 -39.32
C THR E 68 -9.87 -50.56 -40.31
N ILE E 69 -8.64 -50.62 -39.81
CA ILE E 69 -7.44 -50.85 -40.62
C ILE E 69 -6.73 -52.06 -40.02
N ASP E 70 -6.90 -53.22 -40.65
CA ASP E 70 -6.38 -54.48 -40.12
C ASP E 70 -4.87 -54.44 -39.90
N ARG E 71 -4.46 -54.48 -38.64
CA ARG E 71 -3.06 -54.55 -38.25
C ARG E 71 -2.70 -55.99 -37.91
N GLY E 72 -1.40 -56.30 -37.97
CA GLY E 72 -0.93 -57.64 -37.71
C GLY E 72 -1.16 -58.12 -36.28
N GLU E 73 -1.36 -57.19 -35.34
CA GLU E 73 -1.58 -57.59 -33.95
C GLU E 73 -2.89 -58.35 -33.78
N GLY E 74 -3.87 -58.10 -34.66
CA GLY E 74 -5.24 -58.47 -34.40
C GLY E 74 -6.03 -57.41 -33.68
N ASN E 75 -5.36 -56.50 -32.98
CA ASN E 75 -5.98 -55.34 -32.35
C ASN E 75 -5.68 -54.14 -33.25
N LYS E 76 -6.68 -53.74 -34.03
CA LYS E 76 -6.51 -52.70 -35.04
C LYS E 76 -7.20 -51.42 -34.61
N LEU E 77 -6.71 -50.30 -35.15
CA LEU E 77 -7.24 -48.99 -34.79
C LEU E 77 -8.56 -48.72 -35.49
N VAL E 78 -9.42 -47.96 -34.82
CA VAL E 78 -10.71 -47.56 -35.36
C VAL E 78 -10.62 -46.10 -35.78
N LEU E 79 -11.02 -45.82 -37.02
CA LEU E 79 -11.10 -44.46 -37.52
C LEU E 79 -12.52 -43.92 -37.37
N GLU E 80 -12.62 -42.62 -37.11
CA GLU E 80 -13.92 -41.95 -37.00
C GLU E 80 -14.03 -40.90 -38.09
N VAL E 81 -15.09 -40.97 -38.88
CA VAL E 81 -15.28 -40.07 -40.01
C VAL E 81 -15.57 -38.67 -39.48
N ALA E 82 -14.74 -37.71 -39.88
CA ALA E 82 -14.91 -36.32 -39.47
C ALA E 82 -15.63 -35.50 -40.53
N GLN E 83 -15.09 -35.45 -41.75
CA GLN E 83 -15.63 -34.63 -42.81
C GLN E 83 -15.74 -35.46 -44.09
N HIS E 84 -16.54 -34.95 -45.03
CA HIS E 84 -16.63 -35.49 -46.38
C HIS E 84 -15.93 -34.51 -47.30
N LEU E 85 -14.66 -34.78 -47.60
CA LEU E 85 -13.88 -33.87 -48.44
C LEU E 85 -14.33 -33.87 -49.89
N GLY E 86 -15.27 -34.72 -50.27
CA GLY E 86 -15.68 -34.85 -51.65
C GLY E 86 -14.81 -35.83 -52.42
N GLU E 87 -15.16 -36.01 -53.69
CA GLU E 87 -14.44 -36.91 -54.59
C GLU E 87 -14.37 -38.32 -54.01
N ASN E 88 -15.43 -38.71 -53.30
CA ASN E 88 -15.54 -40.03 -52.67
C ASN E 88 -14.40 -40.27 -51.69
N THR E 89 -13.88 -39.21 -51.08
CA THR E 89 -12.78 -39.29 -50.12
C THR E 89 -13.29 -38.88 -48.74
N VAL E 90 -12.81 -39.57 -47.72
CA VAL E 90 -13.28 -39.39 -46.34
C VAL E 90 -12.08 -39.07 -45.46
N ARG E 91 -12.17 -37.97 -44.72
CA ARG E 91 -11.13 -37.58 -43.76
C ARG E 91 -11.53 -38.05 -42.37
N THR E 92 -10.64 -38.81 -41.73
CA THR E 92 -10.92 -39.42 -40.44
C THR E 92 -9.86 -39.02 -39.42
N ILE E 93 -10.17 -39.27 -38.16
CA ILE E 93 -9.28 -39.00 -37.04
C ILE E 93 -8.98 -40.33 -36.33
N ALA E 94 -7.72 -40.55 -35.99
CA ALA E 94 -7.29 -41.84 -35.49
C ALA E 94 -7.53 -41.97 -33.98
N MET E 95 -7.87 -43.18 -33.56
CA MET E 95 -7.99 -43.51 -32.14
C MET E 95 -6.73 -44.19 -31.61
N ASP E 96 -5.71 -44.33 -32.43
CA ASP E 96 -4.45 -44.94 -32.00
C ASP E 96 -3.33 -44.33 -32.85
N GLY E 97 -2.21 -45.03 -32.96
CA GLY E 97 -1.07 -44.52 -33.70
C GLY E 97 -1.16 -44.86 -35.17
N THR E 98 -0.90 -43.85 -36.01
CA THR E 98 -0.83 -44.03 -37.45
C THR E 98 0.56 -44.46 -37.90
N GLU E 99 1.45 -44.76 -36.96
CA GLU E 99 2.81 -45.18 -37.29
C GLU E 99 2.79 -46.54 -38.00
N GLY E 100 3.29 -46.57 -39.22
CA GLY E 100 3.36 -47.79 -39.99
C GLY E 100 2.32 -47.94 -41.07
N LEU E 101 1.38 -46.99 -41.19
CA LEU E 101 0.36 -47.08 -42.21
C LEU E 101 0.96 -46.83 -43.60
N VAL E 102 0.48 -47.58 -44.58
CA VAL E 102 0.95 -47.49 -45.96
C VAL E 102 -0.24 -47.14 -46.85
N ARG E 103 -0.04 -46.18 -47.75
CA ARG E 103 -1.10 -45.76 -48.66
C ARG E 103 -1.49 -46.91 -49.57
N GLY E 104 -2.77 -47.30 -49.53
CA GLY E 104 -3.27 -48.45 -50.25
C GLY E 104 -3.79 -49.56 -49.37
N THR E 105 -3.74 -49.42 -48.05
CA THR E 105 -4.23 -50.45 -47.14
C THR E 105 -5.75 -50.44 -47.11
N SER E 106 -6.33 -51.63 -47.06
CA SER E 106 -7.79 -51.76 -47.08
C SER E 106 -8.38 -51.25 -45.77
N VAL E 107 -9.50 -50.54 -45.88
CA VAL E 107 -10.21 -49.97 -44.74
C VAL E 107 -11.67 -50.40 -44.81
N ALA E 108 -12.12 -51.17 -43.84
CA ALA E 108 -13.49 -51.65 -43.80
C ALA E 108 -14.38 -50.61 -43.13
N ASP E 109 -15.62 -50.53 -43.61
CA ASP E 109 -16.62 -49.62 -43.07
C ASP E 109 -17.63 -50.42 -42.27
N THR E 110 -17.77 -50.10 -40.98
CA THR E 110 -18.77 -50.75 -40.14
C THR E 110 -20.17 -50.22 -40.38
N GLY E 111 -20.31 -49.07 -41.05
CA GLY E 111 -21.60 -48.47 -41.23
C GLY E 111 -22.24 -47.96 -39.97
N ALA E 112 -21.47 -47.79 -38.90
CA ALA E 112 -22.00 -47.39 -37.61
C ALA E 112 -20.86 -46.79 -36.80
N PRO E 113 -21.17 -45.94 -35.80
CA PRO E 113 -20.11 -45.38 -34.94
C PRO E 113 -19.38 -46.42 -34.13
N ILE E 114 -18.49 -45.97 -33.24
CA ILE E 114 -17.71 -46.87 -32.40
C ILE E 114 -18.65 -47.65 -31.48
N THR E 115 -18.88 -48.91 -31.80
CA THR E 115 -19.78 -49.75 -31.02
C THR E 115 -19.05 -50.34 -29.81
N ILE E 116 -19.65 -50.19 -28.64
CA ILE E 116 -19.04 -50.67 -27.40
C ILE E 116 -19.97 -51.67 -26.71
N PRO E 117 -19.44 -52.62 -25.95
CA PRO E 117 -20.31 -53.54 -25.20
C PRO E 117 -20.90 -52.86 -23.98
N VAL E 118 -22.17 -53.15 -23.73
CA VAL E 118 -22.92 -52.56 -22.63
C VAL E 118 -23.60 -53.67 -21.84
N GLY E 119 -23.75 -53.44 -20.54
CA GLY E 119 -24.44 -54.36 -19.66
C GLY E 119 -23.70 -54.52 -18.35
N ARG E 120 -24.16 -55.49 -17.56
CA ARG E 120 -23.53 -55.79 -16.28
C ARG E 120 -22.23 -56.58 -16.44
N GLY E 121 -21.91 -57.03 -17.64
CA GLY E 121 -20.64 -57.69 -17.90
C GLY E 121 -19.45 -56.76 -18.03
N THR E 122 -19.69 -55.45 -18.04
CA THR E 122 -18.62 -54.46 -18.07
C THR E 122 -18.14 -54.06 -16.69
N LEU E 123 -18.85 -54.45 -15.64
CA LEU E 123 -18.46 -54.10 -14.29
C LEU E 123 -17.19 -54.84 -13.89
N GLY E 124 -16.32 -54.15 -13.16
CA GLY E 124 -15.06 -54.75 -12.76
C GLY E 124 -14.07 -54.94 -13.89
N ARG E 125 -14.28 -54.29 -15.02
CA ARG E 125 -13.40 -54.39 -16.18
C ARG E 125 -12.90 -53.01 -16.58
N ILE E 126 -11.78 -53.00 -17.31
CA ILE E 126 -11.17 -51.77 -17.79
C ILE E 126 -11.30 -51.74 -19.30
N ILE E 127 -11.95 -50.70 -19.82
CA ILE E 127 -12.25 -50.59 -21.24
C ILE E 127 -11.65 -49.30 -21.78
N ASN E 128 -11.23 -49.34 -23.04
CA ASN E 128 -10.70 -48.17 -23.71
C ASN E 128 -11.84 -47.47 -24.46
N VAL E 129 -11.49 -46.54 -25.36
CA VAL E 129 -12.52 -45.87 -26.15
C VAL E 129 -13.03 -46.77 -27.26
N CYS E 130 -12.18 -47.65 -27.79
CA CYS E 130 -12.59 -48.55 -28.87
C CYS E 130 -13.58 -49.60 -28.39
N GLY E 131 -13.70 -49.80 -27.09
CA GLY E 131 -14.61 -50.79 -26.54
C GLY E 131 -13.99 -52.15 -26.25
N GLU E 132 -12.66 -52.25 -26.23
CA GLU E 132 -12.02 -53.52 -25.99
C GLU E 132 -11.29 -53.52 -24.65
N PRO E 133 -11.34 -54.63 -23.91
CA PRO E 133 -10.74 -54.65 -22.57
C PRO E 133 -9.23 -54.65 -22.62
N ILE E 134 -8.62 -53.89 -21.71
CA ILE E 134 -7.17 -53.83 -21.55
C ILE E 134 -6.73 -54.37 -20.20
N ASP E 135 -7.62 -55.00 -19.45
CA ASP E 135 -7.29 -55.62 -18.18
C ASP E 135 -6.78 -57.05 -18.34
N GLU E 136 -6.59 -57.51 -19.58
CA GLU E 136 -6.04 -58.82 -19.90
C GLU E 136 -6.81 -59.96 -19.24
N ARG E 137 -8.09 -59.75 -18.94
CA ARG E 137 -8.93 -60.77 -18.33
C ARG E 137 -9.93 -61.38 -19.31
N GLY E 138 -9.64 -61.31 -20.60
CA GLY E 138 -10.48 -61.93 -21.60
C GLY E 138 -11.49 -60.98 -22.21
N PRO E 139 -12.28 -61.46 -23.16
CA PRO E 139 -13.28 -60.62 -23.81
C PRO E 139 -14.43 -60.29 -22.88
N ILE E 140 -15.26 -59.35 -23.32
CA ILE E 140 -16.40 -58.86 -22.55
C ILE E 140 -17.67 -59.46 -23.13
N GLU E 141 -18.38 -60.23 -22.32
CA GLU E 141 -19.63 -60.84 -22.72
C GLU E 141 -20.78 -59.88 -22.42
N ALA E 142 -21.49 -59.45 -23.46
CA ALA E 142 -22.55 -58.47 -23.30
C ALA E 142 -23.47 -58.54 -24.51
N THR E 143 -24.27 -57.49 -24.71
CA THR E 143 -25.16 -57.39 -25.87
C THR E 143 -24.72 -56.34 -26.88
N LYS E 144 -23.70 -55.54 -26.54
CA LYS E 144 -23.09 -54.53 -27.44
C LYS E 144 -24.14 -53.78 -28.28
N PHE E 145 -25.17 -53.28 -27.59
CA PHE E 145 -26.32 -52.71 -28.30
C PHE E 145 -26.04 -51.28 -28.76
N LEU E 146 -25.45 -50.44 -27.91
CA LEU E 146 -25.44 -49.02 -28.20
C LEU E 146 -24.07 -48.53 -28.68
N PRO E 147 -24.04 -47.50 -29.52
CA PRO E 147 -22.77 -46.86 -29.88
C PRO E 147 -22.48 -45.69 -28.95
N ILE E 148 -21.28 -45.12 -29.11
CA ILE E 148 -20.85 -44.04 -28.22
C ILE E 148 -21.49 -42.69 -28.59
N HIS E 149 -21.92 -42.51 -29.83
CA HIS E 149 -22.55 -41.27 -30.26
C HIS E 149 -24.06 -41.47 -30.34
N ALA E 150 -24.79 -40.71 -29.53
CA ALA E 150 -26.25 -40.81 -29.50
C ALA E 150 -26.83 -39.48 -29.06
N ASP E 151 -28.01 -39.17 -29.60
CA ASP E 151 -28.65 -37.90 -29.29
C ASP E 151 -29.21 -37.91 -27.88
N PRO E 152 -29.21 -36.76 -27.20
CA PRO E 152 -29.68 -36.72 -25.80
C PRO E 152 -31.17 -36.99 -25.71
N PRO E 153 -31.68 -37.32 -24.52
CA PRO E 153 -33.11 -37.60 -24.37
C PRO E 153 -33.97 -36.42 -24.80
N THR E 154 -35.15 -36.75 -25.31
CA THR E 154 -36.03 -35.75 -25.90
C THR E 154 -36.63 -34.84 -24.84
N PHE E 155 -37.21 -33.73 -25.30
CA PHE E 155 -37.86 -32.78 -24.41
C PHE E 155 -39.14 -33.34 -23.79
N ALA E 156 -39.79 -34.30 -24.44
CA ALA E 156 -41.01 -34.91 -23.91
C ALA E 156 -40.73 -35.98 -22.88
N GLU E 157 -39.50 -36.45 -22.76
CA GLU E 157 -39.12 -37.45 -21.76
C GLU E 157 -38.40 -36.85 -20.56
N GLN E 158 -38.22 -35.53 -20.54
CA GLN E 158 -37.54 -34.88 -19.42
C GLN E 158 -38.42 -34.85 -18.19
N SER E 159 -37.79 -34.70 -17.03
CA SER E 159 -38.48 -34.59 -15.76
C SER E 159 -38.62 -33.12 -15.38
N THR E 160 -39.82 -32.73 -14.96
CA THR E 160 -40.09 -31.35 -14.56
C THR E 160 -39.80 -31.08 -13.09
N THR E 161 -39.59 -32.13 -12.29
CA THR E 161 -39.32 -31.98 -10.86
C THR E 161 -37.82 -32.09 -10.62
N ALA E 162 -37.24 -31.05 -10.04
CA ALA E 162 -35.81 -31.03 -9.74
C ALA E 162 -35.57 -31.64 -8.35
N GLU E 163 -35.85 -32.93 -8.27
CA GLU E 163 -35.72 -33.64 -7.00
C GLU E 163 -34.25 -33.84 -6.63
N VAL E 164 -34.02 -34.05 -5.34
CA VAL E 164 -32.67 -34.15 -4.78
C VAL E 164 -32.31 -35.61 -4.57
N LEU E 165 -31.09 -35.97 -4.95
CA LEU E 165 -30.59 -37.33 -4.80
C LEU E 165 -29.86 -37.44 -3.46
N GLU E 166 -30.37 -38.30 -2.58
CA GLU E 166 -29.74 -38.50 -1.28
C GLU E 166 -28.45 -39.32 -1.45
N THR E 167 -27.34 -38.76 -1.00
CA THR E 167 -26.05 -39.43 -1.09
C THR E 167 -25.72 -40.21 0.18
N GLY E 168 -25.76 -39.54 1.33
CA GLY E 168 -25.46 -40.18 2.59
C GLY E 168 -24.54 -39.37 3.46
N ILE E 169 -23.73 -38.51 2.84
CA ILE E 169 -22.79 -37.67 3.57
C ILE E 169 -23.54 -36.50 4.19
N LYS E 170 -23.19 -36.18 5.44
CA LYS E 170 -23.90 -35.11 6.15
C LYS E 170 -23.58 -33.75 5.56
N VAL E 171 -22.31 -33.51 5.20
CA VAL E 171 -21.93 -32.23 4.59
C VAL E 171 -22.57 -32.10 3.21
N VAL E 172 -22.59 -33.20 2.45
CA VAL E 172 -23.06 -33.14 1.06
C VAL E 172 -24.55 -32.86 1.01
N ASP E 173 -25.34 -33.68 1.71
CA ASP E 173 -26.80 -33.59 1.63
C ASP E 173 -27.39 -32.42 2.41
N LEU E 174 -26.55 -31.55 2.97
CA LEU E 174 -27.03 -30.38 3.70
C LEU E 174 -26.63 -29.07 3.04
N LEU E 175 -25.35 -28.89 2.73
CA LEU E 175 -24.86 -27.63 2.17
C LEU E 175 -24.99 -27.60 0.65
N ALA E 176 -24.40 -28.58 -0.03
CA ALA E 176 -24.41 -28.66 -1.50
C ALA E 176 -25.04 -29.98 -1.91
N PRO E 177 -26.36 -30.08 -1.91
CA PRO E 177 -27.01 -31.35 -2.26
C PRO E 177 -26.85 -31.68 -3.74
N TYR E 178 -26.64 -32.97 -4.02
CA TYR E 178 -26.46 -33.43 -5.39
C TYR E 178 -27.80 -33.52 -6.10
N ALA E 179 -27.84 -33.06 -7.35
CA ALA E 179 -29.04 -33.07 -8.16
C ALA E 179 -29.21 -34.41 -8.84
N ARG E 180 -30.38 -35.03 -8.66
CA ARG E 180 -30.68 -36.31 -9.29
C ARG E 180 -30.82 -36.09 -10.79
N GLY E 181 -29.91 -36.67 -11.57
CA GLY E 181 -29.88 -36.42 -12.99
C GLY E 181 -29.29 -35.08 -13.35
N GLY E 182 -28.36 -34.57 -12.53
CA GLY E 182 -27.73 -33.29 -12.80
C GLY E 182 -26.23 -33.40 -12.90
N LYS E 183 -25.53 -32.27 -12.74
CA LYS E 183 -24.08 -32.21 -12.89
C LYS E 183 -23.48 -31.62 -11.62
N ILE E 184 -22.43 -32.27 -11.11
CA ILE E 184 -21.77 -31.85 -9.89
C ILE E 184 -20.29 -31.68 -10.18
N GLY E 185 -19.75 -30.49 -9.91
CA GLY E 185 -18.35 -30.23 -10.10
C GLY E 185 -17.51 -30.55 -8.88
N LEU E 186 -16.51 -31.41 -9.04
CA LEU E 186 -15.64 -31.83 -7.94
C LEU E 186 -14.32 -31.08 -8.03
N PHE E 187 -13.95 -30.38 -6.96
CA PHE E 187 -12.73 -29.60 -6.92
C PHE E 187 -11.72 -30.25 -5.97
N GLY E 188 -10.64 -29.52 -5.69
CA GLY E 188 -9.59 -30.03 -4.84
C GLY E 188 -8.50 -30.73 -5.61
N GLY E 189 -7.24 -30.50 -5.23
CA GLY E 189 -6.12 -31.14 -5.89
C GLY E 189 -6.01 -32.62 -5.55
N ALA E 190 -4.86 -33.21 -5.84
CA ALA E 190 -4.62 -34.61 -5.54
C ALA E 190 -3.74 -34.74 -4.30
N GLY E 191 -4.05 -35.71 -3.45
CA GLY E 191 -3.45 -35.81 -2.14
C GLY E 191 -4.32 -35.31 -1.02
N VAL E 192 -5.57 -34.94 -1.29
CA VAL E 192 -6.49 -34.49 -0.27
C VAL E 192 -7.56 -35.51 0.06
N GLY E 193 -7.72 -36.55 -0.75
CA GLY E 193 -8.75 -37.55 -0.53
C GLY E 193 -9.88 -37.44 -1.53
N LYS E 194 -9.53 -37.45 -2.82
CA LYS E 194 -10.52 -37.37 -3.88
C LYS E 194 -10.93 -38.75 -4.39
N THR E 195 -9.98 -39.67 -4.53
CA THR E 195 -10.31 -41.01 -4.99
C THR E 195 -11.16 -41.76 -3.97
N VAL E 196 -10.97 -41.48 -2.68
CA VAL E 196 -11.77 -42.12 -1.65
C VAL E 196 -13.20 -41.59 -1.68
N PHE E 197 -13.35 -40.30 -1.96
CA PHE E 197 -14.70 -39.72 -2.04
C PHE E 197 -15.52 -40.34 -3.15
N ILE E 198 -14.88 -40.64 -4.29
CA ILE E 198 -15.58 -41.27 -5.40
C ILE E 198 -15.94 -42.71 -5.06
N GLN E 199 -14.99 -43.46 -4.50
CA GLN E 199 -15.25 -44.83 -4.10
C GLN E 199 -16.37 -44.92 -3.06
N GLU E 200 -16.55 -43.86 -2.27
CA GLU E 200 -17.64 -43.84 -1.30
C GLU E 200 -18.99 -43.69 -1.99
N LEU E 201 -19.06 -42.80 -2.99
CA LEU E 201 -20.32 -42.60 -3.71
C LEU E 201 -20.72 -43.86 -4.47
N ILE E 202 -19.74 -44.67 -4.90
CA ILE E 202 -20.06 -45.92 -5.58
C ILE E 202 -20.77 -46.87 -4.63
N ASN E 203 -20.25 -47.01 -3.41
CA ASN E 203 -20.82 -47.95 -2.45
C ASN E 203 -22.14 -47.44 -1.90
N ASN E 204 -22.25 -46.12 -1.68
CA ASN E 204 -23.44 -45.57 -1.06
C ASN E 204 -24.67 -45.70 -1.97
N ILE E 205 -24.61 -45.11 -3.15
CA ILE E 205 -25.77 -45.07 -4.04
C ILE E 205 -26.20 -46.48 -4.43
N ALA E 206 -25.23 -47.39 -4.60
CA ALA E 206 -25.57 -48.77 -4.94
C ALA E 206 -26.32 -49.47 -3.81
N LYS E 207 -26.21 -48.96 -2.58
CA LYS E 207 -26.94 -49.51 -1.45
C LYS E 207 -28.00 -48.57 -0.89
N ALA E 208 -27.97 -47.29 -1.26
CA ALA E 208 -29.01 -46.35 -0.85
C ALA E 208 -30.17 -46.29 -1.84
N HIS E 209 -29.86 -46.25 -3.14
CA HIS E 209 -30.88 -46.28 -4.18
C HIS E 209 -30.84 -47.54 -5.03
N GLY E 210 -29.68 -48.17 -5.17
CA GLY E 210 -29.55 -49.40 -5.91
C GLY E 210 -29.07 -49.27 -7.34
N GLY E 211 -28.42 -48.16 -7.70
CA GLY E 211 -27.93 -47.96 -9.04
C GLY E 211 -26.42 -48.15 -9.12
N PHE E 212 -25.96 -48.50 -10.32
CA PHE E 212 -24.54 -48.70 -10.54
C PHE E 212 -23.84 -47.36 -10.78
N SER E 213 -22.51 -47.40 -10.81
CA SER E 213 -21.70 -46.22 -11.02
C SER E 213 -20.76 -46.46 -12.19
N VAL E 214 -20.40 -45.38 -12.89
CA VAL E 214 -19.52 -45.43 -14.04
C VAL E 214 -18.39 -44.42 -13.82
N PHE E 215 -17.16 -44.89 -13.95
CA PHE E 215 -15.97 -44.04 -13.82
C PHE E 215 -15.22 -44.06 -15.15
N CYS E 216 -15.10 -42.89 -15.78
CA CYS E 216 -14.42 -42.75 -17.06
C CYS E 216 -13.18 -41.89 -16.86
N GLY E 217 -12.02 -42.44 -17.20
CA GLY E 217 -10.78 -41.70 -17.10
C GLY E 217 -10.45 -40.98 -18.39
N VAL E 218 -10.68 -39.67 -18.41
CA VAL E 218 -10.53 -38.87 -19.63
C VAL E 218 -9.12 -38.28 -19.63
N GLY E 219 -8.20 -38.98 -20.29
CA GLY E 219 -6.87 -38.43 -20.50
C GLY E 219 -6.04 -38.27 -19.24
N GLU E 220 -6.07 -39.26 -18.35
CA GLU E 220 -5.30 -39.19 -17.12
C GLU E 220 -4.09 -40.12 -17.22
N ARG E 221 -3.24 -40.08 -16.19
CA ARG E 221 -2.02 -40.85 -16.19
C ARG E 221 -2.31 -42.34 -16.06
N THR E 222 -1.42 -43.16 -16.64
CA THR E 222 -1.57 -44.60 -16.53
C THR E 222 -1.27 -45.07 -15.11
N ARG E 223 -0.35 -44.41 -14.41
CA ARG E 223 -0.06 -44.77 -13.03
C ARG E 223 -1.27 -44.55 -12.14
N GLU E 224 -1.93 -43.40 -12.29
CA GLU E 224 -3.14 -43.13 -11.52
C GLU E 224 -4.24 -44.14 -11.83
N GLY E 225 -4.32 -44.60 -13.08
CA GLY E 225 -5.29 -45.63 -13.42
C GLY E 225 -4.96 -46.96 -12.77
N ASN E 226 -3.68 -47.29 -12.68
CA ASN E 226 -3.27 -48.55 -12.05
C ASN E 226 -3.40 -48.47 -10.54
N ASP E 227 -3.03 -47.33 -9.94
CA ASP E 227 -3.14 -47.18 -8.50
C ASP E 227 -4.60 -47.15 -8.05
N LEU E 228 -5.49 -46.58 -8.87
CA LEU E 228 -6.90 -46.56 -8.52
C LEU E 228 -7.54 -47.93 -8.73
N TYR E 229 -7.15 -48.62 -9.80
CA TYR E 229 -7.66 -49.96 -10.05
C TYR E 229 -7.24 -50.93 -8.95
N ARG E 230 -6.04 -50.76 -8.41
CA ARG E 230 -5.59 -51.61 -7.30
C ARG E 230 -6.18 -51.15 -5.97
N GLU E 231 -6.52 -49.86 -5.84
CA GLU E 231 -7.17 -49.35 -4.64
C GLU E 231 -8.66 -49.65 -4.60
N MET E 232 -9.25 -50.05 -5.74
CA MET E 232 -10.65 -50.46 -5.77
C MET E 232 -10.84 -51.94 -5.44
N LYS E 233 -9.84 -52.77 -5.73
CA LYS E 233 -9.92 -54.20 -5.44
C LYS E 233 -9.59 -54.52 -3.98
N GLU E 234 -9.06 -53.56 -3.22
CA GLU E 234 -8.81 -53.75 -1.80
C GLU E 234 -9.84 -53.05 -0.92
N THR E 235 -10.63 -52.14 -1.48
CA THR E 235 -11.65 -51.45 -0.70
C THR E 235 -13.00 -52.14 -0.73
N GLY E 236 -13.21 -53.08 -1.66
CA GLY E 236 -14.42 -53.86 -1.72
C GLY E 236 -15.37 -53.52 -2.84
N VAL E 237 -15.14 -52.41 -3.56
CA VAL E 237 -16.05 -52.04 -4.64
C VAL E 237 -15.85 -52.91 -5.87
N ILE E 238 -14.74 -53.63 -5.98
CA ILE E 238 -14.46 -54.50 -7.11
C ILE E 238 -13.80 -55.77 -6.60
N ASN E 239 -14.41 -56.92 -6.84
CA ASN E 239 -13.86 -58.22 -6.48
C ASN E 239 -13.92 -59.13 -7.70
N LEU E 240 -12.77 -59.68 -8.08
CA LEU E 240 -12.70 -60.56 -9.24
C LEU E 240 -13.27 -61.94 -8.97
N GLU E 241 -13.29 -62.39 -7.71
CA GLU E 241 -13.91 -63.66 -7.37
C GLU E 241 -15.42 -63.56 -7.20
N GLY E 242 -15.98 -62.35 -7.31
CA GLY E 242 -17.41 -62.14 -7.22
C GLY E 242 -17.87 -61.21 -8.33
N GLU E 243 -18.82 -60.34 -7.99
CA GLU E 243 -19.35 -59.35 -8.91
C GLU E 243 -19.17 -57.95 -8.32
N SER E 244 -18.71 -57.03 -9.15
CA SER E 244 -18.32 -55.70 -8.70
C SER E 244 -19.53 -54.76 -8.73
N LYS E 245 -19.29 -53.47 -8.48
CA LYS E 245 -20.32 -52.45 -8.48
C LYS E 245 -20.10 -51.36 -9.51
N VAL E 246 -18.85 -51.03 -9.82
CA VAL E 246 -18.51 -49.94 -10.73
C VAL E 246 -17.76 -50.49 -11.92
N THR E 247 -17.97 -49.87 -13.09
CA THR E 247 -17.25 -50.17 -14.30
C THR E 247 -16.22 -49.10 -14.58
N LEU E 248 -15.11 -49.50 -15.19
CA LEU E 248 -13.96 -48.62 -15.42
C LEU E 248 -13.70 -48.49 -16.92
N VAL E 249 -13.60 -47.24 -17.39
CA VAL E 249 -13.31 -46.93 -18.78
C VAL E 249 -12.18 -45.91 -18.76
N PHE E 250 -10.97 -46.35 -19.09
CA PHE E 250 -9.78 -45.51 -18.99
C PHE E 250 -9.20 -45.25 -20.38
N GLY E 251 -9.05 -43.97 -20.72
CA GLY E 251 -8.29 -43.56 -21.88
C GLY E 251 -7.13 -42.69 -21.46
N GLN E 252 -5.92 -43.26 -21.44
CA GLN E 252 -4.77 -42.62 -20.83
C GLN E 252 -4.28 -41.46 -21.70
N MET E 253 -3.14 -40.88 -21.30
CA MET E 253 -2.54 -39.79 -22.05
C MET E 253 -1.72 -40.28 -23.24
N ASN E 254 -1.26 -41.53 -23.22
CA ASN E 254 -0.50 -42.07 -24.33
C ASN E 254 -1.34 -42.32 -25.57
N GLU E 255 -2.67 -42.06 -25.50
CA GLU E 255 -3.56 -42.22 -26.64
C GLU E 255 -3.78 -40.89 -27.34
N PRO E 256 -3.94 -40.91 -28.66
CA PRO E 256 -4.01 -39.66 -29.44
C PRO E 256 -5.23 -38.83 -29.05
N PRO E 257 -5.26 -37.55 -29.41
CA PRO E 257 -6.38 -36.68 -29.02
C PRO E 257 -7.74 -37.16 -29.52
N GLY E 258 -7.78 -37.96 -30.58
CA GLY E 258 -9.05 -38.53 -31.01
C GLY E 258 -9.65 -39.45 -29.96
N ALA E 259 -8.81 -40.24 -29.29
CA ALA E 259 -9.29 -41.16 -28.28
C ALA E 259 -9.73 -40.40 -27.02
N ARG E 260 -8.91 -39.48 -26.55
CA ARG E 260 -9.20 -38.76 -25.32
C ARG E 260 -10.38 -37.80 -25.45
N ALA E 261 -10.90 -37.60 -26.66
CA ALA E 261 -12.07 -36.75 -26.88
C ALA E 261 -13.35 -37.56 -27.06
N ARG E 262 -13.27 -38.89 -27.05
CA ARG E 262 -14.45 -39.74 -27.17
C ARG E 262 -14.63 -40.69 -25.99
N VAL E 263 -13.68 -40.72 -25.05
CA VAL E 263 -13.77 -41.65 -23.93
C VAL E 263 -14.94 -41.29 -23.02
N ALA E 264 -15.19 -39.99 -22.83
CA ALA E 264 -16.33 -39.58 -22.01
C ALA E 264 -17.64 -39.98 -22.65
N LEU E 265 -17.71 -39.91 -23.99
CA LEU E 265 -18.89 -40.40 -24.70
C LEU E 265 -19.00 -41.92 -24.64
N THR E 266 -17.90 -42.63 -24.40
CA THR E 266 -17.93 -44.08 -24.28
C THR E 266 -18.52 -44.50 -22.94
N GLY E 267 -17.97 -43.99 -21.84
CA GLY E 267 -18.47 -44.37 -20.53
C GLY E 267 -19.88 -43.91 -20.27
N LEU E 268 -20.26 -42.75 -20.82
CA LEU E 268 -21.62 -42.26 -20.65
C LEU E 268 -22.64 -43.21 -21.28
N THR E 269 -22.28 -43.85 -22.40
CA THR E 269 -23.21 -44.76 -23.05
C THR E 269 -23.58 -45.93 -22.15
N ILE E 270 -22.61 -46.46 -21.40
CA ILE E 270 -22.88 -47.57 -20.48
C ILE E 270 -23.84 -47.12 -19.40
N ALA E 271 -23.70 -45.88 -18.93
CA ALA E 271 -24.60 -45.36 -17.90
C ALA E 271 -26.01 -45.17 -18.43
N GLU E 272 -26.16 -44.88 -19.73
CA GLU E 272 -27.49 -44.76 -20.31
C GLU E 272 -28.17 -46.11 -20.49
N TYR E 273 -27.40 -47.20 -20.56
CA TYR E 273 -28.01 -48.52 -20.65
C TYR E 273 -28.67 -48.92 -19.33
N PHE E 274 -28.02 -48.64 -18.21
CA PHE E 274 -28.61 -48.92 -16.91
C PHE E 274 -29.78 -47.98 -16.60
N ARG E 275 -29.88 -46.87 -17.33
CA ARG E 275 -30.94 -45.90 -17.11
C ARG E 275 -32.20 -46.21 -17.93
N ASP E 276 -32.03 -46.49 -19.23
CA ASP E 276 -33.16 -46.68 -20.11
C ASP E 276 -33.63 -48.13 -20.17
N GLU E 277 -32.70 -49.09 -20.15
CA GLU E 277 -33.06 -50.49 -20.24
C GLU E 277 -33.24 -51.14 -18.88
N GLU E 278 -32.49 -50.70 -17.87
CA GLU E 278 -32.59 -51.28 -16.53
C GLU E 278 -33.34 -50.39 -15.55
N GLY E 279 -33.49 -49.10 -15.85
CA GLY E 279 -34.26 -48.20 -15.00
C GLY E 279 -33.65 -47.96 -13.64
N GLN E 280 -32.44 -47.42 -13.60
CA GLN E 280 -31.73 -47.18 -12.35
C GLN E 280 -31.17 -45.77 -12.33
N ASP E 281 -30.71 -45.35 -11.15
CA ASP E 281 -30.06 -44.06 -10.96
C ASP E 281 -28.55 -44.29 -11.02
N VAL E 282 -27.95 -43.92 -12.15
CA VAL E 282 -26.56 -44.24 -12.44
C VAL E 282 -25.68 -43.03 -12.12
N LEU E 283 -24.44 -43.32 -11.73
CA LEU E 283 -23.44 -42.30 -11.45
C LEU E 283 -22.38 -42.31 -12.55
N LEU E 284 -22.01 -41.12 -13.02
CA LEU E 284 -21.01 -40.96 -14.07
C LEU E 284 -19.90 -40.04 -13.55
N PHE E 285 -18.77 -40.62 -13.18
CA PHE E 285 -17.64 -39.85 -12.68
C PHE E 285 -16.69 -39.54 -13.83
N VAL E 286 -16.46 -38.25 -14.09
CA VAL E 286 -15.56 -37.80 -15.14
C VAL E 286 -14.34 -37.17 -14.50
N ASP E 287 -13.16 -37.67 -14.86
CA ASP E 287 -11.91 -37.15 -14.33
C ASP E 287 -10.80 -37.32 -15.36
N ASN E 288 -10.39 -36.22 -15.99
CA ASN E 288 -10.93 -34.90 -15.71
C ASN E 288 -11.83 -34.42 -16.84
N ILE E 289 -12.72 -33.46 -16.56
CA ILE E 289 -13.58 -32.90 -17.59
C ILE E 289 -12.87 -31.82 -18.40
N PHE E 290 -11.83 -31.20 -17.85
CA PHE E 290 -11.09 -30.19 -18.61
C PHE E 290 -10.27 -30.82 -19.74
N ARG E 291 -9.73 -32.02 -19.51
CA ARG E 291 -9.02 -32.74 -20.56
C ARG E 291 -9.96 -33.39 -21.57
N PHE E 292 -11.27 -33.35 -21.31
CA PHE E 292 -12.25 -33.65 -22.36
C PHE E 292 -12.42 -32.49 -23.32
N THR E 293 -12.28 -31.26 -22.82
CA THR E 293 -12.29 -30.08 -23.69
C THR E 293 -10.94 -29.91 -24.39
N GLN E 294 -9.84 -30.08 -23.66
CA GLN E 294 -8.52 -29.93 -24.26
C GLN E 294 -8.30 -30.92 -25.39
N ALA E 295 -8.76 -32.16 -25.21
CA ALA E 295 -8.65 -33.15 -26.27
C ALA E 295 -9.46 -32.75 -27.49
N GLY E 296 -10.60 -32.09 -27.28
CA GLY E 296 -11.37 -31.60 -28.42
C GLY E 296 -10.70 -30.46 -29.14
N SER E 297 -9.89 -29.66 -28.44
CA SER E 297 -9.19 -28.56 -29.08
C SER E 297 -8.03 -29.05 -29.94
N GLU E 298 -7.42 -30.17 -29.56
CA GLU E 298 -6.34 -30.73 -30.37
C GLU E 298 -6.88 -31.39 -31.63
N VAL E 299 -8.04 -32.05 -31.53
CA VAL E 299 -8.70 -32.58 -32.70
C VAL E 299 -9.13 -31.45 -33.63
N SER E 300 -9.64 -30.35 -33.06
CA SER E 300 -10.06 -29.21 -33.86
C SER E 300 -8.87 -28.60 -34.61
N ALA E 301 -7.70 -28.55 -33.97
CA ALA E 301 -6.52 -28.02 -34.63
C ALA E 301 -6.05 -28.93 -35.76
N LEU E 302 -6.29 -30.24 -35.64
CA LEU E 302 -5.89 -31.17 -36.70
C LEU E 302 -6.80 -31.06 -37.91
N LEU E 303 -8.08 -30.77 -37.70
CA LEU E 303 -9.01 -30.60 -38.81
C LEU E 303 -8.85 -29.26 -39.51
N GLY E 304 -8.08 -28.34 -38.95
CA GLY E 304 -7.78 -27.07 -39.59
C GLY E 304 -8.80 -25.97 -39.38
N ARG E 305 -9.90 -26.24 -38.67
CA ARG E 305 -10.89 -25.21 -38.42
C ARG E 305 -10.29 -24.11 -37.54
N ILE E 306 -10.66 -22.87 -37.85
CA ILE E 306 -10.07 -21.69 -37.23
C ILE E 306 -10.31 -21.70 -35.72
N PRO E 307 -9.27 -21.62 -34.90
CA PRO E 307 -9.47 -21.68 -33.45
C PRO E 307 -10.17 -20.45 -32.92
N SER E 308 -11.07 -20.66 -31.96
CA SER E 308 -11.85 -19.57 -31.37
C SER E 308 -11.04 -18.85 -30.30
N ALA E 309 -11.73 -18.27 -29.32
CA ALA E 309 -11.06 -17.50 -28.28
C ALA E 309 -10.17 -18.41 -27.43
N VAL E 310 -8.98 -17.91 -27.11
CA VAL E 310 -7.98 -18.61 -26.32
C VAL E 310 -7.68 -19.98 -26.95
N GLY E 311 -7.60 -20.01 -28.27
CA GLY E 311 -7.20 -21.21 -28.97
C GLY E 311 -8.10 -22.41 -28.74
N TYR E 312 -9.37 -22.18 -28.45
CA TYR E 312 -10.32 -23.27 -28.24
C TYR E 312 -11.07 -23.56 -29.54
N GLN E 313 -12.04 -24.46 -29.45
CA GLN E 313 -12.80 -24.85 -30.62
C GLN E 313 -13.94 -23.89 -30.88
N PRO E 314 -14.30 -23.66 -32.14
CA PRO E 314 -15.58 -23.00 -32.42
C PRO E 314 -16.76 -23.80 -31.90
N THR E 315 -16.64 -25.13 -31.94
CA THR E 315 -17.65 -26.03 -31.37
C THR E 315 -17.29 -26.34 -29.91
N LEU E 316 -17.31 -25.29 -29.09
CA LEU E 316 -17.00 -25.43 -27.68
C LEU E 316 -18.26 -25.63 -26.83
N ALA E 317 -19.30 -24.82 -27.08
CA ALA E 317 -20.56 -24.99 -26.35
C ALA E 317 -21.34 -26.21 -26.83
N THR E 318 -21.05 -26.70 -28.02
CA THR E 318 -21.75 -27.87 -28.55
C THR E 318 -21.08 -29.18 -28.14
N ASP E 319 -19.75 -29.25 -28.29
CA ASP E 319 -19.02 -30.44 -27.82
C ASP E 319 -19.23 -30.66 -26.34
N MET E 320 -19.16 -29.59 -25.55
CA MET E 320 -19.50 -29.69 -24.13
C MET E 320 -20.98 -30.03 -23.96
N GLY E 321 -21.85 -29.43 -24.77
CA GLY E 321 -23.27 -29.73 -24.69
C GLY E 321 -23.60 -31.12 -25.20
N ALA E 322 -22.81 -31.65 -26.13
CA ALA E 322 -23.06 -32.99 -26.64
C ALA E 322 -22.84 -34.06 -25.57
N LEU E 323 -22.16 -33.73 -24.48
CA LEU E 323 -21.91 -34.64 -23.38
C LEU E 323 -22.85 -34.42 -22.20
N GLN E 324 -23.15 -33.15 -21.88
CA GLN E 324 -23.96 -32.85 -20.71
C GLN E 324 -25.45 -33.08 -20.98
N GLU E 325 -25.93 -32.70 -22.16
CA GLU E 325 -27.36 -32.82 -22.45
C GLU E 325 -27.82 -34.27 -22.42
N ARG E 326 -26.93 -35.21 -22.70
CA ARG E 326 -27.27 -36.63 -22.57
C ARG E 326 -27.40 -37.06 -21.12
N ILE E 327 -26.97 -36.23 -20.18
CA ILE E 327 -27.00 -36.56 -18.76
C ILE E 327 -28.20 -35.84 -18.16
N THR E 328 -29.31 -36.56 -17.98
CA THR E 328 -30.52 -35.96 -17.44
C THR E 328 -31.39 -37.06 -16.84
N THR E 329 -32.57 -36.68 -16.37
CA THR E 329 -33.50 -37.58 -15.71
C THR E 329 -34.66 -37.89 -16.64
N THR E 330 -34.98 -39.17 -16.78
CA THR E 330 -36.13 -39.63 -17.54
C THR E 330 -37.15 -40.23 -16.59
N GLN E 331 -38.30 -40.61 -17.15
CA GLN E 331 -39.31 -41.31 -16.36
C GLN E 331 -38.90 -42.76 -16.08
N LYS E 332 -37.96 -43.30 -16.83
CA LYS E 332 -37.46 -44.66 -16.63
C LYS E 332 -36.34 -44.70 -15.61
N GLY E 333 -35.33 -43.84 -15.78
CA GLY E 333 -34.21 -43.78 -14.86
C GLY E 333 -33.60 -42.40 -14.78
N SER E 334 -32.34 -42.32 -14.34
CA SER E 334 -31.66 -41.04 -14.24
C SER E 334 -30.16 -41.29 -14.22
N VAL E 335 -29.41 -40.28 -14.64
CA VAL E 335 -27.95 -40.33 -14.69
C VAL E 335 -27.41 -39.09 -13.99
N THR E 336 -26.76 -39.29 -12.85
CA THR E 336 -26.08 -38.21 -12.13
C THR E 336 -24.59 -38.24 -12.48
N SER E 337 -24.02 -37.06 -12.71
CA SER E 337 -22.65 -36.94 -13.17
C SER E 337 -21.86 -36.09 -12.19
N VAL E 338 -20.75 -36.64 -11.69
CA VAL E 338 -19.83 -35.95 -10.81
C VAL E 338 -18.53 -35.78 -11.58
N GLN E 339 -18.24 -34.54 -12.00
CA GLN E 339 -17.14 -34.26 -12.90
C GLN E 339 -16.10 -33.40 -12.20
N ALA E 340 -14.86 -33.89 -12.16
CA ALA E 340 -13.76 -33.12 -11.60
C ALA E 340 -13.36 -31.99 -12.54
N VAL E 341 -13.33 -30.76 -12.03
CA VAL E 341 -13.11 -29.57 -12.84
C VAL E 341 -11.77 -28.96 -12.48
N TYR E 342 -10.95 -28.71 -13.50
CA TYR E 342 -9.71 -27.98 -13.36
C TYR E 342 -9.88 -26.57 -13.92
N VAL E 343 -9.08 -25.63 -13.40
CA VAL E 343 -9.18 -24.25 -13.82
C VAL E 343 -7.81 -23.76 -14.33
N PRO E 344 -7.69 -23.44 -15.61
CA PRO E 344 -6.39 -23.00 -16.14
C PRO E 344 -6.01 -21.63 -15.62
N ALA E 345 -4.81 -21.53 -15.04
CA ALA E 345 -4.26 -20.27 -14.55
C ALA E 345 -5.16 -19.61 -13.52
N ASP E 346 -6.00 -20.41 -12.84
CA ASP E 346 -6.93 -19.91 -11.83
C ASP E 346 -7.86 -18.85 -12.42
N ASP E 347 -8.21 -19.01 -13.69
CA ASP E 347 -9.06 -18.07 -14.41
C ASP E 347 -10.44 -18.68 -14.56
N LEU E 348 -11.41 -18.14 -13.83
CA LEU E 348 -12.79 -18.57 -13.96
C LEU E 348 -13.50 -17.95 -15.15
N THR E 349 -12.90 -16.93 -15.77
CA THR E 349 -13.40 -16.38 -17.02
C THR E 349 -12.84 -17.10 -18.24
N ASP E 350 -11.98 -18.08 -18.03
CA ASP E 350 -11.42 -18.85 -19.14
C ASP E 350 -12.53 -19.62 -19.85
N PRO E 351 -12.46 -19.77 -21.17
CA PRO E 351 -13.56 -20.44 -21.89
C PRO E 351 -13.76 -21.90 -21.50
N ALA E 352 -12.77 -22.54 -20.88
CA ALA E 352 -12.91 -23.96 -20.56
C ALA E 352 -13.76 -24.18 -19.30
N PRO E 353 -13.49 -23.48 -18.19
CA PRO E 353 -14.38 -23.65 -17.02
C PRO E 353 -15.72 -22.96 -17.20
N ALA E 354 -15.73 -21.74 -17.75
CA ALA E 354 -16.96 -20.96 -17.86
C ALA E 354 -18.01 -21.73 -18.67
N THR E 355 -17.59 -22.38 -19.76
CA THR E 355 -18.52 -23.20 -20.52
C THR E 355 -18.92 -24.46 -19.75
N THR E 356 -18.04 -24.94 -18.86
CA THR E 356 -18.35 -26.13 -18.08
C THR E 356 -19.29 -25.82 -16.93
N PHE E 357 -19.12 -24.66 -16.28
CA PHE E 357 -19.94 -24.31 -15.13
C PHE E 357 -21.40 -24.11 -15.53
N ALA E 358 -21.67 -23.74 -16.79
CA ALA E 358 -23.05 -23.47 -17.20
C ALA E 358 -23.91 -24.73 -17.17
N HIS E 359 -23.30 -25.90 -17.31
CA HIS E 359 -24.03 -27.15 -17.23
C HIS E 359 -24.07 -27.74 -15.83
N LEU E 360 -23.20 -27.28 -14.93
CA LEU E 360 -23.18 -27.80 -13.57
C LEU E 360 -24.36 -27.27 -12.77
N ASP E 361 -24.89 -28.12 -11.89
CA ASP E 361 -25.94 -27.71 -10.97
C ASP E 361 -25.44 -27.53 -9.55
N ALA E 362 -24.34 -28.17 -9.17
CA ALA E 362 -23.78 -28.04 -7.85
C ALA E 362 -22.27 -28.25 -7.93
N THR E 363 -21.56 -27.80 -6.90
CA THR E 363 -20.12 -27.95 -6.82
C THR E 363 -19.73 -28.43 -5.41
N THR E 364 -18.78 -29.36 -5.36
CA THR E 364 -18.26 -29.89 -4.10
C THR E 364 -16.77 -29.59 -4.03
N VAL E 365 -16.40 -28.66 -3.16
CA VAL E 365 -15.03 -28.18 -3.06
C VAL E 365 -14.34 -28.89 -1.90
N LEU E 366 -13.15 -29.44 -2.17
CA LEU E 366 -12.33 -30.09 -1.16
C LEU E 366 -11.12 -29.19 -0.90
N SER E 367 -11.04 -28.66 0.32
CA SER E 367 -9.95 -27.79 0.71
C SER E 367 -8.93 -28.56 1.55
N ARG E 368 -7.65 -28.30 1.30
CA ARG E 368 -6.61 -28.96 2.07
C ARG E 368 -6.52 -28.40 3.49
N GLY E 369 -6.87 -27.13 3.68
CA GLY E 369 -6.86 -26.56 5.02
C GLY E 369 -7.89 -27.16 5.94
N ILE E 370 -8.99 -27.67 5.37
CA ILE E 370 -10.01 -28.33 6.18
C ILE E 370 -9.51 -29.67 6.69
N SER E 371 -8.70 -30.38 5.88
CA SER E 371 -8.13 -31.64 6.33
C SER E 371 -7.12 -31.44 7.46
N GLU E 372 -6.46 -30.28 7.49
CA GLU E 372 -5.54 -29.98 8.57
C GLU E 372 -6.26 -29.78 9.90
N LEU E 373 -7.55 -29.46 9.87
CA LEU E 373 -8.36 -29.33 11.07
C LEU E 373 -8.87 -30.67 11.58
N GLY E 374 -8.36 -31.78 11.05
CA GLY E 374 -8.85 -33.08 11.42
C GLY E 374 -10.22 -33.43 10.86
N ILE E 375 -10.68 -32.71 9.85
CA ILE E 375 -12.01 -32.91 9.29
C ILE E 375 -11.88 -33.84 8.08
N TYR E 376 -12.42 -35.05 8.21
CA TYR E 376 -12.41 -36.01 7.13
C TYR E 376 -13.84 -36.49 6.87
N PRO E 377 -14.34 -36.29 5.63
CA PRO E 377 -13.66 -35.71 4.47
C PRO E 377 -13.45 -34.20 4.57
N ALA E 378 -12.53 -33.67 3.77
CA ALA E 378 -12.14 -32.26 3.84
C ALA E 378 -13.00 -31.40 2.92
N VAL E 379 -14.31 -31.53 3.02
CA VAL E 379 -15.23 -30.74 2.21
C VAL E 379 -15.28 -29.32 2.76
N ASP E 380 -14.86 -28.37 1.96
CA ASP E 380 -14.91 -26.96 2.38
C ASP E 380 -16.37 -26.53 2.49
N PRO E 381 -16.87 -26.22 3.69
CA PRO E 381 -18.32 -26.00 3.86
C PRO E 381 -18.80 -24.65 3.38
N LEU E 382 -17.92 -23.67 3.21
CA LEU E 382 -18.31 -22.31 2.86
C LEU E 382 -18.19 -22.00 1.38
N ASP E 383 -17.37 -22.75 0.64
CA ASP E 383 -17.21 -22.52 -0.79
C ASP E 383 -18.03 -23.46 -1.65
N SER E 384 -18.36 -24.65 -1.16
CA SER E 384 -19.20 -25.58 -1.91
C SER E 384 -20.65 -25.09 -1.89
N LYS E 385 -21.20 -24.87 -3.08
CA LYS E 385 -22.55 -24.33 -3.23
C LYS E 385 -23.36 -25.27 -4.13
N SER E 386 -24.65 -24.95 -4.28
CA SER E 386 -25.54 -25.76 -5.10
C SER E 386 -26.74 -24.92 -5.51
N ARG E 387 -27.37 -25.33 -6.61
CA ARG E 387 -28.59 -24.69 -7.07
C ARG E 387 -29.84 -25.23 -6.38
N LEU E 388 -29.77 -26.44 -5.83
CA LEU E 388 -30.90 -27.04 -5.12
C LEU E 388 -30.93 -26.67 -3.64
N LEU E 389 -30.49 -25.47 -3.29
CA LEU E 389 -30.57 -25.00 -1.91
C LEU E 389 -31.65 -23.93 -1.83
N ASP E 390 -32.84 -24.24 -2.33
CA ASP E 390 -33.93 -23.28 -2.42
C ASP E 390 -35.21 -23.89 -1.83
N ILE E 391 -36.07 -23.01 -1.32
CA ILE E 391 -37.28 -23.45 -0.63
C ILE E 391 -38.29 -24.07 -1.59
N ASP E 392 -38.19 -23.78 -2.89
CA ASP E 392 -39.07 -24.40 -3.88
C ASP E 392 -38.61 -25.80 -4.26
N VAL E 393 -37.46 -26.25 -3.76
CA VAL E 393 -36.92 -27.57 -4.06
C VAL E 393 -36.81 -28.43 -2.81
N VAL E 394 -36.15 -27.93 -1.77
CA VAL E 394 -35.97 -28.69 -0.53
C VAL E 394 -36.89 -28.21 0.59
N GLY E 395 -37.52 -27.04 0.45
CA GLY E 395 -38.44 -26.55 1.45
C GLY E 395 -37.80 -25.53 2.37
N GLN E 396 -38.62 -25.04 3.31
CA GLN E 396 -38.14 -24.08 4.30
C GLN E 396 -37.35 -24.75 5.41
N GLU E 397 -37.68 -26.00 5.74
CA GLU E 397 -36.99 -26.70 6.83
C GLU E 397 -35.53 -26.93 6.50
N HIS E 398 -35.25 -27.45 5.30
CA HIS E 398 -33.89 -27.76 4.92
C HIS E 398 -33.08 -26.50 4.63
N TYR E 399 -33.75 -25.42 4.19
CA TYR E 399 -33.04 -24.21 3.79
C TYR E 399 -32.57 -23.39 4.99
N ASP E 400 -33.40 -23.31 6.04
CA ASP E 400 -33.06 -22.46 7.18
C ASP E 400 -31.87 -23.02 7.95
N VAL E 401 -31.84 -24.33 8.17
CA VAL E 401 -30.74 -24.93 8.94
C VAL E 401 -29.44 -24.87 8.15
N ALA E 402 -29.51 -25.08 6.84
CA ALA E 402 -28.30 -25.04 6.02
C ALA E 402 -27.76 -23.63 5.86
N SER E 403 -28.64 -22.63 5.88
CA SER E 403 -28.21 -21.23 5.83
C SER E 403 -27.76 -20.71 7.19
N ASN E 404 -27.98 -21.48 8.26
CA ASN E 404 -27.54 -21.10 9.59
C ASN E 404 -26.20 -21.72 9.98
N VAL E 405 -25.77 -22.77 9.28
CA VAL E 405 -24.50 -23.40 9.57
C VAL E 405 -23.35 -22.61 8.96
N GLN E 406 -23.47 -22.26 7.67
CA GLN E 406 -22.37 -21.59 6.98
C GLN E 406 -22.18 -20.17 7.47
N GLN E 407 -23.24 -19.52 7.96
CA GLN E 407 -23.08 -18.17 8.49
C GLN E 407 -22.33 -18.17 9.82
N THR E 408 -22.46 -19.25 10.59
CA THR E 408 -21.66 -19.38 11.81
C THR E 408 -20.22 -19.75 11.48
N LEU E 409 -20.02 -20.60 10.47
CA LEU E 409 -18.68 -20.87 9.98
C LEU E 409 -18.07 -19.63 9.34
N GLN E 410 -18.90 -18.77 8.75
CA GLN E 410 -18.43 -17.45 8.32
C GLN E 410 -18.18 -16.54 9.51
N ALA E 411 -19.00 -16.66 10.56
CA ALA E 411 -18.74 -15.91 11.79
C ALA E 411 -17.48 -16.40 12.47
N TYR E 412 -17.28 -17.72 12.53
CA TYR E 412 -16.06 -18.26 13.10
C TYR E 412 -14.84 -17.84 12.29
N LYS E 413 -14.97 -17.84 10.97
CA LYS E 413 -13.87 -17.40 10.11
C LYS E 413 -13.59 -15.91 10.29
N SER E 414 -14.62 -15.12 10.55
CA SER E 414 -14.42 -13.70 10.83
C SER E 414 -13.91 -13.46 12.25
N LEU E 415 -14.30 -14.32 13.19
CA LEU E 415 -13.78 -14.28 14.55
C LEU E 415 -12.51 -15.11 14.71
N GLN E 416 -12.07 -15.78 13.65
CA GLN E 416 -10.80 -16.50 13.68
C GLN E 416 -9.61 -15.57 13.88
N ASP E 417 -9.80 -14.26 13.64
CA ASP E 417 -8.72 -13.30 13.82
C ASP E 417 -8.39 -13.08 15.28
N ILE E 418 -9.38 -13.20 16.16
CA ILE E 418 -9.17 -12.95 17.58
C ILE E 418 -9.08 -14.23 18.41
N ILE E 419 -9.58 -15.35 17.89
CA ILE E 419 -9.49 -16.61 18.63
C ILE E 419 -8.06 -17.12 18.66
N ALA E 420 -7.38 -17.08 17.52
CA ALA E 420 -6.01 -17.55 17.42
C ALA E 420 -4.99 -16.57 18.01
N ILE E 421 -5.44 -15.42 18.50
CA ILE E 421 -4.52 -14.41 19.04
C ILE E 421 -4.99 -13.97 20.42
N LEU E 422 -6.04 -13.16 20.47
CA LEU E 422 -6.51 -12.59 21.73
C LEU E 422 -7.13 -13.63 22.65
N GLY E 423 -7.55 -14.78 22.13
CA GLY E 423 -8.16 -15.81 22.91
C GLY E 423 -9.67 -15.89 22.70
N MET E 424 -10.33 -16.56 23.65
CA MET E 424 -11.77 -16.75 23.61
C MET E 424 -12.48 -16.06 24.76
N ASP E 425 -11.79 -15.16 25.46
CA ASP E 425 -12.38 -14.45 26.59
C ASP E 425 -12.79 -13.02 26.26
N GLU E 426 -12.28 -12.45 25.17
CA GLU E 426 -12.64 -11.11 24.76
C GLU E 426 -13.85 -11.07 23.83
N LEU E 427 -14.77 -12.01 24.00
CA LEU E 427 -15.96 -12.11 23.17
C LEU E 427 -17.21 -11.89 24.01
N SER E 428 -18.31 -11.57 23.33
CA SER E 428 -19.61 -11.53 23.98
C SER E 428 -20.05 -12.96 24.31
N GLU E 429 -20.90 -13.07 25.33
CA GLU E 429 -21.35 -14.40 25.75
C GLU E 429 -22.08 -15.13 24.64
N GLN E 430 -22.81 -14.39 23.80
CA GLN E 430 -23.41 -15.01 22.62
C GLN E 430 -22.37 -15.26 21.54
N ASP E 431 -21.35 -14.39 21.44
CA ASP E 431 -20.25 -14.64 20.52
C ASP E 431 -19.33 -15.73 21.02
N LYS E 432 -19.19 -15.86 22.35
CA LYS E 432 -18.51 -17.03 22.90
C LYS E 432 -19.26 -18.31 22.55
N LEU E 433 -20.59 -18.26 22.61
CA LEU E 433 -21.40 -19.42 22.22
C LEU E 433 -21.34 -19.66 20.72
N THR E 434 -21.26 -18.58 19.94
CA THR E 434 -21.18 -18.72 18.48
C THR E 434 -19.92 -19.47 18.08
N VAL E 435 -18.76 -19.03 18.58
CA VAL E 435 -17.52 -19.75 18.32
C VAL E 435 -17.59 -21.16 18.90
N GLU E 436 -18.22 -21.30 20.07
CA GLU E 436 -18.40 -22.62 20.65
C GLU E 436 -19.26 -23.51 19.76
N ARG E 437 -20.45 -23.02 19.37
CA ARG E 437 -21.29 -23.76 18.45
C ARG E 437 -20.59 -24.01 17.12
N ALA E 438 -19.73 -23.07 16.69
CA ALA E 438 -18.97 -23.28 15.46
C ALA E 438 -18.02 -24.46 15.62
N ARG E 439 -17.36 -24.58 16.78
CA ARG E 439 -16.55 -25.76 17.04
C ARG E 439 -17.40 -27.02 17.06
N LYS E 440 -18.62 -26.92 17.59
CA LYS E 440 -19.53 -28.07 17.57
C LYS E 440 -20.02 -28.35 16.16
N ILE E 441 -20.24 -27.30 15.36
CA ILE E 441 -20.79 -27.49 14.02
C ILE E 441 -19.72 -27.86 13.00
N GLN E 442 -18.44 -27.59 13.30
CA GLN E 442 -17.37 -27.94 12.39
C GLN E 442 -16.85 -29.35 12.65
N ARG E 443 -16.89 -29.81 13.90
CA ARG E 443 -16.51 -31.19 14.19
C ARG E 443 -17.57 -32.17 13.71
N PHE E 444 -18.85 -31.79 13.81
CA PHE E 444 -19.93 -32.67 13.40
C PHE E 444 -19.99 -32.87 11.89
N LEU E 445 -19.34 -31.98 11.11
CA LEU E 445 -19.28 -32.18 9.67
C LEU E 445 -18.48 -33.43 9.31
N SER E 446 -17.48 -33.77 10.12
CA SER E 446 -16.68 -34.96 9.86
C SER E 446 -17.55 -36.21 9.92
N GLN E 447 -17.26 -37.17 9.05
CA GLN E 447 -18.04 -38.39 8.98
C GLN E 447 -17.19 -39.55 8.47
N PRO E 448 -17.23 -40.70 9.16
CA PRO E 448 -16.42 -41.84 8.71
C PRO E 448 -17.03 -42.50 7.48
N PHE E 449 -16.16 -42.81 6.51
CA PHE E 449 -16.59 -43.46 5.28
C PHE E 449 -16.68 -44.97 5.47
N THR E 450 -17.60 -45.58 4.72
CA THR E 450 -17.79 -47.03 4.79
C THR E 450 -16.66 -47.80 4.10
N VAL E 451 -16.00 -47.18 3.13
CA VAL E 451 -14.91 -47.84 2.41
C VAL E 451 -13.58 -47.70 3.13
N ALA E 452 -13.54 -47.04 4.28
CA ALA E 452 -12.31 -46.85 5.04
C ALA E 452 -12.19 -47.86 6.19
N GLU E 453 -12.74 -49.05 6.04
CA GLU E 453 -12.61 -50.09 7.05
C GLU E 453 -11.28 -50.81 6.98
N VAL E 454 -10.47 -50.55 5.95
CA VAL E 454 -9.16 -51.14 5.81
C VAL E 454 -8.05 -50.15 6.15
N PHE E 455 -8.21 -48.90 5.75
CA PHE E 455 -7.18 -47.88 5.94
C PHE E 455 -7.25 -47.22 7.31
N THR E 456 -8.45 -47.01 7.83
CA THR E 456 -8.64 -46.41 9.15
C THR E 456 -9.04 -47.42 10.22
N GLY E 457 -9.83 -48.43 9.87
CA GLY E 457 -10.32 -49.40 10.82
C GLY E 457 -11.60 -49.00 11.52
N ILE E 458 -11.97 -47.72 11.48
CA ILE E 458 -13.18 -47.26 12.13
C ILE E 458 -14.39 -47.79 11.39
N GLU E 459 -15.37 -48.31 12.13
CA GLU E 459 -16.60 -48.82 11.52
C GLU E 459 -17.31 -47.71 10.76
N GLY E 460 -17.70 -48.01 9.52
CA GLY E 460 -18.38 -47.03 8.71
C GLY E 460 -19.75 -46.67 9.25
N ARG E 461 -20.21 -45.47 8.90
CA ARG E 461 -21.48 -44.96 9.39
C ARG E 461 -22.13 -44.15 8.27
N LEU E 462 -23.29 -44.64 7.79
CA LEU E 462 -24.05 -43.96 6.76
C LEU E 462 -25.27 -43.29 7.37
N VAL E 463 -25.42 -41.99 7.13
CA VAL E 463 -26.47 -41.19 7.74
C VAL E 463 -27.47 -40.78 6.66
N SER E 464 -28.75 -40.87 7.00
CA SER E 464 -29.82 -40.48 6.07
C SER E 464 -29.95 -38.97 6.03
N LEU E 465 -30.94 -38.49 5.26
CA LEU E 465 -31.10 -37.06 5.07
C LEU E 465 -31.95 -36.43 6.17
N LYS E 466 -33.16 -36.97 6.38
CA LYS E 466 -34.05 -36.38 7.38
C LYS E 466 -33.50 -36.51 8.79
N ASP E 467 -32.71 -37.56 9.06
CA ASP E 467 -32.06 -37.70 10.35
C ASP E 467 -30.87 -36.76 10.51
N THR E 468 -30.30 -36.28 9.39
CA THR E 468 -29.21 -35.31 9.46
C THR E 468 -29.73 -33.91 9.77
N VAL E 469 -30.82 -33.51 9.13
CA VAL E 469 -31.40 -32.19 9.37
C VAL E 469 -31.87 -32.06 10.82
N ARG E 470 -32.57 -33.09 11.30
CA ARG E 470 -33.03 -33.08 12.69
C ARG E 470 -31.87 -33.06 13.67
N SER E 471 -30.74 -33.67 13.31
CA SER E 471 -29.60 -33.73 14.22
C SER E 471 -28.98 -32.35 14.41
N PHE E 472 -28.96 -31.54 13.35
CA PHE E 472 -28.31 -30.23 13.45
C PHE E 472 -29.08 -29.28 14.37
N LYS E 473 -30.42 -29.33 14.32
CA LYS E 473 -31.20 -28.47 15.19
C LYS E 473 -31.01 -28.82 16.66
N GLU E 474 -30.76 -30.08 16.97
CA GLU E 474 -30.46 -30.51 18.33
C GLU E 474 -29.05 -30.16 18.76
N ILE E 475 -28.21 -29.74 17.81
CA ILE E 475 -26.89 -29.22 18.13
C ILE E 475 -26.86 -27.69 18.12
N LEU E 476 -27.72 -27.04 17.34
CA LEU E 476 -27.71 -25.59 17.25
C LEU E 476 -28.54 -24.96 18.35
N ASP E 477 -29.68 -25.56 18.70
CA ASP E 477 -30.62 -24.94 19.62
C ASP E 477 -30.24 -25.14 21.09
N GLY E 478 -28.97 -24.89 21.42
CA GLY E 478 -28.52 -24.87 22.80
C GLY E 478 -28.62 -26.19 23.55
N LYS E 479 -28.89 -27.27 22.83
CA LYS E 479 -29.04 -28.59 23.44
C LYS E 479 -27.69 -29.28 23.52
N HIS E 480 -27.35 -29.78 24.71
CA HIS E 480 -26.10 -30.48 25.01
C HIS E 480 -24.89 -29.83 24.33
N ASP E 481 -24.62 -28.59 24.73
CA ASP E 481 -23.44 -27.87 24.27
C ASP E 481 -22.34 -27.82 25.33
N ALA E 482 -22.42 -28.69 26.35
CA ALA E 482 -21.41 -28.78 27.38
C ALA E 482 -20.40 -29.89 27.13
N LEU E 483 -20.74 -30.87 26.28
CA LEU E 483 -19.83 -31.96 26.01
C LEU E 483 -18.67 -31.49 25.14
N PRO E 484 -17.50 -32.14 25.26
CA PRO E 484 -16.33 -31.70 24.48
C PRO E 484 -16.48 -31.96 22.98
N GLU E 485 -15.47 -31.55 22.21
CA GLU E 485 -15.50 -31.75 20.77
C GLU E 485 -15.29 -33.20 20.35
N ALA E 486 -14.89 -34.07 21.28
CA ALA E 486 -14.70 -35.48 20.96
C ALA E 486 -16.02 -36.21 20.75
N ALA E 487 -17.13 -35.68 21.27
CA ALA E 487 -18.43 -36.26 21.06
C ALA E 487 -19.02 -35.93 19.69
N PHE E 488 -18.46 -34.95 18.99
CA PHE E 488 -18.88 -34.60 17.64
C PHE E 488 -17.84 -34.98 16.58
N TYR E 489 -16.63 -35.36 16.99
CA TYR E 489 -15.57 -35.67 16.04
C TYR E 489 -15.83 -37.02 15.39
N MET E 490 -16.12 -37.01 14.09
CA MET E 490 -16.27 -38.22 13.28
C MET E 490 -17.38 -39.11 13.85
N VAL E 491 -18.62 -38.59 13.78
CA VAL E 491 -19.79 -39.27 14.29
C VAL E 491 -20.88 -39.24 13.24
N GLY E 492 -21.84 -40.17 13.37
CA GLY E 492 -22.95 -40.26 12.45
C GLY E 492 -24.29 -40.23 13.14
N GLY E 493 -25.15 -39.30 12.75
CA GLY E 493 -26.44 -39.13 13.38
C GLY E 493 -26.34 -38.40 14.71
N ILE E 494 -27.47 -38.36 15.42
CA ILE E 494 -27.52 -37.75 16.74
C ILE E 494 -27.80 -38.79 17.83
N GLU E 495 -28.49 -39.89 17.52
CA GLU E 495 -28.69 -40.94 18.48
C GLU E 495 -27.42 -41.73 18.76
N GLU E 496 -26.37 -41.53 17.96
CA GLU E 496 -25.06 -42.10 18.22
C GLU E 496 -24.12 -41.13 18.91
N VAL E 497 -24.37 -39.82 18.80
CA VAL E 497 -23.56 -38.83 19.51
C VAL E 497 -23.74 -38.99 21.01
N VAL E 498 -24.99 -38.94 21.48
CA VAL E 498 -25.26 -39.11 22.90
C VAL E 498 -24.84 -40.50 23.37
N ALA E 499 -24.98 -41.50 22.50
CA ALA E 499 -24.51 -42.84 22.85
C ALA E 499 -22.99 -42.87 22.98
N LYS E 500 -22.28 -42.06 22.21
CA LYS E 500 -20.83 -41.98 22.35
C LYS E 500 -20.44 -41.17 23.58
N ALA E 501 -21.23 -40.16 23.94
CA ALA E 501 -20.95 -39.38 25.14
C ALA E 501 -21.04 -40.24 26.40
N GLU E 502 -21.87 -41.29 26.37
CA GLU E 502 -21.95 -42.20 27.50
C GLU E 502 -20.70 -43.07 27.61
N LYS E 503 -19.93 -43.21 26.53
CA LYS E 503 -18.66 -43.92 26.57
C LYS E 503 -17.47 -43.01 26.81
N LEU E 504 -17.60 -41.70 26.53
CA LEU E 504 -16.52 -40.75 26.76
C LEU E 504 -16.47 -40.26 28.21
N ALA E 505 -17.58 -40.36 28.94
CA ALA E 505 -17.62 -39.86 30.31
C ALA E 505 -16.66 -40.61 31.21
N ALA E 506 -16.71 -41.95 31.16
CA ALA E 506 -15.85 -42.78 31.98
C ALA E 506 -15.06 -43.76 31.12
N GLY F 37 -22.19 5.21 -70.90
CA GLY F 37 -22.39 3.81 -71.23
C GLY F 37 -23.55 3.22 -70.46
N VAL F 38 -24.44 2.53 -71.18
CA VAL F 38 -25.62 1.89 -70.59
C VAL F 38 -25.81 0.55 -71.30
N GLY F 39 -25.54 -0.55 -70.58
CA GLY F 39 -25.77 -1.88 -71.11
C GLY F 39 -26.72 -2.68 -70.24
N SER F 40 -26.30 -3.90 -69.88
CA SER F 40 -27.05 -4.77 -68.97
C SER F 40 -26.27 -6.06 -68.68
N GLY F 41 -26.19 -6.43 -67.40
CA GLY F 41 -25.49 -7.64 -67.00
C GLY F 41 -26.38 -8.51 -66.11
N LYS F 42 -25.82 -9.67 -65.74
CA LYS F 42 -26.52 -10.66 -64.95
C LYS F 42 -25.74 -10.97 -63.67
N ILE F 43 -26.46 -11.42 -62.65
CA ILE F 43 -25.85 -11.76 -61.37
C ILE F 43 -25.24 -13.15 -61.47
N ARG F 44 -23.98 -13.28 -61.03
CA ARG F 44 -23.31 -14.57 -61.00
C ARG F 44 -23.35 -15.23 -59.62
N THR F 45 -23.08 -14.47 -58.57
CA THR F 45 -23.06 -15.03 -57.21
C THR F 45 -23.53 -13.97 -56.23
N VAL F 46 -24.07 -14.44 -55.10
CA VAL F 46 -24.59 -13.57 -54.04
C VAL F 46 -24.10 -14.12 -52.70
N ILE F 47 -23.28 -13.35 -52.00
CA ILE F 47 -22.74 -13.74 -50.70
C ILE F 47 -22.99 -12.62 -49.72
N GLY F 48 -23.81 -12.88 -48.70
CA GLY F 48 -24.05 -11.91 -47.65
C GLY F 48 -24.64 -10.62 -48.21
N ALA F 49 -23.94 -9.51 -47.98
CA ALA F 49 -24.32 -8.22 -48.53
C ALA F 49 -23.49 -7.84 -49.75
N VAL F 50 -22.83 -8.82 -50.36
CA VAL F 50 -21.95 -8.59 -51.51
C VAL F 50 -22.50 -9.40 -52.68
N VAL F 51 -22.78 -8.73 -53.79
CA VAL F 51 -23.33 -9.36 -54.98
C VAL F 51 -22.42 -9.05 -56.16
N ASP F 52 -22.01 -10.09 -56.88
CA ASP F 52 -21.18 -9.95 -58.07
C ASP F 52 -22.07 -9.98 -59.31
N VAL F 53 -21.84 -9.05 -60.23
CA VAL F 53 -22.62 -8.93 -61.45
C VAL F 53 -21.67 -9.11 -62.64
N GLN F 54 -22.07 -9.98 -63.57
CA GLN F 54 -21.27 -10.26 -64.76
C GLN F 54 -21.86 -9.49 -65.94
N PHE F 55 -21.01 -8.75 -66.65
CA PHE F 55 -21.40 -7.97 -67.80
C PHE F 55 -20.76 -8.55 -69.07
N GLU F 56 -20.99 -7.88 -70.18
CA GLU F 56 -20.33 -8.19 -71.43
C GLU F 56 -19.08 -7.32 -71.57
N GLN F 57 -18.42 -7.40 -72.72
CA GLN F 57 -17.24 -6.59 -72.96
C GLN F 57 -17.63 -5.14 -73.27
N ASP F 58 -16.76 -4.22 -72.88
CA ASP F 58 -16.87 -2.78 -73.14
C ASP F 58 -18.05 -2.13 -72.43
N ASN F 59 -18.91 -2.91 -71.75
CA ASN F 59 -20.06 -2.37 -71.04
C ASN F 59 -19.89 -2.45 -69.52
N LEU F 60 -18.66 -2.62 -69.04
CA LEU F 60 -18.43 -2.75 -67.61
C LEU F 60 -18.60 -1.39 -66.92
N PRO F 61 -19.49 -1.27 -65.94
CA PRO F 61 -19.63 -0.01 -65.22
C PRO F 61 -18.42 0.27 -64.36
N ALA F 62 -18.06 1.56 -64.26
CA ALA F 62 -16.89 1.96 -63.51
C ALA F 62 -17.12 1.78 -62.00
N ILE F 63 -16.05 1.96 -61.24
CA ILE F 63 -16.12 1.84 -59.79
C ILE F 63 -17.03 2.94 -59.23
N LEU F 64 -17.72 2.62 -58.13
CA LEU F 64 -18.60 3.53 -57.41
C LEU F 64 -19.83 3.94 -58.23
N ASN F 65 -20.14 3.20 -59.29
CA ASN F 65 -21.36 3.43 -60.05
C ASN F 65 -22.54 2.79 -59.31
N ALA F 66 -23.74 2.99 -59.84
CA ALA F 66 -24.97 2.48 -59.24
C ALA F 66 -25.64 1.50 -60.19
N LEU F 67 -25.98 0.33 -59.68
CA LEU F 67 -26.73 -0.68 -60.40
C LEU F 67 -28.16 -0.74 -59.86
N THR F 68 -29.05 -1.35 -60.63
CA THR F 68 -30.47 -1.40 -60.27
C THR F 68 -31.01 -2.78 -60.56
N ILE F 69 -31.52 -3.45 -59.52
CA ILE F 69 -32.23 -4.71 -59.64
C ILE F 69 -33.70 -4.45 -59.30
N ASP F 70 -34.59 -4.84 -60.21
CA ASP F 70 -36.00 -4.46 -60.09
C ASP F 70 -36.77 -5.57 -59.38
N ARG F 71 -37.06 -5.35 -58.10
CA ARG F 71 -38.17 -6.07 -57.49
C ARG F 71 -39.49 -5.61 -58.09
N GLY F 72 -39.56 -4.34 -58.49
CA GLY F 72 -40.69 -3.80 -59.22
C GLY F 72 -41.74 -3.14 -58.35
N GLU F 73 -42.32 -3.91 -57.43
CA GLU F 73 -43.48 -3.48 -56.67
C GLU F 73 -43.15 -3.01 -55.26
N GLY F 74 -42.29 -3.74 -54.55
CA GLY F 74 -41.77 -3.23 -53.30
C GLY F 74 -41.01 -1.94 -53.54
N ASN F 75 -39.91 -2.04 -54.28
CA ASN F 75 -39.20 -0.87 -54.78
C ASN F 75 -38.11 -1.31 -55.76
N LYS F 76 -36.94 -0.67 -55.68
CA LYS F 76 -35.80 -1.00 -56.51
C LYS F 76 -34.62 -1.35 -55.62
N LEU F 77 -33.81 -2.30 -56.07
CA LEU F 77 -32.63 -2.73 -55.34
C LEU F 77 -31.39 -2.14 -56.01
N VAL F 78 -30.65 -1.33 -55.27
CA VAL F 78 -29.49 -0.60 -55.79
C VAL F 78 -28.22 -1.30 -55.33
N LEU F 79 -27.24 -1.38 -56.22
CA LEU F 79 -25.91 -1.88 -55.92
C LEU F 79 -24.90 -0.78 -56.21
N GLU F 80 -23.67 -0.98 -55.74
CA GLU F 80 -22.59 -0.03 -55.97
C GLU F 80 -21.31 -0.79 -56.27
N VAL F 81 -20.71 -0.50 -57.42
CA VAL F 81 -19.51 -1.22 -57.86
C VAL F 81 -18.37 -0.93 -56.90
N ALA F 82 -17.76 -1.99 -56.37
CA ALA F 82 -16.64 -1.87 -55.45
C ALA F 82 -15.30 -2.17 -56.11
N GLN F 83 -15.23 -3.20 -56.95
CA GLN F 83 -13.95 -3.58 -57.54
C GLN F 83 -14.22 -4.41 -58.80
N HIS F 84 -13.24 -4.39 -59.70
CA HIS F 84 -13.28 -5.21 -60.91
C HIS F 84 -12.59 -6.54 -60.64
N LEU F 85 -13.36 -7.63 -60.74
CA LEU F 85 -12.81 -8.96 -60.51
C LEU F 85 -12.21 -9.58 -61.76
N GLY F 86 -12.33 -8.92 -62.92
CA GLY F 86 -11.90 -9.51 -64.17
C GLY F 86 -12.97 -10.42 -64.75
N GLU F 87 -12.64 -10.97 -65.93
CA GLU F 87 -13.54 -11.87 -66.65
C GLU F 87 -14.91 -11.22 -66.89
N ASN F 88 -14.89 -9.92 -67.20
CA ASN F 88 -16.10 -9.14 -67.48
C ASN F 88 -17.08 -9.21 -66.30
N THR F 89 -16.55 -9.23 -65.09
CA THR F 89 -17.36 -9.35 -63.88
C THR F 89 -16.95 -8.30 -62.87
N VAL F 90 -17.94 -7.74 -62.17
CA VAL F 90 -17.71 -6.73 -61.16
C VAL F 90 -18.30 -7.21 -59.85
N ARG F 91 -17.80 -6.65 -58.74
CA ARG F 91 -18.25 -6.98 -57.40
C ARG F 91 -18.87 -5.75 -56.77
N THR F 92 -20.11 -5.87 -56.31
CA THR F 92 -20.87 -4.74 -55.80
C THR F 92 -21.28 -4.98 -54.36
N ILE F 93 -21.77 -3.92 -53.71
CA ILE F 93 -22.26 -3.95 -52.34
C ILE F 93 -23.72 -3.52 -52.35
N ALA F 94 -24.59 -4.33 -51.76
CA ALA F 94 -26.03 -4.10 -51.84
C ALA F 94 -26.45 -3.02 -50.86
N MET F 95 -27.23 -2.06 -51.34
CA MET F 95 -27.77 -0.99 -50.50
C MET F 95 -29.01 -1.40 -49.73
N ASP F 96 -29.44 -2.65 -49.86
CA ASP F 96 -30.59 -3.15 -49.11
C ASP F 96 -30.37 -4.64 -48.85
N GLY F 97 -31.43 -5.33 -48.44
CA GLY F 97 -31.31 -6.75 -48.13
C GLY F 97 -31.16 -7.58 -49.40
N THR F 98 -30.25 -8.55 -49.33
CA THR F 98 -30.00 -9.47 -50.44
C THR F 98 -30.89 -10.70 -50.38
N GLU F 99 -31.79 -10.78 -49.41
CA GLU F 99 -32.65 -11.96 -49.27
C GLU F 99 -33.62 -12.04 -50.44
N GLY F 100 -33.61 -13.18 -51.14
CA GLY F 100 -34.49 -13.43 -52.26
C GLY F 100 -33.83 -13.37 -53.62
N LEU F 101 -32.57 -12.97 -53.70
CA LEU F 101 -31.89 -12.88 -54.98
C LEU F 101 -31.62 -14.27 -55.54
N VAL F 102 -31.77 -14.40 -56.86
CA VAL F 102 -31.55 -15.66 -57.57
C VAL F 102 -30.50 -15.43 -58.64
N ARG F 103 -29.54 -16.36 -58.74
CA ARG F 103 -28.50 -16.25 -59.75
C ARG F 103 -29.10 -16.33 -61.15
N GLY F 104 -28.95 -15.25 -61.91
CA GLY F 104 -29.46 -15.19 -63.26
C GLY F 104 -30.27 -13.94 -63.55
N THR F 105 -30.69 -13.25 -62.49
CA THR F 105 -31.45 -12.02 -62.66
C THR F 105 -30.59 -10.92 -63.27
N SER F 106 -31.15 -10.21 -64.24
CA SER F 106 -30.41 -9.19 -64.96
C SER F 106 -30.37 -7.88 -64.16
N VAL F 107 -29.26 -7.16 -64.34
CA VAL F 107 -29.03 -5.89 -63.65
C VAL F 107 -28.69 -4.83 -64.69
N ALA F 108 -29.29 -3.65 -64.55
CA ALA F 108 -29.05 -2.54 -65.46
C ALA F 108 -28.04 -1.57 -64.87
N ASP F 109 -27.28 -0.93 -65.75
CA ASP F 109 -26.25 0.03 -65.35
C ASP F 109 -26.79 1.44 -65.53
N THR F 110 -26.78 2.22 -64.44
CA THR F 110 -27.19 3.61 -64.49
C THR F 110 -26.13 4.53 -65.05
N GLY F 111 -24.88 4.06 -65.18
CA GLY F 111 -23.82 4.90 -65.69
C GLY F 111 -23.44 6.06 -64.81
N ALA F 112 -23.75 5.98 -63.52
CA ALA F 112 -23.47 7.07 -62.58
C ALA F 112 -23.56 6.52 -61.17
N PRO F 113 -22.89 7.17 -60.21
CA PRO F 113 -23.05 6.76 -58.80
C PRO F 113 -24.46 6.96 -58.28
N ILE F 114 -24.68 6.66 -57.00
CA ILE F 114 -25.99 6.84 -56.39
C ILE F 114 -26.36 8.32 -56.39
N THR F 115 -27.14 8.75 -57.37
CA THR F 115 -27.52 10.15 -57.49
C THR F 115 -28.66 10.48 -56.54
N ILE F 116 -28.51 11.56 -55.81
CA ILE F 116 -29.51 11.98 -54.83
C ILE F 116 -29.97 13.40 -55.14
N PRO F 117 -31.21 13.78 -54.79
CA PRO F 117 -31.64 15.17 -54.98
C PRO F 117 -31.09 16.08 -53.89
N VAL F 118 -30.57 17.23 -54.31
CA VAL F 118 -30.00 18.21 -53.39
C VAL F 118 -30.60 19.58 -53.71
N GLY F 119 -30.69 20.41 -52.67
CA GLY F 119 -31.17 21.76 -52.83
C GLY F 119 -32.00 22.18 -51.63
N ARG F 120 -32.80 23.23 -51.83
CA ARG F 120 -33.64 23.76 -50.76
C ARG F 120 -34.83 22.86 -50.47
N GLY F 121 -35.22 21.99 -51.41
CA GLY F 121 -36.36 21.11 -51.20
C GLY F 121 -36.10 19.97 -50.23
N THR F 122 -34.85 19.73 -49.87
CA THR F 122 -34.52 18.69 -48.91
C THR F 122 -34.72 19.12 -47.46
N LEU F 123 -34.93 20.41 -47.21
CA LEU F 123 -35.06 20.92 -45.85
C LEU F 123 -36.38 20.47 -45.24
N GLY F 124 -36.31 19.81 -44.10
CA GLY F 124 -37.51 19.33 -43.43
C GLY F 124 -37.99 17.98 -43.91
N ARG F 125 -37.11 17.14 -44.44
CA ARG F 125 -37.48 15.84 -44.96
C ARG F 125 -36.59 14.76 -44.33
N ILE F 126 -37.01 13.52 -44.49
CA ILE F 126 -36.25 12.37 -44.01
C ILE F 126 -35.92 11.50 -45.21
N ILE F 127 -34.63 11.34 -45.49
CA ILE F 127 -34.17 10.65 -46.69
C ILE F 127 -33.36 9.43 -46.28
N ASN F 128 -33.42 8.38 -47.10
CA ASN F 128 -32.63 7.18 -46.87
C ASN F 128 -31.24 7.33 -47.45
N VAL F 129 -30.55 6.21 -47.67
CA VAL F 129 -29.21 6.28 -48.25
C VAL F 129 -29.27 6.42 -49.77
N CYS F 130 -30.28 5.82 -50.41
CA CYS F 130 -30.37 5.87 -51.86
C CYS F 130 -30.75 7.27 -52.35
N GLY F 131 -31.50 8.02 -51.55
CA GLY F 131 -31.95 9.34 -51.95
C GLY F 131 -33.46 9.44 -52.02
N GLU F 132 -34.15 8.43 -51.47
CA GLU F 132 -35.60 8.38 -51.51
C GLU F 132 -36.18 8.84 -50.18
N PRO F 133 -37.17 9.72 -50.19
CA PRO F 133 -37.78 10.17 -48.93
C PRO F 133 -38.55 9.04 -48.26
N ILE F 134 -38.25 8.82 -46.97
CA ILE F 134 -38.95 7.82 -46.18
C ILE F 134 -39.93 8.46 -45.20
N ASP F 135 -40.23 9.74 -45.37
CA ASP F 135 -41.23 10.43 -44.56
C ASP F 135 -42.62 10.34 -45.16
N GLU F 136 -42.80 9.57 -46.23
CA GLU F 136 -44.05 9.37 -46.96
C GLU F 136 -44.93 10.62 -47.03
N ARG F 137 -44.31 11.78 -47.23
CA ARG F 137 -45.04 13.02 -47.45
C ARG F 137 -45.02 13.45 -48.91
N GLY F 138 -44.56 12.58 -49.81
CA GLY F 138 -44.50 12.90 -51.21
C GLY F 138 -43.08 12.97 -51.72
N PRO F 139 -42.91 12.95 -53.05
CA PRO F 139 -41.56 13.03 -53.62
C PRO F 139 -40.90 14.37 -53.33
N ILE F 140 -39.58 14.34 -53.22
CA ILE F 140 -38.79 15.54 -52.97
C ILE F 140 -38.49 16.19 -54.31
N GLU F 141 -38.91 17.44 -54.47
CA GLU F 141 -38.72 18.16 -55.72
C GLU F 141 -37.43 18.95 -55.70
N ALA F 142 -36.61 18.78 -56.73
CA ALA F 142 -35.35 19.49 -56.86
C ALA F 142 -34.95 19.49 -58.33
N THR F 143 -34.01 20.38 -58.67
CA THR F 143 -33.50 20.51 -60.02
C THR F 143 -32.11 19.90 -60.21
N LYS F 144 -31.20 20.14 -59.26
CA LYS F 144 -29.85 19.61 -59.35
C LYS F 144 -29.76 18.27 -58.63
N PHE F 145 -29.05 17.33 -59.23
CA PHE F 145 -28.88 15.97 -58.69
C PHE F 145 -27.40 15.65 -58.66
N LEU F 146 -26.84 15.49 -57.47
CA LEU F 146 -25.42 15.20 -57.30
C LEU F 146 -25.21 13.79 -56.76
N PRO F 147 -24.14 13.12 -57.18
CA PRO F 147 -23.85 11.79 -56.65
C PRO F 147 -23.29 11.85 -55.24
N ILE F 148 -23.44 10.74 -54.51
CA ILE F 148 -22.99 10.69 -53.12
C ILE F 148 -21.46 10.65 -53.03
N HIS F 149 -20.78 10.24 -54.08
CA HIS F 149 -19.32 10.16 -54.09
C HIS F 149 -18.75 11.37 -54.81
N ALA F 150 -17.84 12.08 -54.14
CA ALA F 150 -17.24 13.28 -54.71
C ALA F 150 -15.86 13.47 -54.11
N ASP F 151 -14.96 14.06 -54.90
CA ASP F 151 -13.60 14.27 -54.46
C ASP F 151 -13.55 15.31 -53.35
N PRO F 152 -12.70 15.11 -52.34
CA PRO F 152 -12.66 16.04 -51.20
C PRO F 152 -12.02 17.36 -51.59
N PRO F 153 -12.28 18.43 -50.84
CA PRO F 153 -11.70 19.73 -51.18
C PRO F 153 -10.18 19.70 -51.12
N THR F 154 -9.55 20.35 -52.10
CA THR F 154 -8.11 20.32 -52.26
C THR F 154 -7.43 21.21 -51.22
N PHE F 155 -6.10 21.28 -51.32
CA PHE F 155 -5.29 22.11 -50.43
C PHE F 155 -5.44 23.59 -50.73
N ALA F 156 -5.90 23.94 -51.93
CA ALA F 156 -5.93 25.35 -52.34
C ALA F 156 -7.00 26.13 -51.58
N GLU F 157 -8.21 25.58 -51.47
CA GLU F 157 -9.34 26.27 -50.86
C GLU F 157 -9.51 25.94 -49.38
N GLN F 158 -8.44 25.55 -48.70
CA GLN F 158 -8.52 25.27 -47.27
C GLN F 158 -8.56 26.58 -46.49
N SER F 159 -9.37 26.61 -45.44
CA SER F 159 -9.53 27.78 -44.59
C SER F 159 -8.90 27.53 -43.22
N THR F 160 -8.48 28.61 -42.58
CA THR F 160 -7.81 28.52 -41.28
C THR F 160 -8.56 29.34 -40.22
N THR F 161 -9.87 29.12 -40.09
CA THR F 161 -10.69 29.86 -39.15
C THR F 161 -10.56 29.23 -37.77
N ALA F 162 -10.01 29.99 -36.82
CA ALA F 162 -9.85 29.55 -35.45
C ALA F 162 -10.74 30.41 -34.55
N GLU F 163 -12.05 30.26 -34.75
CA GLU F 163 -13.05 31.05 -34.04
C GLU F 163 -13.74 30.16 -33.00
N VAL F 164 -14.06 30.77 -31.85
CA VAL F 164 -14.68 30.05 -30.75
C VAL F 164 -16.18 30.00 -30.96
N LEU F 165 -16.79 28.86 -30.64
CA LEU F 165 -18.23 28.66 -30.71
C LEU F 165 -18.74 28.43 -29.28
N GLU F 166 -19.52 29.38 -28.78
CA GLU F 166 -20.07 29.27 -27.43
C GLU F 166 -21.14 28.18 -27.40
N THR F 167 -21.01 27.26 -26.44
CA THR F 167 -21.94 26.15 -26.30
C THR F 167 -22.83 26.24 -25.07
N GLY F 168 -22.42 26.99 -24.05
CA GLY F 168 -23.13 27.03 -22.80
C GLY F 168 -22.73 25.98 -21.80
N ILE F 169 -21.93 25.00 -22.21
CA ILE F 169 -21.48 23.93 -21.33
C ILE F 169 -20.19 24.35 -20.65
N LYS F 170 -20.12 24.16 -19.33
CA LYS F 170 -18.98 24.66 -18.56
C LYS F 170 -17.70 23.88 -18.89
N VAL F 171 -17.80 22.55 -18.95
CA VAL F 171 -16.62 21.75 -19.29
C VAL F 171 -16.13 22.05 -20.69
N VAL F 172 -17.04 22.48 -21.58
CA VAL F 172 -16.68 22.70 -22.97
C VAL F 172 -16.06 24.09 -23.15
N ASP F 173 -16.78 25.13 -22.73
CA ASP F 173 -16.35 26.51 -22.92
C ASP F 173 -15.20 26.91 -22.00
N LEU F 174 -14.51 25.95 -21.38
CA LEU F 174 -13.39 26.25 -20.51
C LEU F 174 -12.16 25.43 -20.87
N LEU F 175 -12.31 24.10 -20.84
CA LEU F 175 -11.18 23.19 -21.07
C LEU F 175 -10.95 22.94 -22.55
N ALA F 176 -11.97 22.50 -23.28
CA ALA F 176 -11.87 22.19 -24.70
C ALA F 176 -12.92 22.99 -25.47
N PRO F 177 -12.66 24.27 -25.73
CA PRO F 177 -13.64 25.08 -26.46
C PRO F 177 -13.74 24.64 -27.91
N TYR F 178 -14.98 24.51 -28.39
CA TYR F 178 -15.22 24.07 -29.76
C TYR F 178 -14.80 25.15 -30.75
N ALA F 179 -14.41 24.71 -31.94
CA ALA F 179 -13.94 25.59 -33.00
C ALA F 179 -15.04 25.71 -34.06
N ARG F 180 -15.58 26.92 -34.22
CA ARG F 180 -16.58 27.15 -35.25
C ARG F 180 -15.96 27.00 -36.62
N GLY F 181 -16.64 26.27 -37.51
CA GLY F 181 -16.06 25.90 -38.76
C GLY F 181 -15.06 24.76 -38.68
N GLY F 182 -14.90 24.16 -37.50
CA GLY F 182 -14.02 23.03 -37.31
C GLY F 182 -14.77 21.73 -37.14
N LYS F 183 -14.09 20.76 -36.53
CA LYS F 183 -14.64 19.41 -36.37
C LYS F 183 -14.51 19.00 -34.90
N ILE F 184 -15.62 18.56 -34.32
CA ILE F 184 -15.68 18.18 -32.92
C ILE F 184 -16.09 16.71 -32.84
N GLY F 185 -15.40 15.95 -31.99
CA GLY F 185 -15.67 14.53 -31.82
C GLY F 185 -16.05 14.20 -30.40
N LEU F 186 -17.00 13.27 -30.25
CA LEU F 186 -17.50 12.83 -28.95
C LEU F 186 -17.20 11.34 -28.81
N PHE F 187 -16.29 11.00 -27.90
CA PHE F 187 -15.87 9.63 -27.71
C PHE F 187 -16.57 9.03 -26.49
N GLY F 188 -16.08 7.89 -26.03
CA GLY F 188 -16.65 7.23 -24.88
C GLY F 188 -17.40 5.96 -25.29
N GLY F 189 -17.41 4.99 -24.38
CA GLY F 189 -18.06 3.72 -24.63
C GLY F 189 -19.58 3.86 -24.66
N ALA F 190 -20.23 2.70 -24.70
CA ALA F 190 -21.68 2.66 -24.80
C ALA F 190 -22.32 3.03 -23.48
N GLY F 191 -23.23 4.01 -23.50
CA GLY F 191 -23.98 4.41 -22.34
C GLY F 191 -23.44 5.61 -21.59
N VAL F 192 -22.38 6.24 -22.07
CA VAL F 192 -21.82 7.38 -21.36
C VAL F 192 -22.61 8.66 -21.66
N GLY F 193 -23.28 8.73 -22.80
CA GLY F 193 -24.07 9.89 -23.14
C GLY F 193 -23.58 10.67 -24.34
N LYS F 194 -23.17 9.95 -25.39
CA LYS F 194 -22.77 10.62 -26.63
C LYS F 194 -23.98 11.11 -27.40
N THR F 195 -25.05 10.32 -27.43
CA THR F 195 -26.26 10.73 -28.15
C THR F 195 -26.98 11.85 -27.41
N VAL F 196 -27.02 11.78 -26.08
CA VAL F 196 -27.65 12.83 -25.29
C VAL F 196 -26.90 14.14 -25.44
N PHE F 197 -25.57 14.06 -25.55
CA PHE F 197 -24.76 15.27 -25.70
C PHE F 197 -25.10 16.00 -26.99
N ILE F 198 -25.45 15.26 -28.05
CA ILE F 198 -25.70 15.88 -29.35
C ILE F 198 -27.00 16.68 -29.32
N GLN F 199 -28.08 16.04 -28.90
CA GLN F 199 -29.40 16.68 -28.92
C GLN F 199 -29.45 17.94 -28.08
N GLU F 200 -28.47 18.16 -27.19
CA GLU F 200 -28.38 19.44 -26.49
C GLU F 200 -27.86 20.53 -27.42
N LEU F 201 -26.82 20.22 -28.20
CA LEU F 201 -26.30 21.19 -29.15
C LEU F 201 -27.29 21.45 -30.29
N ILE F 202 -28.15 20.47 -30.59
CA ILE F 202 -29.21 20.68 -31.57
C ILE F 202 -30.25 21.64 -31.02
N ASN F 203 -30.53 21.55 -29.71
CA ASN F 203 -31.52 22.41 -29.10
C ASN F 203 -30.96 23.78 -28.74
N ASN F 204 -29.65 23.87 -28.51
CA ASN F 204 -29.01 25.11 -28.07
C ASN F 204 -28.40 25.91 -29.21
N ILE F 205 -27.60 25.27 -30.05
CA ILE F 205 -26.83 25.98 -31.07
C ILE F 205 -27.64 26.14 -32.36
N ALA F 206 -28.32 25.08 -32.80
CA ALA F 206 -28.95 25.08 -34.12
C ALA F 206 -30.02 26.14 -34.26
N LYS F 207 -30.61 26.61 -33.15
CA LYS F 207 -31.61 27.66 -33.26
C LYS F 207 -30.97 29.04 -33.27
N ALA F 208 -29.98 29.27 -32.39
CA ALA F 208 -29.25 30.53 -32.42
C ALA F 208 -28.45 30.66 -33.73
N HIS F 209 -28.04 29.55 -34.31
CA HIS F 209 -27.36 29.54 -35.60
C HIS F 209 -28.40 29.67 -36.70
N GLY F 210 -28.36 30.76 -37.45
CA GLY F 210 -29.35 31.00 -38.49
C GLY F 210 -29.20 30.11 -39.70
N GLY F 211 -28.01 29.58 -39.94
CA GLY F 211 -27.77 28.73 -41.08
C GLY F 211 -28.46 27.38 -40.97
N PHE F 212 -28.35 26.61 -42.04
CA PHE F 212 -29.00 25.31 -42.12
C PHE F 212 -28.15 24.24 -41.44
N SER F 213 -28.78 23.09 -41.18
CA SER F 213 -28.12 21.99 -40.50
C SER F 213 -28.55 20.67 -41.13
N VAL F 214 -27.72 19.65 -40.94
CA VAL F 214 -27.95 18.32 -41.49
C VAL F 214 -27.61 17.29 -40.42
N PHE F 215 -28.53 16.36 -40.17
CA PHE F 215 -28.36 15.30 -39.18
C PHE F 215 -28.50 13.96 -39.89
N CYS F 216 -27.37 13.31 -40.17
CA CYS F 216 -27.36 12.01 -40.84
C CYS F 216 -27.13 10.92 -39.79
N GLY F 217 -28.18 10.14 -39.51
CA GLY F 217 -28.10 9.07 -38.54
C GLY F 217 -27.49 7.81 -39.12
N VAL F 218 -26.27 7.47 -38.67
CA VAL F 218 -25.50 6.36 -39.23
C VAL F 218 -25.49 5.23 -38.21
N GLY F 219 -26.27 4.19 -38.47
CA GLY F 219 -26.23 2.96 -37.70
C GLY F 219 -26.58 3.11 -36.23
N GLU F 220 -27.68 3.80 -35.92
CA GLU F 220 -28.11 3.94 -34.54
C GLU F 220 -29.55 3.48 -34.37
N ARG F 221 -30.12 3.71 -33.18
CA ARG F 221 -31.47 3.26 -32.91
C ARG F 221 -32.48 4.05 -33.74
N THR F 222 -33.45 3.33 -34.29
CA THR F 222 -34.48 3.98 -35.10
C THR F 222 -35.38 4.87 -34.25
N ARG F 223 -35.68 4.43 -33.02
CA ARG F 223 -36.55 5.22 -32.15
C ARG F 223 -35.90 6.53 -31.73
N GLU F 224 -34.56 6.57 -31.70
CA GLU F 224 -33.87 7.80 -31.37
C GLU F 224 -34.04 8.86 -32.45
N GLY F 225 -34.41 8.45 -33.67
CA GLY F 225 -34.73 9.40 -34.71
C GLY F 225 -36.20 9.77 -34.70
N ASN F 226 -37.04 8.80 -34.36
CA ASN F 226 -38.48 9.06 -34.27
C ASN F 226 -38.79 9.96 -33.09
N ASP F 227 -38.23 9.67 -31.92
CA ASP F 227 -38.44 10.52 -30.75
C ASP F 227 -37.78 11.87 -30.89
N LEU F 228 -36.81 11.99 -31.80
CA LEU F 228 -36.20 13.29 -32.11
C LEU F 228 -36.95 14.03 -33.21
N TYR F 229 -37.55 13.30 -34.15
CA TYR F 229 -38.27 13.93 -35.24
C TYR F 229 -39.47 14.72 -34.74
N ARG F 230 -40.18 14.18 -33.74
CA ARG F 230 -41.29 14.92 -33.15
C ARG F 230 -40.81 16.16 -32.41
N GLU F 231 -39.62 16.10 -31.82
CA GLU F 231 -39.08 17.24 -31.10
C GLU F 231 -38.66 18.37 -32.03
N MET F 232 -38.35 18.05 -33.28
CA MET F 232 -37.99 19.09 -34.26
C MET F 232 -39.23 19.79 -34.81
N LYS F 233 -40.37 19.11 -34.84
CA LYS F 233 -41.60 19.72 -35.33
C LYS F 233 -42.31 20.54 -34.26
N GLU F 234 -41.98 20.35 -32.99
CA GLU F 234 -42.54 21.15 -31.91
C GLU F 234 -41.62 22.30 -31.49
N THR F 235 -40.32 22.21 -31.80
CA THR F 235 -39.41 23.29 -31.46
C THR F 235 -39.58 24.49 -32.38
N GLY F 236 -39.86 24.23 -33.66
CA GLY F 236 -39.95 25.26 -34.67
C GLY F 236 -38.94 25.12 -35.79
N VAL F 237 -38.00 24.17 -35.66
CA VAL F 237 -37.01 23.98 -36.71
C VAL F 237 -37.67 23.38 -37.96
N ILE F 238 -38.61 22.47 -37.77
CA ILE F 238 -39.29 21.78 -38.87
C ILE F 238 -40.78 22.11 -38.80
N ASN F 239 -41.32 22.61 -39.89
CA ASN F 239 -42.75 22.85 -40.01
C ASN F 239 -43.21 22.38 -41.38
N LEU F 240 -44.07 21.35 -41.39
CA LEU F 240 -44.56 20.81 -42.65
C LEU F 240 -45.47 21.78 -43.39
N GLU F 241 -46.09 22.71 -42.67
CA GLU F 241 -46.96 23.72 -43.27
C GLU F 241 -46.21 25.00 -43.65
N GLY F 242 -44.89 25.00 -43.53
CA GLY F 242 -44.08 26.16 -43.86
C GLY F 242 -42.70 25.76 -44.30
N GLU F 243 -41.70 26.56 -43.93
CA GLU F 243 -40.31 26.32 -44.28
C GLU F 243 -39.54 25.84 -43.07
N SER F 244 -38.66 24.87 -43.27
CA SER F 244 -37.90 24.26 -42.20
C SER F 244 -36.47 24.78 -42.19
N LYS F 245 -35.58 24.09 -41.48
CA LYS F 245 -34.18 24.49 -41.35
C LYS F 245 -33.20 23.33 -41.40
N VAL F 246 -33.58 22.14 -40.93
CA VAL F 246 -32.67 21.01 -40.82
C VAL F 246 -33.12 19.92 -41.79
N THR F 247 -32.16 19.09 -42.21
CA THR F 247 -32.42 17.94 -43.07
C THR F 247 -32.04 16.66 -42.34
N LEU F 248 -32.86 15.63 -42.51
CA LEU F 248 -32.68 14.37 -41.80
C LEU F 248 -32.36 13.25 -42.77
N VAL F 249 -31.28 12.53 -42.49
CA VAL F 249 -30.89 11.34 -43.24
C VAL F 249 -30.64 10.23 -42.22
N PHE F 250 -31.14 9.03 -42.50
CA PHE F 250 -31.09 7.96 -41.51
C PHE F 250 -30.78 6.62 -42.18
N GLY F 251 -29.72 5.98 -41.71
CA GLY F 251 -29.43 4.59 -41.98
C GLY F 251 -29.15 3.89 -40.66
N GLN F 252 -30.14 3.16 -40.15
CA GLN F 252 -30.13 2.71 -38.77
C GLN F 252 -29.55 1.30 -38.65
N MET F 253 -29.58 0.75 -37.44
CA MET F 253 -29.04 -0.57 -37.18
C MET F 253 -29.84 -1.68 -37.85
N ASN F 254 -31.07 -1.40 -38.24
CA ASN F 254 -31.88 -2.37 -38.99
C ASN F 254 -31.51 -2.43 -40.47
N GLU F 255 -30.55 -1.57 -40.92
CA GLU F 255 -30.13 -1.50 -42.32
C GLU F 255 -28.89 -2.37 -42.55
N PRO F 256 -28.81 -3.01 -43.70
CA PRO F 256 -27.68 -3.90 -44.00
C PRO F 256 -26.38 -3.12 -44.13
N PRO F 257 -25.24 -3.80 -44.07
CA PRO F 257 -23.94 -3.10 -44.11
C PRO F 257 -23.76 -2.16 -45.30
N GLY F 258 -24.35 -2.46 -46.45
CA GLY F 258 -24.19 -1.58 -47.59
C GLY F 258 -24.81 -0.21 -47.38
N ALA F 259 -25.94 -0.16 -46.67
CA ALA F 259 -26.57 1.11 -46.36
C ALA F 259 -25.92 1.80 -45.17
N ARG F 260 -25.43 1.03 -44.20
CA ARG F 260 -24.79 1.60 -43.01
C ARG F 260 -23.40 2.12 -43.29
N ALA F 261 -22.82 1.81 -44.45
CA ALA F 261 -21.48 2.28 -44.81
C ALA F 261 -21.51 3.35 -45.88
N ARG F 262 -22.68 3.70 -46.41
CA ARG F 262 -22.80 4.75 -47.41
C ARG F 262 -23.80 5.84 -47.05
N VAL F 263 -24.52 5.72 -45.94
CA VAL F 263 -25.49 6.74 -45.56
C VAL F 263 -24.79 8.01 -45.09
N ALA F 264 -23.54 7.92 -44.63
CA ALA F 264 -22.80 9.11 -44.25
C ALA F 264 -22.36 9.93 -45.46
N LEU F 265 -22.18 9.28 -46.61
CA LEU F 265 -21.84 9.99 -47.84
C LEU F 265 -23.04 10.68 -48.47
N THR F 266 -24.26 10.31 -48.06
CA THR F 266 -25.46 10.95 -48.58
C THR F 266 -25.73 12.26 -47.86
N GLY F 267 -25.75 12.23 -46.52
CA GLY F 267 -25.97 13.44 -45.74
C GLY F 267 -24.86 14.46 -45.86
N LEU F 268 -23.65 14.03 -46.19
CA LEU F 268 -22.54 14.95 -46.39
C LEU F 268 -22.60 15.63 -47.76
N THR F 269 -23.11 14.92 -48.77
CA THR F 269 -23.24 15.51 -50.10
C THR F 269 -24.19 16.70 -50.08
N ILE F 270 -25.24 16.63 -49.27
CA ILE F 270 -26.19 17.73 -49.18
C ILE F 270 -25.54 18.94 -48.52
N ALA F 271 -24.73 18.72 -47.49
CA ALA F 271 -24.11 19.83 -46.78
C ALA F 271 -23.09 20.56 -47.66
N GLU F 272 -22.47 19.86 -48.60
CA GLU F 272 -21.51 20.51 -49.50
C GLU F 272 -22.19 21.37 -50.54
N TYR F 273 -23.45 21.05 -50.90
CA TYR F 273 -24.19 21.91 -51.81
C TYR F 273 -24.61 23.21 -51.14
N PHE F 274 -24.91 23.16 -49.84
CA PHE F 274 -25.24 24.37 -49.10
C PHE F 274 -24.00 25.22 -48.81
N ARG F 275 -22.81 24.63 -48.91
CA ARG F 275 -21.56 25.31 -48.62
C ARG F 275 -20.86 25.87 -49.85
N ASP F 276 -20.79 25.09 -50.93
CA ASP F 276 -20.04 25.48 -52.12
C ASP F 276 -20.90 26.08 -53.21
N GLU F 277 -22.23 25.98 -53.11
CA GLU F 277 -23.14 26.58 -54.08
C GLU F 277 -24.05 27.65 -53.50
N GLU F 278 -24.31 27.62 -52.19
CA GLU F 278 -25.07 28.67 -51.53
C GLU F 278 -24.25 29.46 -50.52
N GLY F 279 -23.06 28.97 -50.14
CA GLY F 279 -22.17 29.73 -49.27
C GLY F 279 -22.71 30.01 -47.89
N GLN F 280 -23.38 29.04 -47.29
CA GLN F 280 -23.98 29.19 -45.97
C GLN F 280 -23.21 28.37 -44.94
N ASP F 281 -23.23 28.85 -43.69
CA ASP F 281 -22.64 28.11 -42.59
C ASP F 281 -23.58 26.96 -42.20
N VAL F 282 -23.08 25.73 -42.28
CA VAL F 282 -23.89 24.54 -42.11
C VAL F 282 -23.35 23.73 -40.94
N LEU F 283 -24.25 23.26 -40.08
CA LEU F 283 -23.92 22.36 -39.00
C LEU F 283 -24.14 20.92 -39.45
N LEU F 284 -23.17 20.05 -39.15
CA LEU F 284 -23.22 18.64 -39.57
C LEU F 284 -23.09 17.76 -38.34
N PHE F 285 -24.21 17.28 -37.83
CA PHE F 285 -24.22 16.39 -36.67
C PHE F 285 -24.22 14.94 -37.15
N VAL F 286 -23.20 14.19 -36.77
CA VAL F 286 -23.01 12.81 -37.19
C VAL F 286 -23.14 11.90 -35.98
N ASP F 287 -23.98 10.88 -36.08
CA ASP F 287 -24.20 9.92 -35.01
C ASP F 287 -24.82 8.65 -35.57
N ASN F 288 -24.05 7.56 -35.63
CA ASN F 288 -22.67 7.56 -35.16
C ASN F 288 -21.70 7.26 -36.31
N ILE F 289 -20.60 8.00 -36.37
CA ILE F 289 -19.65 7.85 -37.46
C ILE F 289 -18.87 6.54 -37.35
N PHE F 290 -18.87 5.91 -36.18
CA PHE F 290 -18.18 4.63 -36.03
C PHE F 290 -18.83 3.54 -36.86
N ARG F 291 -20.15 3.61 -37.05
CA ARG F 291 -20.85 2.58 -37.81
C ARG F 291 -20.41 2.56 -39.27
N PHE F 292 -20.00 3.71 -39.81
CA PHE F 292 -19.45 3.76 -41.16
C PHE F 292 -18.19 2.91 -41.25
N THR F 293 -17.27 3.08 -40.30
CA THR F 293 -16.07 2.26 -40.27
C THR F 293 -16.40 0.80 -39.95
N GLN F 294 -17.34 0.58 -39.03
CA GLN F 294 -17.66 -0.78 -38.61
C GLN F 294 -18.26 -1.59 -39.75
N ALA F 295 -19.22 -1.00 -40.47
CA ALA F 295 -19.88 -1.72 -41.56
C ALA F 295 -18.88 -2.13 -42.64
N GLY F 296 -17.81 -1.35 -42.82
CA GLY F 296 -16.79 -1.72 -43.78
C GLY F 296 -16.06 -3.00 -43.43
N SER F 297 -16.01 -3.32 -42.12
CA SER F 297 -15.37 -4.55 -41.69
C SER F 297 -16.26 -5.77 -41.90
N GLU F 298 -17.58 -5.59 -41.94
CA GLU F 298 -18.49 -6.70 -42.19
C GLU F 298 -18.47 -7.15 -43.64
N VAL F 299 -18.03 -6.30 -44.55
CA VAL F 299 -17.96 -6.64 -45.97
C VAL F 299 -16.54 -6.86 -46.47
N SER F 300 -15.53 -6.35 -45.74
CA SER F 300 -14.15 -6.50 -46.20
C SER F 300 -13.75 -7.97 -46.30
N ALA F 301 -14.30 -8.83 -45.43
CA ALA F 301 -14.03 -10.25 -45.53
C ALA F 301 -14.58 -10.82 -46.84
N LEU F 302 -15.72 -10.30 -47.29
CA LEU F 302 -16.33 -10.76 -48.53
C LEU F 302 -15.78 -10.04 -49.76
N LEU F 303 -15.10 -8.91 -49.58
CA LEU F 303 -14.41 -8.25 -50.67
C LEU F 303 -13.01 -8.78 -50.90
N GLY F 304 -12.61 -9.83 -50.17
CA GLY F 304 -11.33 -10.46 -50.37
C GLY F 304 -10.14 -9.65 -49.91
N ARG F 305 -10.23 -9.10 -48.70
CA ARG F 305 -9.13 -8.33 -48.10
C ARG F 305 -8.57 -9.10 -46.91
N ILE F 306 -7.25 -9.12 -46.82
CA ILE F 306 -6.57 -9.73 -45.68
C ILE F 306 -6.91 -8.90 -44.45
N PRO F 307 -7.55 -9.49 -43.43
CA PRO F 307 -8.00 -8.70 -42.28
C PRO F 307 -6.85 -8.04 -41.55
N SER F 308 -6.97 -6.73 -41.33
CA SER F 308 -5.94 -5.95 -40.67
C SER F 308 -5.97 -6.17 -39.16
N ALA F 309 -5.52 -5.17 -38.41
CA ALA F 309 -5.44 -5.30 -36.96
C ALA F 309 -6.83 -5.40 -36.34
N VAL F 310 -6.99 -6.34 -35.42
CA VAL F 310 -8.24 -6.56 -34.70
C VAL F 310 -9.39 -6.76 -35.68
N GLY F 311 -9.17 -7.59 -36.69
CA GLY F 311 -10.22 -7.97 -37.62
C GLY F 311 -10.73 -6.84 -38.51
N TYR F 312 -10.06 -5.70 -38.49
CA TYR F 312 -10.47 -4.57 -39.31
C TYR F 312 -9.98 -4.74 -40.75
N GLN F 313 -10.36 -3.81 -41.61
CA GLN F 313 -9.94 -3.82 -43.00
C GLN F 313 -8.69 -2.98 -43.18
N PRO F 314 -7.84 -3.34 -44.16
CA PRO F 314 -6.65 -2.51 -44.41
C PRO F 314 -7.00 -1.08 -44.76
N THR F 315 -7.96 -0.87 -45.67
CA THR F 315 -8.42 0.46 -46.05
C THR F 315 -9.27 1.03 -44.92
N LEU F 316 -8.59 1.43 -43.84
CA LEU F 316 -9.24 2.03 -42.68
C LEU F 316 -8.96 3.52 -42.56
N ALA F 317 -7.68 3.92 -42.69
CA ALA F 317 -7.35 5.34 -42.65
C ALA F 317 -7.76 6.04 -43.95
N THR F 318 -7.79 5.30 -45.06
CA THR F 318 -8.17 5.88 -46.34
C THR F 318 -9.69 6.03 -46.45
N ASP F 319 -10.43 4.96 -46.15
CA ASP F 319 -11.88 5.02 -46.25
C ASP F 319 -12.45 6.05 -45.28
N MET F 320 -11.89 6.13 -44.07
CA MET F 320 -12.29 7.19 -43.15
C MET F 320 -11.78 8.54 -43.65
N GLY F 321 -10.56 8.58 -44.19
CA GLY F 321 -10.02 9.84 -44.69
C GLY F 321 -10.75 10.36 -45.91
N ALA F 322 -11.36 9.47 -46.68
CA ALA F 322 -12.14 9.86 -47.84
C ALA F 322 -13.54 10.35 -47.46
N LEU F 323 -13.83 10.45 -46.17
CA LEU F 323 -15.08 10.96 -45.64
C LEU F 323 -14.88 12.09 -44.65
N GLN F 324 -13.85 12.00 -43.80
CA GLN F 324 -13.56 13.06 -42.84
C GLN F 324 -12.87 14.26 -43.47
N GLU F 325 -12.25 14.09 -44.64
CA GLU F 325 -11.60 15.21 -45.31
C GLU F 325 -12.59 16.04 -46.13
N ARG F 326 -13.72 15.47 -46.51
CA ARG F 326 -14.76 16.24 -47.18
C ARG F 326 -15.48 17.19 -46.22
N ILE F 327 -15.32 17.00 -44.92
CA ILE F 327 -15.95 17.84 -43.91
C ILE F 327 -14.90 18.85 -43.48
N THR F 328 -14.83 19.97 -44.20
CA THR F 328 -13.87 21.00 -43.85
C THR F 328 -14.36 22.35 -44.37
N THR F 329 -13.96 23.41 -43.68
CA THR F 329 -14.34 24.76 -44.07
C THR F 329 -13.51 25.20 -45.27
N THR F 330 -14.17 25.49 -46.38
CA THR F 330 -13.51 25.96 -47.58
C THR F 330 -13.59 27.48 -47.66
N GLN F 331 -13.00 28.04 -48.73
CA GLN F 331 -13.09 29.48 -48.95
C GLN F 331 -14.52 29.92 -49.23
N LYS F 332 -15.34 29.02 -49.77
CA LYS F 332 -16.73 29.34 -50.10
C LYS F 332 -17.55 29.51 -48.82
N GLY F 333 -17.88 28.40 -48.16
CA GLY F 333 -18.63 28.44 -46.93
C GLY F 333 -17.92 27.69 -45.82
N SER F 334 -18.61 27.61 -44.68
CA SER F 334 -18.07 27.00 -43.47
C SER F 334 -18.99 25.88 -42.99
N VAL F 335 -18.39 24.79 -42.52
CA VAL F 335 -19.13 23.63 -42.03
C VAL F 335 -18.57 23.26 -40.67
N THR F 336 -19.43 23.30 -39.65
CA THR F 336 -19.08 22.92 -38.29
C THR F 336 -19.71 21.56 -38.00
N SER F 337 -18.87 20.58 -37.67
CA SER F 337 -19.31 19.20 -37.48
C SER F 337 -19.04 18.75 -36.05
N VAL F 338 -20.07 18.22 -35.40
CA VAL F 338 -19.95 17.62 -34.07
C VAL F 338 -20.33 16.16 -34.22
N GLN F 339 -19.34 15.28 -34.31
CA GLN F 339 -19.54 13.87 -34.62
C GLN F 339 -19.39 13.04 -33.35
N ALA F 340 -20.41 12.26 -33.01
CA ALA F 340 -20.30 11.29 -31.94
C ALA F 340 -19.57 10.05 -32.44
N VAL F 341 -18.51 9.66 -31.74
CA VAL F 341 -17.66 8.56 -32.16
C VAL F 341 -17.72 7.48 -31.09
N TYR F 342 -18.33 6.34 -31.43
CA TYR F 342 -18.39 5.22 -30.52
C TYR F 342 -17.01 4.60 -30.34
N VAL F 343 -16.76 4.06 -29.16
CA VAL F 343 -15.48 3.48 -28.79
C VAL F 343 -15.71 2.03 -28.41
N PRO F 344 -15.16 1.05 -29.14
CA PRO F 344 -15.43 -0.37 -28.84
C PRO F 344 -14.80 -0.79 -27.53
N ALA F 345 -15.66 -1.19 -26.57
CA ALA F 345 -15.22 -1.77 -25.30
C ALA F 345 -14.29 -0.85 -24.53
N ASP F 346 -14.57 0.45 -24.59
CA ASP F 346 -13.79 1.48 -23.88
C ASP F 346 -12.31 1.44 -24.27
N ASP F 347 -12.02 1.09 -25.52
CA ASP F 347 -10.66 0.94 -26.00
C ASP F 347 -10.36 2.06 -26.99
N LEU F 348 -9.63 3.08 -26.52
CA LEU F 348 -9.19 4.15 -27.40
C LEU F 348 -8.02 3.74 -28.27
N THR F 349 -7.32 2.67 -27.92
CA THR F 349 -6.28 2.11 -28.77
C THR F 349 -6.85 1.27 -29.90
N ASP F 350 -8.17 1.09 -29.94
CA ASP F 350 -8.81 0.38 -31.04
C ASP F 350 -8.53 1.11 -32.36
N PRO F 351 -8.34 0.38 -33.45
CA PRO F 351 -8.01 1.04 -34.72
C PRO F 351 -9.08 2.01 -35.22
N ALA F 352 -10.32 1.90 -34.75
CA ALA F 352 -11.39 2.74 -35.28
C ALA F 352 -11.37 4.15 -34.69
N PRO F 353 -11.29 4.33 -33.34
CA PRO F 353 -11.22 5.69 -32.81
C PRO F 353 -9.84 6.32 -32.96
N ALA F 354 -8.80 5.50 -32.95
CA ALA F 354 -7.43 6.03 -32.97
C ALA F 354 -7.13 6.80 -34.24
N THR F 355 -7.70 6.39 -35.37
CA THR F 355 -7.54 7.10 -36.63
C THR F 355 -8.54 8.26 -36.77
N THR F 356 -9.43 8.45 -35.80
CA THR F 356 -10.40 9.54 -35.85
C THR F 356 -9.88 10.81 -35.18
N PHE F 357 -9.00 10.68 -34.18
CA PHE F 357 -8.51 11.86 -33.47
C PHE F 357 -7.78 12.83 -34.39
N ALA F 358 -7.14 12.31 -35.44
CA ALA F 358 -6.35 13.18 -36.33
C ALA F 358 -7.24 14.09 -37.16
N HIS F 359 -8.47 13.68 -37.44
CA HIS F 359 -9.38 14.46 -38.27
C HIS F 359 -10.21 15.45 -37.45
N LEU F 360 -9.95 15.58 -36.16
CA LEU F 360 -10.77 16.40 -35.26
C LEU F 360 -9.97 17.62 -34.80
N ASP F 361 -10.61 18.79 -34.85
CA ASP F 361 -9.98 20.00 -34.37
C ASP F 361 -10.11 20.16 -32.86
N ALA F 362 -11.13 19.55 -32.27
CA ALA F 362 -11.34 19.61 -30.82
C ALA F 362 -12.05 18.33 -30.38
N THR F 363 -11.52 17.70 -29.34
CA THR F 363 -12.04 16.43 -28.85
C THR F 363 -12.67 16.60 -27.48
N THR F 364 -13.75 15.86 -27.22
CA THR F 364 -14.48 15.89 -25.94
C THR F 364 -14.66 14.45 -25.49
N VAL F 365 -13.64 13.90 -24.85
CA VAL F 365 -13.65 12.50 -24.45
C VAL F 365 -14.58 12.31 -23.26
N LEU F 366 -15.52 11.36 -23.40
CA LEU F 366 -16.38 10.95 -22.30
C LEU F 366 -15.84 9.68 -21.67
N SER F 367 -15.90 9.59 -20.35
CA SER F 367 -15.37 8.46 -19.61
C SER F 367 -16.49 7.71 -18.91
N ARG F 368 -16.32 6.39 -18.80
CA ARG F 368 -17.32 5.56 -18.17
C ARG F 368 -17.23 5.62 -16.64
N GLY F 369 -16.01 5.64 -16.10
CA GLY F 369 -15.85 5.74 -14.66
C GLY F 369 -16.37 7.05 -14.10
N ILE F 370 -16.30 8.13 -14.89
CA ILE F 370 -16.84 9.41 -14.45
C ILE F 370 -18.36 9.34 -14.35
N SER F 371 -19.00 8.66 -15.31
CA SER F 371 -20.45 8.54 -15.30
C SER F 371 -20.95 7.65 -14.16
N GLU F 372 -20.11 6.75 -13.65
CA GLU F 372 -20.50 5.92 -12.52
C GLU F 372 -20.49 6.69 -11.20
N LEU F 373 -19.76 7.80 -11.15
CA LEU F 373 -19.76 8.65 -9.96
C LEU F 373 -20.95 9.59 -9.91
N GLY F 374 -21.68 9.74 -11.01
CA GLY F 374 -22.79 10.67 -11.08
C GLY F 374 -22.46 12.02 -11.67
N ILE F 375 -21.34 12.17 -12.35
CA ILE F 375 -20.92 13.46 -12.90
C ILE F 375 -21.39 13.53 -14.35
N TYR F 376 -22.31 14.45 -14.63
CA TYR F 376 -22.81 14.65 -15.99
C TYR F 376 -22.67 16.10 -16.41
N PRO F 377 -22.11 16.33 -17.62
CA PRO F 377 -21.63 15.30 -18.55
C PRO F 377 -20.31 14.68 -18.12
N ALA F 378 -20.10 13.41 -18.48
CA ALA F 378 -18.90 12.68 -18.10
C ALA F 378 -17.67 13.09 -18.91
N VAL F 379 -17.50 14.40 -19.15
CA VAL F 379 -16.39 14.89 -19.95
C VAL F 379 -15.11 14.74 -19.12
N ASP F 380 -14.21 13.88 -19.58
CA ASP F 380 -12.92 13.71 -18.92
C ASP F 380 -12.11 14.99 -19.04
N PRO F 381 -11.81 15.68 -17.94
CA PRO F 381 -11.09 16.96 -18.05
C PRO F 381 -9.61 16.80 -18.40
N LEU F 382 -9.08 15.57 -18.37
CA LEU F 382 -7.67 15.33 -18.66
C LEU F 382 -7.45 14.70 -20.03
N ASP F 383 -8.52 14.43 -20.79
CA ASP F 383 -8.40 13.88 -22.13
C ASP F 383 -9.09 14.71 -23.20
N SER F 384 -10.01 15.59 -22.82
CA SER F 384 -10.67 16.47 -23.78
C SER F 384 -9.78 17.67 -24.05
N LYS F 385 -9.37 17.83 -25.31
CA LYS F 385 -8.47 18.89 -25.72
C LYS F 385 -9.09 19.69 -26.86
N SER F 386 -8.45 20.81 -27.20
CA SER F 386 -8.93 21.67 -28.26
C SER F 386 -7.77 22.49 -28.81
N ARG F 387 -7.90 22.89 -30.07
CA ARG F 387 -6.91 23.76 -30.71
C ARG F 387 -7.11 25.22 -30.36
N LEU F 388 -8.18 25.56 -29.64
CA LEU F 388 -8.46 26.94 -29.25
C LEU F 388 -8.11 27.23 -27.81
N LEU F 389 -7.32 26.37 -27.17
CA LEU F 389 -6.82 26.61 -25.82
C LEU F 389 -5.47 27.32 -25.82
N ASP F 390 -5.32 28.32 -26.68
CA ASP F 390 -4.08 29.07 -26.80
C ASP F 390 -4.32 30.53 -26.43
N ILE F 391 -3.23 31.23 -26.14
CA ILE F 391 -3.31 32.65 -25.80
C ILE F 391 -3.56 33.52 -27.03
N ASP F 392 -3.33 32.98 -28.23
CA ASP F 392 -3.63 33.69 -29.46
C ASP F 392 -5.12 33.67 -29.80
N VAL F 393 -5.92 32.89 -29.08
CA VAL F 393 -7.34 32.74 -29.36
C VAL F 393 -8.19 33.37 -28.26
N VAL F 394 -8.03 32.90 -27.02
CA VAL F 394 -8.83 33.37 -25.89
C VAL F 394 -8.05 34.30 -24.96
N GLY F 395 -6.73 34.39 -25.11
CA GLY F 395 -5.93 35.27 -24.29
C GLY F 395 -5.29 34.54 -23.12
N GLN F 396 -4.62 35.33 -22.28
CA GLN F 396 -3.95 34.80 -21.10
C GLN F 396 -4.91 34.61 -19.94
N GLU F 397 -5.99 35.39 -19.90
CA GLU F 397 -6.93 35.32 -18.78
C GLU F 397 -7.64 33.98 -18.74
N HIS F 398 -8.14 33.51 -19.89
CA HIS F 398 -8.82 32.22 -19.94
C HIS F 398 -7.82 31.07 -19.90
N TYR F 399 -6.64 31.25 -20.50
CA TYR F 399 -5.67 30.17 -20.55
C TYR F 399 -5.06 29.88 -19.18
N ASP F 400 -4.92 30.91 -18.34
CA ASP F 400 -4.37 30.69 -17.00
C ASP F 400 -5.30 29.83 -16.15
N VAL F 401 -6.61 30.09 -16.21
CA VAL F 401 -7.55 29.32 -15.42
C VAL F 401 -7.60 27.88 -15.90
N ALA F 402 -7.71 27.69 -17.22
CA ALA F 402 -7.80 26.34 -17.77
C ALA F 402 -6.53 25.54 -17.49
N SER F 403 -5.37 26.19 -17.51
CA SER F 403 -4.12 25.52 -17.17
C SER F 403 -3.97 25.29 -15.68
N ASN F 404 -4.67 26.05 -14.85
CA ASN F 404 -4.65 25.84 -13.40
C ASN F 404 -5.65 24.80 -12.95
N VAL F 405 -6.80 24.70 -13.63
CA VAL F 405 -7.78 23.68 -13.29
C VAL F 405 -7.26 22.29 -13.65
N GLN F 406 -6.68 22.15 -14.85
CA GLN F 406 -6.16 20.85 -15.25
C GLN F 406 -5.01 20.40 -14.36
N GLN F 407 -4.27 21.34 -13.79
CA GLN F 407 -3.18 20.98 -12.90
C GLN F 407 -3.69 20.52 -11.54
N THR F 408 -4.79 21.10 -11.07
CA THR F 408 -5.38 20.66 -9.80
C THR F 408 -6.04 19.29 -9.95
N LEU F 409 -6.82 19.10 -11.01
CA LEU F 409 -7.49 17.83 -11.24
C LEU F 409 -6.48 16.71 -11.53
N GLN F 410 -5.28 17.04 -12.00
CA GLN F 410 -4.26 16.02 -12.21
C GLN F 410 -3.60 15.61 -10.90
N ALA F 411 -3.38 16.57 -9.99
CA ALA F 411 -2.75 16.27 -8.71
C ALA F 411 -3.63 15.39 -7.83
N TYR F 412 -4.95 15.41 -8.03
CA TYR F 412 -5.85 14.58 -7.23
C TYR F 412 -5.91 13.16 -7.74
N LYS F 413 -5.97 12.97 -9.06
CA LYS F 413 -6.07 11.65 -9.64
C LYS F 413 -4.71 10.97 -9.80
N SER F 414 -3.62 11.69 -9.59
CA SER F 414 -2.29 11.07 -9.54
C SER F 414 -1.97 10.51 -8.16
N LEU F 415 -2.59 11.03 -7.12
CA LEU F 415 -2.47 10.50 -5.77
C LEU F 415 -3.67 9.64 -5.38
N GLN F 416 -4.38 9.09 -6.37
CA GLN F 416 -5.58 8.31 -6.08
C GLN F 416 -5.25 6.99 -5.38
N ASP F 417 -4.03 6.48 -5.57
CA ASP F 417 -3.65 5.24 -4.91
C ASP F 417 -3.53 5.42 -3.40
N ILE F 418 -2.86 6.50 -2.97
CA ILE F 418 -2.69 6.75 -1.54
C ILE F 418 -4.04 7.00 -0.88
N ILE F 419 -4.92 7.72 -1.57
CA ILE F 419 -6.24 8.02 -1.01
C ILE F 419 -7.06 6.74 -0.86
N ALA F 420 -7.00 5.86 -1.85
CA ALA F 420 -7.81 4.65 -1.85
C ALA F 420 -7.27 3.56 -0.92
N ILE F 421 -6.04 3.71 -0.41
CA ILE F 421 -5.45 2.69 0.44
C ILE F 421 -5.22 3.25 1.84
N LEU F 422 -4.23 4.16 1.96
CA LEU F 422 -3.89 4.74 3.24
C LEU F 422 -4.92 5.73 3.75
N GLY F 423 -5.87 6.15 2.91
CA GLY F 423 -6.86 7.13 3.31
C GLY F 423 -6.40 8.55 3.05
N MET F 424 -7.39 9.46 3.07
CA MET F 424 -7.10 10.87 2.84
C MET F 424 -6.27 11.49 3.96
N ASP F 425 -6.34 10.93 5.17
CA ASP F 425 -5.61 11.47 6.31
C ASP F 425 -4.10 11.24 6.21
N GLU F 426 -3.65 10.38 5.30
CA GLU F 426 -2.22 10.10 5.15
C GLU F 426 -1.65 10.90 3.98
N LEU F 427 -1.83 12.21 4.06
CA LEU F 427 -1.34 13.13 3.03
C LEU F 427 -0.68 14.33 3.71
N SER F 428 -0.09 15.20 2.90
CA SER F 428 0.55 16.40 3.42
C SER F 428 -0.51 17.47 3.70
N GLU F 429 -0.05 18.62 4.18
CA GLU F 429 -0.98 19.69 4.55
C GLU F 429 -1.50 20.44 3.34
N GLN F 430 -0.74 20.47 2.25
CA GLN F 430 -1.17 21.10 1.00
C GLN F 430 -1.84 20.12 0.04
N ASP F 431 -1.35 18.89 -0.03
CA ASP F 431 -1.96 17.87 -0.88
C ASP F 431 -3.29 17.37 -0.34
N LYS F 432 -3.67 17.79 0.87
CA LYS F 432 -5.02 17.57 1.36
C LYS F 432 -5.94 18.73 1.06
N LEU F 433 -5.39 19.93 0.87
CA LEU F 433 -6.19 21.08 0.45
C LEU F 433 -6.46 21.06 -1.04
N THR F 434 -5.49 20.59 -1.84
CA THR F 434 -5.70 20.47 -3.27
C THR F 434 -6.80 19.45 -3.57
N VAL F 435 -6.82 18.34 -2.82
CA VAL F 435 -7.88 17.35 -2.98
C VAL F 435 -9.24 17.96 -2.69
N GLU F 436 -9.31 18.81 -1.66
CA GLU F 436 -10.58 19.47 -1.32
C GLU F 436 -11.07 20.35 -2.47
N ARG F 437 -10.16 21.11 -3.08
CA ARG F 437 -10.55 21.94 -4.21
C ARG F 437 -10.90 21.10 -5.43
N ALA F 438 -10.11 20.06 -5.69
CA ALA F 438 -10.34 19.23 -6.88
C ALA F 438 -11.69 18.53 -6.83
N ARG F 439 -12.06 18.01 -5.64
CA ARG F 439 -13.37 17.39 -5.51
C ARG F 439 -14.50 18.38 -5.74
N LYS F 440 -14.28 19.65 -5.39
CA LYS F 440 -15.27 20.68 -5.69
C LYS F 440 -15.29 20.99 -7.18
N ILE F 441 -14.12 21.12 -7.80
CA ILE F 441 -14.04 21.42 -9.23
C ILE F 441 -14.62 20.26 -10.03
N GLN F 442 -14.26 19.02 -9.67
CA GLN F 442 -14.73 17.85 -10.40
C GLN F 442 -16.24 17.76 -10.42
N ARG F 443 -16.90 18.22 -9.35
CA ARG F 443 -18.36 18.24 -9.32
C ARG F 443 -18.93 19.54 -9.87
N PHE F 444 -18.21 20.65 -9.72
CA PHE F 444 -18.66 21.90 -10.34
C PHE F 444 -18.59 21.82 -11.85
N LEU F 445 -17.73 20.97 -12.40
CA LEU F 445 -17.70 20.75 -13.84
C LEU F 445 -19.00 20.14 -14.34
N SER F 446 -19.65 19.31 -13.51
CA SER F 446 -20.94 18.74 -13.87
C SER F 446 -21.97 19.85 -14.06
N GLN F 447 -22.84 19.66 -15.06
CA GLN F 447 -23.80 20.70 -15.40
C GLN F 447 -25.10 20.09 -15.88
N PRO F 448 -26.25 20.52 -15.36
CA PRO F 448 -27.55 20.02 -15.83
C PRO F 448 -27.83 20.54 -17.23
N PHE F 449 -28.05 19.62 -18.16
CA PHE F 449 -28.35 19.99 -19.54
C PHE F 449 -29.85 20.28 -19.70
N THR F 450 -30.18 20.93 -20.83
CA THR F 450 -31.57 21.29 -21.10
C THR F 450 -32.43 20.04 -21.28
N VAL F 451 -31.87 18.99 -21.90
CA VAL F 451 -32.58 17.73 -22.07
C VAL F 451 -32.53 16.86 -20.83
N ALA F 452 -31.75 17.23 -19.82
CA ALA F 452 -31.60 16.44 -18.60
C ALA F 452 -32.73 16.67 -17.62
N GLU F 453 -33.84 17.30 -18.03
CA GLU F 453 -34.98 17.47 -17.15
C GLU F 453 -35.79 16.19 -16.97
N VAL F 454 -35.62 15.22 -17.87
CA VAL F 454 -36.35 13.96 -17.77
C VAL F 454 -35.59 12.91 -16.96
N PHE F 455 -34.28 13.08 -16.76
CA PHE F 455 -33.48 12.14 -16.00
C PHE F 455 -33.12 12.63 -14.61
N THR F 456 -33.10 13.94 -14.39
CA THR F 456 -32.81 14.53 -13.09
C THR F 456 -33.97 15.32 -12.52
N GLY F 457 -34.75 16.00 -13.37
CA GLY F 457 -35.78 16.90 -12.94
C GLY F 457 -35.35 18.34 -12.79
N ILE F 458 -34.04 18.59 -12.68
CA ILE F 458 -33.55 19.95 -12.53
C ILE F 458 -33.66 20.68 -13.86
N GLU F 459 -34.03 21.96 -13.79
CA GLU F 459 -34.19 22.80 -14.97
C GLU F 459 -32.90 22.84 -15.79
N GLY F 460 -33.06 23.11 -17.08
CA GLY F 460 -31.91 23.24 -17.96
C GLY F 460 -31.08 24.46 -17.61
N ARG F 461 -29.76 24.34 -17.78
CA ARG F 461 -28.82 25.37 -17.38
C ARG F 461 -27.87 25.67 -18.52
N LEU F 462 -27.75 26.95 -18.87
CA LEU F 462 -26.81 27.42 -19.87
C LEU F 462 -25.93 28.50 -19.24
N VAL F 463 -24.62 28.25 -19.23
CA VAL F 463 -23.65 29.13 -18.59
C VAL F 463 -22.79 29.79 -19.65
N SER F 464 -22.61 31.10 -19.54
CA SER F 464 -21.81 31.84 -20.51
C SER F 464 -20.35 31.42 -20.42
N LEU F 465 -19.59 31.79 -21.46
CA LEU F 465 -18.16 31.45 -21.50
C LEU F 465 -17.39 32.23 -20.44
N LYS F 466 -17.55 33.55 -20.40
CA LYS F 466 -16.85 34.36 -19.41
C LYS F 466 -17.42 34.15 -18.02
N ASP F 467 -18.70 33.79 -17.91
CA ASP F 467 -19.28 33.50 -16.60
C ASP F 467 -18.67 32.25 -15.98
N THR F 468 -18.25 31.29 -16.82
CA THR F 468 -17.62 30.08 -16.30
C THR F 468 -16.19 30.35 -15.85
N VAL F 469 -15.48 31.23 -16.54
CA VAL F 469 -14.05 31.44 -16.27
C VAL F 469 -13.87 32.00 -14.86
N ARG F 470 -14.56 33.11 -14.55
CA ARG F 470 -14.41 33.71 -13.23
C ARG F 470 -14.94 32.83 -12.12
N SER F 471 -15.85 31.91 -12.43
CA SER F 471 -16.39 31.02 -11.41
C SER F 471 -15.34 30.06 -10.87
N PHE F 472 -14.34 29.73 -11.68
CA PHE F 472 -13.24 28.89 -11.22
C PHE F 472 -12.15 29.69 -10.51
N LYS F 473 -12.01 30.97 -10.84
CA LYS F 473 -11.09 31.82 -10.08
C LYS F 473 -11.56 32.01 -8.64
N GLU F 474 -12.86 31.99 -8.42
CA GLU F 474 -13.44 32.07 -7.09
C GLU F 474 -13.53 30.71 -6.40
N ILE F 475 -12.96 29.67 -7.03
CA ILE F 475 -12.83 28.36 -6.41
C ILE F 475 -11.36 27.99 -6.21
N LEU F 476 -10.49 28.38 -7.14
CA LEU F 476 -9.07 28.14 -6.97
C LEU F 476 -8.48 29.01 -5.86
N ASP F 477 -9.02 30.22 -5.69
CA ASP F 477 -8.54 31.13 -4.67
C ASP F 477 -9.20 30.79 -3.32
N GLY F 478 -8.91 31.60 -2.30
CA GLY F 478 -9.48 31.40 -0.98
C GLY F 478 -10.96 31.67 -0.87
N LYS F 479 -11.62 32.06 -1.96
CA LYS F 479 -13.05 32.33 -1.93
C LYS F 479 -13.84 31.03 -2.02
N HIS F 480 -14.97 30.99 -1.30
CA HIS F 480 -15.92 29.88 -1.36
C HIS F 480 -15.25 28.54 -1.08
N ASP F 481 -14.20 28.53 -0.26
CA ASP F 481 -13.56 27.30 0.17
C ASP F 481 -14.18 26.71 1.43
N ALA F 482 -15.21 27.36 1.98
CA ALA F 482 -15.93 26.83 3.13
C ALA F 482 -17.16 26.03 2.73
N LEU F 483 -17.59 26.12 1.47
CA LEU F 483 -18.75 25.40 1.00
C LEU F 483 -18.39 23.93 0.70
N PRO F 484 -19.32 23.01 0.92
CA PRO F 484 -19.04 21.59 0.72
C PRO F 484 -19.07 21.23 -0.78
N GLU F 485 -18.77 19.96 -1.05
CA GLU F 485 -18.77 19.47 -2.43
C GLU F 485 -20.18 19.28 -2.97
N ALA F 486 -21.19 19.11 -2.10
CA ALA F 486 -22.56 18.96 -2.54
C ALA F 486 -23.18 20.28 -3.02
N ALA F 487 -22.52 21.41 -2.76
CA ALA F 487 -23.01 22.70 -3.24
C ALA F 487 -22.61 22.97 -4.68
N PHE F 488 -21.74 22.16 -5.27
CA PHE F 488 -21.31 22.31 -6.65
C PHE F 488 -21.88 21.22 -7.56
N TYR F 489 -22.75 20.36 -7.04
CA TYR F 489 -23.32 19.27 -7.80
C TYR F 489 -24.58 19.74 -8.52
N MET F 490 -24.64 19.47 -9.82
CA MET F 490 -25.76 19.88 -10.69
C MET F 490 -26.03 21.39 -10.54
N VAL F 491 -25.03 22.19 -10.88
CA VAL F 491 -25.09 23.63 -10.67
C VAL F 491 -24.55 24.34 -11.90
N GLY F 492 -25.06 25.55 -12.13
CA GLY F 492 -24.60 26.38 -13.23
C GLY F 492 -23.98 27.67 -12.73
N GLY F 493 -22.67 27.64 -12.44
CA GLY F 493 -21.98 28.79 -11.91
C GLY F 493 -22.14 28.90 -10.41
N ILE F 494 -21.35 29.80 -9.82
CA ILE F 494 -21.42 30.03 -8.38
C ILE F 494 -22.71 30.74 -8.01
N GLU F 495 -23.28 31.53 -8.93
CA GLU F 495 -24.52 32.24 -8.66
C GLU F 495 -25.65 31.31 -8.28
N GLU F 496 -25.58 30.04 -8.71
CA GLU F 496 -26.52 29.02 -8.27
C GLU F 496 -25.98 28.17 -7.12
N VAL F 497 -24.66 28.17 -6.92
CA VAL F 497 -24.07 27.49 -5.76
C VAL F 497 -24.55 28.16 -4.47
N VAL F 498 -24.40 29.49 -4.40
CA VAL F 498 -24.85 30.23 -3.23
C VAL F 498 -26.35 30.11 -3.06
N ALA F 499 -27.09 29.98 -4.17
CA ALA F 499 -28.53 29.75 -4.08
C ALA F 499 -28.82 28.43 -3.38
N LYS F 500 -27.97 27.42 -3.61
CA LYS F 500 -28.07 26.18 -2.85
C LYS F 500 -27.47 26.34 -1.46
N ALA F 501 -26.37 27.10 -1.35
CA ALA F 501 -25.79 27.36 -0.04
C ALA F 501 -26.72 28.19 0.84
N GLU F 502 -27.57 29.00 0.22
CA GLU F 502 -28.59 29.71 0.99
C GLU F 502 -29.57 28.74 1.62
N LYS F 503 -29.98 27.71 0.87
CA LYS F 503 -30.79 26.65 1.46
C LYS F 503 -29.97 25.81 2.44
N LEU F 504 -28.67 25.67 2.18
CA LEU F 504 -27.81 24.88 3.07
C LEU F 504 -27.58 25.62 4.40
N ALA F 505 -27.43 26.94 4.35
CA ALA F 505 -27.15 27.70 5.56
C ALA F 505 -28.34 27.67 6.52
N ALA F 506 -29.54 27.45 6.01
CA ALA F 506 -30.73 27.39 6.84
C ALA F 506 -31.02 25.96 7.28
N THR G 23 -2.08 -1.43 -20.35
CA THR G 23 -0.89 -2.19 -20.75
C THR G 23 -0.86 -3.55 -20.06
N LEU G 24 0.06 -4.40 -20.48
CA LEU G 24 0.25 -5.72 -19.91
C LEU G 24 1.52 -5.85 -19.08
N ARG G 25 2.60 -5.19 -19.49
CA ARG G 25 3.88 -5.35 -18.83
C ARG G 25 3.83 -4.93 -17.37
N GLU G 26 3.07 -3.88 -17.07
CA GLU G 26 3.06 -3.31 -15.73
C GLU G 26 2.01 -3.92 -14.82
N ILE G 27 1.06 -4.68 -15.36
CA ILE G 27 -0.01 -5.26 -14.53
C ILE G 27 0.59 -6.21 -13.49
N GLU G 28 1.33 -7.22 -13.95
CA GLU G 28 1.98 -8.14 -13.02
C GLU G 28 3.00 -7.42 -12.15
N MET G 29 3.66 -6.39 -12.70
CA MET G 29 4.56 -5.57 -11.89
C MET G 29 3.78 -4.80 -10.83
N ARG G 30 2.63 -4.23 -11.21
CA ARG G 30 1.78 -3.54 -10.23
C ARG G 30 1.08 -4.51 -9.30
N LEU G 31 0.89 -5.77 -9.73
CA LEU G 31 0.33 -6.77 -8.84
C LEU G 31 1.30 -7.12 -7.72
N LYS G 32 2.56 -7.39 -8.08
CA LYS G 32 3.55 -7.78 -7.07
C LYS G 32 3.73 -6.70 -6.01
N SER G 33 3.52 -5.43 -6.38
CA SER G 33 3.59 -4.37 -5.38
C SER G 33 2.39 -4.40 -4.46
N ILE G 34 1.18 -4.44 -5.03
CA ILE G 34 -0.04 -4.42 -4.22
C ILE G 34 -0.18 -5.72 -3.44
N LYS G 35 0.18 -6.85 -4.05
CA LYS G 35 0.07 -8.13 -3.36
C LYS G 35 1.05 -8.23 -2.20
N ASN G 36 2.19 -7.53 -2.30
CA ASN G 36 3.14 -7.49 -1.19
C ASN G 36 2.95 -6.28 -0.29
N ILE G 37 2.11 -5.31 -0.68
CA ILE G 37 1.64 -4.31 0.26
C ILE G 37 0.68 -4.95 1.25
N GLU G 38 -0.17 -5.86 0.76
CA GLU G 38 -1.00 -6.67 1.65
C GLU G 38 -0.17 -7.41 2.68
N LYS G 39 1.07 -7.77 2.31
CA LYS G 39 1.95 -8.45 3.25
C LYS G 39 2.37 -7.54 4.40
N ILE G 40 2.43 -6.23 4.15
CA ILE G 40 2.86 -5.27 5.17
C ILE G 40 1.72 -4.87 6.08
N THR G 41 0.58 -4.48 5.51
CA THR G 41 -0.53 -3.99 6.32
C THR G 41 -1.12 -5.09 7.19
N ASN G 42 -1.20 -6.32 6.66
CA ASN G 42 -1.74 -7.42 7.44
C ASN G 42 -0.79 -7.82 8.57
N THR G 43 0.51 -7.58 8.39
CA THR G 43 1.50 -7.82 9.44
C THR G 43 1.81 -6.57 10.23
N MET G 44 0.90 -5.59 10.24
CA MET G 44 0.96 -4.47 11.15
C MET G 44 -0.32 -4.28 11.95
N LYS G 45 -1.29 -5.17 11.80
CA LYS G 45 -2.52 -5.16 12.58
C LYS G 45 -2.37 -5.98 13.86
N ILE G 46 -1.64 -7.09 13.80
CA ILE G 46 -1.37 -7.89 14.99
C ILE G 46 -0.17 -7.37 15.77
N VAL G 47 0.81 -6.80 15.08
CA VAL G 47 1.97 -6.21 15.75
C VAL G 47 1.53 -5.08 16.67
N ALA G 48 0.55 -4.28 16.22
CA ALA G 48 0.03 -3.22 17.07
C ALA G 48 -0.79 -3.77 18.23
N SER G 49 -1.38 -4.96 18.06
CA SER G 49 -2.11 -5.58 19.16
C SER G 49 -1.16 -5.96 20.30
N THR G 50 0.09 -6.28 19.98
CA THR G 50 1.07 -6.50 21.04
C THR G 50 1.47 -5.20 21.72
N LYS G 51 1.52 -4.11 20.95
CA LYS G 51 1.87 -2.81 21.52
C LYS G 51 0.80 -2.32 22.49
N LEU G 52 -0.48 -2.65 22.23
CA LEU G 52 -1.55 -2.22 23.11
C LEU G 52 -1.37 -2.80 24.51
N GLY G 53 -0.97 -4.07 24.61
CA GLY G 53 -0.67 -4.64 25.90
C GLY G 53 0.52 -3.99 26.58
N LYS G 54 1.50 -3.54 25.79
CA LYS G 54 2.61 -2.78 26.31
C LYS G 54 2.26 -1.31 26.55
N ALA G 55 1.26 -0.79 25.84
CA ALA G 55 0.84 0.60 26.04
C ALA G 55 0.04 0.76 27.32
N GLN G 56 -0.89 -0.16 27.58
CA GLN G 56 -1.69 -0.07 28.79
C GLN G 56 -0.83 -0.26 30.03
N ARG G 57 0.13 -1.19 29.98
CA ARG G 57 1.08 -1.33 31.06
C ARG G 57 2.01 -0.14 31.18
N ALA G 58 2.21 0.59 30.08
CA ALA G 58 2.87 1.89 30.13
C ALA G 58 1.90 3.04 30.40
N MET G 59 0.60 2.80 30.23
CA MET G 59 -0.43 3.77 30.61
C MET G 59 -0.79 3.66 32.09
N ALA G 60 -0.89 2.44 32.61
CA ALA G 60 -0.98 2.24 34.06
C ALA G 60 0.30 2.67 34.77
N THR G 61 1.40 2.83 34.03
CA THR G 61 2.60 3.43 34.60
C THR G 61 2.37 4.88 34.99
N SER G 62 1.44 5.56 34.32
CA SER G 62 1.21 6.99 34.52
C SER G 62 -0.20 7.36 34.94
N LYS G 63 -1.15 6.41 34.94
CA LYS G 63 -2.53 6.73 35.29
C LYS G 63 -2.88 6.40 36.74
N VAL G 64 -2.19 5.45 37.35
CA VAL G 64 -2.35 5.16 38.78
C VAL G 64 -1.18 5.71 39.58
N TYR G 65 -0.28 6.44 38.95
CA TYR G 65 0.89 7.04 39.59
C TYR G 65 0.77 8.55 39.71
N ASN G 66 0.34 9.22 38.64
CA ASN G 66 0.30 10.67 38.63
C ASN G 66 -0.98 11.22 39.24
N GLU G 67 -2.09 10.47 39.14
CA GLU G 67 -3.37 10.95 39.67
C GLU G 67 -3.32 11.11 41.18
N ALA G 68 -2.46 10.35 41.86
CA ALA G 68 -2.34 10.50 43.32
C ALA G 68 -1.89 11.91 43.69
N SER G 69 -1.11 12.56 42.84
CA SER G 69 -0.70 13.94 43.03
C SER G 69 -1.53 14.92 42.23
N GLU G 70 -2.64 14.48 41.65
CA GLU G 70 -3.46 15.35 40.80
C GLU G 70 -4.95 15.11 41.03
N LYS G 71 -5.42 13.88 40.85
CA LYS G 71 -6.83 13.58 41.06
C LYS G 71 -7.28 13.97 42.46
N VAL G 72 -6.50 13.59 43.47
CA VAL G 72 -6.79 14.04 44.83
C VAL G 72 -6.40 15.50 45.00
N PHE G 73 -5.45 15.99 44.20
CA PHE G 73 -5.03 17.38 44.27
C PHE G 73 -6.04 18.30 43.59
N GLU G 74 -6.79 17.79 42.61
CA GLU G 74 -7.87 18.56 42.00
C GLU G 74 -9.09 18.68 42.89
N ASN G 75 -9.15 17.91 43.99
CA ASN G 75 -10.22 18.09 44.96
C ASN G 75 -10.10 19.43 45.69
N SER G 76 -8.88 19.96 45.80
CA SER G 76 -8.72 21.32 46.29
C SER G 76 -9.31 22.34 45.30
N GLU G 77 -9.33 21.99 44.01
CA GLU G 77 -9.92 22.80 42.95
C GLU G 77 -9.32 24.21 42.93
N THR G 78 -8.08 24.26 42.42
CA THR G 78 -7.36 25.50 42.21
C THR G 78 -7.43 25.97 40.77
N ALA G 79 -8.45 25.56 40.03
CA ALA G 79 -8.53 25.79 38.60
C ALA G 79 -9.01 27.22 38.30
N VAL G 80 -9.16 27.50 37.00
CA VAL G 80 -9.66 28.74 36.41
C VAL G 80 -9.30 29.96 37.28
N PRO G 81 -8.09 30.50 37.16
CA PRO G 81 -7.82 31.82 37.73
C PRO G 81 -8.62 32.87 36.97
N GLU G 82 -9.31 33.74 37.72
CA GLU G 82 -10.26 34.66 37.11
C GLU G 82 -9.58 35.70 36.23
N ASN G 83 -8.34 36.07 36.55
CA ASN G 83 -7.63 37.07 35.77
C ASN G 83 -7.33 36.55 34.38
N ILE G 84 -7.18 37.49 33.43
CA ILE G 84 -6.90 37.18 32.04
C ILE G 84 -5.42 37.38 31.78
N GLU G 85 -4.72 36.30 31.43
CA GLU G 85 -3.31 36.38 31.07
C GLU G 85 -3.07 35.45 29.89
N LYS G 86 -1.80 35.31 29.53
CA LYS G 86 -1.42 34.50 28.37
C LYS G 86 -1.59 33.02 28.68
N ARG G 87 -2.33 32.32 27.81
CA ARG G 87 -2.56 30.90 27.95
C ARG G 87 -1.41 30.12 27.32
N LEU G 88 -1.33 28.83 27.65
CA LEU G 88 -0.32 27.94 27.09
C LEU G 88 -0.94 26.58 26.80
N TRP G 89 -0.72 26.09 25.57
CA TRP G 89 -1.26 24.81 25.12
C TRP G 89 -0.11 23.96 24.58
N VAL G 90 0.21 22.88 25.29
CA VAL G 90 1.27 21.96 24.90
C VAL G 90 0.61 20.76 24.23
N VAL G 91 0.88 20.58 22.93
CA VAL G 91 0.34 19.47 22.16
C VAL G 91 1.25 18.26 22.31
N VAL G 92 0.64 17.09 22.45
CA VAL G 92 1.35 15.84 22.68
C VAL G 92 1.12 14.92 21.50
N SER G 93 2.21 14.43 20.90
CA SER G 93 2.11 13.56 19.74
C SER G 93 3.46 12.87 19.53
N SER G 94 3.45 11.87 18.66
CA SER G 94 4.66 11.16 18.24
C SER G 94 4.87 11.37 16.75
N ASP G 95 6.13 11.31 16.32
CA ASP G 95 6.48 11.61 14.95
C ASP G 95 6.20 10.47 13.98
N LYS G 96 5.82 9.30 14.46
CA LYS G 96 5.54 8.17 13.58
C LYS G 96 4.14 8.31 12.99
N GLY G 97 4.04 8.15 11.67
CA GLY G 97 2.79 8.28 10.96
C GLY G 97 2.06 6.95 10.84
N LEU G 98 1.19 6.89 9.83
CA LEU G 98 0.37 5.70 9.57
C LEU G 98 -0.45 5.31 10.78
N CYS G 99 -0.97 6.32 11.49
CA CYS G 99 -1.72 6.11 12.72
C CYS G 99 -3.05 6.86 12.68
N GLY G 100 -3.77 6.71 11.57
CA GLY G 100 -5.08 7.31 11.45
C GLY G 100 -5.01 8.83 11.34
N SER G 101 -6.03 9.49 11.90
CA SER G 101 -6.11 10.94 11.88
C SER G 101 -5.88 11.53 13.27
N ILE G 102 -4.77 11.15 13.90
CA ILE G 102 -4.44 11.70 15.21
C ILE G 102 -4.03 13.15 15.08
N HIS G 103 -3.02 13.43 14.25
CA HIS G 103 -2.48 14.76 14.07
C HIS G 103 -3.31 15.61 13.13
N SER G 104 -4.49 15.14 12.71
CA SER G 104 -5.39 15.89 11.85
C SER G 104 -6.51 16.55 12.63
N GLN G 105 -7.16 15.81 13.53
CA GLN G 105 -8.18 16.38 14.39
C GLN G 105 -7.58 17.11 15.59
N LEU G 106 -6.33 16.78 15.95
CA LEU G 106 -5.64 17.52 17.01
C LEU G 106 -5.36 18.96 16.58
N ALA G 107 -5.05 19.16 15.30
CA ALA G 107 -4.83 20.51 14.80
C ALA G 107 -6.13 21.32 14.83
N ARG G 108 -7.26 20.67 14.58
CA ARG G 108 -8.54 21.36 14.67
C ARG G 108 -8.94 21.59 16.13
N THR G 109 -8.65 20.63 17.00
CA THR G 109 -9.01 20.75 18.40
C THR G 109 -8.39 22.01 19.02
N VAL G 110 -7.12 22.28 18.71
CA VAL G 110 -6.49 23.49 19.19
C VAL G 110 -7.07 24.72 18.49
N ARG G 111 -7.50 24.56 17.23
CA ARG G 111 -7.99 25.69 16.46
C ARG G 111 -9.44 26.02 16.76
N ARG G 112 -10.26 25.02 17.09
CA ARG G 112 -11.67 25.27 17.37
C ARG G 112 -11.86 26.14 18.60
N LYS G 113 -10.97 26.02 19.58
CA LYS G 113 -11.00 26.88 20.76
C LYS G 113 -10.11 28.11 20.60
N LEU G 114 -9.44 28.26 19.46
CA LEU G 114 -8.60 29.43 19.22
C LEU G 114 -9.45 30.64 18.83
N LEU G 115 -10.16 30.55 17.71
CA LEU G 115 -10.99 31.66 17.26
C LEU G 115 -12.13 31.93 18.25
N ASP G 116 -12.77 30.89 18.75
CA ASP G 116 -13.86 31.04 19.71
C ASP G 116 -13.70 30.08 20.88
N GLY G 120 -9.79 31.49 24.04
CA GLY G 120 -8.38 31.72 23.80
C GLY G 120 -8.10 32.97 23.00
N GLU G 121 -8.99 33.26 22.05
CA GLU G 121 -8.93 34.46 21.20
C GLU G 121 -7.61 34.45 20.45
N LYS G 122 -6.78 35.50 20.55
CA LYS G 122 -5.57 35.61 19.76
C LYS G 122 -4.30 35.27 20.54
N LEU G 123 -4.32 35.42 21.86
CA LEU G 123 -3.14 35.17 22.68
C LEU G 123 -3.03 33.69 22.99
N ILE G 124 -1.96 33.05 22.51
CA ILE G 124 -1.71 31.64 22.75
C ILE G 124 -0.27 31.30 22.39
N ASP G 125 0.32 30.34 23.10
CA ASP G 125 1.64 29.82 22.79
C ASP G 125 1.59 28.30 22.82
N ILE G 126 2.41 27.66 21.98
CA ILE G 126 2.34 26.23 21.76
C ILE G 126 3.73 25.63 21.83
N VAL G 127 3.85 24.50 22.52
CA VAL G 127 5.08 23.72 22.57
C VAL G 127 4.82 22.40 21.84
N ALA G 128 5.39 22.27 20.66
CA ALA G 128 5.15 21.11 19.80
C ALA G 128 6.10 19.97 20.17
N VAL G 129 5.54 18.76 20.24
CA VAL G 129 6.28 17.57 20.64
C VAL G 129 6.27 16.60 19.48
N GLY G 130 7.36 16.50 18.75
CA GLY G 130 7.51 15.56 17.67
C GLY G 130 7.82 16.25 16.34
N GLU G 131 8.17 15.40 15.37
CA GLU G 131 8.45 15.89 14.01
C GLU G 131 7.16 16.13 13.22
N LYS G 132 6.13 15.31 13.45
CA LYS G 132 4.90 15.42 12.69
C LYS G 132 4.09 16.65 13.07
N ILE G 133 4.25 17.15 14.29
CA ILE G 133 3.45 18.28 14.77
C ILE G 133 4.09 19.63 14.48
N LYS G 134 5.40 19.67 14.25
CA LYS G 134 6.06 20.94 13.97
C LYS G 134 5.62 21.53 12.63
N ALA G 135 5.26 20.69 11.66
CA ALA G 135 4.72 21.14 10.40
C ALA G 135 3.19 21.23 10.41
N GLN G 136 2.54 20.66 11.42
CA GLN G 136 1.09 20.75 11.53
C GLN G 136 0.65 22.11 12.04
N LEU G 137 1.45 22.73 12.92
CA LEU G 137 1.13 24.03 13.47
C LEU G 137 2.14 25.12 13.09
N GLY G 138 3.37 24.75 12.72
CA GLY G 138 4.32 25.75 12.27
C GLY G 138 3.96 26.37 10.94
N ARG G 139 3.19 25.66 10.11
CA ARG G 139 2.70 26.21 8.87
C ARG G 139 1.44 27.05 9.07
N SER G 140 0.76 26.88 10.20
CA SER G 140 -0.43 27.65 10.54
C SER G 140 -0.14 28.78 11.53
N ASN G 141 0.56 28.47 12.62
CA ASN G 141 0.88 29.43 13.67
C ASN G 141 2.38 29.36 13.96
N PRO G 142 3.20 30.01 13.13
CA PRO G 142 4.65 29.94 13.35
C PRO G 142 5.14 30.84 14.47
N GLU G 143 4.47 31.99 14.65
CA GLU G 143 4.85 32.92 15.70
C GLU G 143 4.50 32.40 17.08
N GLN G 144 3.56 31.47 17.18
CA GLN G 144 3.10 30.93 18.46
C GLN G 144 4.06 29.90 19.05
N MET G 145 5.26 29.77 18.51
CA MET G 145 6.23 28.82 19.04
C MET G 145 7.63 29.25 18.63
N ARG G 146 8.59 28.94 19.49
CA ARG G 146 10.01 29.12 19.20
C ARG G 146 10.86 27.92 19.57
N LEU G 147 10.38 27.02 20.42
CA LEU G 147 11.09 25.80 20.79
C LEU G 147 10.20 24.60 20.54
N SER G 148 10.75 23.60 19.83
CA SER G 148 10.02 22.37 19.53
C SER G 148 11.00 21.32 19.02
N PHE G 149 11.07 20.17 19.70
CA PHE G 149 12.03 19.14 19.34
C PHE G 149 11.35 17.96 18.66
N GLY G 150 12.05 17.36 17.71
CA GLY G 150 11.59 16.17 17.04
C GLY G 150 12.41 14.96 17.41
N GLY G 151 11.86 13.77 17.22
CA GLY G 151 12.48 12.55 17.67
C GLY G 151 11.86 12.00 18.95
N THR G 152 10.57 12.21 19.16
CA THR G 152 9.93 11.79 20.40
C THR G 152 9.52 10.32 20.33
N GLY G 153 8.68 9.97 19.34
CA GLY G 153 8.13 8.63 19.28
C GLY G 153 8.84 7.69 18.35
N LYS G 154 10.03 7.23 18.74
CA LYS G 154 10.67 6.11 18.07
C LYS G 154 10.31 4.77 18.71
N GLU G 155 10.13 4.77 20.03
CA GLU G 155 9.66 3.59 20.76
C GLU G 155 8.69 4.09 21.84
N ALA G 156 8.54 3.31 22.89
CA ALA G 156 7.70 3.72 24.01
C ALA G 156 8.43 4.80 24.82
N PRO G 157 7.85 5.99 24.98
CA PRO G 157 8.58 7.07 25.65
C PRO G 157 8.86 6.75 27.11
N THR G 158 10.01 7.23 27.58
CA THR G 158 10.46 7.02 28.96
C THR G 158 10.35 8.33 29.73
N PHE G 159 10.66 8.24 31.04
CA PHE G 159 10.57 9.42 31.90
C PHE G 159 11.69 10.41 31.65
N GLU G 160 12.88 9.92 31.26
CA GLU G 160 14.03 10.81 31.09
C GLU G 160 13.80 11.85 30.00
N GLU G 161 13.02 11.51 28.98
CA GLU G 161 12.72 12.47 27.92
C GLU G 161 11.65 13.47 28.33
N ALA G 162 10.89 13.20 29.40
CA ALA G 162 9.91 14.16 29.87
C ALA G 162 10.57 15.33 30.59
N ALA G 163 11.61 15.06 31.38
CA ALA G 163 12.35 16.13 32.03
C ALA G 163 13.23 16.90 31.06
N HIS G 164 13.49 16.35 29.88
CA HIS G 164 14.27 17.05 28.85
C HIS G 164 13.43 18.02 28.03
N ILE G 165 12.14 18.18 28.36
CA ILE G 165 11.25 19.06 27.62
C ILE G 165 10.43 19.88 28.62
N ALA G 166 10.11 19.29 29.77
CA ALA G 166 9.35 20.00 30.79
C ALA G 166 10.17 21.12 31.42
N ASP G 167 11.44 20.84 31.74
CA ASP G 167 12.32 21.89 32.26
C ASP G 167 12.58 22.97 31.23
N GLU G 168 12.53 22.62 29.94
CA GLU G 168 12.70 23.62 28.89
C GLU G 168 11.52 24.56 28.78
N ILE G 169 10.33 24.14 29.23
CA ILE G 169 9.20 25.06 29.34
C ILE G 169 9.47 26.09 30.43
N LEU G 170 10.12 25.66 31.51
CA LEU G 170 10.50 26.57 32.59
C LEU G 170 11.81 27.29 32.32
N ALA G 171 12.53 26.92 31.27
CA ALA G 171 13.81 27.55 30.93
C ALA G 171 13.63 28.80 30.08
N LEU G 172 12.65 28.79 29.17
CA LEU G 172 12.37 29.95 28.33
C LEU G 172 11.95 31.13 29.19
N ASP G 173 10.70 31.11 29.66
CA ASP G 173 10.19 32.14 30.54
C ASP G 173 9.13 31.54 31.45
N THR G 174 8.87 32.21 32.58
CA THR G 174 7.83 31.80 33.50
C THR G 174 6.46 32.05 32.87
N GLN G 175 6.09 33.33 32.74
CA GLN G 175 4.93 33.75 31.98
C GLN G 175 3.62 33.16 32.48
N TYR G 176 3.11 32.15 31.78
CA TYR G 176 1.74 31.71 31.94
C TYR G 176 1.49 31.10 33.31
N ASP G 177 0.32 31.40 33.86
CA ASP G 177 -0.20 30.70 35.03
C ASP G 177 -1.40 29.83 34.67
N ASP G 178 -1.66 29.65 33.38
CA ASP G 178 -2.80 28.87 32.89
C ASP G 178 -2.32 27.88 31.83
N ILE G 179 -1.50 26.92 32.25
CA ILE G 179 -0.97 25.90 31.34
C ILE G 179 -1.99 24.77 31.23
N GLU G 180 -2.35 24.42 30.00
CA GLU G 180 -3.29 23.34 29.73
C GLU G 180 -2.70 22.40 28.70
N ILE G 181 -2.75 21.10 28.96
CA ILE G 181 -2.18 20.07 28.09
C ILE G 181 -3.28 19.48 27.23
N VAL G 182 -2.97 19.25 25.96
CA VAL G 182 -3.92 18.73 24.99
C VAL G 182 -3.44 17.35 24.55
N TYR G 183 -4.21 16.31 24.87
CA TYR G 183 -3.86 14.95 24.54
C TYR G 183 -5.11 14.23 24.05
N ASN G 184 -5.00 12.93 23.82
CA ASN G 184 -6.08 12.12 23.26
C ASN G 184 -6.44 11.01 24.23
N LYS G 185 -7.68 11.02 24.72
CA LYS G 185 -8.20 9.93 25.53
C LYS G 185 -8.54 8.73 24.65
N VAL G 186 -8.45 7.54 25.23
CA VAL G 186 -8.71 6.29 24.51
C VAL G 186 -9.59 5.40 25.38
N LEU G 187 -10.64 4.85 24.79
CA LEU G 187 -11.55 3.95 25.47
C LEU G 187 -11.89 2.80 24.53
N SER G 188 -11.59 1.58 24.94
CA SER G 188 -11.80 0.35 24.18
C SER G 188 -11.05 0.34 22.85
N GLY G 189 -10.15 1.30 22.63
CA GLY G 189 -9.39 1.34 21.39
C GLY G 189 -10.22 1.58 20.16
N ILE G 190 -11.42 2.12 20.31
CA ILE G 190 -12.30 2.34 19.15
C ILE G 190 -11.83 3.54 18.34
N SER G 191 -11.61 4.67 19.02
CA SER G 191 -11.23 5.89 18.34
C SER G 191 -10.49 6.79 19.32
N PHE G 192 -9.98 7.91 18.82
CA PHE G 192 -9.30 8.91 19.61
C PHE G 192 -10.31 9.92 20.16
N GLU G 193 -9.85 10.75 21.10
CA GLU G 193 -10.73 11.71 21.74
C GLU G 193 -10.07 13.08 21.85
N PRO G 194 -10.64 14.11 21.22
CA PRO G 194 -10.07 15.46 21.33
C PRO G 194 -10.58 16.22 22.54
N ILE G 195 -9.70 16.47 23.51
CA ILE G 195 -10.03 17.19 24.74
C ILE G 195 -8.94 18.19 25.04
N MET G 196 -9.07 18.86 26.19
CA MET G 196 -8.08 19.83 26.67
C MET G 196 -7.98 19.71 28.19
N LYS G 197 -7.00 18.97 28.68
CA LYS G 197 -6.74 18.86 30.09
C LYS G 197 -6.00 20.09 30.60
N GLU G 198 -6.07 20.33 31.91
CA GLU G 198 -5.49 21.50 32.52
C GLU G 198 -4.45 21.10 33.58
N SER G 199 -3.41 21.91 33.69
CA SER G 199 -2.35 21.72 34.68
C SER G 199 -2.22 23.00 35.49
N TYR G 200 -2.51 22.91 36.79
CA TYR G 200 -2.55 24.09 37.63
C TYR G 200 -1.15 24.66 37.84
N SER G 201 -1.09 25.96 38.08
CA SER G 201 0.16 26.68 38.24
C SER G 201 0.36 27.13 39.69
N ALA G 202 1.59 27.53 39.99
CA ALA G 202 1.98 27.81 41.37
C ALA G 202 1.09 28.88 42.01
N LYS G 203 0.82 29.96 41.28
CA LYS G 203 -0.06 31.00 41.81
C LYS G 203 -1.47 30.45 42.04
N ALA G 204 -1.96 29.66 41.08
CA ALA G 204 -3.29 29.07 41.23
C ALA G 204 -3.30 27.99 42.31
N ILE G 205 -2.27 27.14 42.35
CA ILE G 205 -2.18 26.09 43.35
C ILE G 205 -2.28 26.68 44.76
N GLU G 206 -1.57 27.77 45.00
CA GLU G 206 -1.57 28.36 46.34
C GLU G 206 -2.89 29.07 46.64
N ASP G 207 -3.49 29.70 45.63
CA ASP G 207 -4.75 30.42 45.78
C ASP G 207 -5.90 29.43 45.63
N ALA G 208 -6.13 28.64 46.67
CA ALA G 208 -7.17 27.63 46.66
C ALA G 208 -8.15 27.87 47.79
N PRO G 209 -9.46 27.82 47.53
CA PRO G 209 -10.44 28.07 48.60
C PRO G 209 -10.42 27.02 49.69
N LYS G 210 -10.12 25.76 49.37
CA LYS G 210 -10.13 24.67 50.34
C LYS G 210 -8.79 23.95 50.32
N PHE G 211 -7.73 24.69 50.59
CA PHE G 211 -6.38 24.14 50.65
C PHE G 211 -5.86 23.96 52.07
N GLY G 212 -6.49 24.61 53.06
CA GLY G 212 -6.01 24.57 54.43
C GLY G 212 -6.01 23.20 55.07
N GLN G 213 -6.66 22.22 54.46
CA GLN G 213 -6.62 20.86 55.00
C GLN G 213 -5.22 20.27 54.92
N TYR G 214 -4.45 20.63 53.90
CA TYR G 214 -3.06 20.23 53.82
C TYR G 214 -2.23 20.99 54.85
N GLU G 215 -1.13 20.37 55.29
CA GLU G 215 -0.25 20.97 56.28
C GLU G 215 1.21 20.73 55.84
N LEU G 216 1.58 21.36 54.74
CA LEU G 216 2.99 21.37 54.34
C LEU G 216 3.77 22.23 55.32
N GLU G 217 4.94 21.74 55.72
CA GLU G 217 5.71 22.41 56.76
C GLU G 217 6.46 23.63 56.21
N ASP G 218 5.72 24.52 55.56
CA ASP G 218 6.26 25.79 55.04
C ASP G 218 7.46 25.55 54.13
N ASP G 219 7.46 24.43 53.42
CA ASP G 219 8.56 24.09 52.52
C ASP G 219 8.29 24.73 51.15
N VAL G 220 8.93 24.22 50.11
CA VAL G 220 8.77 24.76 48.77
C VAL G 220 7.45 24.27 48.18
N VAL G 221 6.55 25.20 47.88
CA VAL G 221 5.32 24.88 47.16
C VAL G 221 5.49 25.06 45.65
N LYS G 222 6.64 25.58 45.21
CA LYS G 222 6.90 25.74 43.77
C LYS G 222 7.20 24.42 43.08
N ASN G 223 7.86 23.49 43.78
CA ASN G 223 8.17 22.19 43.21
C ASN G 223 6.94 21.30 43.07
N LEU G 224 5.83 21.66 43.72
CA LEU G 224 4.59 20.88 43.56
C LEU G 224 4.05 20.98 42.14
N ALA G 225 4.19 22.16 41.52
CA ALA G 225 3.70 22.34 40.16
C ALA G 225 4.61 21.66 39.15
N ASP G 226 5.92 21.82 39.29
CA ASP G 226 6.86 21.23 38.34
C ASP G 226 6.84 19.70 38.42
N PHE G 227 6.55 19.15 39.60
CA PHE G 227 6.43 17.69 39.72
C PHE G 227 5.14 17.19 39.08
N SER G 228 4.06 17.95 39.21
CA SER G 228 2.80 17.58 38.57
C SER G 228 2.82 17.86 37.08
N LEU G 229 3.47 18.95 36.66
CA LEU G 229 3.51 19.29 35.24
C LEU G 229 4.33 18.27 34.45
N ALA G 230 5.52 17.91 34.96
CA ALA G 230 6.34 16.90 34.31
C ALA G 230 5.72 15.51 34.36
N ASN G 231 4.71 15.30 35.19
CA ASN G 231 3.98 14.04 35.24
C ASN G 231 2.67 14.08 34.48
N THR G 232 2.15 15.28 34.17
CA THR G 232 1.07 15.36 33.19
C THR G 232 1.55 14.98 31.80
N ILE G 233 2.74 15.48 31.42
CA ILE G 233 3.33 15.14 30.13
C ILE G 233 3.53 13.64 30.02
N TYR G 234 4.06 13.02 31.08
CA TYR G 234 4.25 11.57 31.07
C TYR G 234 2.92 10.83 31.08
N ALA G 235 1.87 11.46 31.64
CA ALA G 235 0.53 10.89 31.54
C ALA G 235 -0.15 11.23 30.22
N ALA G 236 0.34 12.23 29.50
CA ALA G 236 -0.17 12.56 28.18
C ALA G 236 0.59 11.85 27.07
N MET G 237 1.87 11.54 27.29
CA MET G 237 2.66 10.76 26.35
C MET G 237 2.49 9.26 26.55
N ALA G 238 1.41 8.84 27.20
CA ALA G 238 1.07 7.44 27.40
C ALA G 238 -0.34 7.11 26.95
N GLU G 239 -1.31 7.99 27.22
CA GLU G 239 -2.67 7.79 26.72
C GLU G 239 -2.79 8.26 25.28
N GLY G 240 -2.06 9.31 24.89
CA GLY G 240 -1.96 9.67 23.49
C GLY G 240 -1.09 8.73 22.68
N HIS G 241 -0.19 8.00 23.36
CA HIS G 241 0.57 6.92 22.73
C HIS G 241 -0.26 5.65 22.56
N ALA G 242 -1.40 5.55 23.25
CA ALA G 242 -2.33 4.45 23.05
C ALA G 242 -3.38 4.76 22.00
N ALA G 243 -3.81 6.01 21.90
CA ALA G 243 -4.69 6.42 20.82
C ALA G 243 -3.99 6.37 19.46
N GLU G 244 -2.66 6.43 19.45
CA GLU G 244 -1.92 6.24 18.21
C GLU G 244 -1.96 4.79 17.76
N ILE G 245 -1.72 3.86 18.69
CA ILE G 245 -1.72 2.43 18.34
C ILE G 245 -3.14 1.95 18.04
N SER G 246 -4.11 2.39 18.84
CA SER G 246 -5.50 1.97 18.68
C SER G 246 -6.20 2.66 17.51
N ALA G 247 -5.54 3.62 16.85
CA ALA G 247 -6.02 4.17 15.60
C ALA G 247 -5.11 3.83 14.43
N ARG G 248 -3.88 3.38 14.69
CA ARG G 248 -3.04 2.86 13.63
C ARG G 248 -3.68 1.63 12.98
N ARG G 249 -4.23 0.73 13.80
CA ARG G 249 -4.90 -0.44 13.26
C ARG G 249 -6.04 -0.06 12.34
N ASN G 250 -6.86 0.93 12.73
CA ASN G 250 -7.93 1.40 11.86
C ASN G 250 -7.40 1.98 10.56
N ALA G 251 -6.15 2.43 10.54
CA ALA G 251 -5.49 2.86 9.30
C ALA G 251 -4.66 1.74 8.67
N MET G 252 -4.50 0.61 9.35
CA MET G 252 -3.87 -0.56 8.77
C MET G 252 -4.83 -1.72 8.53
N ASP G 253 -6.00 -1.70 9.16
CA ASP G 253 -7.04 -2.68 8.82
C ASP G 253 -7.80 -2.27 7.57
N ASN G 254 -8.14 -0.98 7.45
CA ASN G 254 -8.75 -0.49 6.22
C ASN G 254 -7.76 -0.52 5.07
N ALA G 255 -6.47 -0.41 5.36
CA ALA G 255 -5.45 -0.54 4.32
C ALA G 255 -5.28 -1.97 3.86
N SER G 256 -5.90 -2.94 4.54
CA SER G 256 -5.90 -4.33 4.10
C SER G 256 -7.17 -4.72 3.36
N LYS G 257 -8.32 -4.16 3.75
CA LYS G 257 -9.55 -4.44 3.03
C LYS G 257 -9.70 -3.58 1.78
N ASN G 258 -9.00 -2.44 1.71
CA ASN G 258 -8.96 -1.65 0.49
C ASN G 258 -7.88 -2.12 -0.47
N ALA G 259 -6.86 -2.82 0.03
CA ALA G 259 -5.88 -3.45 -0.84
C ALA G 259 -6.45 -4.73 -1.46
N SER G 260 -7.19 -5.51 -0.68
CA SER G 260 -7.85 -6.70 -1.22
C SER G 260 -8.92 -6.34 -2.23
N ASP G 261 -9.61 -5.21 -2.03
CA ASP G 261 -10.54 -4.72 -3.03
C ASP G 261 -9.83 -4.18 -4.27
N MET G 262 -8.53 -3.90 -4.17
CA MET G 262 -7.72 -3.52 -5.32
C MET G 262 -7.02 -4.70 -5.98
N ILE G 263 -6.75 -5.76 -5.23
CA ILE G 263 -6.16 -6.96 -5.80
C ILE G 263 -7.15 -7.66 -6.72
N ASN G 264 -8.40 -7.79 -6.28
CA ASN G 264 -9.42 -8.48 -7.08
C ASN G 264 -9.63 -7.77 -8.41
N LYS G 265 -9.79 -6.44 -8.39
CA LYS G 265 -10.00 -5.70 -9.63
C LYS G 265 -8.77 -5.72 -10.53
N TYR G 266 -7.58 -5.97 -9.96
CA TYR G 266 -6.36 -6.11 -10.73
C TYR G 266 -5.98 -7.56 -10.98
N SER G 267 -6.74 -8.51 -10.42
CA SER G 267 -6.58 -9.91 -10.79
C SER G 267 -7.51 -10.29 -11.94
N ILE G 268 -8.72 -9.73 -11.95
CA ILE G 268 -9.62 -9.92 -13.08
C ILE G 268 -9.06 -9.25 -14.34
N LEU G 269 -8.50 -8.05 -14.18
CA LEU G 269 -7.93 -7.34 -15.32
C LEU G 269 -6.75 -8.10 -15.91
N TYR G 270 -5.95 -8.75 -15.07
CA TYR G 270 -4.84 -9.54 -15.58
C TYR G 270 -5.34 -10.74 -16.38
N ASN G 271 -6.39 -11.40 -15.91
CA ASN G 271 -6.99 -12.49 -16.67
C ASN G 271 -7.61 -11.99 -17.97
N ARG G 272 -8.15 -10.77 -17.97
CA ARG G 272 -8.66 -10.19 -19.21
C ARG G 272 -7.53 -9.91 -20.19
N THR G 273 -6.42 -9.36 -19.71
CA THR G 273 -5.31 -9.01 -20.59
C THR G 273 -4.65 -10.26 -21.15
N ARG G 274 -4.44 -11.28 -20.31
CA ARG G 274 -3.91 -12.55 -20.81
C ARG G 274 -4.85 -13.15 -21.85
N GLN G 275 -6.15 -13.12 -21.59
CA GLN G 275 -7.13 -13.62 -22.56
C GLN G 275 -7.10 -12.81 -23.85
N ALA G 276 -6.71 -11.54 -23.77
CA ALA G 276 -6.59 -10.72 -24.97
C ALA G 276 -5.27 -10.97 -25.69
N VAL G 277 -4.21 -11.33 -24.96
CA VAL G 277 -2.94 -11.61 -25.60
C VAL G 277 -3.01 -12.90 -26.40
N ILE G 278 -3.62 -13.94 -25.82
CA ILE G 278 -3.68 -15.24 -26.49
C ILE G 278 -4.44 -15.13 -27.80
N THR G 279 -5.55 -14.39 -27.81
CA THR G 279 -6.34 -14.24 -29.03
C THR G 279 -5.65 -13.35 -30.04
N ASN G 280 -5.34 -12.10 -29.65
CA ASN G 280 -4.78 -11.12 -30.58
C ASN G 280 -3.42 -11.51 -31.12
N GLU G 281 -2.75 -12.51 -30.54
CA GLU G 281 -1.54 -13.09 -31.10
C GLU G 281 -1.82 -14.30 -31.97
N LEU G 282 -2.77 -15.15 -31.57
CA LEU G 282 -3.17 -16.27 -32.40
C LEU G 282 -3.86 -15.79 -33.67
N VAL G 283 -4.75 -14.80 -33.54
CA VAL G 283 -5.37 -14.19 -34.72
C VAL G 283 -4.31 -13.64 -35.67
N ASP G 284 -3.25 -13.06 -35.11
CA ASP G 284 -2.16 -12.56 -35.93
C ASP G 284 -1.43 -13.70 -36.64
N ILE G 285 -1.41 -14.89 -36.04
CA ILE G 285 -0.82 -16.05 -36.69
C ILE G 285 -1.77 -16.65 -37.70
N ILE G 286 -3.04 -16.83 -37.33
CA ILE G 286 -4.04 -17.39 -38.23
C ILE G 286 -4.14 -16.54 -39.49
N THR G 287 -4.10 -15.22 -39.34
CA THR G 287 -4.13 -14.33 -40.50
C THR G 287 -2.93 -14.57 -41.40
N GLY G 288 -1.73 -14.65 -40.82
CA GLY G 288 -0.54 -14.87 -41.62
C GLY G 288 -0.44 -16.27 -42.18
N ALA G 289 -0.95 -17.27 -41.43
CA ALA G 289 -0.86 -18.65 -41.89
C ALA G 289 -1.88 -18.91 -43.00
N SER G 290 -3.14 -18.54 -42.77
CA SER G 290 -4.20 -18.74 -43.76
C SER G 290 -4.21 -17.65 -44.83
N SER G 291 -3.15 -16.87 -44.94
CA SER G 291 -3.02 -15.92 -46.05
C SER G 291 -2.68 -16.62 -47.36
N LEU G 292 -2.16 -17.84 -47.30
CA LEU G 292 -1.74 -18.56 -48.49
C LEU G 292 -2.82 -19.55 -48.93
N LEU H 15 4.59 4.69 38.85
CA LEU H 15 6.03 4.50 38.74
C LEU H 15 6.34 3.53 37.62
N THR H 16 7.63 3.33 37.34
CA THR H 16 8.05 2.32 36.39
C THR H 16 7.46 0.95 36.74
N GLN H 17 7.21 0.72 38.03
CA GLN H 17 6.51 -0.45 38.52
C GLN H 17 5.33 0.01 39.38
N SER H 18 4.32 -0.85 39.48
CA SER H 18 3.14 -0.57 40.30
C SER H 18 2.93 -1.73 41.26
N ILE H 19 2.93 -1.44 42.56
CA ILE H 19 3.00 -2.47 43.59
C ILE H 19 1.78 -2.46 44.51
N TYR H 20 1.35 -1.29 44.96
CA TYR H 20 0.38 -1.18 46.03
C TYR H 20 -0.96 -0.66 45.55
N ASN H 21 -2.04 -1.34 45.96
CA ASN H 21 -3.39 -0.83 45.80
C ASN H 21 -3.73 0.11 46.95
N GLN H 22 -4.93 0.68 46.93
CA GLN H 22 -5.40 1.60 47.96
C GLN H 22 -6.51 1.01 48.82
N LYS H 23 -6.49 -0.31 49.00
CA LYS H 23 -7.60 -1.00 49.66
C LYS H 23 -7.61 -0.76 51.17
N GLU H 24 -6.63 -1.32 51.88
CA GLU H 24 -6.66 -1.37 53.34
C GLU H 24 -5.56 -0.51 53.94
N VAL H 25 -5.84 0.02 55.14
CA VAL H 25 -4.87 0.86 55.85
C VAL H 25 -3.73 -0.02 56.37
N THR H 26 -2.50 0.44 56.16
CA THR H 26 -1.30 -0.29 56.58
C THR H 26 -0.36 0.68 57.29
N GLN H 27 0.76 0.13 57.79
CA GLN H 27 1.76 0.89 58.53
C GLN H 27 2.99 1.10 57.67
N VAL H 28 3.39 2.36 57.51
CA VAL H 28 4.46 2.75 56.60
C VAL H 28 5.26 3.90 57.22
N ASN H 29 6.57 3.92 56.97
CA ASN H 29 7.44 5.02 57.33
C ASN H 29 7.94 5.73 56.07
N ILE H 30 8.27 7.01 56.21
CA ILE H 30 8.70 7.81 55.07
C ILE H 30 9.96 8.60 55.41
N PRO H 31 10.98 8.59 54.55
CA PRO H 31 12.16 9.42 54.80
C PRO H 31 12.05 10.82 54.19
N SER H 32 11.47 11.75 54.93
CA SER H 32 11.17 13.07 54.40
C SER H 32 12.38 14.00 54.50
N THR H 33 12.25 15.18 53.87
CA THR H 33 13.27 16.21 53.99
C THR H 33 13.19 16.92 55.34
N ALA H 34 12.03 16.90 56.00
CA ALA H 34 11.89 17.36 57.37
C ALA H 34 12.19 16.24 58.37
N GLY H 35 12.96 15.24 57.95
CA GLY H 35 13.29 14.11 58.80
C GLY H 35 12.39 12.93 58.53
N GLU H 36 12.90 11.74 58.85
CA GLU H 36 12.14 10.51 58.66
C GLU H 36 10.93 10.50 59.60
N LEU H 37 9.75 10.29 59.02
CA LEU H 37 8.51 10.37 59.79
C LEU H 37 7.76 9.04 59.81
N GLY H 38 6.46 9.11 60.08
CA GLY H 38 5.61 7.93 60.11
C GLY H 38 4.15 8.30 59.99
N ILE H 39 3.44 7.67 59.06
CA ILE H 39 2.05 7.99 58.77
C ILE H 39 1.19 6.78 59.08
N LEU H 40 0.28 6.93 60.04
CA LEU H 40 -0.59 5.85 60.48
C LEU H 40 -2.03 6.36 60.58
N ALA H 41 -2.96 5.55 60.06
CA ALA H 41 -4.40 5.82 60.16
C ALA H 41 -4.76 7.21 59.65
N ASN H 42 -5.67 7.89 60.36
CA ASN H 42 -6.14 9.20 59.96
C ASN H 42 -5.10 10.27 60.21
N HIS H 43 -3.96 10.17 59.54
CA HIS H 43 -2.89 11.14 59.71
C HIS H 43 -3.25 12.46 59.03
N VAL H 44 -2.68 13.54 59.57
CA VAL H 44 -2.94 14.87 59.00
C VAL H 44 -2.37 14.95 57.60
N PRO H 45 -3.07 15.57 56.64
CA PRO H 45 -2.49 15.77 55.31
C PRO H 45 -1.18 16.56 55.32
N THR H 46 -0.15 15.97 55.92
CA THR H 46 1.16 16.60 56.00
C THR H 46 2.01 16.11 54.82
N ILE H 47 2.40 17.02 53.95
CA ILE H 47 3.07 16.66 52.70
C ILE H 47 4.31 17.53 52.51
N GLN H 48 5.46 16.89 52.31
CA GLN H 48 6.67 17.56 51.87
C GLN H 48 7.57 16.52 51.22
N GLN H 49 8.55 17.00 50.45
CA GLN H 49 9.34 16.12 49.61
C GLN H 49 10.15 15.13 50.44
N LEU H 50 10.34 13.94 49.90
CA LEU H 50 11.13 12.88 50.52
C LEU H 50 12.55 12.89 49.93
N LYS H 51 13.48 12.33 50.71
CA LYS H 51 14.89 12.25 50.35
C LYS H 51 15.30 10.80 50.05
N PRO H 52 16.23 10.57 49.11
CA PRO H 52 16.70 9.21 48.84
C PRO H 52 17.21 8.48 50.07
N GLY H 53 16.40 7.56 50.58
CA GLY H 53 16.78 6.77 51.74
C GLY H 53 15.93 5.51 51.83
N VAL H 54 16.17 4.74 52.88
CA VAL H 54 15.44 3.49 53.07
C VAL H 54 13.99 3.78 53.46
N VAL H 55 13.10 2.86 53.07
CA VAL H 55 11.68 2.98 53.34
C VAL H 55 11.20 1.66 53.91
N GLU H 56 10.59 1.71 55.11
CA GLU H 56 10.13 0.52 55.80
C GLU H 56 8.61 0.40 55.67
N VAL H 57 8.14 -0.75 55.21
CA VAL H 57 6.73 -1.04 55.04
C VAL H 57 6.43 -2.37 55.70
N ILE H 58 5.38 -2.42 56.52
CA ILE H 58 5.04 -3.60 57.31
C ILE H 58 3.54 -3.86 57.18
N GLU H 59 3.18 -5.09 56.87
CA GLU H 59 1.78 -5.50 56.80
C GLU H 59 1.23 -5.69 58.21
N THR H 60 -0.01 -6.17 58.31
CA THR H 60 -0.59 -6.47 59.61
C THR H 60 0.12 -7.66 60.24
N ASN H 61 0.02 -7.75 61.56
CA ASN H 61 0.66 -8.77 62.39
C ASN H 61 2.19 -8.74 62.31
N GLY H 62 2.77 -7.69 61.71
CA GLY H 62 4.20 -7.50 61.75
C GLY H 62 4.99 -8.21 60.66
N GLU H 63 4.44 -8.27 59.44
CA GLU H 63 5.14 -8.87 58.32
C GLU H 63 6.12 -7.88 57.73
N THR H 64 7.40 -8.25 57.71
CA THR H 64 8.47 -7.31 57.36
C THR H 64 8.63 -7.22 55.85
N LYS H 65 8.54 -6.00 55.32
CA LYS H 65 8.80 -5.71 53.92
C LYS H 65 9.65 -4.44 53.84
N SER H 66 10.04 -4.05 52.63
CA SER H 66 10.90 -2.89 52.45
C SER H 66 10.84 -2.42 51.00
N TYR H 67 11.22 -1.16 50.79
CA TYR H 67 11.26 -0.56 49.46
C TYR H 67 12.40 0.45 49.42
N PHE H 68 12.40 1.28 48.37
CA PHE H 68 13.37 2.35 48.20
C PHE H 68 12.71 3.50 47.47
N ILE H 69 13.24 4.71 47.67
CA ILE H 69 12.68 5.92 47.09
C ILE H 69 13.82 6.84 46.68
N SER H 70 13.72 7.40 45.48
CA SER H 70 14.71 8.35 44.97
C SER H 70 14.14 9.76 44.81
N GLY H 71 12.96 10.01 45.35
CA GLY H 71 12.35 11.33 45.25
C GLY H 71 10.84 11.21 45.24
N GLY H 72 10.20 12.36 45.09
CA GLY H 72 8.75 12.44 45.04
C GLY H 72 8.14 12.90 46.35
N PHE H 73 6.83 13.11 46.31
CA PHE H 73 6.07 13.55 47.47
C PHE H 73 5.33 12.37 48.09
N ALA H 74 4.39 12.68 48.99
CA ALA H 74 3.58 11.64 49.65
C ALA H 74 2.24 12.29 50.03
N THR H 75 1.37 12.43 49.03
CA THR H 75 0.10 13.12 49.22
C THR H 75 -0.80 12.36 50.19
N VAL H 76 -1.36 13.09 51.15
CA VAL H 76 -2.25 12.53 52.17
C VAL H 76 -3.55 13.31 52.14
N GLN H 77 -4.67 12.59 52.22
CA GLN H 77 -6.00 13.16 52.27
C GLN H 77 -6.79 12.48 53.38
N PRO H 78 -7.70 13.19 54.05
CA PRO H 78 -8.50 12.54 55.10
C PRO H 78 -9.36 11.38 54.61
N ASP H 79 -8.70 10.38 54.02
CA ASP H 79 -9.34 9.14 53.61
C ASP H 79 -8.71 7.93 54.29
N SER H 80 -7.80 8.16 55.25
CA SER H 80 -7.10 7.10 55.97
C SER H 80 -6.28 6.21 55.02
N GLU H 81 -5.80 6.78 53.92
CA GLU H 81 -5.03 6.03 52.93
C GLU H 81 -3.88 6.89 52.43
N LEU H 82 -2.67 6.34 52.47
CA LEU H 82 -1.47 7.07 52.08
C LEU H 82 -1.15 6.82 50.61
N SER H 83 -0.67 7.86 49.94
CA SER H 83 -0.19 7.79 48.57
C SER H 83 1.28 8.18 48.52
N VAL H 84 2.06 7.45 47.73
CA VAL H 84 3.50 7.69 47.59
C VAL H 84 3.87 7.51 46.13
N ASN H 85 4.63 8.46 45.58
CA ASN H 85 5.10 8.39 44.20
C ASN H 85 6.61 8.62 44.16
N SER H 86 7.29 7.88 43.30
CA SER H 86 8.75 7.97 43.18
C SER H 86 9.15 7.57 41.77
N ILE H 87 10.43 7.28 41.59
CA ILE H 87 10.96 6.76 40.33
C ILE H 87 11.39 5.31 40.48
N GLU H 88 12.01 4.96 41.61
CA GLU H 88 12.42 3.60 41.92
C GLU H 88 11.52 3.01 42.99
N ALA H 89 11.16 1.74 42.83
CA ALA H 89 10.28 1.05 43.79
C ALA H 89 10.51 -0.45 43.65
N PHE H 90 11.54 -0.94 44.34
CA PHE H 90 11.88 -2.35 44.32
C PHE H 90 12.22 -2.79 45.73
N GLN H 91 12.32 -4.11 45.90
CA GLN H 91 12.71 -4.68 47.18
C GLN H 91 14.16 -4.33 47.49
N ALA H 92 14.52 -4.44 48.77
CA ALA H 92 15.88 -4.11 49.19
C ALA H 92 16.89 -5.11 48.66
N GLU H 93 16.46 -6.36 48.42
CA GLU H 93 17.38 -7.39 47.94
C GLU H 93 17.80 -7.14 46.50
N ASP H 94 16.99 -6.44 45.73
CA ASP H 94 17.32 -6.14 44.34
C ASP H 94 18.26 -4.94 44.24
N LYS H 101 30.02 -2.95 43.40
CA LYS H 101 29.95 -1.55 43.79
C LYS H 101 31.30 -0.86 43.59
N SER H 102 32.19 -1.53 42.85
CA SER H 102 33.48 -0.93 42.53
C SER H 102 33.34 0.18 41.50
N LEU H 103 32.33 0.09 40.62
CA LEU H 103 32.06 1.16 39.69
C LEU H 103 31.53 2.40 40.41
N THR H 104 30.71 2.20 41.43
CA THR H 104 30.21 3.33 42.21
C THR H 104 31.30 3.98 43.03
N ALA H 105 32.28 3.19 43.48
CA ALA H 105 33.40 3.76 44.22
C ALA H 105 34.20 4.72 43.35
N GLU H 106 34.35 4.39 42.07
CA GLU H 106 34.99 5.30 41.14
C GLU H 106 34.07 6.48 40.81
N ALA H 107 32.78 6.20 40.61
CA ALA H 107 31.81 7.27 40.39
C ALA H 107 31.71 8.19 41.60
N GLN H 108 32.00 7.66 42.79
CA GLN H 108 32.05 8.49 43.99
C GLN H 108 33.30 9.35 44.02
N LYS H 109 34.45 8.78 43.64
CA LYS H 109 35.67 9.57 43.55
C LYS H 109 35.60 10.55 42.39
N ASN H 110 35.02 10.14 41.27
CA ASN H 110 34.87 11.05 40.14
C ASN H 110 33.91 12.19 40.47
N ALA H 111 32.98 11.97 41.39
CA ALA H 111 32.10 13.04 41.84
C ALA H 111 32.83 14.00 42.77
N GLN H 112 33.71 13.48 43.62
CA GLN H 112 34.47 14.35 44.52
C GLN H 112 35.37 15.31 43.76
N SER H 113 35.87 14.91 42.60
CA SER H 113 36.79 15.71 41.79
C SER H 113 36.06 16.19 40.54
N ALA H 114 35.68 17.47 40.53
CA ALA H 114 35.01 18.07 39.39
C ALA H 114 35.63 19.45 39.11
N ASP H 115 35.64 19.83 37.83
CA ASP H 115 36.26 21.09 37.44
C ASP H 115 35.26 22.24 37.48
N GLU H 116 35.51 23.28 36.67
CA GLU H 116 34.67 24.47 36.70
C GLU H 116 33.31 24.25 36.06
N ALA H 117 33.18 23.30 35.14
CA ALA H 117 31.86 22.93 34.64
C ALA H 117 30.99 22.44 35.78
N VAL H 118 29.73 22.86 35.77
CA VAL H 118 28.78 22.70 36.88
C VAL H 118 28.96 21.38 37.61
N ALA H 119 29.31 21.46 38.90
CA ALA H 119 29.59 20.27 39.69
C ALA H 119 28.32 19.58 40.17
N ALA H 120 27.24 20.34 40.36
CA ALA H 120 25.97 19.89 40.95
C ALA H 120 25.62 18.44 40.66
N GLU H 121 25.88 17.99 39.42
CA GLU H 121 25.65 16.60 39.07
C GLU H 121 26.44 15.65 39.95
N ALA H 122 27.60 16.08 40.45
CA ALA H 122 28.48 15.19 41.20
C ALA H 122 27.94 14.90 42.59
N GLU H 123 27.53 15.96 43.31
CA GLU H 123 27.13 15.79 44.71
C GLU H 123 25.85 14.97 44.84
N ILE H 124 24.91 15.15 43.91
CA ILE H 124 23.59 14.54 44.06
C ILE H 124 23.66 13.03 43.96
N GLU H 125 24.52 12.51 43.08
CA GLU H 125 24.59 11.07 42.87
C GLU H 125 25.21 10.32 44.05
N LEU H 126 25.74 11.04 45.04
CA LEU H 126 26.25 10.40 46.25
C LEU H 126 25.24 10.41 47.38
N GLU H 127 24.28 11.33 47.37
CA GLU H 127 23.26 11.38 48.42
C GLU H 127 22.26 10.24 48.29
N VAL H 128 22.20 9.57 47.14
CA VAL H 128 21.36 8.39 46.99
C VAL H 128 22.07 7.12 47.46
N LEU H 129 23.40 7.15 47.56
CA LEU H 129 24.18 6.04 48.06
C LEU H 129 24.47 6.14 49.55
N GLU H 130 23.90 7.15 50.23
CA GLU H 130 24.09 7.28 51.66
C GLU H 130 23.37 6.17 52.42
N ALA H 131 22.32 5.61 51.84
CA ALA H 131 21.65 4.46 52.45
C ALA H 131 22.56 3.23 52.42
N LEU H 132 22.99 2.84 51.22
CA LEU H 132 23.96 1.75 51.04
C LEU H 132 23.47 0.43 51.65
N ALA H 133 22.15 0.27 51.74
CA ALA H 133 21.56 -0.94 52.31
C ALA H 133 20.12 -1.10 51.86
N UNK I 1 19.32 22.19 40.17
CA UNK I 1 18.73 23.01 39.12
C UNK I 1 17.22 23.01 39.21
N UNK I 2 16.60 21.92 38.77
CA UNK I 2 15.16 21.76 38.79
C UNK I 2 14.77 20.65 39.76
N UNK I 3 13.50 20.71 40.20
CA UNK I 3 13.00 19.67 41.10
C UNK I 3 12.85 18.33 40.39
N UNK I 4 12.57 18.34 39.09
CA UNK I 4 12.52 17.12 38.30
C UNK I 4 13.89 16.68 37.83
N UNK I 5 14.82 17.62 37.64
CA UNK I 5 16.18 17.26 37.25
C UNK I 5 17.00 16.75 38.43
N UNK I 6 16.66 17.19 39.65
CA UNK I 6 17.37 16.69 40.83
C UNK I 6 17.02 15.23 41.11
N UNK I 7 15.82 14.80 40.72
CA UNK I 7 15.44 13.39 40.84
C UNK I 7 15.92 12.56 39.67
N UNK I 8 16.38 13.18 38.59
CA UNK I 8 16.86 12.44 37.43
C UNK I 8 18.25 11.87 37.68
N UNK I 9 19.16 12.68 38.22
CA UNK I 9 20.50 12.20 38.52
C UNK I 9 20.51 11.21 39.68
N UNK I 10 19.49 11.23 40.53
CA UNK I 10 19.39 10.31 41.65
C UNK I 10 18.54 9.08 41.33
N UNK I 11 18.20 8.87 40.07
CA UNK I 11 17.41 7.72 39.65
C UNK I 11 18.06 7.02 38.46
N UNK I 12 18.75 7.80 37.62
CA UNK I 12 19.49 7.21 36.51
C UNK I 12 20.69 6.41 36.99
N UNK I 13 21.17 6.66 38.21
CA UNK I 13 22.23 5.88 38.83
C UNK I 13 21.78 5.18 40.09
N UNK I 14 20.49 5.16 40.38
CA UNK I 14 19.94 4.43 41.51
C UNK I 14 19.68 2.95 41.20
N UNK I 15 20.02 2.51 39.99
CA UNK I 15 19.96 1.10 39.62
C UNK I 15 21.20 0.64 38.89
N UNK I 16 22.21 1.49 38.74
CA UNK I 16 23.44 1.13 38.04
C UNK I 16 24.35 0.30 38.94
N GLN J 2 13.41 62.08 104.80
CA GLN J 2 14.55 61.23 104.45
C GLN J 2 14.06 59.94 103.81
N LEU J 3 13.34 59.12 104.59
CA LEU J 3 12.77 57.90 104.06
C LEU J 3 11.78 58.18 102.94
N VAL J 4 11.08 59.31 103.01
CA VAL J 4 10.22 59.73 101.91
C VAL J 4 11.04 59.95 100.64
N LEU J 5 12.20 60.60 100.79
CA LEU J 5 13.06 60.85 99.64
C LEU J 5 13.72 59.55 99.16
N ALA J 6 14.06 58.66 100.09
CA ALA J 6 14.69 57.40 99.70
C ALA J 6 13.69 56.47 99.02
N GLY J 7 12.43 56.46 99.50
CA GLY J 7 11.41 55.65 98.86
C GLY J 7 10.98 56.20 97.52
N LYS J 8 11.09 57.52 97.33
CA LYS J 8 10.79 58.11 96.04
C LYS J 8 11.87 57.82 95.01
N TYR J 9 13.06 57.42 95.45
CA TYR J 9 14.12 57.00 94.54
C TYR J 9 14.09 55.49 94.28
N ILE J 10 13.70 54.69 95.28
CA ILE J 10 13.58 53.26 95.06
C ILE J 10 12.44 52.95 94.11
N GLY J 11 11.28 53.57 94.34
CA GLY J 11 10.13 53.34 93.46
C GLY J 11 10.38 53.78 92.02
N ALA J 12 11.24 54.79 91.84
CA ALA J 12 11.60 55.20 90.48
C ALA J 12 12.47 54.15 89.81
N GLY J 13 13.36 53.51 90.57
CA GLY J 13 14.16 52.43 90.03
C GLY J 13 13.38 51.16 89.74
N LEU J 14 12.25 50.97 90.44
CA LEU J 14 11.35 49.85 90.16
C LEU J 14 10.38 50.12 89.01
N ALA J 15 10.06 51.38 88.76
CA ALA J 15 9.19 51.73 87.63
C ALA J 15 9.88 51.57 86.29
N SER J 16 11.20 51.67 86.25
CA SER J 16 11.94 51.49 85.00
C SER J 16 12.06 50.02 84.60
N ILE J 17 11.67 49.09 85.49
CA ILE J 17 11.67 47.68 85.11
C ILE J 17 10.59 47.41 84.07
N GLY J 18 9.52 48.20 84.08
CA GLY J 18 8.44 48.05 83.11
C GLY J 18 8.84 48.32 81.68
N LEU J 19 10.07 48.79 81.45
CA LEU J 19 10.57 48.98 80.10
C LEU J 19 11.01 47.69 79.44
N VAL J 20 11.15 46.60 80.20
CA VAL J 20 11.45 45.31 79.61
C VAL J 20 10.29 44.85 78.74
N GLY J 21 9.06 44.98 79.25
CA GLY J 21 7.89 44.61 78.46
C GLY J 21 7.80 45.41 77.17
N ALA J 22 8.04 46.72 77.25
CA ALA J 22 8.07 47.53 76.05
C ALA J 22 9.30 47.21 75.20
N GLY J 23 10.43 46.90 75.84
CA GLY J 23 11.61 46.49 75.10
C GLY J 23 11.40 45.20 74.34
N ILE J 24 10.62 44.28 74.89
CA ILE J 24 10.23 43.09 74.17
C ILE J 24 8.98 43.34 73.32
N GLY J 25 8.07 44.20 73.78
CA GLY J 25 6.87 44.49 73.00
C GLY J 25 7.19 45.16 71.68
N ILE J 26 8.03 46.19 71.71
CA ILE J 26 8.49 46.80 70.46
C ILE J 26 9.26 45.79 69.63
N ALA J 27 9.91 44.83 70.28
CA ALA J 27 10.74 43.87 69.57
C ALA J 27 9.91 42.94 68.70
N ILE J 28 8.96 42.22 69.31
CA ILE J 28 8.20 41.16 68.64
C ILE J 28 7.52 41.67 67.38
N VAL J 29 7.34 43.00 67.28
CA VAL J 29 6.66 43.58 66.13
C VAL J 29 7.39 43.25 64.83
N PHE J 30 8.68 43.59 64.75
CA PHE J 30 9.43 43.32 63.52
C PHE J 30 9.69 41.83 63.32
N ALA J 31 9.57 41.03 64.38
CA ALA J 31 9.76 39.58 64.24
C ALA J 31 8.76 38.99 63.27
N ALA J 32 7.60 39.63 63.12
CA ALA J 32 6.64 39.27 62.09
C ALA J 32 6.77 40.13 60.84
N LEU J 33 7.23 41.38 60.99
CA LEU J 33 7.41 42.25 59.83
C LEU J 33 8.51 41.70 58.92
N ILE J 34 9.71 41.50 59.46
CA ILE J 34 10.82 40.98 58.66
C ILE J 34 10.50 39.58 58.15
N ASN J 35 9.89 38.76 58.99
CA ASN J 35 9.52 37.40 58.60
C ASN J 35 8.23 37.35 57.80
N GLY J 36 7.52 38.46 57.66
CA GLY J 36 6.32 38.50 56.84
C GLY J 36 6.58 39.03 55.45
N VAL J 37 7.45 40.04 55.35
CA VAL J 37 7.86 40.53 54.04
C VAL J 37 8.74 39.49 53.34
N SER J 38 9.54 38.74 54.10
CA SER J 38 10.40 37.73 53.50
C SER J 38 9.58 36.63 52.84
N ARG J 39 8.47 36.24 53.47
CA ARG J 39 7.62 35.20 52.89
C ARG J 39 6.78 35.72 51.74
N ASN J 40 6.42 36.99 51.75
CA ASN J 40 5.61 37.58 50.69
C ASN J 40 5.97 39.06 50.57
N PRO J 41 6.87 39.42 49.65
CA PRO J 41 7.30 40.82 49.55
C PRO J 41 6.25 41.76 48.97
N ALA J 42 5.20 41.23 48.34
CA ALA J 42 4.21 42.06 47.68
C ALA J 42 3.20 42.67 48.64
N LEU J 43 3.45 42.61 49.95
CA LEU J 43 2.57 43.19 50.96
C LEU J 43 3.30 44.16 51.88
N LYS J 44 4.50 44.60 51.48
CA LYS J 44 5.31 45.45 52.34
C LYS J 44 4.63 46.79 52.61
N GLY J 45 3.79 47.26 51.70
CA GLY J 45 3.09 48.51 51.91
C GLY J 45 2.08 48.45 53.03
N GLN J 46 1.43 47.29 53.22
CA GLN J 46 0.46 47.10 54.29
C GLN J 46 1.12 46.65 55.59
N LEU J 47 2.04 45.70 55.51
CA LEU J 47 2.69 45.18 56.71
C LEU J 47 3.47 46.25 57.44
N PHE J 48 4.01 47.23 56.72
CA PHE J 48 4.74 48.32 57.37
C PHE J 48 3.79 49.23 58.14
N THR J 49 2.67 49.61 57.52
CA THR J 49 1.69 50.45 58.21
C THR J 49 1.11 49.75 59.44
N TYR J 50 0.87 48.44 59.33
CA TYR J 50 0.33 47.70 60.45
C TYR J 50 1.35 47.54 61.57
N SER J 51 2.65 47.54 61.23
CA SER J 51 3.71 47.45 62.23
C SER J 51 4.08 48.80 62.83
N ILE J 52 3.51 49.90 62.33
CA ILE J 52 3.77 51.21 62.92
C ILE J 52 3.00 51.36 64.23
N LEU J 53 1.71 51.01 64.22
CA LEU J 53 0.94 50.97 65.45
C LEU J 53 1.34 49.80 66.34
N GLY J 54 2.14 48.87 65.84
CA GLY J 54 2.57 47.75 66.66
C GLY J 54 3.47 48.18 67.80
N PHE J 55 4.53 48.93 67.49
CA PHE J 55 5.42 49.44 68.52
C PHE J 55 4.88 50.70 69.18
N ALA J 56 3.97 51.42 68.52
CA ALA J 56 3.43 52.64 69.11
C ALA J 56 2.63 52.35 70.37
N LEU J 57 1.76 51.33 70.31
CA LEU J 57 1.01 50.93 71.49
C LEU J 57 1.92 50.29 72.54
N SER J 58 2.99 49.63 72.11
CA SER J 58 3.96 49.11 73.06
C SER J 58 4.84 50.21 73.64
N GLU J 59 5.10 51.26 72.86
CA GLU J 59 5.83 52.41 73.39
C GLU J 59 4.99 53.17 74.39
N ALA J 60 3.66 53.22 74.18
CA ALA J 60 2.78 53.92 75.12
C ALA J 60 2.80 53.26 76.49
N THR J 61 2.85 51.93 76.52
CA THR J 61 2.96 51.23 77.80
C THR J 61 4.31 51.46 78.46
N GLY J 62 5.34 51.75 77.66
CA GLY J 62 6.66 52.03 78.19
C GLY J 62 6.82 53.49 78.60
N LEU J 63 6.02 54.37 78.01
CA LEU J 63 6.01 55.77 78.39
C LEU J 63 5.13 56.04 79.60
N PHE J 64 4.37 55.05 80.06
CA PHE J 64 3.59 55.21 81.29
C PHE J 64 4.44 54.90 82.52
N ALA J 65 5.25 53.83 82.45
CA ALA J 65 6.17 53.53 83.53
C ALA J 65 7.31 54.54 83.58
N LEU J 66 7.72 55.06 82.42
CA LEU J 66 8.69 56.15 82.40
C LEU J 66 8.09 57.42 82.98
N MET J 67 6.77 57.56 82.92
CA MET J 67 6.10 58.73 83.50
C MET J 67 6.06 58.64 85.02
N ILE J 68 5.76 57.46 85.55
CA ILE J 68 5.66 57.28 87.00
C ILE J 68 7.01 57.53 87.64
N ALA J 69 8.08 56.97 87.06
CA ALA J 69 9.41 57.12 87.63
C ALA J 69 9.82 58.59 87.67
N PHE J 70 9.46 59.36 86.63
CA PHE J 70 9.76 60.79 86.65
C PHE J 70 8.88 61.54 87.63
N LEU J 71 7.68 61.01 87.93
CA LEU J 71 6.85 61.59 88.98
C LEU J 71 7.43 61.35 90.37
N LEU J 72 8.29 60.34 90.51
CA LEU J 72 8.94 60.05 91.77
C LEU J 72 10.34 60.67 91.87
N LEU J 73 10.87 61.19 90.78
CA LEU J 73 12.16 61.89 90.80
C LEU J 73 12.00 63.37 91.11
N TYR J 74 11.04 64.03 90.46
CA TYR J 74 10.80 65.45 90.66
C TYR J 74 9.45 65.69 91.32
N GLN K 2 5.71 59.80 107.14
CA GLN K 2 6.88 59.37 106.38
C GLN K 2 6.72 57.94 105.86
N LEU K 3 6.49 57.01 106.78
CA LEU K 3 6.37 55.60 106.42
C LEU K 3 5.17 55.36 105.51
N VAL K 4 4.12 56.18 105.65
CA VAL K 4 2.97 56.07 104.75
C VAL K 4 3.31 56.64 103.37
N LEU K 5 3.91 57.83 103.34
CA LEU K 5 4.25 58.46 102.07
C LEU K 5 5.29 57.65 101.31
N ALA K 6 6.28 57.09 102.03
CA ALA K 6 7.31 56.30 101.37
C ALA K 6 6.73 55.03 100.77
N GLY K 7 5.81 54.37 101.51
CA GLY K 7 5.18 53.18 100.97
C GLY K 7 4.31 53.45 99.77
N LYS K 8 3.79 54.68 99.64
CA LYS K 8 3.04 55.05 98.45
C LYS K 8 3.95 55.16 97.23
N TYR K 9 5.18 55.64 97.43
CA TYR K 9 6.10 55.83 96.32
C TYR K 9 6.74 54.52 95.89
N ILE K 10 7.08 53.66 96.85
CA ILE K 10 7.63 52.35 96.51
C ILE K 10 6.56 51.47 95.88
N GLY K 11 5.34 51.52 96.40
CA GLY K 11 4.27 50.72 95.85
C GLY K 11 3.80 51.17 94.49
N ALA K 12 4.01 52.46 94.18
CA ALA K 12 3.63 52.97 92.86
C ALA K 12 4.54 52.42 91.77
N GLY K 13 5.85 52.37 92.05
CA GLY K 13 6.77 51.78 91.10
C GLY K 13 6.61 50.28 90.97
N LEU K 14 6.13 49.62 92.03
CA LEU K 14 5.87 48.19 91.96
C LEU K 14 4.63 47.87 91.14
N ALA K 15 3.66 48.79 91.11
CA ALA K 15 2.45 48.58 90.33
C ALA K 15 2.64 48.90 88.85
N SER K 16 3.72 49.57 88.48
CA SER K 16 4.06 49.78 87.08
C SER K 16 4.74 48.58 86.45
N ILE K 17 5.10 47.57 87.23
CA ILE K 17 5.64 46.33 86.68
C ILE K 17 4.56 45.54 85.96
N GLY K 18 3.29 45.77 86.31
CA GLY K 18 2.18 45.11 85.63
C GLY K 18 2.00 45.51 84.18
N LEU K 19 2.74 46.51 83.71
CA LEU K 19 2.71 46.90 82.30
C LEU K 19 3.61 46.03 81.44
N VAL K 20 4.45 45.19 82.04
CA VAL K 20 5.27 44.27 81.26
C VAL K 20 4.40 43.27 80.51
N GLY K 21 3.33 42.79 81.16
CA GLY K 21 2.42 41.86 80.51
C GLY K 21 1.71 42.48 79.32
N ALA K 22 1.56 43.81 79.31
CA ALA K 22 0.99 44.47 78.16
C ALA K 22 1.99 44.55 77.01
N GLY K 23 3.29 44.67 77.32
CA GLY K 23 4.31 44.71 76.30
C GLY K 23 4.37 43.45 75.46
N ILE K 24 4.67 42.32 76.11
CA ILE K 24 4.70 41.04 75.39
C ILE K 24 3.33 40.72 74.82
N GLY K 25 2.27 41.06 75.57
CA GLY K 25 0.92 40.78 75.14
C GLY K 25 0.54 41.44 73.83
N ILE K 26 0.40 42.76 73.84
CA ILE K 26 -0.01 43.50 72.65
C ILE K 26 0.87 43.16 71.45
N ALA K 27 2.16 42.88 71.69
CA ALA K 27 3.08 42.58 70.61
C ALA K 27 2.69 41.29 69.89
N ILE K 28 2.30 40.27 70.65
CA ILE K 28 1.92 38.99 70.04
C ILE K 28 0.71 39.18 69.13
N VAL K 29 -0.23 40.05 69.54
CA VAL K 29 -1.39 40.32 68.70
C VAL K 29 -0.97 40.92 67.36
N PHE K 30 0.04 41.80 67.38
CA PHE K 30 0.59 42.33 66.14
C PHE K 30 1.45 41.32 65.41
N ALA K 31 2.17 40.47 66.15
CA ALA K 31 3.02 39.46 65.51
C ALA K 31 2.17 38.41 64.81
N ALA K 32 1.17 37.87 65.51
CA ALA K 32 0.28 36.89 64.89
C ALA K 32 -0.52 37.51 63.75
N LEU K 33 -0.76 38.83 63.80
CA LEU K 33 -1.50 39.50 62.74
C LEU K 33 -0.72 39.45 61.43
N ILE K 34 0.51 39.95 61.43
CA ILE K 34 1.34 39.92 60.23
C ILE K 34 1.58 38.48 59.79
N ASN K 35 1.86 37.59 60.75
CA ASN K 35 2.07 36.19 60.44
C ASN K 35 0.83 35.56 59.83
N GLY K 36 -0.36 36.04 60.18
CA GLY K 36 -1.60 35.51 59.64
C GLY K 36 -1.98 36.12 58.31
N VAL K 37 -1.64 37.40 58.12
CA VAL K 37 -1.95 38.07 56.86
C VAL K 37 -0.93 37.70 55.78
N SER K 38 0.34 37.47 56.17
CA SER K 38 1.36 37.11 55.20
C SER K 38 1.04 35.80 54.50
N ARG K 39 0.43 34.85 55.21
CA ARG K 39 0.08 33.57 54.60
C ARG K 39 -1.19 33.64 53.77
N ASN K 40 -2.05 34.62 54.02
CA ASN K 40 -3.30 34.77 53.25
C ASN K 40 -3.64 36.26 53.22
N PRO K 41 -3.28 36.97 52.14
CA PRO K 41 -3.57 38.41 52.09
C PRO K 41 -5.05 38.74 51.95
N ALA K 42 -5.88 37.77 51.57
CA ALA K 42 -7.31 38.02 51.39
C ALA K 42 -8.06 38.14 52.71
N LEU K 43 -7.43 37.85 53.83
CA LEU K 43 -8.05 37.92 55.15
C LEU K 43 -7.57 39.13 55.93
N LYS K 44 -7.45 40.28 55.25
CA LYS K 44 -6.98 41.49 55.91
C LYS K 44 -8.12 42.18 56.67
N GLY K 45 -9.27 42.36 56.02
CA GLY K 45 -10.37 43.07 56.66
C GLY K 45 -10.95 42.33 57.84
N GLN K 46 -10.88 41.01 57.85
CA GLN K 46 -11.42 40.22 58.95
C GLN K 46 -10.50 40.29 60.17
N LEU K 47 -9.29 39.74 60.04
CA LEU K 47 -8.38 39.62 61.18
C LEU K 47 -7.95 40.98 61.73
N PHE K 48 -8.11 42.05 60.96
CA PHE K 48 -7.81 43.38 61.48
C PHE K 48 -8.84 43.81 62.53
N THR K 49 -10.09 43.34 62.39
CA THR K 49 -11.10 43.60 63.40
C THR K 49 -10.94 42.71 64.63
N TYR K 50 -10.17 41.62 64.53
CA TYR K 50 -9.88 40.77 65.66
C TYR K 50 -8.58 41.15 66.36
N SER K 51 -7.65 41.79 65.64
CA SER K 51 -6.41 42.24 66.27
C SER K 51 -6.67 43.44 67.18
N ILE K 52 -7.60 44.31 66.82
CA ILE K 52 -7.98 45.42 67.70
C ILE K 52 -8.63 44.88 68.97
N LEU K 53 -9.46 43.85 68.83
CA LEU K 53 -10.10 43.25 69.99
C LEU K 53 -9.08 42.59 70.90
N GLY K 54 -8.05 41.95 70.33
CA GLY K 54 -7.02 41.32 71.13
C GLY K 54 -6.10 42.29 71.82
N PHE K 55 -6.07 43.55 71.38
CA PHE K 55 -5.26 44.59 71.99
C PHE K 55 -6.02 45.41 73.04
N ALA K 56 -7.24 45.84 72.71
CA ALA K 56 -7.99 46.69 73.63
C ALA K 56 -8.31 45.96 74.93
N LEU K 57 -8.63 44.67 74.85
CA LEU K 57 -8.88 43.88 76.05
C LEU K 57 -7.60 43.57 76.80
N SER K 58 -6.46 43.53 76.11
CA SER K 58 -5.17 43.37 76.77
C SER K 58 -4.56 44.70 77.21
N GLU K 59 -5.03 45.81 76.65
CA GLU K 59 -4.61 47.13 77.11
C GLU K 59 -5.43 47.61 78.30
N ALA K 60 -6.70 47.22 78.38
CA ALA K 60 -7.53 47.58 79.53
C ALA K 60 -6.99 46.98 80.82
N THR K 61 -6.31 45.83 80.74
CA THR K 61 -5.67 45.27 81.92
C THR K 61 -4.45 46.08 82.32
N GLY K 62 -3.81 46.76 81.36
CA GLY K 62 -2.70 47.64 81.70
C GLY K 62 -3.14 48.94 82.34
N LEU K 63 -4.35 49.41 82.02
CA LEU K 63 -4.90 50.56 82.71
C LEU K 63 -5.24 50.25 84.16
N PHE K 64 -5.69 49.03 84.43
CA PHE K 64 -5.97 48.63 85.81
C PHE K 64 -4.69 48.52 86.63
N ALA K 65 -3.58 48.09 86.01
CA ALA K 65 -2.30 48.07 86.71
C ALA K 65 -1.76 49.47 86.90
N LEU K 66 -2.10 50.39 85.99
CA LEU K 66 -1.71 51.79 86.16
C LEU K 66 -2.63 52.52 87.13
N MET K 67 -3.87 52.05 87.27
CA MET K 67 -4.81 52.69 88.19
C MET K 67 -4.37 52.50 89.63
N ILE K 68 -3.95 51.29 90.00
CA ILE K 68 -3.47 51.04 91.35
C ILE K 68 -2.22 51.84 91.65
N ALA K 69 -1.38 52.06 90.63
CA ALA K 69 -0.18 52.86 90.83
C ALA K 69 -0.51 54.32 91.09
N PHE K 70 -1.58 54.83 90.50
CA PHE K 70 -2.01 56.21 90.72
C PHE K 70 -3.00 56.36 91.85
N LEU K 71 -3.52 55.25 92.40
CA LEU K 71 -4.26 55.31 93.65
C LEU K 71 -3.34 55.45 94.86
N LEU K 72 -2.06 55.10 94.71
CA LEU K 72 -1.08 55.29 95.75
C LEU K 72 -0.40 56.65 95.67
N LEU K 73 -0.20 57.17 94.46
CA LEU K 73 0.41 58.49 94.27
C LEU K 73 -0.52 59.59 94.74
N GLN L 2 -0.33 52.81 110.77
CA GLN L 2 0.66 53.43 109.89
C GLN L 2 1.52 52.38 109.22
N LEU L 3 2.26 51.62 110.03
CA LEU L 3 3.07 50.53 109.48
C LEU L 3 2.21 49.47 108.82
N VAL L 4 0.97 49.32 109.28
CA VAL L 4 0.01 48.48 108.55
C VAL L 4 -0.42 49.17 107.26
N LEU L 5 -0.71 50.47 107.34
CA LEU L 5 -1.12 51.21 106.15
C LEU L 5 -0.04 51.18 105.08
N ALA L 6 1.23 51.26 105.48
CA ALA L 6 2.32 51.16 104.52
C ALA L 6 2.37 49.77 103.89
N GLY L 7 2.23 48.72 104.71
CA GLY L 7 2.18 47.38 104.18
C GLY L 7 0.95 47.13 103.32
N LYS L 8 -0.12 47.90 103.58
CA LYS L 8 -1.30 47.83 102.72
C LYS L 8 -1.02 48.48 101.37
N TYR L 9 -0.19 49.52 101.34
CA TYR L 9 0.15 50.17 100.08
C TYR L 9 1.15 49.36 99.27
N ILE L 10 2.18 48.83 99.93
CA ILE L 10 3.20 48.04 99.22
C ILE L 10 2.58 46.77 98.65
N GLY L 11 1.80 46.06 99.46
CA GLY L 11 1.14 44.86 99.00
C GLY L 11 0.15 45.09 97.88
N ALA L 12 -0.40 46.30 97.78
CA ALA L 12 -1.33 46.59 96.69
C ALA L 12 -0.59 46.69 95.36
N GLY L 13 0.60 47.28 95.36
CA GLY L 13 1.40 47.32 94.14
C GLY L 13 2.03 45.99 93.80
N LEU L 14 2.28 45.15 94.80
CA LEU L 14 2.77 43.80 94.56
C LEU L 14 1.67 42.85 94.09
N ALA L 15 0.41 43.20 94.32
CA ALA L 15 -0.71 42.39 93.85
C ALA L 15 -1.05 42.66 92.39
N SER L 16 -0.69 43.84 91.87
CA SER L 16 -0.92 44.14 90.46
C SER L 16 0.10 43.48 89.54
N ILE L 17 1.16 42.90 90.09
CA ILE L 17 2.11 42.15 89.27
C ILE L 17 1.46 40.89 88.71
N GLY L 18 0.43 40.37 89.36
CA GLY L 18 -0.30 39.23 88.87
C GLY L 18 -1.13 39.48 87.63
N LEU L 19 -1.18 40.73 87.15
CA LEU L 19 -1.87 41.04 85.90
C LEU L 19 -1.03 40.74 84.67
N VAL L 20 0.26 40.44 84.85
CA VAL L 20 1.13 40.10 83.71
C VAL L 20 0.64 38.83 83.03
N GLY L 21 0.22 37.83 83.82
CA GLY L 21 -0.27 36.60 83.25
C GLY L 21 -1.52 36.79 82.40
N ALA L 22 -2.29 37.85 82.68
CA ALA L 22 -3.47 38.13 81.86
C ALA L 22 -3.09 38.88 80.58
N GLY L 23 -2.18 39.84 80.68
CA GLY L 23 -1.80 40.62 79.51
C GLY L 23 -1.18 39.76 78.42
N ILE L 24 -0.20 38.93 78.80
CA ILE L 24 0.39 38.01 77.84
C ILE L 24 -0.61 36.92 77.47
N GLY L 25 -1.45 36.50 78.42
CA GLY L 25 -2.35 35.39 78.19
C GLY L 25 -3.39 35.68 77.11
N ILE L 26 -4.01 36.86 77.18
CA ILE L 26 -5.03 37.22 76.19
C ILE L 26 -4.48 37.12 74.78
N ALA L 27 -3.23 37.52 74.59
CA ALA L 27 -2.64 37.54 73.25
C ALA L 27 -2.44 36.14 72.71
N ILE L 28 -1.89 35.24 73.54
CA ILE L 28 -1.58 33.89 73.08
C ILE L 28 -2.84 33.17 72.61
N VAL L 29 -4.00 33.50 73.18
CA VAL L 29 -5.26 32.95 72.69
C VAL L 29 -5.60 33.54 71.32
N PHE L 30 -5.51 34.87 71.21
CA PHE L 30 -5.75 35.52 69.92
C PHE L 30 -4.68 35.15 68.89
N ALA L 31 -3.49 34.75 69.34
CA ALA L 31 -2.47 34.29 68.41
C ALA L 31 -2.91 33.02 67.68
N ALA L 32 -3.69 32.17 68.35
CA ALA L 32 -4.26 31.00 67.69
C ALA L 32 -5.53 31.33 66.93
N LEU L 33 -6.25 32.38 67.35
CA LEU L 33 -7.42 32.84 66.60
C LEU L 33 -7.02 33.25 65.18
N ILE L 34 -5.98 34.08 65.06
CA ILE L 34 -5.48 34.44 63.73
C ILE L 34 -4.86 33.23 63.06
N ASN L 35 -4.15 32.41 63.83
CA ASN L 35 -3.56 31.18 63.26
C ASN L 35 -4.65 30.24 62.76
N GLY L 36 -5.73 30.09 63.54
CA GLY L 36 -6.80 29.18 63.13
C GLY L 36 -7.53 29.67 61.90
N VAL L 37 -7.72 30.99 61.78
CA VAL L 37 -8.42 31.53 60.62
C VAL L 37 -7.53 31.48 59.38
N SER L 38 -6.25 31.83 59.53
CA SER L 38 -5.36 31.84 58.38
C SER L 38 -5.10 30.44 57.85
N ARG L 39 -5.04 29.44 58.73
CA ARG L 39 -4.86 28.08 58.27
C ARG L 39 -6.13 27.50 57.66
N ASN L 40 -7.29 27.98 58.09
CA ASN L 40 -8.56 27.53 57.53
C ASN L 40 -9.64 28.59 57.75
N PRO L 41 -9.91 29.43 56.75
CA PRO L 41 -10.91 30.50 56.94
C PRO L 41 -12.34 30.00 57.10
N ALA L 42 -12.60 28.72 56.88
CA ALA L 42 -13.93 28.16 57.03
C ALA L 42 -14.29 27.83 58.47
N LEU L 43 -13.47 28.25 59.43
CA LEU L 43 -13.70 27.99 60.85
C LEU L 43 -13.66 29.27 61.65
N LYS L 44 -14.31 30.33 61.14
CA LYS L 44 -14.34 31.60 61.84
C LYS L 44 -15.47 31.67 62.86
N GLY L 45 -16.66 31.16 62.52
CA GLY L 45 -17.76 31.19 63.46
C GLY L 45 -17.58 30.26 64.63
N GLN L 46 -16.77 29.21 64.46
CA GLN L 46 -16.53 28.26 65.54
C GLN L 46 -15.39 28.72 66.45
N LEU L 47 -14.18 28.86 65.89
CA LEU L 47 -13.00 29.13 66.69
C LEU L 47 -13.04 30.49 67.38
N PHE L 48 -13.84 31.44 66.88
CA PHE L 48 -13.96 32.72 67.55
C PHE L 48 -14.66 32.58 68.90
N THR L 49 -15.62 31.66 69.01
CA THR L 49 -16.23 31.38 70.30
C THR L 49 -15.25 30.70 71.24
N TYR L 50 -14.33 29.91 70.70
CA TYR L 50 -13.30 29.29 71.52
C TYR L 50 -12.13 30.24 71.81
N SER L 51 -12.02 31.34 71.06
CA SER L 51 -10.99 32.33 71.34
C SER L 51 -11.43 33.31 72.43
N ILE L 52 -12.71 33.64 72.49
CA ILE L 52 -13.22 34.43 73.60
C ILE L 52 -13.39 33.56 74.84
N LEU L 53 -13.65 32.27 74.66
CA LEU L 53 -13.73 31.35 75.79
C LEU L 53 -12.41 31.32 76.55
N GLY L 54 -11.31 31.09 75.84
CA GLY L 54 -10.01 31.14 76.48
C GLY L 54 -9.65 32.52 76.99
N PHE L 55 -10.14 33.57 76.33
CA PHE L 55 -9.89 34.92 76.80
C PHE L 55 -10.60 35.19 78.11
N ALA L 56 -11.86 34.77 78.23
CA ALA L 56 -12.62 35.04 79.45
C ALA L 56 -12.07 34.28 80.63
N LEU L 57 -11.69 33.02 80.43
CA LEU L 57 -11.15 32.22 81.54
C LEU L 57 -9.83 32.78 82.04
N SER L 58 -9.00 33.31 81.13
CA SER L 58 -7.77 33.97 81.55
C SER L 58 -8.03 35.34 82.14
N GLU L 59 -9.07 36.04 81.66
CA GLU L 59 -9.45 37.32 82.25
C GLU L 59 -10.15 37.14 83.59
N ALA L 60 -10.84 36.02 83.79
CA ALA L 60 -11.49 35.75 85.07
C ALA L 60 -10.45 35.63 86.19
N THR L 61 -9.34 34.95 85.91
CA THR L 61 -8.26 34.88 86.88
C THR L 61 -7.52 36.21 87.00
N GLY L 62 -7.58 37.06 85.97
CA GLY L 62 -6.95 38.37 86.05
C GLY L 62 -7.66 39.30 87.01
N LEU L 63 -8.95 39.07 87.24
CA LEU L 63 -9.68 39.86 88.21
C LEU L 63 -9.18 39.60 89.63
N PHE L 64 -8.67 38.41 89.89
CA PHE L 64 -8.20 38.08 91.23
C PHE L 64 -7.00 38.94 91.62
N ALA L 65 -6.05 39.12 90.71
CA ALA L 65 -4.92 40.01 90.97
C ALA L 65 -5.37 41.46 91.09
N LEU L 66 -6.51 41.82 90.50
CA LEU L 66 -7.11 43.12 90.69
C LEU L 66 -8.03 43.16 91.90
N MET L 67 -8.54 41.99 92.33
CA MET L 67 -9.41 41.93 93.50
C MET L 67 -8.61 42.08 94.79
N ILE L 68 -7.53 41.31 94.93
CA ILE L 68 -6.72 41.36 96.13
C ILE L 68 -6.12 42.76 96.32
N ALA L 69 -5.68 43.38 95.22
CA ALA L 69 -5.12 44.72 95.31
C ALA L 69 -6.15 45.74 95.75
N PHE L 70 -7.43 45.52 95.42
CA PHE L 70 -8.48 46.41 95.85
C PHE L 70 -8.88 46.18 97.30
N LEU L 71 -8.59 45.00 97.85
CA LEU L 71 -8.92 44.72 99.24
C LEU L 71 -7.93 45.32 100.22
N LEU L 72 -6.75 45.71 99.75
CA LEU L 72 -5.69 46.21 100.64
C LEU L 72 -5.74 47.73 100.83
N LEU L 73 -6.38 48.47 99.92
CA LEU L 73 -6.38 49.92 99.97
C LEU L 73 -7.69 50.53 100.45
N TYR L 74 -8.79 49.76 100.45
CA TYR L 74 -10.09 50.29 100.85
C TYR L 74 -10.94 49.32 101.65
N ALA L 75 -10.86 48.01 101.40
CA ALA L 75 -11.70 47.07 102.14
C ALA L 75 -11.29 46.97 103.60
N VAL L 76 -9.98 46.89 103.85
CA VAL L 76 -9.47 46.82 105.21
C VAL L 76 -8.56 48.00 105.48
N MET M 1 2.10 44.16 116.99
CA MET M 1 1.28 43.31 116.16
C MET M 1 1.09 43.94 114.77
N GLN M 2 1.32 45.25 114.68
CA GLN M 2 1.24 45.93 113.40
C GLN M 2 2.25 45.38 112.41
N LEU M 3 3.40 44.92 112.88
CA LEU M 3 4.39 44.32 111.99
C LEU M 3 3.91 42.99 111.45
N VAL M 4 3.26 42.18 112.31
CA VAL M 4 2.68 40.92 111.85
C VAL M 4 1.59 41.19 110.82
N LEU M 5 0.68 42.11 111.14
CA LEU M 5 -0.42 42.41 110.23
C LEU M 5 0.08 43.05 108.94
N ALA M 6 1.18 43.80 109.00
CA ALA M 6 1.75 44.37 107.79
C ALA M 6 2.37 43.28 106.92
N GLY M 7 3.22 42.44 107.51
CA GLY M 7 3.76 41.30 106.78
C GLY M 7 2.69 40.32 106.33
N LYS M 8 1.54 40.30 107.01
CA LYS M 8 0.41 39.51 106.55
C LYS M 8 -0.11 40.05 105.22
N TYR M 9 -0.24 41.37 105.10
CA TYR M 9 -0.71 41.97 103.87
C TYR M 9 0.36 42.03 102.80
N ILE M 10 1.63 42.10 103.20
CA ILE M 10 2.73 42.07 102.22
C ILE M 10 2.76 40.72 101.51
N GLY M 11 2.82 39.64 102.29
CA GLY M 11 2.80 38.31 101.70
C GLY M 11 1.51 37.98 100.98
N ALA M 12 0.43 38.67 101.30
CA ALA M 12 -0.83 38.46 100.58
C ALA M 12 -0.73 38.99 99.15
N GLY M 13 -0.06 40.13 98.97
CA GLY M 13 0.16 40.65 97.63
C GLY M 13 1.22 39.90 96.86
N LEU M 14 2.21 39.35 97.57
CA LEU M 14 3.22 38.53 96.92
C LEU M 14 2.69 37.15 96.54
N ALA M 15 1.61 36.71 97.17
CA ALA M 15 1.00 35.43 96.83
C ALA M 15 0.11 35.50 95.60
N SER M 16 -0.40 36.70 95.26
CA SER M 16 -1.23 36.84 94.07
C SER M 16 -0.42 36.77 92.78
N ILE M 17 0.90 36.98 92.85
CA ILE M 17 1.73 36.90 91.66
C ILE M 17 1.74 35.48 91.10
N GLY M 18 1.52 34.48 91.96
CA GLY M 18 1.47 33.09 91.50
C GLY M 18 0.34 32.81 90.53
N LEU M 19 -0.63 33.72 90.38
CA LEU M 19 -1.69 33.56 89.41
C LEU M 19 -1.21 33.79 87.98
N VAL M 20 -0.01 34.34 87.79
CA VAL M 20 0.52 34.56 86.44
C VAL M 20 0.68 33.23 85.71
N GLY M 21 1.13 32.20 86.42
CA GLY M 21 1.30 30.90 85.79
C GLY M 21 0.02 30.34 85.21
N ALA M 22 -1.10 30.59 85.89
CA ALA M 22 -2.40 30.19 85.36
C ALA M 22 -2.87 31.09 84.23
N GLY M 23 -2.54 32.38 84.30
CA GLY M 23 -2.97 33.30 83.24
C GLY M 23 -2.35 32.94 81.90
N ILE M 24 -1.04 32.77 81.87
CA ILE M 24 -0.39 32.32 80.64
C ILE M 24 -0.71 30.86 80.38
N GLY M 25 -0.90 30.07 81.44
CA GLY M 25 -1.13 28.64 81.27
C GLY M 25 -2.42 28.34 80.50
N ILE M 26 -3.54 28.92 80.96
CA ILE M 26 -4.81 28.71 80.28
C ILE M 26 -4.71 29.14 78.82
N ALA M 27 -3.93 30.18 78.55
CA ALA M 27 -3.81 30.69 77.18
C ALA M 27 -3.17 29.67 76.26
N ILE M 28 -2.04 29.08 76.68
CA ILE M 28 -1.32 28.14 75.84
C ILE M 28 -2.18 26.94 75.47
N VAL M 29 -3.10 26.56 76.36
CA VAL M 29 -4.00 25.44 76.06
C VAL M 29 -4.91 25.78 74.87
N PHE M 30 -5.48 26.98 74.88
CA PHE M 30 -6.27 27.44 73.74
C PHE M 30 -5.39 27.82 72.55
N ALA M 31 -4.12 28.14 72.80
CA ALA M 31 -3.21 28.43 71.71
C ALA M 31 -2.93 27.20 70.86
N ALA M 32 -3.01 26.02 71.45
CA ALA M 32 -2.90 24.76 70.72
C ALA M 32 -4.25 24.19 70.33
N LEU M 33 -5.31 24.50 71.07
CA LEU M 33 -6.65 24.05 70.74
C LEU M 33 -7.09 24.62 69.41
N ILE M 34 -7.26 25.94 69.35
CA ILE M 34 -7.62 26.62 68.11
C ILE M 34 -6.63 26.27 67.00
N ASN M 35 -5.37 26.06 67.36
CA ASN M 35 -4.38 25.62 66.39
C ASN M 35 -4.68 24.21 65.90
N GLY M 36 -4.89 23.28 66.83
CA GLY M 36 -5.11 21.89 66.44
C GLY M 36 -6.47 21.66 65.81
N VAL M 37 -7.50 22.36 66.31
CA VAL M 37 -8.83 22.24 65.72
C VAL M 37 -8.83 22.81 64.29
N SER M 38 -7.93 23.73 63.99
CA SER M 38 -7.83 24.29 62.64
C SER M 38 -6.84 23.55 61.77
N ARG M 39 -5.76 23.03 62.34
CA ARG M 39 -4.79 22.26 61.56
C ARG M 39 -5.45 21.02 60.95
N ASN M 40 -6.15 20.24 61.77
CA ASN M 40 -6.86 19.04 61.35
C ASN M 40 -8.34 19.23 61.67
N PRO M 41 -9.06 20.02 60.88
CA PRO M 41 -10.46 20.32 61.21
C PRO M 41 -11.39 19.14 60.99
N ALA M 42 -11.14 18.04 61.70
CA ALA M 42 -11.98 16.86 61.65
C ALA M 42 -12.32 16.29 63.02
N LEU M 43 -11.59 16.63 64.07
CA LEU M 43 -11.83 16.11 65.41
C LEU M 43 -11.89 17.27 66.39
N LYS M 44 -13.09 17.69 66.75
CA LYS M 44 -13.30 18.72 67.77
C LYS M 44 -13.70 18.12 69.12
N GLY M 45 -14.50 17.07 69.13
CA GLY M 45 -14.95 16.50 70.39
C GLY M 45 -13.84 15.87 71.20
N GLN M 46 -12.78 15.41 70.54
CA GLN M 46 -11.65 14.82 71.27
C GLN M 46 -10.77 15.89 71.90
N LEU M 47 -10.29 16.84 71.09
CA LEU M 47 -9.35 17.84 71.59
C LEU M 47 -10.01 18.81 72.55
N PHE M 48 -11.32 19.03 72.43
CA PHE M 48 -12.00 19.96 73.33
C PHE M 48 -12.02 19.46 74.76
N THR M 49 -12.12 18.14 74.95
CA THR M 49 -12.11 17.59 76.30
C THR M 49 -10.72 17.69 76.94
N TYR M 50 -9.65 17.57 76.15
CA TYR M 50 -8.31 17.74 76.68
C TYR M 50 -7.98 19.21 76.92
N SER M 51 -8.68 20.13 76.24
CA SER M 51 -8.45 21.56 76.49
C SER M 51 -9.08 21.99 77.81
N ILE M 52 -10.21 21.40 78.19
CA ILE M 52 -10.81 21.70 79.49
C ILE M 52 -10.01 21.03 80.60
N LEU M 53 -9.55 19.80 80.36
CA LEU M 53 -8.74 19.10 81.36
C LEU M 53 -7.44 19.85 81.62
N GLY M 54 -6.85 20.45 80.58
CA GLY M 54 -5.61 21.16 80.75
C GLY M 54 -5.76 22.47 81.49
N PHE M 55 -6.79 23.25 81.14
CA PHE M 55 -7.00 24.54 81.79
C PHE M 55 -7.47 24.37 83.22
N ALA M 56 -8.15 23.27 83.53
CA ALA M 56 -8.61 23.04 84.90
C ALA M 56 -7.43 22.81 85.84
N LEU M 57 -6.51 21.92 85.45
CA LEU M 57 -5.33 21.68 86.26
C LEU M 57 -4.36 22.86 86.22
N SER M 58 -4.43 23.69 85.18
CA SER M 58 -3.62 24.90 85.14
C SER M 58 -4.20 25.99 86.03
N GLU M 59 -5.52 26.12 86.05
CA GLU M 59 -6.16 27.09 86.95
C GLU M 59 -6.10 26.61 88.39
N ALA M 60 -6.05 25.30 88.61
CA ALA M 60 -5.91 24.77 89.97
C ALA M 60 -4.62 25.25 90.62
N THR M 61 -3.56 25.40 89.83
CA THR M 61 -2.32 25.97 90.37
C THR M 61 -2.52 27.44 90.76
N GLY M 62 -3.42 28.14 90.07
CA GLY M 62 -3.73 29.50 90.47
C GLY M 62 -4.68 29.56 91.66
N LEU M 63 -5.59 28.59 91.77
CA LEU M 63 -6.45 28.53 92.94
C LEU M 63 -5.66 28.20 94.20
N PHE M 64 -4.54 27.48 94.06
CA PHE M 64 -3.67 27.25 95.20
C PHE M 64 -2.98 28.54 95.64
N ALA M 65 -2.56 29.36 94.67
CA ALA M 65 -2.07 30.70 95.01
C ALA M 65 -3.18 31.60 95.50
N LEU M 66 -4.43 31.32 95.13
CA LEU M 66 -5.56 32.02 95.70
C LEU M 66 -5.88 31.51 97.10
N MET M 67 -5.67 30.22 97.35
CA MET M 67 -5.87 29.66 98.68
C MET M 67 -4.89 30.28 99.68
N ILE M 68 -3.61 30.34 99.31
CA ILE M 68 -2.60 30.93 100.18
C ILE M 68 -2.90 32.42 100.42
N ALA M 69 -3.34 33.11 99.38
CA ALA M 69 -3.63 34.54 99.51
C ALA M 69 -4.77 34.79 100.50
N PHE M 70 -5.74 33.89 100.56
CA PHE M 70 -6.82 34.04 101.54
C PHE M 70 -6.38 33.64 102.94
N LEU M 71 -5.42 32.71 103.05
CA LEU M 71 -4.88 32.36 104.35
C LEU M 71 -3.96 33.45 104.90
N LEU M 72 -3.47 34.35 104.05
CA LEU M 72 -2.65 35.48 104.46
C LEU M 72 -3.44 36.76 104.57
N LEU M 73 -4.76 36.67 104.72
CA LEU M 73 -5.63 37.82 104.91
C LEU M 73 -6.63 37.62 106.04
N TYR M 74 -7.21 36.43 106.16
CA TYR M 74 -8.21 36.15 107.19
C TYR M 74 -7.83 34.92 108.00
N ALA M 75 -6.53 34.69 108.18
CA ALA M 75 -6.04 33.56 108.96
C ALA M 75 -4.63 33.82 109.47
N GLN N 2 6.77 38.37 117.18
CA GLN N 2 6.18 39.30 116.23
C GLN N 2 7.03 39.40 114.96
N LEU N 3 8.34 39.49 115.14
CA LEU N 3 9.23 39.58 113.99
C LEU N 3 9.33 38.26 113.24
N VAL N 4 9.28 37.15 113.97
CA VAL N 4 9.31 35.83 113.33
C VAL N 4 8.01 35.59 112.58
N LEU N 5 6.87 35.89 113.22
CA LEU N 5 5.57 35.63 112.61
C LEU N 5 5.39 36.41 111.31
N ALA N 6 5.97 37.60 111.21
CA ALA N 6 5.89 38.35 109.97
C ALA N 6 6.73 37.71 108.87
N GLY N 7 7.90 37.17 109.23
CA GLY N 7 8.72 36.49 108.24
C GLY N 7 8.12 35.19 107.74
N LYS N 8 7.25 34.58 108.56
CA LYS N 8 6.54 33.39 108.11
C LYS N 8 5.46 33.73 107.09
N TYR N 9 4.83 34.89 107.22
CA TYR N 9 3.73 35.25 106.33
C TYR N 9 4.23 35.83 105.03
N ILE N 10 5.25 36.69 105.07
CA ILE N 10 5.81 37.25 103.84
C ILE N 10 6.39 36.15 102.96
N GLY N 11 7.22 35.29 103.55
CA GLY N 11 7.82 34.22 102.77
C GLY N 11 6.81 33.20 102.28
N ALA N 12 5.67 33.10 102.95
CA ALA N 12 4.62 32.19 102.49
C ALA N 12 4.05 32.66 101.15
N GLY N 13 3.91 33.97 100.97
CA GLY N 13 3.51 34.50 99.67
C GLY N 13 4.61 34.40 98.64
N LEU N 14 5.87 34.51 99.07
CA LEU N 14 6.99 34.32 98.17
C LEU N 14 7.13 32.86 97.74
N ALA N 15 6.70 31.93 98.60
CA ALA N 15 6.73 30.51 98.27
C ALA N 15 5.63 30.11 97.30
N SER N 16 4.59 30.95 97.13
CA SER N 16 3.57 30.70 96.13
C SER N 16 3.95 31.21 94.75
N ILE N 17 5.07 31.93 94.65
CA ILE N 17 5.57 32.33 93.33
C ILE N 17 6.00 31.11 92.53
N GLY N 18 6.46 30.06 93.22
CA GLY N 18 6.85 28.82 92.56
C GLY N 18 5.73 28.08 91.89
N LEU N 19 4.48 28.49 92.09
CA LEU N 19 3.35 27.90 91.38
C LEU N 19 3.27 28.35 89.93
N VAL N 20 4.01 29.38 89.54
CA VAL N 20 4.01 29.83 88.15
C VAL N 20 4.59 28.74 87.25
N GLY N 21 5.64 28.06 87.71
CA GLY N 21 6.25 27.02 86.90
C GLY N 21 5.32 25.87 86.60
N ALA N 22 4.36 25.62 87.49
CA ALA N 22 3.36 24.57 87.24
C ALA N 22 2.26 25.06 86.32
N GLY N 23 1.89 26.34 86.40
CA GLY N 23 0.85 26.85 85.53
C GLY N 23 1.27 26.85 84.07
N ILE N 24 2.43 27.45 83.78
CA ILE N 24 2.95 27.43 82.41
C ILE N 24 3.35 26.02 82.02
N GLY N 25 3.85 25.23 82.97
CA GLY N 25 4.31 23.89 82.68
C GLY N 25 3.23 22.94 82.20
N ILE N 26 2.17 22.77 83.00
CA ILE N 26 1.07 21.87 82.62
C ILE N 26 0.50 22.28 81.27
N ALA N 27 0.48 23.59 81.00
CA ALA N 27 -0.06 24.07 79.72
C ALA N 27 0.74 23.53 78.54
N ILE N 28 2.07 23.67 78.60
CA ILE N 28 2.92 23.26 77.49
C ILE N 28 2.75 21.78 77.21
N VAL N 29 2.59 20.97 78.25
CA VAL N 29 2.38 19.53 78.07
C VAL N 29 1.08 19.28 77.32
N PHE N 30 -0.02 19.85 77.82
CA PHE N 30 -1.30 19.68 77.14
C PHE N 30 -1.33 20.39 75.80
N ALA N 31 -0.60 21.50 75.66
CA ALA N 31 -0.50 22.14 74.35
C ALA N 31 0.22 21.24 73.36
N ALA N 32 1.27 20.56 73.81
CA ALA N 32 1.91 19.56 72.97
C ALA N 32 1.00 18.36 72.74
N LEU N 33 0.13 18.06 73.69
CA LEU N 33 -0.83 16.97 73.52
C LEU N 33 -1.84 17.31 72.44
N ILE N 34 -2.46 18.48 72.54
CA ILE N 34 -3.43 18.90 71.51
C ILE N 34 -2.75 19.01 70.16
N ASN N 35 -1.56 19.61 70.12
CA ASN N 35 -0.83 19.70 68.85
C ASN N 35 -0.31 18.33 68.41
N GLY N 36 -0.04 17.43 69.35
CA GLY N 36 0.43 16.11 69.01
C GLY N 36 -0.68 15.18 68.58
N VAL N 37 -1.79 15.17 69.31
CA VAL N 37 -2.95 14.37 68.92
C VAL N 37 -3.49 14.84 67.58
N SER N 38 -3.44 16.15 67.33
CA SER N 38 -3.88 16.69 66.06
C SER N 38 -3.08 16.08 64.91
N ARG N 39 -1.76 16.24 64.94
CA ARG N 39 -0.91 15.79 63.85
C ARG N 39 -0.99 14.29 63.63
N ASN N 40 -1.45 13.51 64.61
CA ASN N 40 -1.61 12.08 64.43
C ASN N 40 -2.62 11.53 65.44
N PRO N 41 -3.91 11.53 65.11
CA PRO N 41 -4.93 11.10 66.09
C PRO N 41 -4.99 9.59 66.28
N ALA N 42 -4.03 8.86 65.72
CA ALA N 42 -4.00 7.41 65.85
C ALA N 42 -3.34 6.93 67.13
N LEU N 43 -2.71 7.84 67.89
CA LEU N 43 -1.98 7.47 69.11
C LEU N 43 -2.53 8.19 70.33
N LYS N 44 -3.83 8.48 70.34
CA LYS N 44 -4.42 9.18 71.47
C LYS N 44 -4.34 8.35 72.74
N GLY N 45 -4.38 7.03 72.63
CA GLY N 45 -4.20 6.19 73.80
C GLY N 45 -2.79 6.20 74.33
N GLN N 46 -1.81 6.43 73.46
CA GLN N 46 -0.41 6.50 73.87
C GLN N 46 -0.02 7.91 74.30
N LEU N 47 -0.52 8.94 73.62
CA LEU N 47 -0.19 10.31 74.00
C LEU N 47 -0.87 10.71 75.31
N PHE N 48 -2.03 10.12 75.61
CA PHE N 48 -2.65 10.34 76.90
C PHE N 48 -1.86 9.67 78.01
N THR N 49 -1.29 8.49 77.74
CA THR N 49 -0.46 7.82 78.72
C THR N 49 0.84 8.58 78.95
N TYR N 50 1.30 9.35 77.96
CA TYR N 50 2.51 10.14 78.09
C TYR N 50 2.24 11.51 78.68
N SER N 51 1.10 12.13 78.34
CA SER N 51 0.78 13.44 78.88
C SER N 51 0.57 13.38 80.39
N ILE N 52 -0.17 12.37 80.86
CA ILE N 52 -0.38 12.22 82.30
C ILE N 52 0.93 11.91 83.01
N LEU N 53 1.75 11.05 82.40
CA LEU N 53 3.06 10.73 82.99
C LEU N 53 3.97 11.93 83.03
N GLY N 54 3.81 12.86 82.10
CA GLY N 54 4.61 14.08 82.09
C GLY N 54 4.02 15.18 82.95
N PHE N 55 2.68 15.23 83.01
CA PHE N 55 2.02 16.23 83.85
C PHE N 55 2.23 15.96 85.33
N ALA N 56 2.29 14.69 85.73
CA ALA N 56 2.49 14.34 87.13
C ALA N 56 3.87 14.75 87.65
N LEU N 57 4.80 15.08 86.75
CA LEU N 57 6.12 15.53 87.14
C LEU N 57 6.25 17.05 87.18
N SER N 58 5.44 17.77 86.39
CA SER N 58 5.46 19.22 86.43
C SER N 58 4.62 19.77 87.58
N GLU N 59 3.52 19.11 87.93
CA GLU N 59 2.74 19.52 89.08
C GLU N 59 3.48 19.26 90.39
N ALA N 60 4.43 18.32 90.40
CA ALA N 60 5.20 18.04 91.60
C ALA N 60 6.05 19.24 92.02
N THR N 61 6.55 20.02 91.06
CA THR N 61 7.34 21.20 91.39
C THR N 61 6.47 22.28 92.03
N GLY N 62 5.27 22.49 91.50
CA GLY N 62 4.34 23.40 92.14
C GLY N 62 3.82 22.89 93.46
N LEU N 63 3.82 21.57 93.65
CA LEU N 63 3.43 21.00 94.93
C LEU N 63 4.47 21.30 96.00
N PHE N 64 5.75 21.30 95.63
CA PHE N 64 6.80 21.61 96.59
C PHE N 64 6.75 23.07 97.01
N ALA N 65 6.47 23.97 96.05
CA ALA N 65 6.29 25.38 96.39
C ALA N 65 5.07 25.59 97.28
N LEU N 66 4.04 24.76 97.10
CA LEU N 66 2.89 24.79 98.01
C LEU N 66 3.22 24.16 99.35
N MET N 67 4.13 23.18 99.37
CA MET N 67 4.52 22.54 100.62
C MET N 67 5.28 23.50 101.52
N ILE N 68 6.31 24.15 100.99
CA ILE N 68 7.06 25.13 101.78
C ILE N 68 6.15 26.26 102.23
N ALA N 69 5.25 26.72 101.35
CA ALA N 69 4.31 27.77 101.72
C ALA N 69 3.41 27.32 102.86
N PHE N 70 3.02 26.04 102.86
CA PHE N 70 2.27 25.49 103.99
C PHE N 70 3.18 25.15 105.16
N LEU N 71 4.46 24.89 104.89
CA LEU N 71 5.38 24.52 105.96
C LEU N 71 5.75 25.76 106.80
N LEU N 72 5.86 26.92 106.17
CA LEU N 72 6.38 28.10 106.85
C LEU N 72 5.50 28.49 108.04
N LEU N 73 4.19 28.66 107.80
CA LEU N 73 3.31 29.13 108.86
C LEU N 73 3.00 28.07 109.90
N TYR N 74 3.44 26.83 109.72
CA TYR N 74 3.20 25.75 110.67
C TYR N 74 4.47 24.95 110.92
N ALA N 75 5.55 25.64 111.28
CA ALA N 75 6.83 24.99 111.60
C ALA N 75 7.48 25.78 112.74
N VAL N 76 7.36 25.25 113.96
CA VAL N 76 7.89 25.79 115.23
C VAL N 76 7.64 27.28 115.47
N MET O 1 17.81 37.29 118.35
CA MET O 1 17.66 36.00 117.70
C MET O 1 16.32 35.91 116.98
N GLN O 2 15.48 36.94 117.18
CA GLN O 2 14.18 36.97 116.54
C GLN O 2 14.27 37.38 115.06
N LEU O 3 15.32 38.10 114.68
CA LEU O 3 15.52 38.49 113.29
C LEU O 3 16.25 37.41 112.50
N VAL O 4 17.20 36.72 113.12
CA VAL O 4 17.88 35.60 112.45
C VAL O 4 16.85 34.56 112.03
N LEU O 5 15.96 34.19 112.95
CA LEU O 5 14.91 33.22 112.61
C LEU O 5 13.91 33.81 111.62
N ALA O 6 13.74 35.14 111.63
CA ALA O 6 12.84 35.77 110.67
C ALA O 6 13.42 35.75 109.26
N GLY O 7 14.73 36.00 109.13
CA GLY O 7 15.37 35.90 107.84
C GLY O 7 15.48 34.47 107.35
N LYS O 8 15.49 33.50 108.28
CA LYS O 8 15.49 32.10 107.89
C LYS O 8 14.20 31.74 107.15
N TYR O 9 13.08 32.34 107.55
CA TYR O 9 11.79 32.05 106.93
C TYR O 9 11.51 32.93 105.71
N ILE O 10 12.31 33.96 105.47
CA ILE O 10 12.18 34.78 104.28
C ILE O 10 12.95 34.19 103.11
N GLY O 11 14.22 33.82 103.34
CA GLY O 11 15.02 33.24 102.28
C GLY O 11 14.52 31.88 101.84
N ALA O 12 13.87 31.13 102.75
CA ALA O 12 13.29 29.85 102.38
C ALA O 12 12.11 30.04 101.42
N GLY O 13 11.36 31.13 101.58
CA GLY O 13 10.32 31.44 100.62
C GLY O 13 10.88 31.93 99.30
N LEU O 14 12.02 32.63 99.33
CA LEU O 14 12.70 33.03 98.11
C LEU O 14 13.41 31.87 97.44
N ALA O 15 13.77 30.83 98.20
CA ALA O 15 14.43 29.65 97.63
C ALA O 15 13.47 28.78 96.83
N SER O 16 12.17 28.87 97.08
CA SER O 16 11.18 28.11 96.32
C SER O 16 10.84 28.78 94.99
N ILE O 17 11.32 30.00 94.74
CA ILE O 17 11.14 30.61 93.44
C ILE O 17 11.96 29.89 92.37
N GLY O 18 13.05 29.22 92.77
CA GLY O 18 13.84 28.43 91.83
C GLY O 18 13.14 27.19 91.32
N LEU O 19 11.97 26.86 91.86
CA LEU O 19 11.20 25.72 91.34
C LEU O 19 10.46 26.05 90.06
N VAL O 20 10.40 27.33 89.67
CA VAL O 20 9.76 27.70 88.41
C VAL O 20 10.52 27.11 87.23
N GLY O 21 11.85 27.12 87.29
CA GLY O 21 12.66 26.58 86.20
C GLY O 21 12.45 25.09 86.00
N ALA O 22 12.16 24.36 87.08
CA ALA O 22 11.90 22.93 86.95
C ALA O 22 10.49 22.65 86.47
N GLY O 23 9.52 23.51 86.83
CA GLY O 23 8.16 23.31 86.38
C GLY O 23 8.03 23.49 84.87
N ILE O 24 8.56 24.59 84.35
CA ILE O 24 8.56 24.81 82.91
C ILE O 24 9.50 23.83 82.23
N GLY O 25 10.60 23.45 82.90
CA GLY O 25 11.58 22.56 82.32
C GLY O 25 11.05 21.20 81.95
N ILE O 26 10.51 20.47 82.94
CA ILE O 26 9.97 19.14 82.68
C ILE O 26 8.92 19.18 81.59
N ALA O 27 8.17 20.28 81.51
CA ALA O 27 7.14 20.41 80.47
C ALA O 27 7.77 20.48 79.08
N ILE O 28 8.86 21.23 78.93
CA ILE O 28 9.50 21.38 77.62
C ILE O 28 10.01 20.03 77.13
N VAL O 29 10.54 19.21 78.04
CA VAL O 29 11.04 17.89 77.65
C VAL O 29 9.91 17.02 77.14
N PHE O 30 8.85 16.88 77.93
CA PHE O 30 7.69 16.10 77.49
C PHE O 30 6.96 16.75 76.33
N ALA O 31 7.11 18.06 76.13
CA ALA O 31 6.55 18.69 74.95
C ALA O 31 7.23 18.17 73.69
N ALA O 32 8.56 18.07 73.70
CA ALA O 32 9.27 17.51 72.56
C ALA O 32 8.96 16.04 72.38
N LEU O 33 8.76 15.31 73.48
CA LEU O 33 8.44 13.89 73.38
C LEU O 33 7.10 13.67 72.70
N ILE O 34 6.06 14.38 73.17
CA ILE O 34 4.74 14.23 72.55
C ILE O 34 4.77 14.72 71.11
N ASN O 35 5.45 15.84 70.85
CA ASN O 35 5.57 16.33 69.49
C ASN O 35 6.54 15.49 68.66
N GLY O 36 7.40 14.71 69.29
CA GLY O 36 8.32 13.85 68.58
C GLY O 36 7.73 12.51 68.22
N VAL O 37 6.94 11.95 69.15
CA VAL O 37 6.26 10.68 68.87
C VAL O 37 5.13 10.90 67.88
N SER O 38 4.45 12.06 67.94
CA SER O 38 3.35 12.33 67.02
C SER O 38 3.84 12.37 65.59
N ARG O 39 5.03 12.93 65.35
CA ARG O 39 5.58 12.96 64.00
C ARG O 39 6.16 11.61 63.61
N ASN O 40 6.87 10.96 64.53
CA ASN O 40 7.57 9.71 64.25
C ASN O 40 7.28 8.71 65.35
N PRO O 41 6.17 7.97 65.24
CA PRO O 41 5.86 6.95 66.27
C PRO O 41 6.85 5.79 66.30
N ALA O 42 7.65 5.59 65.25
CA ALA O 42 8.61 4.50 65.23
C ALA O 42 9.75 4.70 66.23
N LEU O 43 10.04 5.94 66.59
CA LEU O 43 11.08 6.25 67.58
C LEU O 43 10.49 6.41 68.98
N LYS O 44 9.52 5.56 69.33
CA LYS O 44 8.87 5.67 70.63
C LYS O 44 9.75 5.13 71.75
N GLY O 45 10.29 3.92 71.57
CA GLY O 45 11.18 3.35 72.56
C GLY O 45 12.54 4.02 72.66
N GLN O 46 12.89 4.85 71.67
CA GLN O 46 14.16 5.56 71.69
C GLN O 46 14.05 6.90 72.42
N LEU O 47 13.09 7.74 72.01
CA LEU O 47 12.90 9.03 72.67
C LEU O 47 12.40 8.88 74.10
N PHE O 48 11.79 7.75 74.44
CA PHE O 48 11.36 7.53 75.82
C PHE O 48 12.54 7.42 76.76
N THR O 49 13.68 6.92 76.27
CA THR O 49 14.89 6.89 77.08
C THR O 49 15.56 8.24 77.19
N TYR O 50 15.30 9.15 76.24
CA TYR O 50 15.80 10.51 76.33
C TYR O 50 14.85 11.43 77.09
N SER O 51 13.56 11.13 77.10
CA SER O 51 12.62 11.90 77.89
C SER O 51 12.83 11.69 79.38
N ILE O 52 13.31 10.51 79.77
CA ILE O 52 13.63 10.27 81.18
C ILE O 52 14.90 11.02 81.56
N LEU O 53 15.93 10.93 80.72
CA LEU O 53 17.17 11.65 80.99
C LEU O 53 16.98 13.15 80.92
N GLY O 54 16.01 13.63 80.15
CA GLY O 54 15.78 15.05 79.99
C GLY O 54 15.23 15.72 81.23
N PHE O 55 14.11 15.22 81.74
CA PHE O 55 13.48 15.86 82.91
C PHE O 55 14.25 15.59 84.20
N ALA O 56 14.92 14.43 84.29
CA ALA O 56 15.66 14.12 85.51
C ALA O 56 16.79 15.11 85.76
N LEU O 57 17.41 15.60 84.69
CA LEU O 57 18.43 16.64 84.82
C LEU O 57 17.82 18.02 84.97
N SER O 58 16.58 18.22 84.50
CA SER O 58 15.91 19.50 84.68
C SER O 58 15.30 19.62 86.07
N GLU O 59 14.76 18.50 86.60
CA GLU O 59 14.20 18.52 87.94
C GLU O 59 15.29 18.58 89.00
N ALA O 60 16.50 18.10 88.68
CA ALA O 60 17.60 18.14 89.64
C ALA O 60 17.97 19.57 90.01
N THR O 61 17.79 20.52 89.08
CA THR O 61 18.04 21.92 89.40
C THR O 61 17.01 22.44 90.41
N GLY O 62 15.76 21.96 90.31
CA GLY O 62 14.75 22.35 91.27
C GLY O 62 14.94 21.71 92.62
N LEU O 63 15.54 20.51 92.65
CA LEU O 63 15.85 19.87 93.92
C LEU O 63 16.96 20.58 94.67
N PHE O 64 17.74 21.42 93.98
CA PHE O 64 18.77 22.21 94.66
C PHE O 64 18.18 23.45 95.30
N ALA O 65 17.26 24.13 94.61
CA ALA O 65 16.56 25.25 95.22
C ALA O 65 15.63 24.79 96.33
N LEU O 66 15.16 23.54 96.26
CA LEU O 66 14.37 22.97 97.34
C LEU O 66 15.25 22.55 98.51
N MET O 67 16.51 22.20 98.24
CA MET O 67 17.43 21.79 99.30
C MET O 67 17.82 22.98 100.18
N ILE O 68 17.93 24.16 99.59
CA ILE O 68 18.35 25.34 100.35
C ILE O 68 17.26 25.77 101.33
N ALA O 69 16.00 25.71 100.89
CA ALA O 69 14.90 26.16 101.75
C ALA O 69 14.81 25.30 103.01
N PHE O 70 15.06 24.00 102.89
CA PHE O 70 15.05 23.14 104.07
C PHE O 70 16.25 23.42 104.97
N LEU O 71 17.37 23.86 104.40
CA LEU O 71 18.51 24.26 105.21
C LEU O 71 18.27 25.59 105.91
N LEU O 72 17.37 26.42 105.39
CA LEU O 72 16.99 27.67 106.04
C LEU O 72 15.83 27.50 107.01
N LEU O 73 15.17 26.34 107.00
CA LEU O 73 14.07 26.06 107.92
C LEU O 73 14.54 25.32 109.17
N TYR O 74 15.24 24.20 109.00
CA TYR O 74 15.62 23.34 110.10
C TYR O 74 17.14 23.29 110.29
N ALA O 75 17.82 24.35 109.89
CA ALA O 75 19.28 24.44 110.06
C ALA O 75 19.74 25.88 110.01
N MET P 1 25.88 40.71 115.28
CA MET P 1 25.91 39.96 114.03
C MET P 1 24.57 39.28 113.78
N GLN P 2 23.50 39.83 114.37
CA GLN P 2 22.16 39.31 114.10
C GLN P 2 21.71 39.67 112.70
N LEU P 3 22.02 40.88 112.24
CA LEU P 3 21.73 41.26 110.87
C LEU P 3 22.63 40.52 109.88
N VAL P 4 23.83 40.14 110.32
CA VAL P 4 24.74 39.39 109.45
C VAL P 4 24.14 38.05 109.08
N LEU P 5 23.71 37.29 110.09
CA LEU P 5 23.10 35.97 109.82
C LEU P 5 21.83 36.11 109.00
N ALA P 6 21.01 37.13 109.30
CA ALA P 6 19.78 37.34 108.55
C ALA P 6 20.09 37.67 107.09
N GLY P 7 21.16 38.42 106.85
CA GLY P 7 21.57 38.69 105.48
C GLY P 7 22.16 37.49 104.78
N LYS P 8 22.85 36.63 105.53
CA LYS P 8 23.39 35.40 104.96
C LYS P 8 22.31 34.45 104.50
N TYR P 9 21.09 34.55 105.05
CA TYR P 9 20.01 33.63 104.76
C TYR P 9 19.06 34.13 103.68
N ILE P 10 18.79 35.45 103.64
CA ILE P 10 17.96 35.99 102.58
C ILE P 10 18.70 35.95 101.25
N GLY P 11 19.96 36.38 101.23
CA GLY P 11 20.73 36.35 100.00
C GLY P 11 20.99 34.94 99.51
N ALA P 12 21.05 33.97 100.42
CA ALA P 12 21.22 32.58 100.00
C ALA P 12 19.99 32.07 99.26
N GLY P 13 18.80 32.45 99.71
CA GLY P 13 17.59 32.11 98.98
C GLY P 13 17.47 32.86 97.66
N LEU P 14 18.00 34.08 97.62
CA LEU P 14 18.06 34.81 96.35
C LEU P 14 19.08 34.20 95.40
N ALA P 15 20.11 33.54 95.94
CA ALA P 15 21.09 32.88 95.11
C ALA P 15 20.58 31.60 94.48
N SER P 16 19.40 31.13 94.89
CA SER P 16 18.76 29.96 94.28
C SER P 16 17.84 30.31 93.13
N ILE P 17 17.50 31.59 92.96
CA ILE P 17 16.68 32.00 91.82
C ILE P 17 17.44 31.84 90.50
N GLY P 18 18.77 31.86 90.54
CA GLY P 18 19.56 31.62 89.35
C GLY P 18 19.51 30.21 88.83
N LEU P 19 18.93 29.28 89.58
CA LEU P 19 18.74 27.91 89.12
C LEU P 19 17.62 27.78 88.09
N VAL P 20 16.84 28.84 87.88
CA VAL P 20 15.79 28.80 86.86
C VAL P 20 16.40 28.69 85.47
N GLY P 21 17.51 29.41 85.24
CA GLY P 21 18.16 29.37 83.94
C GLY P 21 18.66 27.98 83.58
N ALA P 22 19.18 27.26 84.56
CA ALA P 22 19.59 25.87 84.32
C ALA P 22 18.40 24.93 84.20
N GLY P 23 17.33 25.18 84.94
CA GLY P 23 16.15 24.32 84.84
C GLY P 23 15.49 24.43 83.47
N ILE P 24 15.28 25.65 82.99
CA ILE P 24 14.72 25.84 81.66
C ILE P 24 15.74 25.43 80.60
N GLY P 25 17.02 25.72 80.84
CA GLY P 25 18.06 25.44 79.87
C GLY P 25 18.20 23.99 79.47
N ILE P 26 18.44 23.11 80.44
CA ILE P 26 18.62 21.69 80.15
C ILE P 26 17.42 21.15 79.38
N ALA P 27 16.23 21.65 79.67
CA ALA P 27 15.03 21.22 78.96
C ALA P 27 15.11 21.59 77.48
N ILE P 28 15.51 22.83 77.19
CA ILE P 28 15.58 23.29 75.81
C ILE P 28 16.59 22.47 75.02
N VAL P 29 17.69 22.08 75.67
CA VAL P 29 18.69 21.24 75.00
C VAL P 29 18.09 19.89 74.63
N PHE P 30 17.51 19.20 75.61
CA PHE P 30 16.89 17.91 75.34
C PHE P 30 15.64 18.05 74.48
N ALA P 31 15.01 19.22 74.46
CA ALA P 31 13.88 19.45 73.57
C ALA P 31 14.31 19.33 72.12
N ALA P 32 15.42 19.97 71.76
CA ALA P 32 15.95 19.84 70.41
C ALA P 32 16.50 18.45 70.15
N LEU P 33 17.04 17.80 71.18
CA LEU P 33 17.52 16.43 71.02
C LEU P 33 16.38 15.50 70.63
N ILE P 34 15.21 15.65 71.27
CA ILE P 34 14.06 14.84 70.90
C ILE P 34 13.50 15.31 69.57
N ASN P 35 13.28 16.61 69.42
CA ASN P 35 12.75 17.17 68.17
C ASN P 35 13.75 17.14 67.03
N GLY P 36 14.98 16.70 67.27
CA GLY P 36 15.96 16.55 66.20
C GLY P 36 16.13 15.11 65.79
N VAL P 37 16.13 14.20 66.77
CA VAL P 37 16.21 12.77 66.48
C VAL P 37 14.89 12.29 65.90
N SER P 38 13.76 12.80 66.42
CA SER P 38 12.47 12.43 65.86
C SER P 38 12.37 12.75 64.38
N ARG P 39 13.09 13.76 63.91
CA ARG P 39 13.17 14.04 62.50
C ARG P 39 14.11 13.04 61.83
N ASN P 40 15.42 13.26 61.93
CA ASN P 40 16.39 12.37 61.31
C ASN P 40 16.95 11.42 62.37
N PRO P 41 16.52 10.16 62.41
CA PRO P 41 17.00 9.26 63.48
C PRO P 41 18.45 8.82 63.30
N ALA P 42 18.97 8.85 62.07
CA ALA P 42 20.34 8.40 61.83
C ALA P 42 21.37 9.29 62.53
N LEU P 43 20.99 10.49 62.93
CA LEU P 43 21.87 11.40 63.67
C LEU P 43 21.73 11.23 65.18
N LYS P 44 21.41 10.02 65.65
CA LYS P 44 21.23 9.78 67.07
C LYS P 44 22.56 9.87 67.81
N GLY P 45 23.51 9.01 67.44
CA GLY P 45 24.80 9.01 68.10
C GLY P 45 25.59 10.29 67.93
N GLN P 46 25.24 11.11 66.94
CA GLN P 46 25.91 12.39 66.74
C GLN P 46 25.36 13.44 67.69
N LEU P 47 24.07 13.76 67.56
CA LEU P 47 23.47 14.83 68.35
C LEU P 47 23.45 14.50 69.84
N PHE P 48 23.58 13.23 70.21
CA PHE P 48 23.54 12.87 71.63
C PHE P 48 24.79 13.34 72.35
N THR P 49 25.95 13.28 71.68
CA THR P 49 27.17 13.82 72.26
C THR P 49 27.22 15.34 72.24
N TYR P 50 26.30 15.98 71.50
CA TYR P 50 26.18 17.43 71.49
C TYR P 50 25.07 17.93 72.41
N SER P 51 24.07 17.09 72.71
CA SER P 51 23.12 17.41 73.76
C SER P 51 23.72 17.22 75.14
N ILE P 52 24.72 16.34 75.27
CA ILE P 52 25.45 16.18 76.53
C ILE P 52 26.50 17.26 76.72
N LEU P 53 26.83 18.01 75.67
CA LEU P 53 27.77 19.12 75.76
C LEU P 53 27.11 20.41 76.24
N GLY P 54 26.00 20.79 75.60
CA GLY P 54 25.26 21.96 76.04
C GLY P 54 24.64 21.81 77.42
N PHE P 55 24.42 20.57 77.85
CA PHE P 55 23.88 20.34 79.19
C PHE P 55 24.89 20.73 80.26
N ALA P 56 26.12 20.21 80.15
CA ALA P 56 27.14 20.50 81.16
C ALA P 56 27.52 21.98 81.15
N LEU P 57 27.36 22.67 80.02
CA LEU P 57 27.65 24.09 79.96
C LEU P 57 26.56 24.93 80.63
N SER P 58 25.31 24.48 80.54
CA SER P 58 24.21 25.16 81.22
C SER P 58 24.06 24.73 82.68
N GLU P 59 24.38 23.48 82.99
CA GLU P 59 24.35 23.04 84.38
C GLU P 59 25.44 23.72 85.21
N ALA P 60 26.57 24.03 84.59
CA ALA P 60 27.64 24.74 85.29
C ALA P 60 27.24 26.17 85.65
N THR P 61 26.30 26.77 84.91
CA THR P 61 25.81 28.10 85.27
C THR P 61 24.98 28.04 86.54
N GLY P 62 24.07 27.06 86.64
CA GLY P 62 23.36 26.86 87.89
C GLY P 62 24.26 26.43 89.02
N LEU P 63 25.37 25.76 88.70
CA LEU P 63 26.36 25.44 89.72
C LEU P 63 26.98 26.70 90.30
N PHE P 64 27.17 27.72 89.46
CA PHE P 64 27.67 29.00 89.96
C PHE P 64 26.66 29.65 90.91
N ALA P 65 25.37 29.55 90.57
CA ALA P 65 24.34 30.09 91.46
C ALA P 65 24.22 29.28 92.74
N LEU P 66 24.32 27.94 92.62
CA LEU P 66 24.29 27.10 93.80
C LEU P 66 25.56 27.22 94.64
N MET P 67 26.67 27.62 94.02
CA MET P 67 27.90 27.85 94.77
C MET P 67 27.75 29.00 95.75
N ILE P 68 27.22 30.12 95.27
CA ILE P 68 27.03 31.30 96.13
C ILE P 68 26.04 30.98 97.25
N ALA P 69 25.00 30.21 96.93
CA ALA P 69 23.99 29.87 97.93
C ALA P 69 24.56 28.99 99.03
N PHE P 70 25.43 28.05 98.67
CA PHE P 70 26.08 27.20 99.66
C PHE P 70 27.27 27.89 100.33
N LEU P 71 27.73 29.02 99.81
CA LEU P 71 28.81 29.76 100.44
C LEU P 71 28.32 30.72 101.51
N LEU P 72 27.09 31.24 101.39
CA LEU P 72 26.54 32.11 102.40
C LEU P 72 26.10 31.36 103.65
N LEU P 73 25.88 30.05 103.55
CA LEU P 73 25.41 29.28 104.69
C LEU P 73 26.56 28.83 105.58
N TYR P 74 27.66 28.35 104.99
CA TYR P 74 28.76 27.78 105.75
C TYR P 74 30.02 28.63 105.75
N ALA P 75 30.07 29.71 104.96
CA ALA P 75 31.28 30.52 104.87
C ALA P 75 30.92 31.99 105.00
N VAL P 76 31.92 32.77 105.43
CA VAL P 76 31.87 34.23 105.63
C VAL P 76 30.47 34.83 105.82
N GLN Q 2 27.61 44.95 110.66
CA GLN Q 2 26.45 44.17 110.24
C GLN Q 2 25.81 44.78 109.00
N LEU Q 3 25.47 46.07 109.10
CA LEU Q 3 24.90 46.77 107.95
C LEU Q 3 25.90 46.85 106.81
N VAL Q 4 27.20 46.96 107.13
CA VAL Q 4 28.23 46.84 106.10
C VAL Q 4 28.25 45.44 105.52
N LEU Q 5 28.15 44.42 106.39
CA LEU Q 5 28.21 43.04 105.96
C LEU Q 5 26.91 42.56 105.32
N ALA Q 6 25.80 43.27 105.54
CA ALA Q 6 24.54 42.85 104.95
C ALA Q 6 24.52 43.08 103.44
N GLY Q 7 25.05 44.22 102.99
CA GLY Q 7 25.10 44.48 101.56
C GLY Q 7 26.00 43.54 100.81
N LYS Q 8 27.03 43.00 101.48
CA LYS Q 8 27.92 42.06 100.83
C LYS Q 8 27.26 40.71 100.62
N TYR Q 9 26.29 40.35 101.46
CA TYR Q 9 25.66 39.04 101.38
C TYR Q 9 24.37 39.06 100.57
N ILE Q 10 23.52 40.07 100.78
CA ILE Q 10 22.26 40.16 100.04
C ILE Q 10 22.52 40.40 98.56
N GLY Q 11 23.41 41.36 98.26
CA GLY Q 11 23.67 41.70 96.87
C GLY Q 11 24.37 40.58 96.11
N ALA Q 12 25.29 39.88 96.77
CA ALA Q 12 25.99 38.79 96.11
C ALA Q 12 25.06 37.62 95.81
N GLY Q 13 24.00 37.45 96.61
CA GLY Q 13 22.99 36.46 96.29
C GLY Q 13 22.08 36.90 95.17
N LEU Q 14 21.78 38.20 95.09
CA LEU Q 14 21.05 38.75 93.96
C LEU Q 14 21.87 38.76 92.69
N ALA Q 15 23.18 38.52 92.77
CA ALA Q 15 24.04 38.55 91.59
C ALA Q 15 23.89 37.30 90.75
N SER Q 16 23.58 36.15 91.36
CA SER Q 16 23.35 34.93 90.61
C SER Q 16 21.98 34.89 89.94
N ILE Q 17 21.07 35.80 90.29
CA ILE Q 17 19.81 35.91 89.58
C ILE Q 17 20.04 36.39 88.15
N GLY Q 18 21.15 37.09 87.90
CA GLY Q 18 21.55 37.46 86.56
C GLY Q 18 22.19 36.35 85.75
N LEU Q 19 22.25 35.14 86.30
CA LEU Q 19 22.77 33.98 85.59
C LEU Q 19 21.69 33.18 84.89
N VAL Q 20 20.43 33.64 84.93
CA VAL Q 20 19.37 32.96 84.20
C VAL Q 20 19.57 33.11 82.70
N GLY Q 21 20.05 34.28 82.26
CA GLY Q 21 20.26 34.50 80.84
C GLY Q 21 21.31 33.57 80.26
N ALA Q 22 22.41 33.35 80.99
CA ALA Q 22 23.44 32.44 80.51
C ALA Q 22 22.97 30.99 80.58
N GLY Q 23 22.10 30.67 81.55
CA GLY Q 23 21.60 29.30 81.64
C GLY Q 23 20.66 28.96 80.50
N ILE Q 24 19.71 29.85 80.21
CA ILE Q 24 18.81 29.63 79.08
C ILE Q 24 19.56 29.85 77.77
N GLY Q 25 20.48 30.80 77.75
CA GLY Q 25 21.21 31.16 76.54
C GLY Q 25 21.96 30.04 75.87
N ILE Q 26 22.89 29.41 76.60
CA ILE Q 26 23.68 28.31 76.04
C ILE Q 26 22.76 27.23 75.49
N ALA Q 27 21.61 27.02 76.15
CA ALA Q 27 20.66 26.03 75.67
C ALA Q 27 20.10 26.41 74.31
N ILE Q 28 19.64 27.66 74.17
CA ILE Q 28 19.05 28.12 72.91
C ILE Q 28 20.06 27.97 71.77
N VAL Q 29 21.33 28.23 72.05
CA VAL Q 29 22.37 28.02 71.04
C VAL Q 29 22.45 26.54 70.68
N PHE Q 30 22.65 25.68 71.69
CA PHE Q 30 22.72 24.24 71.44
C PHE Q 30 21.40 23.66 70.97
N ALA Q 31 20.27 24.29 71.30
CA ALA Q 31 19.00 23.82 70.79
C ALA Q 31 18.91 24.02 69.28
N ALA Q 32 19.07 25.26 68.83
CA ALA Q 32 19.10 25.53 67.39
C ALA Q 32 20.23 24.75 66.71
N LEU Q 33 21.31 24.49 67.44
CA LEU Q 33 22.39 23.66 66.92
C LEU Q 33 21.89 22.25 66.61
N ILE Q 34 21.31 21.58 67.62
CA ILE Q 34 20.76 20.25 67.41
C ILE Q 34 19.60 20.31 66.42
N ASN Q 35 18.75 21.33 66.54
CA ASN Q 35 17.64 21.49 65.62
C ASN Q 35 18.09 21.86 64.21
N GLY Q 36 19.30 22.41 64.06
CA GLY Q 36 19.81 22.78 62.76
C GLY Q 36 20.67 21.72 62.12
N VAL Q 37 21.55 21.08 62.90
CA VAL Q 37 22.35 20.00 62.37
C VAL Q 37 21.49 18.81 61.99
N SER Q 38 20.39 18.58 62.72
CA SER Q 38 19.49 17.48 62.37
C SER Q 38 18.86 17.67 61.00
N ARG Q 39 18.72 18.93 60.55
CA ARG Q 39 18.14 19.19 59.25
C ARG Q 39 19.17 19.10 58.12
N ASN Q 40 20.42 19.45 58.39
CA ASN Q 40 21.47 19.44 57.38
C ASN Q 40 22.77 18.99 58.02
N PRO Q 41 23.04 17.68 58.03
CA PRO Q 41 24.25 17.18 58.70
C PRO Q 41 25.55 17.62 58.04
N ALA Q 42 25.52 17.98 56.75
CA ALA Q 42 26.75 18.38 56.08
C ALA Q 42 27.26 19.74 56.53
N LEU Q 43 26.41 20.54 57.18
CA LEU Q 43 26.79 21.85 57.68
C LEU Q 43 27.19 21.82 59.15
N LYS Q 44 27.36 20.63 59.72
CA LYS Q 44 27.61 20.51 61.15
C LYS Q 44 28.91 21.18 61.56
N GLY Q 45 29.98 20.93 60.79
CA GLY Q 45 31.29 21.45 61.17
C GLY Q 45 31.34 22.96 61.18
N GLN Q 46 30.62 23.60 60.26
CA GLN Q 46 30.60 25.06 60.20
C GLN Q 46 29.69 25.64 61.28
N LEU Q 47 28.56 24.97 61.55
CA LEU Q 47 27.65 25.45 62.59
C LEU Q 47 28.28 25.33 63.98
N PHE Q 48 29.22 24.40 64.17
CA PHE Q 48 29.86 24.24 65.47
C PHE Q 48 30.72 25.44 65.81
N THR Q 49 31.46 25.97 64.82
CA THR Q 49 32.26 27.17 65.06
C THR Q 49 31.39 28.39 65.36
N TYR Q 50 30.11 28.34 65.02
CA TYR Q 50 29.16 29.37 65.37
C TYR Q 50 28.40 29.06 66.66
N SER Q 51 28.33 27.79 67.05
CA SER Q 51 27.67 27.42 68.31
C SER Q 51 28.60 27.64 69.50
N ILE Q 52 29.86 27.23 69.38
CA ILE Q 52 30.83 27.47 70.44
C ILE Q 52 31.01 28.97 70.65
N LEU Q 53 31.05 29.73 69.55
CA LEU Q 53 31.13 31.19 69.66
C LEU Q 53 29.86 31.76 70.28
N GLY Q 54 28.70 31.21 69.93
CA GLY Q 54 27.46 31.70 70.50
C GLY Q 54 27.31 31.38 71.97
N PHE Q 55 27.89 30.26 72.42
CA PHE Q 55 27.80 29.90 73.83
C PHE Q 55 28.79 30.68 74.68
N ALA Q 56 29.99 30.95 74.15
CA ALA Q 56 31.01 31.65 74.93
C ALA Q 56 30.61 33.09 75.20
N LEU Q 57 30.00 33.76 74.21
CA LEU Q 57 29.55 35.13 74.41
C LEU Q 57 28.33 35.19 75.31
N SER Q 58 27.47 34.17 75.28
CA SER Q 58 26.32 34.13 76.17
C SER Q 58 26.75 33.83 77.60
N GLU Q 59 27.76 32.95 77.77
CA GLU Q 59 28.29 32.68 79.09
C GLU Q 59 29.02 33.90 79.66
N ALA Q 60 29.63 34.71 78.80
CA ALA Q 60 30.39 35.87 79.27
C ALA Q 60 29.50 36.86 80.00
N THR Q 61 28.26 37.03 79.53
CA THR Q 61 27.33 37.92 80.22
C THR Q 61 26.99 37.40 81.62
N GLY Q 62 26.93 36.08 81.79
CA GLY Q 62 26.72 35.51 83.10
C GLY Q 62 27.95 35.55 83.98
N LEU Q 63 29.14 35.44 83.36
CA LEU Q 63 30.38 35.56 84.13
C LEU Q 63 30.54 36.96 84.69
N PHE Q 64 29.96 37.97 84.02
CA PHE Q 64 29.98 39.33 84.57
C PHE Q 64 29.16 39.40 85.85
N ALA Q 65 28.04 38.67 85.90
CA ALA Q 65 27.24 38.64 87.12
C ALA Q 65 27.92 37.83 88.21
N LEU Q 66 28.60 36.74 87.83
CA LEU Q 66 29.33 35.94 88.81
C LEU Q 66 30.54 36.69 89.36
N MET Q 67 31.14 37.57 88.54
CA MET Q 67 32.29 38.33 89.00
C MET Q 67 31.91 39.30 90.11
N ILE Q 68 30.76 39.97 89.97
CA ILE Q 68 30.29 40.87 91.03
C ILE Q 68 29.99 40.10 92.30
N ALA Q 69 29.49 38.86 92.17
CA ALA Q 69 29.19 38.05 93.36
C ALA Q 69 30.46 37.70 94.11
N PHE Q 70 31.56 37.44 93.38
CA PHE Q 70 32.83 37.14 94.05
C PHE Q 70 33.43 38.37 94.71
N LEU Q 71 33.21 39.55 94.13
CA LEU Q 71 33.84 40.77 94.65
C LEU Q 71 33.29 41.13 96.02
N LEU Q 72 31.96 41.25 96.14
CA LEU Q 72 31.34 41.74 97.36
C LEU Q 72 31.81 40.98 98.59
N LEU Q 73 32.04 39.68 98.45
CA LEU Q 73 32.48 38.88 99.59
C LEU Q 73 33.95 39.07 99.89
N TYR Q 74 34.79 39.23 98.85
CA TYR Q 74 36.22 39.21 99.01
C TYR Q 74 36.90 40.56 98.78
N ALA Q 75 36.17 41.57 98.32
CA ALA Q 75 36.76 42.89 98.12
C ALA Q 75 36.48 43.80 99.32
N GLN R 2 27.95 53.87 106.52
CA GLN R 2 27.65 52.45 106.68
C GLN R 2 26.37 52.08 105.94
N LEU R 3 25.31 52.88 106.12
CA LEU R 3 24.06 52.63 105.42
C LEU R 3 24.19 52.94 103.93
N VAL R 4 25.01 53.93 103.57
CA VAL R 4 25.24 54.23 102.16
C VAL R 4 26.04 53.11 101.51
N LEU R 5 27.11 52.66 102.18
CA LEU R 5 27.95 51.61 101.62
C LEU R 5 27.16 50.31 101.43
N ALA R 6 26.16 50.07 102.27
CA ALA R 6 25.31 48.89 102.09
C ALA R 6 24.54 48.96 100.78
N GLY R 7 23.89 50.10 100.53
CA GLY R 7 23.10 50.25 99.32
C GLY R 7 23.94 50.21 98.05
N LYS R 8 25.22 50.57 98.15
CA LYS R 8 26.11 50.48 97.00
C LYS R 8 26.30 49.03 96.56
N TYR R 9 26.42 48.12 97.52
CA TYR R 9 26.66 46.72 97.22
C TYR R 9 25.37 45.94 96.99
N ILE R 10 24.24 46.42 97.52
CA ILE R 10 22.95 45.81 97.22
C ILE R 10 22.64 45.95 95.74
N GLY R 11 22.65 47.18 95.24
CA GLY R 11 22.42 47.44 93.84
C GLY R 11 23.55 47.00 92.93
N ALA R 12 24.71 46.62 93.49
CA ALA R 12 25.80 46.11 92.67
C ALA R 12 25.43 44.75 92.08
N GLY R 13 25.01 43.81 92.94
CA GLY R 13 24.51 42.54 92.44
C GLY R 13 23.15 42.63 91.80
N LEU R 14 22.38 43.66 92.11
CA LEU R 14 21.10 43.87 91.44
C LEU R 14 21.29 44.36 90.02
N ALA R 15 22.36 45.11 89.77
CA ALA R 15 22.67 45.56 88.41
C ALA R 15 23.20 44.42 87.53
N SER R 16 23.71 43.35 88.14
CA SER R 16 24.12 42.18 87.40
C SER R 16 22.95 41.34 86.93
N ILE R 17 21.75 41.59 87.45
CA ILE R 17 20.56 40.93 86.92
C ILE R 17 20.21 41.46 85.54
N GLY R 18 20.73 42.64 85.17
CA GLY R 18 20.50 43.20 83.85
C GLY R 18 21.37 42.55 82.79
N LEU R 19 21.97 41.42 83.15
CA LEU R 19 22.76 40.62 82.21
C LEU R 19 21.99 39.42 81.68
N VAL R 20 20.77 39.18 82.18
CA VAL R 20 19.95 38.10 81.65
C VAL R 20 19.59 38.36 80.20
N GLY R 21 19.21 39.60 79.89
CA GLY R 21 18.86 39.93 78.52
C GLY R 21 20.02 39.76 77.56
N ALA R 22 21.24 40.04 78.03
CA ALA R 22 22.42 39.81 77.22
C ALA R 22 22.80 38.34 77.15
N GLY R 23 22.31 37.52 78.08
CA GLY R 23 22.56 36.09 78.04
C GLY R 23 21.66 35.38 77.05
N ILE R 24 20.35 35.53 77.22
CA ILE R 24 19.41 34.97 76.25
C ILE R 24 19.56 35.66 74.91
N GLY R 25 19.90 36.95 74.91
CA GLY R 25 20.01 37.73 73.69
C GLY R 25 21.03 37.21 72.70
N ILE R 26 22.31 37.21 73.07
CA ILE R 26 23.37 36.71 72.20
C ILE R 26 23.04 35.31 71.69
N ALA R 27 22.37 34.51 72.51
CA ALA R 27 21.95 33.18 72.08
C ALA R 27 20.98 33.25 70.92
N ILE R 28 19.91 34.04 71.05
CA ILE R 28 18.89 34.14 70.02
C ILE R 28 19.51 34.53 68.69
N VAL R 29 20.51 35.41 68.73
CA VAL R 29 21.20 35.81 67.49
C VAL R 29 21.90 34.62 66.87
N PHE R 30 22.78 33.97 67.64
CA PHE R 30 23.50 32.81 67.13
C PHE R 30 22.60 31.59 66.95
N ALA R 31 21.48 31.51 67.68
CA ALA R 31 20.53 30.43 67.44
C ALA R 31 19.84 30.61 66.09
N ALA R 32 19.41 31.83 65.79
CA ALA R 32 18.86 32.10 64.45
C ALA R 32 19.93 31.94 63.39
N LEU R 33 21.18 32.28 63.71
CA LEU R 33 22.27 32.04 62.78
C LEU R 33 22.37 30.57 62.40
N ILE R 34 22.30 29.68 63.39
CA ILE R 34 22.29 28.25 63.11
C ILE R 34 21.01 27.85 62.40
N ASN R 35 19.87 28.34 62.90
CA ASN R 35 18.58 28.05 62.26
C ASN R 35 18.44 28.69 60.89
N GLY R 36 19.30 29.65 60.55
CA GLY R 36 19.25 30.29 59.25
C GLY R 36 20.28 29.77 58.28
N VAL R 37 21.46 29.41 58.80
CA VAL R 37 22.50 28.85 57.95
C VAL R 37 22.21 27.41 57.60
N SER R 38 21.72 26.62 58.57
CA SER R 38 21.41 25.22 58.30
C SER R 38 20.35 25.05 57.21
N ARG R 39 19.57 26.10 56.92
CA ARG R 39 18.62 26.06 55.84
C ARG R 39 19.20 26.52 54.52
N ASN R 40 20.12 27.50 54.55
CA ASN R 40 20.73 28.03 53.32
C ASN R 40 22.23 28.19 53.57
N PRO R 41 23.05 27.28 53.04
CA PRO R 41 24.50 27.39 53.30
C PRO R 41 25.18 28.53 52.56
N ALA R 42 24.61 28.98 51.45
CA ALA R 42 25.25 30.01 50.63
C ALA R 42 25.23 31.39 51.29
N LEU R 43 24.57 31.55 52.43
CA LEU R 43 24.49 32.85 53.08
C LEU R 43 25.18 32.82 54.44
N LYS R 44 26.39 32.26 54.48
CA LYS R 44 27.13 32.20 55.74
C LYS R 44 27.90 33.50 55.99
N GLY R 45 28.79 33.87 55.06
CA GLY R 45 29.61 35.06 55.26
C GLY R 45 28.81 36.34 55.35
N GLN R 46 27.61 36.36 54.76
CA GLN R 46 26.78 37.55 54.82
C GLN R 46 26.07 37.67 56.16
N LEU R 47 25.43 36.60 56.61
CA LEU R 47 24.74 36.62 57.90
C LEU R 47 25.71 36.57 59.07
N PHE R 48 26.94 36.08 58.86
CA PHE R 48 27.92 36.09 59.94
C PHE R 48 28.31 37.50 60.34
N THR R 49 28.36 38.43 59.38
CA THR R 49 28.57 39.83 59.70
C THR R 49 27.37 40.46 60.39
N TYR R 50 26.17 39.90 60.17
CA TYR R 50 24.97 40.33 60.87
C TYR R 50 24.83 39.68 62.23
N SER R 51 25.35 38.46 62.40
CA SER R 51 25.34 37.81 63.71
C SER R 51 26.28 38.52 64.68
N ILE R 52 27.41 39.02 64.18
CA ILE R 52 28.31 39.81 65.01
C ILE R 52 27.66 41.13 65.38
N LEU R 53 27.06 41.81 64.40
CA LEU R 53 26.32 43.03 64.67
C LEU R 53 25.11 42.75 65.57
N GLY R 54 24.57 41.54 65.51
CA GLY R 54 23.42 41.21 66.34
C GLY R 54 23.79 41.03 67.80
N PHE R 55 24.87 40.28 68.06
CA PHE R 55 25.28 40.04 69.43
C PHE R 55 25.98 41.24 70.04
N ALA R 56 26.66 42.05 69.24
CA ALA R 56 27.37 43.21 69.77
C ALA R 56 26.40 44.22 70.36
N LEU R 57 25.36 44.59 69.59
CA LEU R 57 24.35 45.50 70.10
C LEU R 57 23.54 44.88 71.23
N SER R 58 23.48 43.55 71.30
CA SER R 58 22.76 42.89 72.38
C SER R 58 23.57 42.87 73.67
N GLU R 59 24.87 42.57 73.58
CA GLU R 59 25.72 42.55 74.77
C GLU R 59 26.09 43.94 75.23
N ALA R 60 26.23 44.89 74.31
CA ALA R 60 26.55 46.27 74.70
C ALA R 60 25.51 46.81 75.67
N THR R 61 24.23 46.46 75.46
CA THR R 61 23.21 46.79 76.43
C THR R 61 23.52 46.17 77.79
N GLY R 62 23.76 44.86 77.81
CA GLY R 62 24.14 44.19 79.05
C GLY R 62 25.39 44.78 79.69
N LEU R 63 26.29 45.32 78.87
CA LEU R 63 27.46 46.00 79.43
C LEU R 63 27.07 47.33 80.06
N PHE R 64 26.04 48.00 79.54
CA PHE R 64 25.55 49.22 80.17
C PHE R 64 24.99 48.94 81.55
N ALA R 65 24.30 47.81 81.71
CA ALA R 65 23.85 47.40 83.05
C ALA R 65 25.03 47.01 83.92
N LEU R 66 26.06 46.38 83.32
CA LEU R 66 27.29 46.10 84.05
C LEU R 66 28.07 47.37 84.33
N MET R 67 27.88 48.41 83.49
CA MET R 67 28.55 49.68 83.72
C MET R 67 28.04 50.35 84.99
N ILE R 68 26.73 50.33 85.22
CA ILE R 68 26.16 50.91 86.43
C ILE R 68 26.67 50.20 87.67
N ALA R 69 26.80 48.86 87.58
CA ALA R 69 27.31 48.10 88.71
C ALA R 69 28.71 48.52 89.10
N PHE R 70 29.52 48.95 88.13
CA PHE R 70 30.85 49.47 88.44
C PHE R 70 30.78 50.91 88.94
N LEU R 71 29.85 51.71 88.39
CA LEU R 71 29.69 53.07 88.86
C LEU R 71 29.16 53.11 90.29
N LEU R 72 28.37 52.12 90.68
CA LEU R 72 27.89 52.06 92.06
C LEU R 72 29.00 51.68 93.02
N LEU R 73 29.97 50.88 92.57
CA LEU R 73 31.05 50.45 93.45
C LEU R 73 32.04 51.57 93.71
N TYR R 74 32.35 52.38 92.70
CA TYR R 74 33.31 53.47 92.86
C TYR R 74 32.63 54.72 93.39
N ALA R 75 31.94 55.46 92.52
CA ALA R 75 31.28 56.70 92.92
C ALA R 75 30.03 56.94 92.08
N GLN S 2 22.04 59.68 105.28
CA GLN S 2 22.60 58.47 104.69
C GLN S 2 21.51 57.57 104.14
N LEU S 3 20.33 57.64 104.76
CA LEU S 3 19.20 56.82 104.30
C LEU S 3 18.79 57.20 102.89
N VAL S 4 18.91 58.48 102.53
CA VAL S 4 18.58 58.91 101.18
C VAL S 4 19.53 58.29 100.18
N LEU S 5 20.83 58.34 100.46
CA LEU S 5 21.82 57.82 99.53
C LEU S 5 21.70 56.31 99.36
N ALA S 6 21.24 55.60 100.39
CA ALA S 6 21.07 54.16 100.29
C ALA S 6 19.99 53.80 99.25
N GLY S 7 19.00 54.67 99.08
CA GLY S 7 17.98 54.43 98.06
C GLY S 7 18.38 54.86 96.67
N LYS S 8 19.41 55.71 96.54
CA LYS S 8 19.91 56.07 95.22
C LYS S 8 20.71 54.95 94.59
N TYR S 9 21.36 54.12 95.40
CA TYR S 9 22.26 53.09 94.91
C TYR S 9 21.63 51.71 94.84
N ILE S 10 20.55 51.46 95.58
CA ILE S 10 19.80 50.23 95.41
C ILE S 10 18.87 50.33 94.20
N GLY S 11 18.11 51.44 94.12
CA GLY S 11 17.20 51.63 93.01
C GLY S 11 17.91 51.76 91.67
N ALA S 12 19.15 52.24 91.68
CA ALA S 12 19.93 52.29 90.44
C ALA S 12 20.31 50.90 89.96
N GLY S 13 20.50 49.96 90.88
CA GLY S 13 20.74 48.58 90.49
C GLY S 13 19.49 47.89 90.00
N LEU S 14 18.33 48.27 90.54
CA LEU S 14 17.05 47.76 90.07
C LEU S 14 16.56 48.48 88.82
N ALA S 15 17.13 49.65 88.50
CA ALA S 15 16.77 50.35 87.28
C ALA S 15 17.52 49.84 86.06
N SER S 16 18.65 49.17 86.26
CA SER S 16 19.39 48.58 85.16
C SER S 16 18.77 47.28 84.66
N ILE S 17 17.98 46.62 85.49
CA ILE S 17 17.29 45.40 85.06
C ILE S 17 16.17 45.72 84.07
N GLY S 18 15.68 46.95 84.08
CA GLY S 18 14.70 47.39 83.10
C GLY S 18 15.22 47.47 81.67
N LEU S 19 16.51 47.20 81.48
CA LEU S 19 17.13 47.17 80.17
C LEU S 19 17.27 45.75 79.62
N VAL S 20 16.93 44.74 80.42
CA VAL S 20 17.00 43.34 79.98
C VAL S 20 16.25 43.15 78.66
N GLY S 21 15.10 43.82 78.51
CA GLY S 21 14.34 43.70 77.29
C GLY S 21 15.11 44.14 76.06
N ALA S 22 16.04 45.08 76.21
CA ALA S 22 16.86 45.49 75.08
C ALA S 22 17.86 44.41 74.69
N GLY S 23 18.36 43.65 75.67
CA GLY S 23 19.26 42.55 75.35
C GLY S 23 18.57 41.45 74.57
N ILE S 24 17.33 41.14 74.94
CA ILE S 24 16.55 40.15 74.19
C ILE S 24 15.92 40.78 72.94
N GLY S 25 15.53 42.05 73.03
CA GLY S 25 14.83 42.67 71.92
C GLY S 25 15.73 42.87 70.71
N ILE S 26 16.95 43.37 70.93
CA ILE S 26 17.90 43.52 69.83
C ILE S 26 18.24 42.16 69.23
N ALA S 27 18.21 41.11 70.05
CA ALA S 27 18.45 39.76 69.53
C ALA S 27 17.36 39.36 68.54
N ILE S 28 16.11 39.74 68.82
CA ILE S 28 15.00 39.36 67.95
C ILE S 28 15.13 40.05 66.59
N VAL S 29 15.76 41.23 66.54
CA VAL S 29 15.99 41.93 65.28
C VAL S 29 16.76 41.02 64.33
N PHE S 30 18.01 40.75 64.68
CA PHE S 30 18.89 39.91 63.89
C PHE S 30 18.53 38.43 63.99
N ALA S 31 17.50 38.09 64.77
CA ALA S 31 16.87 36.78 64.64
C ALA S 31 15.85 36.78 63.53
N ALA S 32 15.00 37.81 63.46
CA ALA S 32 14.07 37.94 62.35
C ALA S 32 14.81 38.34 61.08
N LEU S 33 15.83 39.20 61.20
CA LEU S 33 16.60 39.61 60.02
C LEU S 33 17.31 38.41 59.40
N ILE S 34 18.01 37.63 60.22
CA ILE S 34 18.64 36.41 59.72
C ILE S 34 17.59 35.45 59.16
N ASN S 35 16.48 35.30 59.87
CA ASN S 35 15.38 34.48 59.36
C ASN S 35 14.63 35.16 58.22
N GLY S 36 14.82 36.46 58.01
CA GLY S 36 14.21 37.14 56.89
C GLY S 36 15.05 37.05 55.64
N VAL S 37 16.36 37.19 55.78
CA VAL S 37 17.26 37.02 54.64
C VAL S 37 17.33 35.57 54.23
N SER S 38 17.20 34.64 55.19
CA SER S 38 17.25 33.22 54.86
C SER S 38 16.07 32.78 54.02
N ARG S 39 14.89 33.39 54.22
CA ARG S 39 13.74 33.06 53.40
C ARG S 39 13.89 33.61 51.99
N ASN S 40 14.56 34.76 51.83
CA ASN S 40 14.74 35.35 50.51
C ASN S 40 16.02 36.19 50.50
N PRO S 41 17.09 35.70 49.85
CA PRO S 41 18.35 36.46 49.84
C PRO S 41 18.27 37.78 49.09
N ALA S 42 17.35 37.92 48.13
CA ALA S 42 17.23 39.13 47.35
C ALA S 42 16.48 40.24 48.06
N LEU S 43 16.16 40.05 49.35
CA LEU S 43 15.49 41.07 50.15
C LEU S 43 16.40 41.63 51.25
N LYS S 44 17.71 41.59 51.03
CA LYS S 44 18.64 42.10 52.02
C LYS S 44 18.63 43.63 52.06
N GLY S 45 18.36 44.28 50.93
CA GLY S 45 18.38 45.74 50.90
C GLY S 45 17.23 46.37 51.65
N GLN S 46 16.06 45.74 51.62
CA GLN S 46 14.88 46.28 52.28
C GLN S 46 14.80 45.89 53.76
N LEU S 47 14.88 44.59 54.05
CA LEU S 47 14.69 44.12 55.41
C LEU S 47 15.76 44.63 56.36
N PHE S 48 16.98 44.85 55.86
CA PHE S 48 18.04 45.35 56.74
C PHE S 48 17.78 46.78 57.18
N THR S 49 17.04 47.57 56.37
CA THR S 49 16.67 48.91 56.79
C THR S 49 15.63 48.86 57.91
N TYR S 50 14.71 47.90 57.85
CA TYR S 50 13.76 47.72 58.94
C TYR S 50 14.41 47.12 60.18
N SER S 51 15.52 46.41 60.02
CA SER S 51 16.23 45.89 61.19
C SER S 51 16.96 47.00 61.92
N ILE S 52 17.63 47.90 61.18
CA ILE S 52 18.24 49.06 61.80
C ILE S 52 17.17 49.93 62.45
N LEU S 53 16.03 50.08 61.78
CA LEU S 53 14.93 50.84 62.36
C LEU S 53 14.33 50.15 63.57
N GLY S 54 14.14 48.83 63.47
CA GLY S 54 13.55 48.10 64.58
C GLY S 54 14.44 48.05 65.81
N PHE S 55 15.74 47.81 65.61
CA PHE S 55 16.67 47.78 66.73
C PHE S 55 16.79 49.14 67.40
N ALA S 56 16.69 50.23 66.62
CA ALA S 56 16.79 51.56 67.21
C ALA S 56 15.58 51.88 68.07
N LEU S 57 14.43 51.26 67.79
CA LEU S 57 13.24 51.49 68.60
C LEU S 57 13.32 50.74 69.93
N SER S 58 13.86 49.52 69.91
CA SER S 58 14.00 48.75 71.14
C SER S 58 15.15 49.28 72.00
N GLU S 59 16.23 49.73 71.37
CA GLU S 59 17.34 50.32 72.12
C GLU S 59 16.95 51.65 72.74
N ALA S 60 16.01 52.37 72.12
CA ALA S 60 15.57 53.66 72.67
C ALA S 60 14.94 53.49 74.05
N THR S 61 14.26 52.36 74.28
CA THR S 61 13.70 52.10 75.61
C THR S 61 14.79 51.71 76.60
N GLY S 62 15.90 51.13 76.11
CA GLY S 62 17.00 50.79 77.00
C GLY S 62 17.71 52.01 77.53
N LEU S 63 17.78 53.09 76.75
CA LEU S 63 18.36 54.32 77.24
C LEU S 63 17.52 54.93 78.35
N PHE S 64 16.19 54.79 78.25
CA PHE S 64 15.31 55.34 79.29
C PHE S 64 15.59 54.69 80.64
N ALA S 65 15.83 53.38 80.65
CA ALA S 65 16.22 52.71 81.89
C ALA S 65 17.62 53.11 82.31
N LEU S 66 18.49 53.43 81.35
CA LEU S 66 19.81 53.96 81.65
C LEU S 66 19.77 55.44 82.00
N MET S 67 18.71 56.13 81.59
CA MET S 67 18.58 57.56 81.90
C MET S 67 18.20 57.77 83.36
N ILE S 68 17.18 57.05 83.84
CA ILE S 68 16.75 57.18 85.23
C ILE S 68 17.86 56.73 86.17
N ALA S 69 18.60 55.69 85.78
CA ALA S 69 19.69 55.20 86.61
C ALA S 69 20.78 56.25 86.78
N PHE S 70 21.03 57.07 85.76
CA PHE S 70 21.96 58.17 85.88
C PHE S 70 21.35 59.39 86.56
N LEU S 71 20.02 59.53 86.50
CA LEU S 71 19.35 60.55 87.29
C LEU S 71 19.32 60.20 88.77
N LEU S 72 19.58 58.93 89.11
CA LEU S 72 19.66 58.48 90.49
C LEU S 72 21.08 58.42 91.02
N LEU S 73 22.06 58.85 90.23
CA LEU S 73 23.46 58.81 90.63
C LEU S 73 24.09 60.18 90.74
N TYR S 74 23.87 61.06 89.75
CA TYR S 74 24.49 62.37 89.72
C TYR S 74 23.48 63.51 89.70
N ALA S 75 22.18 63.21 89.62
CA ALA S 75 21.15 64.25 89.64
C ALA S 75 20.44 64.29 90.98
PG ATP T . 20.53 -22.75 -18.00
O1G ATP T . 20.75 -24.09 -18.64
O2G ATP T . 19.56 -21.85 -18.73
O3G ATP T . 21.79 -22.06 -17.55
PB ATP T . 20.25 -24.11 -15.61
O1B ATP T . 19.07 -24.40 -14.70
O2B ATP T . 20.91 -25.23 -16.37
O3B ATP T . 19.78 -22.99 -16.65
PA ATP T . 22.69 -24.16 -14.28
O1A ATP T . 22.26 -25.47 -13.67
O2A ATP T . 23.64 -24.16 -15.45
O3A ATP T . 21.36 -23.35 -14.72
O5' ATP T . 23.31 -23.23 -13.11
C5' ATP T . 23.68 -21.88 -13.36
C4' ATP T . 24.83 -21.53 -12.42
O4' ATP T . 24.38 -21.67 -11.06
C3' ATP T . 25.99 -22.48 -12.62
O3' ATP T . 27.14 -21.75 -13.04
C2' ATP T . 26.24 -23.14 -11.27
O2' ATP T . 27.61 -22.95 -10.90
C1' ATP T . 25.33 -22.42 -10.29
N9 ATP T . 24.62 -23.40 -9.45
C8 ATP T . 23.50 -24.08 -9.81
N7 ATP T . 23.10 -24.91 -8.81
C5 ATP T . 23.95 -24.77 -7.79
C6 ATP T . 24.10 -25.34 -6.43
N6 ATP T . 23.22 -26.26 -5.96
N1 ATP T . 25.14 -24.92 -5.67
C2 ATP T . 26.02 -24.01 -6.13
N3 ATP T . 25.94 -23.44 -7.34
C4 ATP T . 24.96 -23.78 -8.21
MG MG U . 20.82 -26.11 -18.25
PG ATP V . -27.61 -18.66 -14.68
O1G ATP V . -27.00 -19.90 -14.08
O2G ATP V . -28.50 -18.90 -15.87
O3G ATP V . -26.63 -17.53 -14.85
PB ATP V . -29.29 -16.69 -13.60
O1B ATP V . -28.21 -15.65 -13.72
O2B ATP V . -30.41 -16.73 -14.62
O3B ATP V . -28.61 -18.15 -13.52
PA ATP V . -31.44 -17.11 -11.86
O1A ATP V . -32.41 -16.01 -12.18
O2A ATP V . -31.57 -18.43 -12.58
O3A ATP V . -29.95 -16.54 -12.13
O5' ATP V . -31.45 -17.36 -10.27
C5' ATP V . -30.45 -18.16 -9.65
C4' ATP V . -30.86 -18.48 -8.22
O4' ATP V . -31.00 -17.27 -7.45
C3' ATP V . -32.19 -19.20 -8.18
O3' ATP V . -32.01 -20.55 -7.75
C2' ATP V . -33.05 -18.45 -7.17
O2' ATP V . -33.43 -19.31 -6.11
C1' ATP V . -32.17 -17.32 -6.64
N9 ATP V . -32.90 -16.02 -6.74
C8 ATP V . -32.90 -15.22 -7.83
N7 ATP V . -33.65 -14.12 -7.61
C5 ATP V . -34.15 -14.21 -6.37
C6 ATP V . -35.02 -13.37 -5.51
N6 ATP V . -35.53 -12.19 -5.96
N1 ATP V . -35.30 -13.82 -4.27
C2 ATP V . -34.80 -14.99 -3.81
N3 ATP V . -34.01 -15.79 -4.53
C4 ATP V . -33.65 -15.46 -5.80
MG MG W . -30.30 -18.05 -16.12
PG ATP X . -1.29 15.34 -32.15
O1G ATP X . -0.40 15.21 -33.35
O2G ATP X . -2.03 14.07 -31.77
O3G ATP X . -2.15 16.59 -32.13
PB ATP X . 0.84 16.71 -30.98
O1B ATP X . 2.02 16.28 -30.14
O2B ATP X . 1.03 17.11 -32.43
O3B ATP X . -0.27 15.55 -30.92
PA ATP X . 0.50 19.39 -30.48
O1A ATP X . 1.98 19.49 -30.72
O2A ATP X . -0.45 19.98 -31.50
O3A ATP X . 0.12 17.84 -30.27
O5' ATP X . 0.17 20.04 -29.04
C5' ATP X . -1.15 19.98 -28.50
C4' ATP X . -1.47 21.34 -27.89
O4' ATP X . -0.54 21.62 -26.83
C3' ATP X . -1.33 22.44 -28.92
O3' ATP X . -2.61 23.02 -29.19
C2' ATP X . -0.39 23.48 -28.32
O2' ATP X . -1.05 24.74 -28.25
C1' ATP X . -0.06 22.96 -26.92
N9 ATP X . 1.41 22.98 -26.72
C8 ATP X . 2.30 22.16 -27.32
N7 ATP X . 3.56 22.44 -26.92
C5 ATP X . 3.50 23.46 -26.03
C6 ATP X . 4.46 24.23 -25.22
N6 ATP X . 5.79 23.97 -25.28
N1 ATP X . 3.98 25.20 -24.43
C2 ATP X . 2.66 25.48 -24.37
N3 ATP X . 1.73 24.81 -25.07
C4 ATP X . 2.07 23.81 -25.91
MG MG Y . 0.87 16.47 -34.32
PB ADP Z . 22.56 0.97 -26.89
O1B ADP Z . 23.73 0.90 -27.85
O2B ADP Z . 22.30 -0.30 -26.13
O3B ADP Z . 21.32 1.62 -27.46
PA ADP Z . 24.10 3.17 -26.06
O1A ADP Z . 25.50 2.64 -25.89
O2A ADP Z . 23.67 3.82 -27.35
O3A ADP Z . 23.06 1.98 -25.75
O5' ADP Z . 23.76 4.18 -24.85
C5' ADP Z . 22.73 5.15 -25.02
C4' ADP Z . 22.90 6.26 -23.99
O4' ADP Z . 23.39 5.73 -22.75
C3' ADP Z . 23.93 7.28 -24.46
O3' ADP Z . 23.28 8.49 -24.85
C2' ADP Z . 24.84 7.53 -23.28
O2' ADP Z . 24.69 8.88 -22.84
C1' ADP Z . 24.38 6.58 -22.19
N9 ADP Z . 25.54 5.78 -21.73
C8 ADP Z . 25.84 4.53 -22.14
N7 ADP Z . 26.97 4.07 -21.53
C5 ADP Z . 27.41 5.04 -20.72
C6 ADP Z . 28.54 5.22 -19.79
N6 ADP Z . 29.47 4.23 -19.61
N1 ADP Z . 28.64 6.39 -19.13
C2 ADP Z . 27.74 7.38 -19.30
N3 ADP Z . 26.68 7.29 -20.12
C4 ADP Z . 26.46 6.17 -20.85
MG MG AA . 23.82 0.52 -29.84
PB ADP BA . -25.05 6.65 -25.83
O1B ADP BA . -24.25 7.91 -26.05
O2B ADP BA . -26.29 6.54 -26.68
O3B ADP BA . -24.23 5.38 -25.76
PA ADP BA . -26.92 7.78 -24.06
O1A ADP BA . -26.63 9.19 -24.50
O2A ADP BA . -28.09 7.03 -24.64
O3A ADP BA . -25.61 6.87 -24.33
O5' ADP BA . -27.01 7.74 -22.45
C5' ADP BA . -27.81 6.74 -21.82
C4' ADP BA . -28.14 7.16 -20.39
O4' ADP BA . -27.11 8.02 -19.87
C3' ADP BA . -29.43 7.93 -20.33
O3' ADP BA . -30.44 7.14 -19.69
C2' ADP BA . -29.15 9.17 -19.51
O2' ADP BA . -29.94 9.16 -18.32
C1' ADP BA . -27.68 9.12 -19.14
N9 ADP BA . -27.02 10.37 -19.56
C8 ADP BA . -26.23 10.52 -20.64
N7 ADP BA . -25.77 11.80 -20.74
C5 ADP BA . -26.28 12.49 -19.72
C6 ADP BA . -26.19 13.89 -19.23
N6 ADP BA . -25.45 14.81 -19.89
N1 ADP BA . -26.87 14.21 -18.10
C2 ADP BA . -27.60 13.30 -17.44
N3 ADP BA . -27.72 12.01 -17.82
C4 ADP BA . -27.10 11.55 -18.93
MG MG CA . -25.63 6.53 -28.71
#